data_7XPN
#
_entry.id   7XPN
#
_cell.length_a   174.250
_cell.length_b   298.700
_cell.length_c   332.590
_cell.angle_alpha   90.000
_cell.angle_beta   90.000
_cell.angle_gamma   90.000
#
_symmetry.space_group_name_H-M   'C 2 2 21'
#
_entity_poly.entity_id   1
_entity_poly.type   'polypeptide(L)'
_entity_poly.pdbx_seq_one_letter_code
;MSVIRIKTNAAVAAVLPANEDQADYPSTFFEGGNEIRLYVNRGEKLDVLRQYVYMGLVEKNCRIQHVNAYLYAVLKGERE
LLEADWDSFGHKIGIQGDKIGPFNLVRVEDIPDGLPDGKLNAEVSAEDDAWLPLFLLGLYRVGRASETAYRTLLMESLIK
QCKAIKSDWVSPVTATHKYFDVWGNDGNYLKIVACVDMFYNHFKKSIKATFRWGTIVSRFKDCAALATLGHVVKITGLTI
EEVFTWVLQTEVADELVKMMKPGQEIDKSTSYMPYLIDMGISAKSPYSTIKNPSFHFWGQLVAALCRSKRALNARQPDEI
DSMSISNASLLMAYALGSSPDIEQQFSTGNTYRKPPKEASYLVSEEPKNRSVVEWIAWYSDVDNKPTDDMLMMAKRVAGT
ISGPRDNSVGKWIKQTYG
;
_entity_poly.pdbx_strand_id   A,E,F,I,K,B,C,G,H,D,J,L
#
# COMPACT_ATOMS: atom_id res chain seq x y z
N SER A 2 -71.09 11.78 -24.36
CA SER A 2 -70.69 12.04 -25.73
C SER A 2 -69.51 11.17 -26.14
N VAL A 3 -69.78 9.91 -26.45
CA VAL A 3 -68.73 8.98 -26.83
C VAL A 3 -68.50 9.06 -28.34
N ILE A 4 -67.23 8.97 -28.73
CA ILE A 4 -66.82 8.91 -30.12
C ILE A 4 -66.84 7.46 -30.58
N ARG A 5 -67.07 7.24 -31.87
CA ARG A 5 -67.15 5.89 -32.39
C ARG A 5 -65.76 5.40 -32.77
N ILE A 6 -65.53 4.11 -32.58
CA ILE A 6 -64.24 3.48 -32.90
C ILE A 6 -64.46 2.41 -33.96
N LYS A 7 -63.65 2.45 -35.00
CA LYS A 7 -63.70 1.48 -36.08
C LYS A 7 -62.35 0.74 -36.16
N THR A 8 -62.29 -0.21 -37.09
CA THR A 8 -61.12 -1.06 -37.28
C THR A 8 -61.05 -1.33 -38.78
N ASN A 9 -60.56 -2.48 -39.19
CA ASN A 9 -60.58 -2.77 -40.61
C ASN A 9 -61.91 -3.36 -41.06
N ALA A 10 -62.92 -3.46 -40.18
CA ALA A 10 -64.24 -3.84 -40.65
C ALA A 10 -65.41 -3.20 -39.92
N ALA A 11 -65.28 -2.94 -38.61
CA ALA A 11 -66.50 -2.74 -37.81
C ALA A 11 -66.21 -1.98 -36.52
N VAL A 12 -67.30 -1.53 -35.89
CA VAL A 12 -67.26 -0.77 -34.65
C VAL A 12 -66.98 -1.69 -33.46
N ALA A 13 -66.50 -1.09 -32.36
CA ALA A 13 -66.13 -1.83 -31.16
C ALA A 13 -66.60 -1.06 -29.92
N ALA A 14 -67.28 -1.75 -29.01
CA ALA A 14 -67.75 -1.13 -27.77
C ALA A 14 -66.57 -0.69 -26.90
N VAL A 15 -66.75 0.44 -26.20
CA VAL A 15 -65.64 1.14 -25.55
C VAL A 15 -65.82 1.38 -24.06
N LEU A 16 -66.41 0.43 -23.33
CA LEU A 16 -66.71 0.68 -21.92
C LEU A 16 -66.09 -0.39 -21.03
N PRO A 17 -65.32 0.02 -20.00
CA PRO A 17 -64.83 -0.96 -19.01
C PRO A 17 -65.76 -1.08 -17.81
N ALA A 18 -65.40 -1.94 -16.86
CA ALA A 18 -66.19 -2.09 -15.65
C ALA A 18 -66.20 -0.81 -14.83
N ASN A 19 -67.33 -0.56 -14.16
CA ASN A 19 -67.58 0.69 -13.48
C ASN A 19 -67.05 0.66 -12.04
N GLU A 20 -67.31 1.74 -11.31
CA GLU A 20 -66.94 1.84 -9.90
C GLU A 20 -67.92 2.78 -9.22
N ASP A 21 -67.84 2.84 -7.90
CA ASP A 21 -68.84 3.52 -7.09
C ASP A 21 -68.37 4.90 -6.64
N GLN A 22 -69.35 5.77 -6.39
CA GLN A 22 -69.12 7.14 -5.97
C GLN A 22 -69.18 7.23 -4.44
N ALA A 23 -69.26 8.45 -3.92
CA ALA A 23 -69.32 8.73 -2.49
C ALA A 23 -70.58 9.51 -2.17
N ASP A 24 -70.81 9.75 -0.88
CA ASP A 24 -72.01 10.45 -0.44
C ASP A 24 -71.66 11.89 -0.08
N TYR A 25 -72.69 12.65 0.29
CA TYR A 25 -72.52 14.06 0.65
C TYR A 25 -73.25 14.34 1.96
N PRO A 26 -72.72 15.24 2.78
CA PRO A 26 -73.46 15.63 4.01
C PRO A 26 -74.84 16.20 3.74
N SER A 27 -75.00 16.96 2.66
CA SER A 27 -76.28 17.64 2.44
C SER A 27 -77.39 16.67 2.06
N THR A 28 -77.07 15.56 1.39
CA THR A 28 -78.14 14.65 1.00
C THR A 28 -78.77 14.00 2.22
N PHE A 29 -77.98 13.80 3.27
CA PHE A 29 -78.53 13.43 4.57
C PHE A 29 -79.13 14.72 5.13
N PHE A 30 -80.19 14.58 5.93
CA PHE A 30 -80.99 15.69 6.43
C PHE A 30 -81.86 16.31 5.34
N GLU A 31 -82.05 15.61 4.22
CA GLU A 31 -82.94 16.11 3.18
C GLU A 31 -84.38 15.79 3.51
N GLY A 32 -84.59 14.71 4.25
CA GLY A 32 -85.88 14.34 4.79
C GLY A 32 -86.22 14.97 6.12
N GLY A 33 -85.27 15.72 6.71
CA GLY A 33 -85.33 16.16 8.09
C GLY A 33 -84.86 15.13 9.10
N ASN A 34 -84.40 13.97 8.63
CA ASN A 34 -83.84 12.89 9.46
C ASN A 34 -82.96 13.38 10.61
N GLU A 35 -83.10 12.73 11.75
CA GLU A 35 -82.38 13.01 12.99
C GLU A 35 -81.29 11.96 13.23
N ILE A 36 -80.19 12.40 13.85
CA ILE A 36 -78.97 11.58 13.96
C ILE A 36 -79.16 10.33 14.83
N ARG A 37 -80.00 10.37 15.87
CA ARG A 37 -80.30 9.17 16.67
C ARG A 37 -79.09 8.49 17.32
N LEU A 38 -78.71 8.93 18.53
CA LEU A 38 -77.52 8.39 19.19
C LEU A 38 -77.68 6.97 19.75
N TYR A 39 -78.89 6.54 20.13
CA TYR A 39 -79.10 5.19 20.66
C TYR A 39 -78.16 4.67 21.78
N VAL A 40 -78.27 5.16 23.03
CA VAL A 40 -77.49 4.63 24.15
C VAL A 40 -78.42 4.17 25.27
N ASN A 41 -78.01 3.11 25.98
CA ASN A 41 -78.80 2.58 27.09
C ASN A 41 -78.72 3.51 28.30
N ARG A 42 -79.85 4.08 28.68
CA ARG A 42 -79.97 4.96 29.83
C ARG A 42 -80.94 4.34 30.84
N GLY A 43 -81.24 5.11 31.89
CA GLY A 43 -82.14 4.67 32.93
C GLY A 43 -81.45 4.05 34.12
N GLU A 44 -80.23 3.58 33.96
CA GLU A 44 -79.42 3.10 35.07
C GLU A 44 -78.76 4.28 35.77
N LYS A 45 -78.45 4.08 37.05
CA LYS A 45 -77.89 5.17 37.84
C LYS A 45 -76.49 5.52 37.38
N LEU A 46 -76.10 6.78 37.59
CA LEU A 46 -74.79 7.24 37.14
C LEU A 46 -73.68 6.54 37.90
N ASP A 47 -73.79 6.47 39.22
CA ASP A 47 -72.68 5.94 40.03
C ASP A 47 -72.44 4.46 39.76
N VAL A 48 -73.50 3.69 39.50
CA VAL A 48 -73.27 2.28 39.20
C VAL A 48 -72.60 2.12 37.85
N LEU A 49 -72.90 2.99 36.89
CA LEU A 49 -72.24 2.91 35.59
C LEU A 49 -70.79 3.36 35.70
N ARG A 50 -70.54 4.36 36.55
CA ARG A 50 -69.18 4.82 36.76
C ARG A 50 -68.33 3.72 37.39
N GLN A 51 -68.95 2.89 38.22
CA GLN A 51 -68.27 1.77 38.84
C GLN A 51 -68.25 0.54 37.93
N TYR A 52 -69.27 0.37 37.08
CA TYR A 52 -69.20 -0.69 36.08
C TYR A 52 -68.07 -0.45 35.10
N VAL A 53 -67.75 0.82 34.82
CA VAL A 53 -66.68 1.12 33.89
C VAL A 53 -65.33 0.96 34.57
N TYR A 54 -65.22 1.42 35.82
CA TYR A 54 -63.95 1.31 36.52
C TYR A 54 -63.60 -0.14 36.83
N MET A 55 -64.59 -1.00 37.01
CA MET A 55 -64.35 -2.44 37.18
C MET A 55 -64.25 -3.19 35.86
N GLY A 56 -64.16 -2.47 34.76
CA GLY A 56 -63.80 -3.08 33.50
C GLY A 56 -62.50 -2.48 33.03
N LEU A 57 -62.27 -1.22 33.42
CA LEU A 57 -61.04 -0.53 33.06
C LEU A 57 -59.83 -1.07 33.82
N VAL A 58 -60.01 -1.45 35.09
CA VAL A 58 -58.88 -2.00 35.85
C VAL A 58 -58.45 -3.33 35.27
N GLU A 59 -59.38 -4.08 34.71
CA GLU A 59 -59.08 -5.32 34.01
C GLU A 59 -58.88 -5.01 32.52
N LYS A 60 -58.37 -6.00 31.80
CA LYS A 60 -58.19 -5.85 30.36
C LYS A 60 -59.50 -5.94 29.58
N ASN A 61 -60.63 -6.10 30.26
CA ASN A 61 -61.95 -6.22 29.61
C ASN A 61 -62.83 -5.05 30.06
N CYS A 62 -62.67 -3.91 29.40
CA CYS A 62 -63.48 -2.71 29.61
C CYS A 62 -64.43 -2.59 28.42
N ARG A 63 -65.53 -3.35 28.46
CA ARG A 63 -66.52 -3.34 27.39
C ARG A 63 -66.96 -1.92 27.03
N ILE A 64 -67.62 -1.77 25.88
CA ILE A 64 -67.95 -0.44 25.37
C ILE A 64 -69.38 -0.03 25.70
N GLN A 65 -70.29 -0.98 25.93
CA GLN A 65 -71.63 -0.60 26.35
C GLN A 65 -71.60 0.09 27.71
N HIS A 66 -70.62 -0.25 28.55
CA HIS A 66 -70.45 0.44 29.81
C HIS A 66 -69.96 1.87 29.60
N VAL A 67 -68.95 2.04 28.74
CA VAL A 67 -68.38 3.37 28.52
C VAL A 67 -69.38 4.28 27.83
N ASN A 68 -70.23 3.73 26.94
CA ASN A 68 -71.23 4.56 26.29
C ASN A 68 -72.32 5.00 27.27
N ALA A 69 -72.80 4.06 28.11
CA ALA A 69 -73.81 4.42 29.09
C ALA A 69 -73.27 5.38 30.14
N TYR A 70 -71.99 5.25 30.49
CA TYR A 70 -71.41 6.14 31.48
C TYR A 70 -71.18 7.53 30.92
N LEU A 71 -70.61 7.62 29.71
CA LEU A 71 -70.31 8.92 29.12
C LEU A 71 -71.57 9.73 28.88
N TYR A 72 -72.68 9.07 28.56
CA TYR A 72 -73.94 9.80 28.47
C TYR A 72 -74.40 10.28 29.84
N ALA A 73 -74.03 9.57 30.91
CA ALA A 73 -74.50 9.96 32.22
C ALA A 73 -73.66 11.08 32.82
N VAL A 74 -72.33 10.95 32.75
CA VAL A 74 -71.45 11.95 33.36
C VAL A 74 -71.45 13.24 32.54
N LEU A 75 -71.57 13.16 31.23
CA LEU A 75 -71.39 14.33 30.37
C LEU A 75 -72.70 15.01 29.95
N LYS A 76 -73.85 14.59 30.50
CA LYS A 76 -75.12 15.20 30.10
C LYS A 76 -75.54 16.13 31.23
N GLY A 77 -75.27 17.42 31.04
CA GLY A 77 -75.55 18.43 32.05
C GLY A 77 -74.48 19.49 32.17
N GLU A 78 -73.44 19.40 31.33
CA GLU A 78 -72.33 20.33 31.29
C GLU A 78 -72.68 21.62 30.54
N ARG A 79 -73.98 21.87 30.41
CA ARG A 79 -74.56 23.01 29.71
C ARG A 79 -73.71 24.27 29.85
N GLU A 80 -73.82 25.14 28.85
CA GLU A 80 -72.97 26.33 28.71
C GLU A 80 -73.76 27.41 27.98
N LEU A 81 -73.28 28.65 28.13
CA LEU A 81 -74.00 29.85 27.71
C LEU A 81 -73.89 30.06 26.20
N LEU A 82 -74.94 29.69 25.47
CA LEU A 82 -75.02 30.00 24.05
C LEU A 82 -75.16 31.51 23.87
N GLU A 83 -74.13 32.15 23.32
CA GLU A 83 -74.09 33.59 23.13
C GLU A 83 -74.65 34.02 21.77
N ALA A 84 -75.19 33.10 20.98
CA ALA A 84 -75.61 33.38 19.61
C ALA A 84 -76.23 32.14 18.97
N ASP A 85 -77.25 32.33 18.14
CA ASP A 85 -77.94 31.25 17.43
C ASP A 85 -76.96 30.27 16.80
N TRP A 86 -77.34 28.98 16.78
CA TRP A 86 -76.46 27.91 16.29
C TRP A 86 -77.31 27.02 15.39
N ASP A 87 -77.17 27.19 14.06
CA ASP A 87 -78.01 26.54 13.07
C ASP A 87 -77.16 25.97 11.95
N SER A 88 -77.06 24.65 11.86
CA SER A 88 -76.45 24.01 10.71
C SER A 88 -77.48 23.13 10.00
N PHE A 89 -77.28 22.96 8.69
CA PHE A 89 -78.11 22.12 7.81
C PHE A 89 -79.61 22.19 8.10
N GLY A 90 -80.11 23.34 8.51
CA GLY A 90 -81.53 23.51 8.73
C GLY A 90 -82.02 22.99 10.06
N HIS A 91 -81.29 22.08 10.69
CA HIS A 91 -81.66 21.53 11.99
C HIS A 91 -81.04 22.42 13.06
N LYS A 92 -81.87 23.30 13.63
CA LYS A 92 -81.39 24.23 14.65
C LYS A 92 -80.98 23.46 15.90
N ILE A 93 -79.89 23.91 16.53
CA ILE A 93 -79.35 23.27 17.72
C ILE A 93 -79.79 23.98 18.98
N GLY A 94 -79.61 25.30 19.03
CA GLY A 94 -80.01 26.07 20.18
C GLY A 94 -80.28 27.53 19.87
N ILE A 95 -81.31 28.10 20.52
CA ILE A 95 -81.59 29.52 20.36
C ILE A 95 -80.70 30.32 21.29
N GLN A 96 -80.47 31.58 20.95
CA GLN A 96 -79.56 32.44 21.69
C GLN A 96 -80.02 32.64 23.13
N GLY A 97 -79.05 32.65 24.04
CA GLY A 97 -79.29 32.96 25.44
C GLY A 97 -79.72 31.78 26.31
N ASP A 98 -79.86 30.59 25.74
CA ASP A 98 -80.27 29.42 26.48
C ASP A 98 -79.08 28.60 26.96
N LYS A 99 -79.29 27.86 28.05
CA LYS A 99 -78.35 26.80 28.41
C LYS A 99 -78.56 25.66 27.43
N ILE A 100 -77.49 25.23 26.76
CA ILE A 100 -77.67 24.31 25.64
C ILE A 100 -77.46 22.85 26.02
N GLY A 101 -76.20 22.42 26.14
CA GLY A 101 -75.91 21.05 26.48
C GLY A 101 -74.97 20.43 25.45
N PRO A 102 -74.29 19.36 25.82
CA PRO A 102 -73.44 18.64 24.88
C PRO A 102 -74.13 17.54 24.08
N PHE A 103 -75.32 17.08 24.50
CA PHE A 103 -75.97 15.94 23.88
C PHE A 103 -77.25 16.28 23.13
N ASN A 104 -77.65 17.55 23.09
CA ASN A 104 -78.88 17.94 22.38
C ASN A 104 -78.68 18.11 20.89
N LEU A 105 -77.46 17.94 20.36
CA LEU A 105 -77.25 17.98 18.92
C LEU A 105 -77.82 16.75 18.22
N VAL A 106 -78.25 15.75 18.97
CA VAL A 106 -78.68 14.46 18.44
C VAL A 106 -79.85 13.96 19.26
N ARG A 107 -80.76 13.25 18.59
CA ARG A 107 -81.88 12.63 19.28
C ARG A 107 -81.37 11.57 20.25
N VAL A 108 -82.04 11.47 21.40
CA VAL A 108 -81.54 10.55 22.43
C VAL A 108 -81.97 9.13 22.10
N GLU A 109 -83.21 8.93 21.65
CA GLU A 109 -83.63 7.66 21.07
C GLU A 109 -83.20 6.45 21.88
N ASP A 110 -83.87 6.19 23.01
CA ASP A 110 -83.41 5.14 23.91
C ASP A 110 -83.32 3.81 23.16
N ILE A 111 -82.27 3.06 23.49
CA ILE A 111 -81.85 1.84 22.80
C ILE A 111 -82.90 0.75 23.00
N PRO A 112 -83.06 -0.17 22.04
CA PRO A 112 -83.75 -1.43 22.37
C PRO A 112 -82.98 -2.18 23.43
N ASP A 113 -83.71 -2.86 24.31
CA ASP A 113 -83.12 -3.35 25.55
C ASP A 113 -81.87 -4.18 25.31
N GLY A 114 -80.71 -3.60 25.61
CA GLY A 114 -79.40 -4.18 25.45
C GLY A 114 -78.51 -3.88 26.65
N LEU A 115 -79.10 -3.81 27.84
CA LEU A 115 -78.40 -3.31 29.02
C LEU A 115 -77.21 -4.20 29.36
N PRO A 116 -76.03 -3.61 29.64
CA PRO A 116 -74.84 -4.43 29.86
C PRO A 116 -74.97 -5.32 31.08
N ASP A 117 -74.40 -6.52 30.99
CA ASP A 117 -74.42 -7.51 32.06
C ASP A 117 -73.14 -7.47 32.89
N GLY A 118 -73.29 -7.74 34.19
CA GLY A 118 -72.15 -8.09 35.01
C GLY A 118 -71.36 -6.93 35.59
N LYS A 119 -70.06 -7.20 35.77
CA LYS A 119 -69.04 -6.28 36.29
C LYS A 119 -69.52 -5.47 37.48
N LEU A 120 -69.60 -6.11 38.64
CA LEU A 120 -70.10 -5.50 39.87
C LEU A 120 -69.18 -4.39 40.39
N ASN A 121 -69.82 -3.37 40.96
CA ASN A 121 -69.19 -2.12 41.36
C ASN A 121 -68.08 -2.29 42.39
N ALA A 122 -67.01 -1.53 42.21
CA ALA A 122 -65.90 -1.43 43.16
C ALA A 122 -66.18 -0.34 44.19
N GLU A 123 -65.13 0.20 44.81
CA GLU A 123 -65.29 1.23 45.82
C GLU A 123 -65.71 2.56 45.18
N VAL A 124 -66.24 3.43 46.04
CA VAL A 124 -66.90 4.66 45.62
C VAL A 124 -65.87 5.79 45.46
N SER A 125 -65.83 6.38 44.27
CA SER A 125 -65.02 7.57 44.04
C SER A 125 -65.92 8.78 43.80
N ALA A 126 -66.73 8.74 42.76
CA ALA A 126 -67.80 9.70 42.46
C ALA A 126 -67.35 11.14 42.27
N GLU A 127 -66.09 11.45 42.57
CA GLU A 127 -65.55 12.79 42.32
C GLU A 127 -64.48 12.79 41.24
N ASP A 128 -64.10 11.62 40.72
CA ASP A 128 -63.00 11.50 39.78
C ASP A 128 -63.44 11.67 38.34
N ASP A 129 -64.56 12.37 38.11
CA ASP A 129 -65.01 12.69 36.76
C ASP A 129 -64.17 13.78 36.11
N ALA A 130 -63.24 14.39 36.84
CA ALA A 130 -62.34 15.35 36.22
C ALA A 130 -61.46 14.69 35.17
N TRP A 131 -61.16 13.40 35.34
CA TRP A 131 -60.31 12.67 34.41
C TRP A 131 -61.02 11.55 33.66
N LEU A 132 -61.99 10.88 34.29
CA LEU A 132 -62.55 9.66 33.69
C LEU A 132 -63.15 9.89 32.31
N PRO A 133 -64.02 10.87 32.08
CA PRO A 133 -64.43 11.15 30.69
C PRO A 133 -63.26 11.52 29.80
N LEU A 134 -62.25 12.23 30.33
CA LEU A 134 -61.10 12.61 29.52
C LEU A 134 -60.28 11.39 29.11
N PHE A 135 -60.22 10.36 29.95
CA PHE A 135 -59.45 9.17 29.59
C PHE A 135 -60.17 8.36 28.53
N LEU A 136 -61.45 8.06 28.74
CA LEU A 136 -62.18 7.25 27.76
C LEU A 136 -62.35 7.99 26.45
N LEU A 137 -62.57 9.31 26.50
CA LEU A 137 -62.56 10.10 25.27
C LEU A 137 -61.15 10.24 24.70
N GLY A 138 -60.14 10.31 25.56
CA GLY A 138 -58.78 10.41 25.11
C GLY A 138 -58.19 9.10 24.63
N LEU A 139 -58.76 7.98 25.09
CA LEU A 139 -58.30 6.67 24.66
C LEU A 139 -58.69 6.38 23.22
N TYR A 140 -59.70 7.10 22.69
CA TYR A 140 -60.06 6.97 21.28
C TYR A 140 -58.92 7.45 20.39
N ARG A 141 -58.22 8.50 20.82
CA ARG A 141 -57.07 8.98 20.05
C ARG A 141 -55.95 7.95 20.04
N VAL A 142 -55.78 7.22 21.15
CA VAL A 142 -54.75 6.18 21.18
C VAL A 142 -55.21 4.97 20.36
N GLY A 143 -56.52 4.83 20.14
CA GLY A 143 -57.02 3.79 19.26
C GLY A 143 -56.52 3.93 17.83
N ARG A 144 -56.19 5.16 17.42
CA ARG A 144 -55.83 5.44 16.04
C ARG A 144 -54.40 4.99 15.72
N ALA A 145 -53.42 5.56 16.41
CA ALA A 145 -52.02 5.24 16.14
C ALA A 145 -51.74 3.76 16.31
N SER A 146 -50.96 3.20 15.38
CA SER A 146 -50.56 1.80 15.41
C SER A 146 -49.06 1.59 15.54
N GLU A 147 -48.25 2.61 15.28
CA GLU A 147 -46.79 2.55 15.34
C GLU A 147 -46.34 2.97 16.73
N THR A 148 -45.05 3.30 16.90
CA THR A 148 -44.55 3.69 18.21
C THR A 148 -45.23 4.96 18.74
N ALA A 149 -45.88 5.73 17.87
CA ALA A 149 -46.71 6.84 18.34
C ALA A 149 -47.87 6.36 19.19
N TYR A 150 -48.27 5.11 19.05
CA TYR A 150 -49.25 4.49 19.95
C TYR A 150 -48.76 4.53 21.39
N ARG A 151 -47.45 4.46 21.60
CA ARG A 151 -46.87 4.61 22.94
C ARG A 151 -46.81 6.07 23.36
N THR A 152 -46.46 6.97 22.43
CA THR A 152 -46.31 8.38 22.77
C THR A 152 -47.64 9.00 23.20
N LEU A 153 -48.76 8.57 22.60
CA LEU A 153 -50.04 9.20 22.92
C LEU A 153 -50.49 8.84 24.33
N LEU A 154 -50.24 7.61 24.77
CA LEU A 154 -50.58 7.23 26.14
C LEU A 154 -49.76 8.02 27.15
N MET A 155 -48.51 8.35 26.81
CA MET A 155 -47.70 9.18 27.71
C MET A 155 -48.31 10.57 27.84
N GLU A 156 -48.84 11.12 26.74
CA GLU A 156 -49.55 12.39 26.83
C GLU A 156 -50.87 12.24 27.57
N SER A 157 -51.52 11.08 27.44
CA SER A 157 -52.77 10.86 28.17
C SER A 157 -52.53 10.69 29.66
N LEU A 158 -51.44 10.02 30.03
CA LEU A 158 -51.16 9.83 31.46
C LEU A 158 -50.83 11.14 32.16
N ILE A 159 -50.07 12.02 31.49
CA ILE A 159 -49.76 13.31 32.09
C ILE A 159 -51.01 14.18 32.21
N LYS A 160 -51.96 14.04 31.28
CA LYS A 160 -53.15 14.88 31.35
C LYS A 160 -54.02 14.52 32.54
N GLN A 161 -53.98 13.26 32.98
CA GLN A 161 -54.79 12.81 34.11
C GLN A 161 -54.01 12.61 35.40
N CYS A 162 -52.70 12.36 35.34
CA CYS A 162 -51.90 12.36 36.56
C CYS A 162 -51.85 13.74 37.20
N LYS A 163 -51.92 14.79 36.39
CA LYS A 163 -52.08 16.15 36.87
C LYS A 163 -53.51 16.43 37.31
N ALA A 164 -54.46 15.55 36.99
CA ALA A 164 -55.87 15.80 37.21
C ALA A 164 -56.29 15.60 38.67
N ILE A 165 -55.67 14.69 39.42
CA ILE A 165 -56.24 14.40 40.72
C ILE A 165 -55.65 15.29 41.79
N LYS A 166 -54.47 14.95 42.30
CA LYS A 166 -53.66 15.92 43.02
C LYS A 166 -52.19 15.78 42.64
N SER A 167 -51.57 14.67 43.03
CA SER A 167 -50.30 14.11 42.59
C SER A 167 -50.40 12.65 42.21
N ASP A 168 -51.12 11.85 43.00
CA ASP A 168 -51.21 10.42 42.81
C ASP A 168 -52.09 10.05 41.62
N TRP A 169 -51.66 9.03 40.88
CA TRP A 169 -52.45 8.53 39.76
C TRP A 169 -51.99 7.12 39.41
N VAL A 170 -52.82 6.12 39.74
CA VAL A 170 -52.60 4.78 39.23
C VAL A 170 -52.96 4.76 37.75
N SER A 171 -52.28 3.90 36.99
CA SER A 171 -52.50 3.82 35.54
C SER A 171 -53.07 2.45 35.18
N PRO A 172 -54.39 2.29 35.24
CA PRO A 172 -54.99 1.01 34.81
C PRO A 172 -54.71 0.67 33.36
N VAL A 173 -54.53 1.68 32.51
CA VAL A 173 -54.38 1.44 31.08
C VAL A 173 -53.15 0.57 30.80
N THR A 174 -53.33 -0.40 29.91
CA THR A 174 -52.23 -1.23 29.47
C THR A 174 -51.26 -0.44 28.60
N ALA A 175 -49.99 -0.83 28.65
CA ALA A 175 -48.97 -0.12 27.89
C ALA A 175 -49.19 -0.28 26.38
N THR A 176 -49.46 -1.51 25.93
CA THR A 176 -49.57 -1.75 24.50
C THR A 176 -50.74 -2.65 24.08
N HIS A 177 -51.46 -3.28 25.01
CA HIS A 177 -52.56 -4.15 24.61
C HIS A 177 -53.65 -3.33 23.95
N LYS A 178 -54.28 -3.90 22.92
CA LYS A 178 -55.19 -3.17 22.05
C LYS A 178 -56.62 -3.68 22.14
N TYR A 179 -57.11 -3.95 23.35
CA TYR A 179 -58.50 -4.39 23.48
C TYR A 179 -59.47 -3.24 23.29
N PHE A 180 -58.99 -2.00 23.40
CA PHE A 180 -59.79 -0.80 23.21
C PHE A 180 -59.76 -0.29 21.77
N ASP A 181 -59.01 -0.94 20.87
CA ASP A 181 -59.11 -0.60 19.47
C ASP A 181 -60.48 -0.90 18.90
N VAL A 182 -61.22 -1.81 19.55
CA VAL A 182 -62.58 -2.15 19.15
C VAL A 182 -63.50 -0.94 19.28
N TRP A 183 -63.17 -0.01 20.18
CA TRP A 183 -64.08 1.07 20.53
C TRP A 183 -64.38 1.98 19.34
N GLY A 184 -63.47 2.09 18.38
CA GLY A 184 -63.71 2.97 17.26
C GLY A 184 -64.71 2.45 16.26
N ASN A 185 -65.05 1.16 16.31
CA ASN A 185 -66.06 0.59 15.43
C ASN A 185 -67.48 0.74 15.96
N ASP A 186 -67.67 1.08 17.23
CA ASP A 186 -69.01 1.24 17.78
C ASP A 186 -69.62 2.55 17.30
N GLY A 187 -70.81 2.46 16.70
CA GLY A 187 -71.43 3.65 16.14
C GLY A 187 -71.92 4.63 17.18
N ASN A 188 -72.38 4.13 18.32
CA ASN A 188 -72.81 5.04 19.38
C ASN A 188 -71.62 5.75 20.01
N TYR A 189 -70.51 5.04 20.20
CA TYR A 189 -69.32 5.67 20.77
C TYR A 189 -68.75 6.73 19.84
N LEU A 190 -68.83 6.52 18.52
CA LEU A 190 -68.39 7.55 17.59
C LEU A 190 -69.28 8.79 17.64
N LYS A 191 -70.57 8.62 17.93
CA LYS A 191 -71.46 9.77 17.99
C LYS A 191 -71.22 10.59 19.25
N ILE A 192 -71.06 9.93 20.40
CA ILE A 192 -70.83 10.65 21.64
C ILE A 192 -69.46 11.33 21.62
N VAL A 193 -68.45 10.69 21.03
CA VAL A 193 -67.13 11.31 20.94
C VAL A 193 -67.17 12.52 20.01
N ALA A 194 -68.02 12.50 18.99
CA ALA A 194 -68.14 13.65 18.13
C ALA A 194 -68.89 14.80 18.80
N CYS A 195 -69.89 14.48 19.64
CA CYS A 195 -70.64 15.54 20.30
C CYS A 195 -69.79 16.34 21.28
N VAL A 196 -68.86 15.68 21.98
CA VAL A 196 -68.04 16.40 22.94
C VAL A 196 -67.11 17.38 22.21
N ASP A 197 -66.64 17.01 21.03
CA ASP A 197 -65.70 17.88 20.31
C ASP A 197 -66.42 19.07 19.70
N MET A 198 -67.54 18.83 19.03
CA MET A 198 -68.28 19.93 18.42
C MET A 198 -68.87 20.86 19.47
N PHE A 199 -69.24 20.32 20.63
CA PHE A 199 -69.77 21.16 21.69
C PHE A 199 -68.67 22.05 22.28
N TYR A 200 -67.52 21.47 22.58
CA TYR A 200 -66.45 22.24 23.19
C TYR A 200 -65.61 23.00 22.18
N ASN A 201 -65.77 22.72 20.89
CA ASN A 201 -65.21 23.61 19.87
C ASN A 201 -65.94 24.95 19.88
N HIS A 202 -67.21 24.94 20.24
CA HIS A 202 -67.98 26.18 20.34
C HIS A 202 -67.68 26.90 21.64
N PHE A 203 -67.65 26.17 22.74
CA PHE A 203 -67.36 26.71 24.07
C PHE A 203 -65.93 26.38 24.48
N LYS A 204 -64.98 27.00 23.77
CA LYS A 204 -63.57 26.76 24.04
C LYS A 204 -63.13 27.25 25.43
N LYS A 205 -63.83 28.23 26.01
CA LYS A 205 -63.42 28.77 27.30
C LYS A 205 -63.84 27.93 28.50
N SER A 206 -64.68 26.91 28.31
CA SER A 206 -65.15 26.11 29.42
C SER A 206 -64.02 25.25 30.00
N ILE A 207 -64.11 24.99 31.31
CA ILE A 207 -63.07 24.21 31.99
C ILE A 207 -63.02 22.79 31.47
N LYS A 208 -64.16 22.26 31.03
CA LYS A 208 -64.23 20.89 30.54
C LYS A 208 -63.83 20.78 29.07
N ALA A 209 -63.35 21.87 28.47
CA ALA A 209 -62.86 21.81 27.10
C ALA A 209 -61.57 21.01 27.00
N THR A 210 -60.90 20.75 28.12
CA THR A 210 -59.74 19.87 28.11
C THR A 210 -60.12 18.45 27.71
N PHE A 211 -61.40 18.09 27.84
CA PHE A 211 -61.88 16.80 27.35
C PHE A 211 -61.74 16.68 25.84
N ARG A 212 -61.60 17.81 25.15
CA ARG A 212 -61.50 17.79 23.69
C ARG A 212 -60.26 17.04 23.23
N TRP A 213 -59.23 16.93 24.07
CA TRP A 213 -58.10 16.09 23.74
C TRP A 213 -58.59 14.65 23.56
N GLY A 214 -58.13 14.01 22.49
CA GLY A 214 -58.54 12.67 22.15
C GLY A 214 -59.76 12.58 21.25
N THR A 215 -60.56 13.64 21.14
CA THR A 215 -61.66 13.70 20.20
C THR A 215 -61.41 14.70 19.07
N ILE A 216 -60.30 15.45 19.12
CA ILE A 216 -59.96 16.38 18.04
C ILE A 216 -59.69 15.61 16.75
N VAL A 217 -59.33 14.34 16.86
CA VAL A 217 -59.11 13.50 15.68
C VAL A 217 -60.41 13.34 14.89
N SER A 218 -61.56 13.50 15.56
CA SER A 218 -62.84 13.40 14.86
C SER A 218 -63.07 14.55 13.89
N ARG A 219 -62.42 15.69 14.08
CA ARG A 219 -62.63 16.80 13.16
C ARG A 219 -62.06 16.47 11.79
N PHE A 220 -62.77 16.93 10.76
CA PHE A 220 -62.45 16.70 9.36
C PHE A 220 -61.82 15.33 9.11
N LYS A 221 -62.41 14.28 9.69
CA LYS A 221 -61.87 12.96 9.45
C LYS A 221 -62.21 12.55 8.02
N ASP A 222 -61.41 11.65 7.46
CA ASP A 222 -61.50 11.28 6.04
C ASP A 222 -61.83 12.49 5.18
N CYS A 223 -61.23 13.64 5.49
CA CYS A 223 -61.38 14.87 4.73
C CYS A 223 -60.02 15.49 4.44
N ALA A 224 -59.02 14.65 4.14
CA ALA A 224 -57.68 15.15 3.95
C ALA A 224 -57.53 16.00 2.69
N ALA A 225 -58.43 15.83 1.70
CA ALA A 225 -58.34 16.64 0.50
C ALA A 225 -58.60 18.12 0.79
N LEU A 226 -59.43 18.41 1.78
CA LEU A 226 -59.61 19.80 2.20
C LEU A 226 -58.36 20.33 2.89
N ALA A 227 -57.72 19.51 3.71
CA ALA A 227 -56.47 19.94 4.33
C ALA A 227 -55.38 20.13 3.28
N THR A 228 -55.41 19.34 2.20
CA THR A 228 -54.45 19.53 1.12
C THR A 228 -54.71 20.83 0.36
N LEU A 229 -55.99 21.14 0.10
CA LEU A 229 -56.30 22.38 -0.60
C LEU A 229 -55.98 23.61 0.25
N GLY A 230 -56.21 23.51 1.57
CA GLY A 230 -55.84 24.61 2.43
C GLY A 230 -54.35 24.74 2.63
N HIS A 231 -53.63 23.61 2.59
CA HIS A 231 -52.18 23.65 2.74
C HIS A 231 -51.51 24.35 1.57
N VAL A 232 -52.00 24.14 0.34
CA VAL A 232 -51.37 24.76 -0.81
C VAL A 232 -51.54 26.27 -0.79
N VAL A 233 -52.66 26.77 -0.27
CA VAL A 233 -52.87 28.21 -0.25
C VAL A 233 -51.86 28.89 0.67
N LYS A 234 -51.52 28.21 1.78
CA LYS A 234 -50.58 28.79 2.73
C LYS A 234 -49.13 28.61 2.29
N ILE A 235 -48.79 27.47 1.67
CA ILE A 235 -47.40 27.20 1.34
C ILE A 235 -46.98 27.92 0.06
N THR A 236 -47.85 27.95 -0.95
CA THR A 236 -47.52 28.63 -2.20
C THR A 236 -47.59 30.14 -2.08
N GLY A 237 -48.43 30.65 -1.18
CA GLY A 237 -48.65 32.08 -1.08
C GLY A 237 -49.68 32.61 -2.04
N LEU A 238 -50.25 31.76 -2.89
CA LEU A 238 -51.30 32.17 -3.81
C LEU A 238 -52.64 32.28 -3.09
N THR A 239 -53.50 33.13 -3.62
CA THR A 239 -54.86 33.21 -3.13
C THR A 239 -55.62 31.95 -3.53
N ILE A 240 -56.66 31.64 -2.75
CA ILE A 240 -57.44 30.43 -3.03
C ILE A 240 -58.02 30.47 -4.43
N GLU A 241 -58.33 31.67 -4.93
CA GLU A 241 -58.79 31.80 -6.31
C GLU A 241 -57.66 31.50 -7.29
N GLU A 242 -56.45 31.96 -7.01
CA GLU A 242 -55.33 31.73 -7.92
C GLU A 242 -54.93 30.27 -7.99
N VAL A 243 -55.11 29.52 -6.90
CA VAL A 243 -54.75 28.10 -6.93
C VAL A 243 -55.64 27.33 -7.89
N PHE A 244 -56.92 27.71 -7.97
CA PHE A 244 -57.85 27.02 -8.86
C PHE A 244 -57.48 27.24 -10.32
N THR A 245 -56.99 28.43 -10.66
CA THR A 245 -56.62 28.74 -12.04
C THR A 245 -55.45 27.92 -12.55
N TRP A 246 -54.61 27.41 -11.65
CA TRP A 246 -53.42 26.66 -12.02
C TRP A 246 -53.70 25.19 -12.31
N VAL A 247 -54.94 24.72 -12.21
CA VAL A 247 -55.25 23.31 -12.39
C VAL A 247 -55.13 22.95 -13.86
N LEU A 248 -53.89 22.64 -14.26
CA LEU A 248 -53.51 22.34 -15.63
C LEU A 248 -54.00 20.98 -16.15
N GLN A 249 -54.54 20.11 -15.30
CA GLN A 249 -55.09 18.84 -15.76
C GLN A 249 -56.61 18.87 -15.77
N THR A 250 -57.20 18.27 -16.81
CA THR A 250 -58.66 18.17 -16.89
C THR A 250 -59.22 17.28 -15.78
N GLU A 251 -58.44 16.30 -15.30
CA GLU A 251 -58.94 15.41 -14.27
C GLU A 251 -58.88 16.05 -12.89
N VAL A 252 -57.85 16.84 -12.61
CA VAL A 252 -57.73 17.49 -11.30
C VAL A 252 -58.87 18.47 -11.07
N ALA A 253 -59.38 19.08 -12.14
CA ALA A 253 -60.54 19.97 -12.00
C ALA A 253 -61.78 19.19 -11.57
N ASP A 254 -61.94 17.96 -12.06
CA ASP A 254 -63.15 17.19 -11.75
C ASP A 254 -63.27 16.85 -10.27
N GLU A 255 -62.16 16.68 -9.56
CA GLU A 255 -62.29 16.43 -8.12
C GLU A 255 -62.60 17.71 -7.36
N LEU A 256 -62.03 18.83 -7.79
CA LEU A 256 -62.34 20.11 -7.15
C LEU A 256 -63.78 20.53 -7.37
N VAL A 257 -64.37 20.17 -8.52
CA VAL A 257 -65.77 20.48 -8.74
C VAL A 257 -66.65 19.66 -7.81
N LYS A 258 -66.40 18.36 -7.71
CA LYS A 258 -67.18 17.50 -6.82
C LYS A 258 -66.87 17.77 -5.36
N MET A 259 -65.69 18.33 -5.06
CA MET A 259 -65.34 18.70 -3.69
C MET A 259 -65.98 20.00 -3.24
N MET A 260 -66.44 20.82 -4.17
CA MET A 260 -66.94 22.17 -3.87
C MET A 260 -68.44 22.32 -3.90
N LYS A 261 -69.19 21.23 -4.14
CA LYS A 261 -70.66 21.19 -4.11
C LYS A 261 -71.19 22.17 -3.07
N PRO A 262 -71.98 23.17 -3.49
CA PRO A 262 -72.25 24.34 -2.64
C PRO A 262 -72.84 24.03 -1.28
N GLY A 263 -74.06 23.52 -1.24
CA GLY A 263 -74.79 23.37 0.01
C GLY A 263 -74.27 22.34 0.97
N GLN A 264 -72.95 22.30 1.19
CA GLN A 264 -72.35 21.36 2.13
C GLN A 264 -71.80 22.01 3.39
N GLU A 265 -71.88 23.35 3.50
CA GLU A 265 -71.37 24.08 4.66
C GLU A 265 -69.90 23.76 4.92
N ILE A 266 -69.13 23.65 3.83
CA ILE A 266 -67.71 23.33 3.95
C ILE A 266 -66.94 24.44 4.65
N ASP A 267 -67.34 25.69 4.41
CA ASP A 267 -66.65 26.82 5.03
C ASP A 267 -66.95 26.92 6.52
N LYS A 268 -68.21 26.72 6.91
CA LYS A 268 -68.64 27.02 8.26
C LYS A 268 -67.99 26.09 9.28
N SER A 269 -67.44 26.68 10.34
CA SER A 269 -66.97 25.92 11.50
C SER A 269 -68.13 25.28 12.23
N THR A 270 -69.04 26.10 12.75
CA THR A 270 -70.21 25.63 13.46
C THR A 270 -71.15 24.89 12.51
N SER A 271 -70.70 23.73 12.03
CA SER A 271 -71.46 22.94 11.08
C SER A 271 -71.26 21.46 11.40
N TYR A 272 -72.16 20.64 10.87
CA TYR A 272 -72.05 19.19 11.01
C TYR A 272 -71.07 18.57 10.03
N MET A 273 -70.61 19.31 9.02
CA MET A 273 -69.74 18.72 8.00
C MET A 273 -68.45 18.11 8.55
N PRO A 274 -67.69 18.74 9.47
CA PRO A 274 -66.39 18.15 9.83
C PRO A 274 -66.50 16.73 10.35
N TYR A 275 -67.59 16.39 11.03
CA TYR A 275 -67.78 15.06 11.61
C TYR A 275 -68.57 14.15 10.66
N LEU A 276 -68.10 14.05 9.41
CA LEU A 276 -68.82 13.27 8.41
C LEU A 276 -68.89 11.79 8.80
N ILE A 277 -67.83 11.26 9.39
CA ILE A 277 -67.74 9.83 9.63
C ILE A 277 -68.28 9.45 10.99
N ASP A 278 -67.87 10.17 12.04
CA ASP A 278 -68.26 9.78 13.40
C ASP A 278 -69.73 9.99 13.67
N MET A 279 -70.37 10.96 13.01
CA MET A 279 -71.81 11.18 13.19
C MET A 279 -72.67 10.27 12.33
N GLY A 280 -72.09 9.56 11.36
CA GLY A 280 -72.90 8.77 10.46
C GLY A 280 -73.57 9.55 9.36
N ILE A 281 -73.20 10.83 9.17
CA ILE A 281 -73.85 11.65 8.16
C ILE A 281 -73.57 11.12 6.76
N SER A 282 -72.45 10.45 6.56
CA SER A 282 -72.10 9.90 5.25
C SER A 282 -71.23 8.66 5.45
N ALA A 283 -71.47 7.64 4.62
CA ALA A 283 -70.69 6.42 4.72
C ALA A 283 -69.42 6.43 3.88
N LYS A 284 -69.03 7.58 3.33
CA LYS A 284 -67.85 7.66 2.49
C LYS A 284 -67.74 9.13 2.11
N SER A 285 -66.88 9.83 2.84
CA SER A 285 -66.72 11.26 2.66
C SER A 285 -66.22 11.56 1.25
N PRO A 286 -66.81 12.53 0.56
CA PRO A 286 -66.28 12.94 -0.75
C PRO A 286 -64.94 13.63 -0.65
N TYR A 287 -64.55 14.06 0.54
CA TYR A 287 -63.33 14.83 0.74
C TYR A 287 -62.15 13.97 1.17
N SER A 288 -62.29 12.65 1.16
CA SER A 288 -61.20 11.76 1.53
C SER A 288 -60.13 11.74 0.45
N THR A 289 -58.89 11.43 0.87
CA THR A 289 -57.80 11.34 -0.09
C THR A 289 -58.06 10.23 -1.10
N ILE A 290 -58.68 9.13 -0.66
CA ILE A 290 -58.96 8.03 -1.59
C ILE A 290 -60.01 8.44 -2.61
N LYS A 291 -60.96 9.29 -2.22
CA LYS A 291 -62.02 9.72 -3.12
C LYS A 291 -61.56 10.76 -4.13
N ASN A 292 -60.47 11.45 -3.89
CA ASN A 292 -60.00 12.51 -4.80
C ASN A 292 -58.54 12.31 -5.17
N PRO A 293 -58.24 11.28 -5.95
CA PRO A 293 -56.88 11.12 -6.47
C PRO A 293 -56.64 12.09 -7.62
N SER A 294 -55.36 12.22 -7.98
CA SER A 294 -54.85 13.11 -9.02
C SER A 294 -54.92 14.56 -8.57
N PHE A 295 -55.83 14.87 -7.64
CA PHE A 295 -55.75 16.15 -6.96
C PHE A 295 -54.83 16.06 -5.76
N HIS A 296 -54.87 14.91 -5.07
CA HIS A 296 -53.98 14.69 -3.94
C HIS A 296 -52.53 14.63 -4.36
N PHE A 297 -52.25 14.10 -5.55
CA PHE A 297 -50.87 14.10 -6.03
C PHE A 297 -50.47 15.50 -6.45
N TRP A 298 -51.39 16.22 -7.10
CA TRP A 298 -51.22 17.62 -7.38
C TRP A 298 -51.21 18.40 -6.07
N GLY A 299 -50.51 19.52 -6.05
CA GLY A 299 -50.44 20.31 -4.83
C GLY A 299 -49.49 19.74 -3.80
N GLN A 300 -49.67 18.48 -3.39
CA GLN A 300 -48.71 17.89 -2.45
C GLN A 300 -47.34 17.77 -3.10
N LEU A 301 -47.29 17.49 -4.40
CA LEU A 301 -46.03 17.54 -5.11
C LEU A 301 -45.60 19.00 -5.29
N VAL A 302 -46.56 19.88 -5.53
CA VAL A 302 -46.27 21.31 -5.61
C VAL A 302 -45.82 21.84 -4.25
N ALA A 303 -46.42 21.33 -3.17
CA ALA A 303 -45.99 21.76 -1.84
C ALA A 303 -44.58 21.27 -1.54
N ALA A 304 -44.25 20.05 -1.97
CA ALA A 304 -42.89 19.53 -1.86
C ALA A 304 -41.93 20.47 -2.59
N LEU A 305 -42.03 20.48 -3.92
CA LEU A 305 -41.28 21.41 -4.78
C LEU A 305 -41.21 22.83 -4.25
N CYS A 306 -42.20 23.26 -3.46
CA CYS A 306 -42.16 24.54 -2.77
C CYS A 306 -41.57 24.42 -1.37
N ARG A 307 -40.84 23.34 -1.09
CA ARG A 307 -40.07 23.15 0.13
C ARG A 307 -40.95 23.11 1.38
N SER A 308 -42.04 22.36 1.31
CA SER A 308 -42.83 22.02 2.48
C SER A 308 -42.34 20.70 3.05
N LYS A 309 -42.20 20.64 4.38
CA LYS A 309 -41.66 19.44 5.02
C LYS A 309 -42.71 18.36 5.28
N ARG A 310 -44.00 18.70 5.28
CA ARG A 310 -45.03 17.71 5.56
C ARG A 310 -45.54 17.00 4.31
N ALA A 311 -45.50 17.66 3.15
CA ALA A 311 -45.99 17.03 1.93
C ALA A 311 -45.14 15.85 1.48
N LEU A 312 -43.89 15.75 1.97
CA LEU A 312 -43.01 14.68 1.53
C LEU A 312 -43.54 13.30 1.90
N ASN A 313 -44.38 13.20 2.93
CA ASN A 313 -44.96 11.94 3.38
C ASN A 313 -46.41 11.81 2.93
N ALA A 314 -46.71 12.20 1.70
CA ALA A 314 -48.07 12.23 1.15
C ALA A 314 -48.24 11.08 0.16
N ARG A 315 -48.96 10.05 0.57
CA ARG A 315 -49.21 8.82 -0.21
C ARG A 315 -49.47 9.11 -1.68
N GLN A 316 -48.52 8.79 -2.54
CA GLN A 316 -48.73 8.95 -3.98
C GLN A 316 -49.87 8.05 -4.44
N PRO A 317 -50.95 8.60 -5.00
CA PRO A 317 -52.09 7.76 -5.42
C PRO A 317 -51.82 6.93 -6.68
N ASP A 318 -51.78 5.61 -6.51
CA ASP A 318 -51.67 4.70 -7.65
C ASP A 318 -52.84 4.88 -8.62
N GLU A 319 -52.57 4.56 -9.88
CA GLU A 319 -53.55 4.67 -10.98
C GLU A 319 -53.99 6.10 -11.25
N ILE A 320 -53.01 6.94 -11.64
CA ILE A 320 -53.27 8.30 -12.10
C ILE A 320 -52.22 8.63 -13.16
N ASP A 321 -52.44 9.76 -13.85
CA ASP A 321 -51.58 10.23 -14.93
C ASP A 321 -50.34 10.96 -14.43
N SER A 322 -49.81 10.55 -13.27
CA SER A 322 -48.67 11.18 -12.58
C SER A 322 -47.61 11.75 -13.51
N MET A 323 -47.34 11.10 -14.64
CA MET A 323 -46.34 11.62 -15.56
C MET A 323 -46.76 13.00 -16.07
N SER A 324 -48.06 13.22 -16.26
CA SER A 324 -48.52 14.53 -16.72
C SER A 324 -48.71 15.48 -15.55
N ILE A 325 -49.16 14.99 -14.40
CA ILE A 325 -49.32 15.86 -13.23
C ILE A 325 -47.98 16.39 -12.75
N SER A 326 -46.94 15.56 -12.82
CA SER A 326 -45.62 16.01 -12.39
C SER A 326 -45.07 17.12 -13.26
N ASN A 327 -45.41 17.12 -14.56
CA ASN A 327 -44.96 18.20 -15.43
C ASN A 327 -45.68 19.50 -15.09
N ALA A 328 -46.99 19.44 -14.88
CA ALA A 328 -47.73 20.63 -14.49
C ALA A 328 -47.33 21.10 -13.09
N SER A 329 -46.97 20.17 -12.21
CA SER A 329 -46.59 20.54 -10.86
C SER A 329 -45.25 21.25 -10.84
N LEU A 330 -44.27 20.74 -11.58
CA LEU A 330 -42.96 21.39 -11.62
C LEU A 330 -43.04 22.76 -12.28
N LEU A 331 -43.91 22.92 -13.28
CA LEU A 331 -44.09 24.23 -13.92
C LEU A 331 -44.68 25.24 -12.95
N MET A 332 -45.62 24.80 -12.10
CA MET A 332 -46.21 25.71 -11.12
C MET A 332 -45.22 26.09 -10.03
N ALA A 333 -44.43 25.12 -9.57
CA ALA A 333 -43.46 25.39 -8.52
C ALA A 333 -42.34 26.32 -8.99
N TYR A 334 -41.89 26.14 -10.24
CA TYR A 334 -40.83 27.01 -10.75
C TYR A 334 -41.34 28.40 -11.08
N ALA A 335 -42.65 28.60 -11.13
CA ALA A 335 -43.19 29.93 -11.35
C ALA A 335 -43.30 30.70 -10.04
N LEU A 336 -43.61 30.00 -8.94
CA LEU A 336 -43.66 30.63 -7.64
C LEU A 336 -42.27 31.06 -7.18
N GLY A 337 -41.23 30.33 -7.61
CA GLY A 337 -39.87 30.70 -7.26
C GLY A 337 -39.28 31.76 -8.16
N SER A 338 -39.77 31.86 -9.39
CA SER A 338 -39.25 32.86 -10.34
C SER A 338 -39.92 34.22 -10.17
N SER A 339 -40.97 34.32 -9.35
CA SER A 339 -41.61 35.60 -9.07
C SER A 339 -42.23 35.57 -7.68
N PRO A 340 -41.39 35.60 -6.64
CA PRO A 340 -41.92 35.51 -5.27
C PRO A 340 -42.75 36.72 -4.91
N ASP A 341 -43.78 36.49 -4.08
CA ASP A 341 -44.60 37.60 -3.60
C ASP A 341 -43.68 38.62 -2.94
N ILE A 342 -43.45 39.73 -3.63
CA ILE A 342 -42.45 40.71 -3.22
C ILE A 342 -43.00 42.13 -3.17
N GLU A 343 -44.29 42.35 -3.44
CA GLU A 343 -44.84 43.70 -3.39
C GLU A 343 -44.65 44.33 -2.02
N GLN A 344 -44.26 45.59 -2.00
CA GLN A 344 -44.07 46.30 -0.74
C GLN A 344 -45.41 46.40 -0.02
N GLN A 345 -45.36 46.47 1.32
CA GLN A 345 -46.59 46.59 2.09
C GLN A 345 -46.66 47.90 2.87
N PHE A 346 -45.91 48.05 3.95
CA PHE A 346 -45.92 49.31 4.67
C PHE A 346 -45.17 50.38 3.86
N SER A 347 -45.18 51.60 4.36
CA SER A 347 -44.49 52.70 3.70
C SER A 347 -44.38 53.86 4.66
N THR A 348 -43.29 54.61 4.54
CA THR A 348 -43.09 55.83 5.29
C THR A 348 -43.42 57.07 4.47
N GLY A 349 -44.05 56.89 3.31
CA GLY A 349 -44.34 57.97 2.40
C GLY A 349 -43.62 57.81 1.07
N ASN A 350 -43.00 56.66 0.86
CA ASN A 350 -42.28 56.36 -0.37
C ASN A 350 -42.98 55.29 -1.19
N THR A 351 -42.51 55.12 -2.42
CA THR A 351 -43.17 54.36 -3.47
C THR A 351 -42.60 52.95 -3.60
N TYR A 352 -42.93 52.28 -4.69
CA TYR A 352 -42.71 50.86 -4.98
C TYR A 352 -41.79 50.71 -6.18
N ARG A 353 -41.66 49.46 -6.67
CA ARG A 353 -40.79 49.11 -7.79
C ARG A 353 -41.03 49.94 -9.06
N LYS A 354 -42.07 50.77 -9.07
CA LYS A 354 -42.45 51.69 -10.14
C LYS A 354 -42.23 51.15 -11.56
N PRO A 355 -42.98 50.16 -12.00
CA PRO A 355 -42.79 49.62 -13.36
C PRO A 355 -43.33 50.57 -14.41
N PRO A 356 -42.49 50.97 -15.37
CA PRO A 356 -42.92 51.88 -16.45
C PRO A 356 -43.43 51.22 -17.72
N LYS A 357 -44.28 50.19 -17.57
CA LYS A 357 -44.83 49.50 -18.73
C LYS A 357 -43.75 48.91 -19.63
N GLU A 358 -43.13 47.81 -19.20
CA GLU A 358 -42.05 47.21 -19.98
C GLU A 358 -42.58 46.43 -21.17
N ALA A 359 -43.50 45.50 -20.91
CA ALA A 359 -44.24 44.73 -21.90
C ALA A 359 -43.44 43.71 -22.69
N SER A 360 -42.10 43.80 -22.68
CA SER A 360 -41.28 42.79 -23.36
C SER A 360 -39.78 42.93 -23.13
N TYR A 361 -39.20 41.93 -22.45
CA TYR A 361 -37.75 41.74 -22.34
C TYR A 361 -37.35 40.46 -23.06
N LEU A 362 -36.26 40.53 -23.83
CA LEU A 362 -35.82 39.37 -24.61
C LEU A 362 -34.75 38.56 -23.88
N VAL A 363 -34.86 38.41 -22.56
CA VAL A 363 -33.91 37.56 -21.84
C VAL A 363 -34.29 36.09 -21.97
N SER A 364 -35.46 35.70 -21.44
CA SER A 364 -36.11 34.45 -21.81
C SER A 364 -37.61 34.61 -21.90
N GLU A 365 -38.07 35.84 -22.17
CA GLU A 365 -39.46 36.26 -21.97
C GLU A 365 -40.10 35.64 -20.73
N GLU A 366 -39.32 35.45 -19.67
CA GLU A 366 -39.87 34.93 -18.42
C GLU A 366 -40.82 35.95 -17.81
N PRO A 367 -42.10 35.61 -17.59
CA PRO A 367 -43.00 36.56 -16.93
C PRO A 367 -42.55 36.87 -15.50
N LYS A 368 -42.75 38.13 -15.10
CA LYS A 368 -42.40 38.58 -13.76
C LYS A 368 -43.54 38.37 -12.77
N ASN A 369 -44.69 37.91 -13.24
CA ASN A 369 -45.87 37.68 -12.42
C ASN A 369 -46.19 36.19 -12.36
N ARG A 370 -47.23 35.86 -11.60
CA ARG A 370 -47.66 34.48 -11.39
C ARG A 370 -48.88 34.08 -12.20
N SER A 371 -49.30 34.91 -13.17
CA SER A 371 -50.48 34.57 -13.96
C SER A 371 -50.23 33.30 -14.76
N VAL A 372 -51.23 32.42 -14.77
CA VAL A 372 -51.10 31.13 -15.46
C VAL A 372 -50.96 31.34 -16.96
N VAL A 373 -51.61 32.37 -17.51
CA VAL A 373 -51.66 32.53 -18.95
C VAL A 373 -50.29 32.87 -19.51
N GLU A 374 -49.54 33.74 -18.84
CA GLU A 374 -48.22 34.11 -19.32
C GLU A 374 -47.24 32.95 -19.21
N TRP A 375 -47.43 32.07 -18.23
CA TRP A 375 -46.55 30.92 -18.09
C TRP A 375 -46.88 29.81 -19.07
N ILE A 376 -48.18 29.62 -19.36
CA ILE A 376 -48.55 28.59 -20.33
C ILE A 376 -48.02 28.94 -21.71
N ALA A 377 -48.11 30.22 -22.09
CA ALA A 377 -47.53 30.65 -23.36
C ALA A 377 -46.02 30.56 -23.32
N TRP A 378 -45.42 30.85 -22.17
CA TRP A 378 -43.97 30.71 -22.02
C TRP A 378 -43.55 29.24 -22.07
N TYR A 379 -44.34 28.36 -21.46
CA TYR A 379 -44.04 26.94 -21.49
C TYR A 379 -44.27 26.33 -22.87
N SER A 380 -45.18 26.93 -23.66
CA SER A 380 -45.42 26.45 -25.02
C SER A 380 -44.28 26.79 -25.97
N ASP A 381 -43.51 27.84 -25.68
CA ASP A 381 -42.36 28.16 -26.53
C ASP A 381 -41.24 27.14 -26.38
N VAL A 382 -41.23 26.39 -25.29
CA VAL A 382 -40.25 25.34 -25.07
C VAL A 382 -40.86 23.96 -25.36
N ASP A 383 -41.98 23.93 -26.10
CA ASP A 383 -42.65 22.70 -26.52
C ASP A 383 -43.15 21.88 -25.33
N ASN A 384 -43.55 22.58 -24.26
CA ASN A 384 -44.13 21.94 -23.08
C ASN A 384 -43.21 20.89 -22.47
N LYS A 385 -41.90 21.13 -22.56
CA LYS A 385 -40.91 20.30 -21.90
C LYS A 385 -40.10 21.16 -20.93
N PRO A 386 -39.85 20.68 -19.72
CA PRO A 386 -39.17 21.53 -18.74
C PRO A 386 -37.76 21.89 -19.20
N THR A 387 -37.35 23.11 -18.89
CA THR A 387 -36.06 23.64 -19.30
C THR A 387 -34.97 23.16 -18.35
N ASP A 388 -33.71 23.43 -18.74
CA ASP A 388 -32.57 23.16 -17.88
C ASP A 388 -32.79 23.83 -16.53
N ASP A 389 -32.74 25.16 -16.51
CA ASP A 389 -33.09 25.97 -15.34
C ASP A 389 -34.25 25.39 -14.53
N MET A 390 -35.25 24.82 -15.22
CA MET A 390 -36.42 24.28 -14.54
C MET A 390 -36.09 22.99 -13.78
N LEU A 391 -35.40 22.05 -14.45
CA LEU A 391 -34.99 20.84 -13.75
C LEU A 391 -33.95 21.14 -12.68
N MET A 392 -33.17 22.20 -12.86
CA MET A 392 -32.14 22.54 -11.87
C MET A 392 -32.75 22.88 -10.52
N MET A 393 -33.93 23.51 -10.52
CA MET A 393 -34.64 23.70 -9.25
C MET A 393 -35.10 22.37 -8.68
N ALA A 394 -35.49 21.43 -9.54
CA ALA A 394 -35.97 20.14 -9.07
C ALA A 394 -34.87 19.33 -8.39
N LYS A 395 -33.64 19.40 -8.92
CA LYS A 395 -32.52 18.76 -8.26
C LYS A 395 -32.19 19.42 -6.93
N ARG A 396 -32.43 20.73 -6.80
CA ARG A 396 -32.20 21.42 -5.55
C ARG A 396 -33.13 20.91 -4.45
N VAL A 397 -34.40 20.68 -4.79
CA VAL A 397 -35.33 20.08 -3.84
C VAL A 397 -34.96 18.63 -3.55
N ALA A 398 -34.36 17.93 -4.52
CA ALA A 398 -33.99 16.54 -4.32
C ALA A 398 -32.90 16.36 -3.28
N GLY A 399 -32.04 17.37 -3.09
CA GLY A 399 -30.96 17.22 -2.13
C GLY A 399 -31.37 17.33 -0.68
N THR A 400 -32.55 17.89 -0.41
CA THR A 400 -33.07 17.99 0.95
C THR A 400 -33.82 16.75 1.41
N ILE A 401 -34.08 15.79 0.54
CA ILE A 401 -34.87 14.60 0.90
C ILE A 401 -33.87 13.57 1.42
N SER A 402 -33.40 13.80 2.65
CA SER A 402 -32.43 12.91 3.28
C SER A 402 -32.84 11.44 3.20
N GLY A 403 -34.09 11.14 3.51
CA GLY A 403 -34.56 9.78 3.43
C GLY A 403 -36.05 9.65 3.22
N PRO A 404 -36.46 9.19 2.05
CA PRO A 404 -37.87 8.94 1.77
C PRO A 404 -38.37 7.66 2.44
N ARG A 405 -39.69 7.62 2.64
CA ARG A 405 -40.36 6.36 2.97
C ARG A 405 -40.45 5.51 1.70
N ASP A 406 -41.18 4.39 1.78
CA ASP A 406 -41.15 3.37 0.74
C ASP A 406 -41.80 3.85 -0.56
N ASN A 407 -42.56 4.95 -0.51
CA ASN A 407 -43.19 5.54 -1.67
C ASN A 407 -43.66 6.94 -1.27
N SER A 408 -44.56 7.53 -2.06
CA SER A 408 -45.07 8.91 -1.92
C SER A 408 -44.25 9.88 -2.75
N VAL A 409 -44.64 11.16 -2.71
CA VAL A 409 -43.99 12.20 -3.52
C VAL A 409 -42.51 12.34 -3.20
N GLY A 410 -42.11 11.99 -1.97
CA GLY A 410 -40.70 12.11 -1.63
C GLY A 410 -39.80 11.26 -2.49
N LYS A 411 -40.29 10.07 -2.89
CA LYS A 411 -39.57 9.29 -3.89
C LYS A 411 -39.58 9.97 -5.25
N TRP A 412 -40.63 10.72 -5.57
CA TRP A 412 -40.71 11.34 -6.90
C TRP A 412 -39.63 12.39 -7.10
N ILE A 413 -39.44 13.29 -6.13
CA ILE A 413 -38.42 14.32 -6.34
C ILE A 413 -37.04 13.67 -6.41
N LYS A 414 -36.80 12.60 -5.66
CA LYS A 414 -35.48 11.99 -5.73
C LYS A 414 -35.29 11.11 -6.97
N GLN A 415 -36.31 10.32 -7.34
CA GLN A 415 -36.11 9.35 -8.43
C GLN A 415 -36.11 10.00 -9.81
N THR A 416 -37.13 10.80 -10.13
CA THR A 416 -37.21 11.35 -11.48
C THR A 416 -36.38 12.63 -11.62
N TYR A 417 -36.66 13.64 -10.80
CA TYR A 417 -36.01 14.94 -10.90
C TYR A 417 -34.84 14.98 -9.93
N GLY A 418 -33.69 14.49 -10.40
CA GLY A 418 -32.50 14.47 -9.57
C GLY A 418 -31.43 13.49 -10.03
N SER B 2 -29.66 -35.91 -58.58
CA SER B 2 -28.43 -35.26 -59.01
C SER B 2 -27.24 -36.20 -58.92
N VAL B 3 -26.70 -36.59 -60.07
CA VAL B 3 -25.56 -37.50 -60.12
C VAL B 3 -24.27 -36.72 -60.05
N ILE B 4 -24.01 -35.91 -61.09
CA ILE B 4 -22.83 -35.05 -61.20
C ILE B 4 -21.55 -35.89 -61.19
N ARG B 5 -20.79 -35.83 -62.28
CA ARG B 5 -19.62 -36.68 -62.38
C ARG B 5 -18.43 -36.03 -61.68
N ILE B 6 -17.58 -36.87 -61.08
CA ILE B 6 -16.39 -36.44 -60.36
C ILE B 6 -15.19 -37.03 -61.08
N LYS B 7 -14.21 -36.19 -61.37
CA LYS B 7 -13.01 -36.63 -62.06
C LYS B 7 -11.77 -36.37 -61.20
N THR B 8 -10.63 -36.79 -61.72
CA THR B 8 -9.34 -36.70 -61.07
C THR B 8 -8.33 -36.47 -62.18
N ASN B 9 -7.10 -36.92 -62.04
CA ASN B 9 -6.17 -36.78 -63.15
C ASN B 9 -6.29 -37.90 -64.16
N ALA B 10 -7.24 -38.83 -64.00
CA ALA B 10 -7.46 -39.81 -65.07
C ALA B 10 -8.91 -40.26 -65.25
N ALA B 11 -9.69 -40.35 -64.19
CA ALA B 11 -10.90 -41.16 -64.26
C ALA B 11 -11.90 -40.77 -63.17
N VAL B 12 -13.12 -41.31 -63.31
CA VAL B 12 -14.22 -41.03 -62.38
C VAL B 12 -14.03 -41.79 -61.07
N ALA B 13 -14.67 -41.30 -60.01
CA ALA B 13 -14.57 -41.86 -58.68
C ALA B 13 -15.93 -41.90 -58.00
N ALA B 14 -16.27 -43.05 -57.41
CA ALA B 14 -17.55 -43.20 -56.72
C ALA B 14 -17.65 -42.28 -55.51
N VAL B 15 -18.87 -41.78 -55.26
CA VAL B 15 -19.07 -40.67 -54.32
C VAL B 15 -20.10 -40.93 -53.23
N LEU B 16 -20.15 -42.13 -52.66
CA LEU B 16 -21.24 -42.40 -51.71
C LEU B 16 -20.73 -42.88 -50.34
N PRO B 17 -21.13 -42.20 -49.25
CA PRO B 17 -20.87 -42.71 -47.89
C PRO B 17 -22.04 -43.51 -47.35
N ALA B 18 -21.91 -44.02 -46.12
CA ALA B 18 -23.01 -44.73 -45.48
C ALA B 18 -24.18 -43.80 -45.20
N ASN B 19 -25.39 -44.35 -45.28
CA ASN B 19 -26.63 -43.58 -45.25
C ASN B 19 -27.13 -43.42 -43.81
N GLU B 20 -28.41 -43.08 -43.66
CA GLU B 20 -29.09 -42.97 -42.38
C GLU B 20 -30.57 -43.25 -42.61
N ASP B 21 -31.31 -43.41 -41.52
CA ASP B 21 -32.69 -43.88 -41.60
C ASP B 21 -33.70 -42.73 -41.44
N GLN B 22 -34.88 -42.95 -42.01
CA GLN B 22 -35.99 -42.02 -41.99
C GLN B 22 -36.95 -42.36 -40.85
N ALA B 23 -38.13 -41.75 -40.87
CA ALA B 23 -39.15 -41.93 -39.84
C ALA B 23 -40.44 -42.45 -40.48
N ASP B 24 -41.41 -42.76 -39.63
CA ASP B 24 -42.69 -43.29 -40.09
C ASP B 24 -43.74 -42.18 -40.05
N TYR B 25 -44.96 -42.50 -40.46
CA TYR B 25 -46.04 -41.53 -40.49
C TYR B 25 -47.30 -42.09 -39.83
N PRO B 26 -48.09 -41.23 -39.18
CA PRO B 26 -49.36 -41.72 -38.62
C PRO B 26 -50.31 -42.30 -39.65
N SER B 27 -50.34 -41.76 -40.86
CA SER B 27 -51.29 -42.23 -41.86
C SER B 27 -50.92 -43.61 -42.38
N THR B 28 -49.62 -43.92 -42.42
CA THR B 28 -49.17 -45.20 -42.97
C THR B 28 -49.62 -46.37 -42.11
N PHE B 29 -49.81 -46.15 -40.81
CA PHE B 29 -50.28 -47.24 -39.95
C PHE B 29 -51.73 -47.60 -40.25
N PHE B 30 -52.52 -46.66 -40.75
CA PHE B 30 -53.93 -46.90 -41.01
C PHE B 30 -54.19 -47.40 -42.42
N GLU B 31 -53.16 -47.86 -43.12
CA GLU B 31 -53.35 -48.48 -44.43
C GLU B 31 -53.76 -49.92 -44.19
N GLY B 32 -54.73 -50.40 -44.97
CA GLY B 32 -55.18 -51.76 -44.80
C GLY B 32 -56.26 -51.90 -43.76
N GLY B 33 -56.57 -50.84 -43.02
CA GLY B 33 -57.44 -50.86 -41.87
C GLY B 33 -56.79 -51.30 -40.57
N ASN B 34 -55.48 -51.56 -40.55
CA ASN B 34 -54.75 -51.90 -39.33
C ASN B 34 -55.20 -51.04 -38.16
N GLU B 35 -55.73 -51.68 -37.12
CA GLU B 35 -56.22 -50.99 -35.94
C GLU B 35 -55.39 -51.35 -34.71
N ILE B 36 -55.25 -50.38 -33.81
CA ILE B 36 -54.43 -50.52 -32.61
C ILE B 36 -55.02 -51.58 -31.67
N ARG B 37 -54.14 -52.28 -30.96
CA ARG B 37 -54.49 -53.32 -30.00
C ARG B 37 -54.16 -52.84 -28.59
N LEU B 38 -55.09 -53.02 -27.65
CA LEU B 38 -54.85 -52.64 -26.26
C LEU B 38 -54.10 -53.68 -25.43
N TYR B 39 -54.59 -54.93 -25.41
CA TYR B 39 -53.99 -56.03 -24.64
C TYR B 39 -53.93 -55.72 -23.13
N VAL B 40 -55.08 -55.81 -22.48
CA VAL B 40 -55.19 -55.59 -21.05
C VAL B 40 -55.73 -56.86 -20.40
N ASN B 41 -55.31 -57.09 -19.14
CA ASN B 41 -55.74 -58.25 -18.39
C ASN B 41 -57.20 -58.10 -17.98
N ARG B 42 -58.05 -58.95 -18.54
CA ARG B 42 -59.47 -58.97 -18.26
C ARG B 42 -59.86 -60.32 -17.68
N GLY B 43 -60.45 -60.31 -16.48
CA GLY B 43 -60.99 -61.53 -15.93
C GLY B 43 -61.12 -61.54 -14.43
N GLU B 44 -60.26 -60.75 -13.79
CA GLU B 44 -60.30 -60.60 -12.35
C GLU B 44 -61.32 -59.53 -11.95
N LYS B 45 -61.86 -59.68 -10.75
CA LYS B 45 -62.89 -58.77 -10.26
C LYS B 45 -62.28 -57.40 -9.95
N LEU B 46 -63.13 -56.37 -10.01
CA LEU B 46 -62.66 -55.02 -9.79
C LEU B 46 -62.07 -54.84 -8.40
N ASP B 47 -62.79 -55.31 -7.37
CA ASP B 47 -62.30 -55.12 -6.01
C ASP B 47 -61.01 -55.87 -5.77
N VAL B 48 -60.86 -57.05 -6.38
CA VAL B 48 -59.60 -57.78 -6.22
C VAL B 48 -58.46 -57.05 -6.90
N LEU B 49 -58.73 -56.37 -8.02
CA LEU B 49 -57.70 -55.60 -8.69
C LEU B 49 -57.38 -54.33 -7.92
N ARG B 50 -58.40 -53.69 -7.36
CA ARG B 50 -58.19 -52.46 -6.61
C ARG B 50 -57.35 -52.72 -5.36
N GLN B 51 -57.51 -53.89 -4.75
CA GLN B 51 -56.70 -54.25 -3.59
C GLN B 51 -55.35 -54.81 -3.99
N TYR B 52 -55.26 -55.40 -5.19
CA TYR B 52 -53.95 -55.83 -5.69
C TYR B 52 -53.02 -54.64 -5.87
N VAL B 53 -53.57 -53.49 -6.25
CA VAL B 53 -52.75 -52.31 -6.51
C VAL B 53 -52.43 -51.55 -5.23
N TYR B 54 -53.43 -51.37 -4.34
CA TYR B 54 -53.19 -50.56 -3.15
C TYR B 54 -52.22 -51.22 -2.18
N MET B 55 -52.20 -52.54 -2.11
CA MET B 55 -51.21 -53.23 -1.29
C MET B 55 -49.92 -53.45 -2.06
N GLY B 56 -49.77 -52.77 -3.19
CA GLY B 56 -48.55 -52.73 -3.94
C GLY B 56 -47.99 -51.31 -3.90
N LEU B 57 -48.87 -50.33 -3.70
CA LEU B 57 -48.40 -48.96 -3.52
C LEU B 57 -47.68 -48.79 -2.19
N VAL B 58 -48.15 -49.46 -1.14
CA VAL B 58 -47.48 -49.38 0.16
C VAL B 58 -46.12 -50.06 0.10
N GLU B 59 -45.98 -51.07 -0.75
CA GLU B 59 -44.73 -51.76 -0.97
C GLU B 59 -43.93 -51.12 -2.10
N LYS B 60 -42.63 -51.00 -1.90
CA LYS B 60 -41.79 -50.53 -3.00
C LYS B 60 -41.95 -51.35 -4.28
N ASN B 61 -42.80 -52.38 -4.31
CA ASN B 61 -43.00 -53.25 -5.47
C ASN B 61 -44.47 -53.19 -5.91
N CYS B 62 -44.79 -52.19 -6.72
CA CYS B 62 -46.11 -52.03 -7.33
C CYS B 62 -45.98 -52.40 -8.80
N ARG B 63 -46.01 -53.70 -9.09
CA ARG B 63 -45.88 -54.21 -10.45
C ARG B 63 -46.79 -53.49 -11.44
N ILE B 64 -46.53 -53.66 -12.73
CA ILE B 64 -47.26 -52.93 -13.76
C ILE B 64 -48.40 -53.75 -14.37
N GLN B 65 -48.33 -55.08 -14.28
CA GLN B 65 -49.44 -55.89 -14.79
C GLN B 65 -50.72 -55.64 -13.99
N HIS B 66 -50.58 -55.27 -12.72
CA HIS B 66 -51.76 -54.89 -11.94
C HIS B 66 -52.29 -53.52 -12.34
N VAL B 67 -51.39 -52.54 -12.49
CA VAL B 67 -51.82 -51.16 -12.69
C VAL B 67 -52.55 -50.97 -14.02
N ASN B 68 -52.09 -51.63 -15.08
CA ASN B 68 -52.83 -51.50 -16.34
C ASN B 68 -54.15 -52.28 -16.28
N ALA B 69 -54.12 -53.48 -15.70
CA ALA B 69 -55.34 -54.26 -15.58
C ALA B 69 -56.36 -53.61 -14.67
N TYR B 70 -55.91 -52.90 -13.63
CA TYR B 70 -56.86 -52.23 -12.75
C TYR B 70 -57.46 -51.00 -13.41
N LEU B 71 -56.61 -50.19 -14.06
CA LEU B 71 -57.09 -48.97 -14.69
C LEU B 71 -58.08 -49.27 -15.82
N TYR B 72 -57.93 -50.42 -16.49
CA TYR B 72 -58.92 -50.78 -17.48
C TYR B 72 -60.29 -51.09 -16.85
N ALA B 73 -60.30 -51.53 -15.60
CA ALA B 73 -61.56 -51.90 -14.96
C ALA B 73 -62.29 -50.67 -14.42
N VAL B 74 -61.57 -49.79 -13.72
CA VAL B 74 -62.21 -48.61 -13.14
C VAL B 74 -62.61 -47.61 -14.21
N LEU B 75 -61.88 -47.55 -15.31
CA LEU B 75 -62.05 -46.51 -16.33
C LEU B 75 -62.90 -46.95 -17.51
N LYS B 76 -63.63 -48.07 -17.40
CA LYS B 76 -64.42 -48.55 -18.53
C LYS B 76 -65.88 -48.13 -18.46
N GLY B 77 -66.40 -47.80 -17.28
CA GLY B 77 -67.76 -47.35 -17.08
C GLY B 77 -67.96 -45.86 -17.22
N GLU B 78 -66.92 -45.11 -17.55
CA GLU B 78 -66.90 -43.66 -17.62
C GLU B 78 -67.52 -43.10 -18.91
N ARG B 79 -68.16 -43.95 -19.72
CA ARG B 79 -68.78 -43.55 -20.99
C ARG B 79 -69.41 -42.16 -20.92
N GLU B 80 -69.45 -41.49 -22.06
CA GLU B 80 -69.86 -40.09 -22.16
C GLU B 80 -70.49 -39.83 -23.51
N LEU B 81 -71.33 -38.80 -23.56
CA LEU B 81 -72.18 -38.48 -24.72
C LEU B 81 -71.51 -37.50 -25.67
N LEU B 82 -70.92 -38.00 -26.76
CA LEU B 82 -70.41 -37.12 -27.79
C LEU B 82 -71.56 -36.40 -28.48
N GLU B 83 -71.41 -35.08 -28.65
CA GLU B 83 -72.43 -34.22 -29.26
C GLU B 83 -72.28 -34.08 -30.77
N ALA B 84 -71.36 -34.84 -31.39
CA ALA B 84 -71.02 -34.64 -32.79
C ALA B 84 -70.07 -35.73 -33.28
N ASP B 85 -70.32 -36.29 -34.47
CA ASP B 85 -69.50 -37.36 -35.03
C ASP B 85 -68.02 -37.08 -34.85
N TRP B 86 -67.26 -38.16 -34.62
CA TRP B 86 -65.83 -38.07 -34.32
C TRP B 86 -65.12 -39.16 -35.12
N ASP B 87 -64.50 -38.77 -36.23
CA ASP B 87 -63.88 -39.72 -37.16
C ASP B 87 -62.52 -39.19 -37.59
N SER B 88 -61.46 -39.87 -37.18
CA SER B 88 -60.11 -39.54 -37.62
C SER B 88 -59.51 -40.68 -38.44
N PHE B 89 -58.53 -40.32 -39.26
CA PHE B 89 -57.78 -41.25 -40.12
C PHE B 89 -58.64 -42.27 -40.83
N GLY B 90 -59.87 -41.91 -41.18
CA GLY B 90 -60.75 -42.80 -41.90
C GLY B 90 -61.46 -43.80 -41.02
N HIS B 91 -60.92 -44.06 -39.84
CA HIS B 91 -61.51 -44.99 -38.87
C HIS B 91 -62.45 -44.18 -37.98
N LYS B 92 -63.75 -44.24 -38.28
CA LYS B 92 -64.72 -43.52 -37.49
C LYS B 92 -64.81 -44.11 -36.09
N ILE B 93 -64.95 -43.24 -35.09
CA ILE B 93 -64.98 -43.65 -33.69
C ILE B 93 -66.41 -43.71 -33.17
N GLY B 94 -67.19 -42.65 -33.35
CA GLY B 94 -68.56 -42.67 -32.87
C GLY B 94 -69.54 -41.78 -33.61
N ILE B 95 -70.76 -42.28 -33.79
CA ILE B 95 -71.84 -41.54 -34.42
C ILE B 95 -72.52 -40.69 -33.35
N GLN B 96 -73.22 -39.64 -33.80
CA GLN B 96 -73.84 -38.68 -32.90
C GLN B 96 -74.87 -39.35 -31.99
N GLY B 97 -74.91 -38.92 -30.73
CA GLY B 97 -75.91 -39.36 -29.78
C GLY B 97 -75.61 -40.66 -29.07
N ASP B 98 -74.50 -41.31 -29.36
CA ASP B 98 -74.16 -42.59 -28.74
C ASP B 98 -73.26 -42.38 -27.52
N LYS B 99 -73.34 -43.32 -26.59
CA LYS B 99 -72.37 -43.41 -25.52
C LYS B 99 -71.09 -44.03 -26.08
N ILE B 100 -69.96 -43.35 -25.90
CA ILE B 100 -68.74 -43.79 -26.57
C ILE B 100 -67.85 -44.59 -25.61
N GLY B 101 -67.21 -43.92 -24.66
CA GLY B 101 -66.33 -44.58 -23.74
C GLY B 101 -64.89 -44.15 -23.93
N PRO B 102 -64.06 -44.36 -22.90
CA PRO B 102 -62.63 -44.04 -23.05
C PRO B 102 -61.84 -45.13 -23.73
N PHE B 103 -62.40 -46.34 -23.86
CA PHE B 103 -61.69 -47.49 -24.40
C PHE B 103 -62.22 -47.92 -25.76
N ASN B 104 -63.20 -47.20 -26.31
CA ASN B 104 -63.72 -47.52 -27.64
C ASN B 104 -62.80 -46.98 -28.74
N LEU B 105 -61.76 -46.25 -28.37
CA LEU B 105 -60.75 -45.78 -29.30
C LEU B 105 -59.82 -46.90 -29.75
N VAL B 106 -59.86 -48.06 -29.08
CA VAL B 106 -58.91 -49.14 -29.32
C VAL B 106 -59.61 -50.47 -29.11
N ARG B 107 -59.18 -51.48 -29.87
CA ARG B 107 -59.66 -52.84 -29.67
C ARG B 107 -59.23 -53.32 -28.29
N VAL B 108 -60.10 -54.07 -27.62
CA VAL B 108 -59.83 -54.39 -26.21
C VAL B 108 -58.86 -55.56 -26.10
N GLU B 109 -59.01 -56.59 -26.93
CA GLU B 109 -57.97 -57.61 -27.11
C GLU B 109 -57.49 -58.23 -25.79
N ASP B 110 -58.33 -59.10 -25.22
CA ASP B 110 -58.00 -59.76 -23.96
C ASP B 110 -56.54 -60.24 -23.97
N ILE B 111 -55.89 -60.10 -22.81
CA ILE B 111 -54.45 -60.28 -22.69
C ILE B 111 -54.02 -61.72 -22.93
N PRO B 112 -52.83 -61.93 -23.47
CA PRO B 112 -52.18 -63.25 -23.37
C PRO B 112 -51.92 -63.58 -21.91
N ASP B 113 -51.98 -64.88 -21.59
CA ASP B 113 -51.98 -65.37 -20.22
C ASP B 113 -50.79 -64.84 -19.43
N GLY B 114 -50.81 -65.00 -18.10
CA GLY B 114 -49.80 -64.34 -17.30
C GLY B 114 -50.39 -63.43 -16.24
N LEU B 115 -51.50 -63.88 -15.64
CA LEU B 115 -52.27 -63.04 -14.74
C LEU B 115 -51.40 -62.60 -13.56
N PRO B 116 -51.47 -61.32 -13.16
CA PRO B 116 -50.57 -60.82 -12.12
C PRO B 116 -50.78 -61.52 -10.79
N ASP B 117 -49.68 -61.66 -10.05
CA ASP B 117 -49.70 -62.29 -8.74
C ASP B 117 -50.74 -61.65 -7.82
N GLY B 118 -51.21 -62.45 -6.88
CA GLY B 118 -52.31 -62.14 -5.99
C GLY B 118 -52.02 -61.18 -4.85
N LYS B 119 -52.30 -61.62 -3.62
CA LYS B 119 -52.19 -60.83 -2.40
C LYS B 119 -53.22 -59.71 -2.34
N LEU B 120 -54.48 -60.10 -2.09
CA LEU B 120 -55.66 -59.27 -1.95
C LEU B 120 -55.66 -58.44 -0.66
N ASN B 121 -54.62 -58.56 0.16
CA ASN B 121 -54.62 -58.05 1.53
C ASN B 121 -54.62 -56.53 1.68
N ALA B 122 -55.62 -55.85 1.12
CA ALA B 122 -55.80 -54.43 1.39
C ALA B 122 -56.76 -54.20 2.55
N GLU B 123 -56.59 -53.07 3.23
CA GLU B 123 -57.48 -52.64 4.29
C GLU B 123 -58.76 -52.06 3.69
N VAL B 124 -59.53 -51.30 4.46
CA VAL B 124 -60.84 -50.87 3.98
C VAL B 124 -60.62 -49.79 2.92
N SER B 125 -61.03 -50.08 1.70
CA SER B 125 -60.86 -49.22 0.54
C SER B 125 -62.02 -49.45 -0.42
N ALA B 126 -61.77 -49.19 -1.71
CA ALA B 126 -62.66 -49.35 -2.87
C ALA B 126 -63.56 -48.15 -3.08
N GLU B 127 -63.55 -47.16 -2.18
CA GLU B 127 -64.26 -45.92 -2.45
C GLU B 127 -63.29 -44.79 -2.76
N ASP B 128 -61.99 -45.04 -2.64
CA ASP B 128 -60.94 -44.05 -2.84
C ASP B 128 -60.48 -43.98 -4.29
N ASP B 129 -61.34 -44.36 -5.23
CA ASP B 129 -61.04 -44.26 -6.66
C ASP B 129 -61.06 -42.83 -7.15
N ALA B 130 -61.42 -41.86 -6.30
CA ALA B 130 -61.33 -40.47 -6.71
C ALA B 130 -59.88 -40.07 -6.97
N TRP B 131 -58.92 -40.73 -6.31
CA TRP B 131 -57.51 -40.41 -6.48
C TRP B 131 -56.69 -41.50 -7.16
N LEU B 132 -57.04 -42.77 -6.96
CA LEU B 132 -56.18 -43.84 -7.45
C LEU B 132 -55.93 -43.80 -8.95
N PRO B 133 -56.95 -43.71 -9.82
CA PRO B 133 -56.64 -43.47 -11.24
C PRO B 133 -55.88 -42.19 -11.49
N LEU B 134 -56.16 -41.12 -10.73
CA LEU B 134 -55.42 -39.88 -10.93
C LEU B 134 -53.97 -40.03 -10.50
N PHE B 135 -53.72 -40.84 -9.48
CA PHE B 135 -52.35 -41.06 -9.03
C PHE B 135 -51.60 -41.95 -10.00
N LEU B 136 -52.21 -43.08 -10.39
CA LEU B 136 -51.54 -44.01 -11.29
C LEU B 136 -51.33 -43.39 -12.66
N LEU B 137 -52.28 -42.59 -13.14
CA LEU B 137 -52.05 -41.80 -14.35
C LEU B 137 -51.08 -40.66 -14.08
N GLY B 138 -51.04 -40.16 -12.85
CA GLY B 138 -50.15 -39.07 -12.51
C GLY B 138 -48.70 -39.48 -12.41
N LEU B 139 -48.44 -40.78 -12.21
CA LEU B 139 -47.07 -41.25 -12.18
C LEU B 139 -46.41 -41.21 -13.54
N TYR B 140 -47.18 -41.13 -14.63
CA TYR B 140 -46.57 -40.95 -15.95
C TYR B 140 -45.89 -39.58 -16.07
N ARG B 141 -46.48 -38.53 -15.50
CA ARG B 141 -45.85 -37.21 -15.59
C ARG B 141 -44.56 -37.16 -14.80
N VAL B 142 -44.54 -37.75 -13.61
CA VAL B 142 -43.31 -37.91 -12.85
C VAL B 142 -42.54 -39.06 -13.48
N GLY B 143 -41.23 -39.08 -13.31
CA GLY B 143 -40.41 -40.11 -13.89
C GLY B 143 -39.79 -39.70 -15.21
N ARG B 144 -40.40 -38.72 -15.88
CA ARG B 144 -39.84 -38.17 -17.10
C ARG B 144 -38.70 -37.25 -16.74
N ALA B 145 -39.01 -36.21 -15.97
CA ALA B 145 -37.97 -35.33 -15.44
C ALA B 145 -37.01 -36.14 -14.58
N SER B 146 -35.72 -35.82 -14.68
CA SER B 146 -34.70 -36.50 -13.90
C SER B 146 -34.05 -35.63 -12.84
N GLU B 147 -34.23 -34.32 -12.94
CA GLU B 147 -33.68 -33.35 -12.01
C GLU B 147 -34.72 -33.06 -10.92
N THR B 148 -34.55 -31.95 -10.19
CA THR B 148 -35.45 -31.60 -9.09
C THR B 148 -36.88 -31.37 -9.54
N ALA B 149 -37.14 -31.24 -10.84
CA ALA B 149 -38.52 -31.20 -11.32
C ALA B 149 -39.26 -32.50 -11.00
N TYR B 150 -38.52 -33.58 -10.76
CA TYR B 150 -39.10 -34.81 -10.22
C TYR B 150 -39.76 -34.56 -8.87
N ARG B 151 -39.21 -33.63 -8.08
CA ARG B 151 -39.78 -33.28 -6.78
C ARG B 151 -40.99 -32.36 -6.91
N THR B 152 -40.94 -31.38 -7.81
CA THR B 152 -42.03 -30.42 -7.91
C THR B 152 -43.33 -31.08 -8.37
N LEU B 153 -43.24 -32.07 -9.25
CA LEU B 153 -44.45 -32.69 -9.77
C LEU B 153 -45.13 -33.56 -8.71
N LEU B 154 -44.33 -34.30 -7.93
CA LEU B 154 -44.92 -35.12 -6.87
C LEU B 154 -45.57 -34.26 -5.80
N MET B 155 -45.01 -33.08 -5.50
CA MET B 155 -45.66 -32.19 -4.55
C MET B 155 -46.96 -31.66 -5.11
N GLU B 156 -47.00 -31.37 -6.42
CA GLU B 156 -48.26 -31.00 -7.05
C GLU B 156 -49.20 -32.19 -7.12
N SER B 157 -48.66 -33.40 -7.28
CA SER B 157 -49.52 -34.60 -7.30
C SER B 157 -50.09 -34.89 -5.92
N LEU B 158 -49.29 -34.69 -4.87
CA LEU B 158 -49.80 -34.95 -3.53
C LEU B 158 -50.90 -33.97 -3.15
N ILE B 159 -50.74 -32.70 -3.52
CA ILE B 159 -51.79 -31.72 -3.25
C ILE B 159 -53.05 -32.03 -4.05
N LYS B 160 -52.87 -32.54 -5.28
CA LYS B 160 -54.04 -32.82 -6.12
C LYS B 160 -54.87 -33.97 -5.57
N GLN B 161 -54.25 -34.90 -4.87
CA GLN B 161 -54.98 -36.04 -4.31
C GLN B 161 -55.23 -35.94 -2.82
N CYS B 162 -54.40 -35.20 -2.07
CA CYS B 162 -54.77 -34.88 -0.70
C CYS B 162 -56.00 -33.97 -0.66
N LYS B 163 -56.17 -33.13 -1.68
CA LYS B 163 -57.39 -32.37 -1.83
C LYS B 163 -58.54 -33.20 -2.39
N ALA B 164 -58.25 -34.39 -2.94
CA ALA B 164 -59.29 -35.14 -3.63
C ALA B 164 -60.18 -35.91 -2.67
N ILE B 165 -59.62 -36.51 -1.62
CA ILE B 165 -60.43 -37.38 -0.77
C ILE B 165 -60.89 -36.67 0.50
N LYS B 166 -59.99 -36.52 1.47
CA LYS B 166 -60.20 -35.64 2.62
C LYS B 166 -58.85 -35.08 3.03
N SER B 167 -58.80 -34.42 4.19
CA SER B 167 -57.52 -33.88 4.67
C SER B 167 -56.48 -34.96 4.91
N ASP B 168 -56.84 -36.08 5.56
CA ASP B 168 -55.81 -37.08 5.85
C ASP B 168 -55.48 -37.85 4.58
N TRP B 169 -54.19 -38.10 4.36
CA TRP B 169 -53.76 -38.85 3.19
C TRP B 169 -52.34 -39.34 3.42
N VAL B 170 -52.18 -40.66 3.61
CA VAL B 170 -50.84 -41.23 3.58
C VAL B 170 -50.33 -41.17 2.15
N SER B 171 -49.02 -41.05 2.00
CA SER B 171 -48.41 -40.88 0.68
C SER B 171 -47.62 -42.13 0.34
N PRO B 172 -48.24 -43.12 -0.29
CA PRO B 172 -47.50 -44.33 -0.69
C PRO B 172 -46.35 -44.02 -1.63
N VAL B 173 -46.47 -42.97 -2.44
CA VAL B 173 -45.43 -42.66 -3.41
C VAL B 173 -44.12 -42.39 -2.68
N THR B 174 -43.04 -42.97 -3.21
CA THR B 174 -41.71 -42.69 -2.69
C THR B 174 -41.28 -41.28 -3.06
N ALA B 175 -40.45 -40.69 -2.20
CA ALA B 175 -40.00 -39.31 -2.43
C ALA B 175 -39.15 -39.21 -3.69
N THR B 176 -38.19 -40.11 -3.87
CA THR B 176 -37.29 -40.04 -5.01
C THR B 176 -36.99 -41.36 -5.69
N HIS B 177 -37.40 -42.50 -5.12
CA HIS B 177 -37.12 -43.79 -5.73
C HIS B 177 -37.89 -43.93 -7.04
N LYS B 178 -37.29 -44.63 -7.99
CA LYS B 178 -37.78 -44.70 -9.36
C LYS B 178 -38.29 -46.10 -9.73
N TYR B 179 -39.00 -46.76 -8.82
CA TYR B 179 -39.51 -48.09 -9.14
C TYR B 179 -40.71 -48.05 -10.06
N PHE B 180 -41.41 -46.92 -10.15
CA PHE B 180 -42.50 -46.75 -11.10
C PHE B 180 -42.05 -46.15 -12.42
N ASP B 181 -40.75 -45.86 -12.56
CA ASP B 181 -40.21 -45.44 -13.85
C ASP B 181 -40.32 -46.56 -14.88
N VAL B 182 -40.44 -47.80 -14.43
CA VAL B 182 -40.63 -48.94 -15.34
C VAL B 182 -41.93 -48.80 -16.11
N TRP B 183 -42.91 -48.09 -15.54
CA TRP B 183 -44.25 -48.06 -16.12
C TRP B 183 -44.26 -47.44 -17.51
N GLY B 184 -43.31 -46.56 -17.80
CA GLY B 184 -43.28 -45.95 -19.12
C GLY B 184 -42.78 -46.87 -20.21
N ASN B 185 -42.15 -47.98 -19.84
CA ASN B 185 -41.72 -48.98 -20.82
C ASN B 185 -42.81 -49.97 -21.19
N ASP B 186 -43.88 -50.05 -20.41
CA ASP B 186 -44.98 -50.96 -20.71
C ASP B 186 -45.80 -50.36 -21.84
N GLY B 187 -45.98 -51.13 -22.92
CA GLY B 187 -46.70 -50.60 -24.06
C GLY B 187 -48.19 -50.47 -23.81
N ASN B 188 -48.76 -51.37 -23.01
CA ASN B 188 -50.19 -51.28 -22.70
C ASN B 188 -50.49 -50.09 -21.81
N TYR B 189 -49.63 -49.84 -20.81
CA TYR B 189 -49.85 -48.70 -19.93
C TYR B 189 -49.72 -47.38 -20.67
N LEU B 190 -48.82 -47.31 -21.66
CA LEU B 190 -48.72 -46.11 -22.48
C LEU B 190 -49.96 -45.90 -23.34
N LYS B 191 -50.61 -46.98 -23.77
CA LYS B 191 -51.80 -46.84 -24.61
C LYS B 191 -53.00 -46.37 -23.79
N ILE B 192 -53.19 -46.92 -22.59
CA ILE B 192 -54.30 -46.48 -21.75
C ILE B 192 -54.11 -45.04 -21.30
N VAL B 193 -52.86 -44.61 -21.08
CA VAL B 193 -52.63 -43.23 -20.68
C VAL B 193 -52.98 -42.27 -21.82
N ALA B 194 -52.75 -42.68 -23.07
CA ALA B 194 -53.13 -41.86 -24.20
C ALA B 194 -54.64 -41.88 -24.44
N CYS B 195 -55.29 -43.02 -24.21
CA CYS B 195 -56.73 -43.09 -24.43
C CYS B 195 -57.50 -42.20 -23.48
N VAL B 196 -57.05 -42.08 -22.22
CA VAL B 196 -57.75 -41.20 -21.29
C VAL B 196 -57.57 -39.75 -21.69
N ASP B 197 -56.42 -39.40 -22.27
CA ASP B 197 -56.16 -38.01 -22.62
C ASP B 197 -56.93 -37.60 -23.86
N MET B 198 -56.93 -38.45 -24.90
CA MET B 198 -57.68 -38.12 -26.11
C MET B 198 -59.18 -38.11 -25.84
N PHE B 199 -59.65 -38.96 -24.92
CA PHE B 199 -61.07 -39.00 -24.59
C PHE B 199 -61.49 -37.74 -23.84
N TYR B 200 -60.73 -37.37 -22.82
CA TYR B 200 -61.10 -36.24 -21.98
C TYR B 200 -60.68 -34.90 -22.59
N ASN B 201 -59.89 -34.91 -23.65
CA ASN B 201 -59.69 -33.68 -24.42
C ASN B 201 -60.99 -33.25 -25.11
N HIS B 202 -61.85 -34.21 -25.43
CA HIS B 202 -63.15 -33.88 -26.03
C HIS B 202 -64.15 -33.43 -24.97
N PHE B 203 -64.21 -34.17 -23.86
CA PHE B 203 -65.16 -33.87 -22.78
C PHE B 203 -64.46 -33.14 -21.64
N LYS B 204 -64.05 -31.91 -21.93
CA LYS B 204 -63.43 -31.08 -20.89
C LYS B 204 -64.43 -30.70 -19.80
N LYS B 205 -65.73 -30.72 -20.11
CA LYS B 205 -66.73 -30.35 -19.12
C LYS B 205 -67.01 -31.46 -18.11
N SER B 206 -66.52 -32.67 -18.37
CA SER B 206 -66.75 -33.77 -17.44
C SER B 206 -65.93 -33.58 -16.16
N ILE B 207 -66.48 -34.05 -15.05
CA ILE B 207 -65.79 -33.93 -13.77
C ILE B 207 -64.52 -34.77 -13.76
N LYS B 208 -64.48 -35.85 -14.55
CA LYS B 208 -63.35 -36.75 -14.58
C LYS B 208 -62.25 -36.30 -15.52
N ALA B 209 -62.36 -35.08 -16.08
CA ALA B 209 -61.33 -34.50 -16.92
C ALA B 209 -60.08 -34.13 -16.12
N THR B 210 -60.16 -34.14 -14.79
CA THR B 210 -59.00 -33.88 -13.94
C THR B 210 -57.92 -34.95 -14.13
N PHE B 211 -58.28 -36.11 -14.66
CA PHE B 211 -57.30 -37.15 -14.95
C PHE B 211 -56.28 -36.73 -15.99
N ARG B 212 -56.56 -35.68 -16.78
CA ARG B 212 -55.62 -35.25 -17.80
C ARG B 212 -54.29 -34.82 -17.22
N TRP B 213 -54.25 -34.40 -15.96
CA TRP B 213 -52.97 -34.18 -15.31
C TRP B 213 -52.20 -35.49 -15.27
N GLY B 214 -50.93 -35.44 -15.65
CA GLY B 214 -50.12 -36.62 -15.73
C GLY B 214 -50.17 -37.34 -17.05
N THR B 215 -51.21 -37.08 -17.86
CA THR B 215 -51.31 -37.61 -19.21
C THR B 215 -51.18 -36.53 -20.28
N ILE B 216 -51.17 -35.25 -19.89
CA ILE B 216 -51.01 -34.19 -20.89
C ILE B 216 -49.63 -34.24 -21.52
N VAL B 217 -48.63 -34.78 -20.83
CA VAL B 217 -47.32 -34.93 -21.45
C VAL B 217 -47.40 -35.93 -22.60
N SER B 218 -48.35 -36.86 -22.52
CA SER B 218 -48.60 -37.83 -23.59
C SER B 218 -49.23 -37.21 -24.82
N ARG B 219 -49.79 -36.01 -24.71
CA ARG B 219 -50.57 -35.43 -25.82
C ARG B 219 -49.74 -35.22 -27.07
N PHE B 220 -48.87 -34.23 -27.09
CA PHE B 220 -47.99 -34.00 -28.25
C PHE B 220 -46.59 -34.51 -27.98
N LYS B 221 -46.48 -35.75 -27.54
CA LYS B 221 -45.17 -36.30 -27.19
C LYS B 221 -44.34 -36.54 -28.46
N ASP B 222 -43.02 -36.52 -28.28
CA ASP B 222 -42.01 -36.61 -29.34
C ASP B 222 -42.44 -35.93 -30.64
N CYS B 223 -43.06 -34.76 -30.54
CA CYS B 223 -43.45 -33.96 -31.69
C CYS B 223 -43.02 -32.52 -31.52
N ALA B 224 -41.81 -32.32 -30.98
CA ALA B 224 -41.35 -30.97 -30.67
C ALA B 224 -41.07 -30.13 -31.91
N ALA B 225 -40.81 -30.75 -33.07
CA ALA B 225 -40.56 -29.96 -34.27
C ALA B 225 -41.78 -29.17 -34.70
N LEU B 226 -42.98 -29.69 -34.45
CA LEU B 226 -44.17 -28.89 -34.72
C LEU B 226 -44.32 -27.76 -33.71
N ALA B 227 -44.03 -28.03 -32.43
CA ALA B 227 -44.12 -26.99 -31.42
C ALA B 227 -43.09 -25.89 -31.61
N THR B 228 -41.89 -26.22 -32.10
CA THR B 228 -40.89 -25.19 -32.35
C THR B 228 -41.32 -24.28 -33.51
N LEU B 229 -41.99 -24.84 -34.52
CA LEU B 229 -42.47 -24.02 -35.63
C LEU B 229 -43.56 -23.06 -35.17
N GLY B 230 -44.41 -23.49 -34.23
CA GLY B 230 -45.41 -22.59 -33.69
C GLY B 230 -44.84 -21.52 -32.79
N HIS B 231 -43.75 -21.83 -32.09
CA HIS B 231 -43.11 -20.84 -31.23
C HIS B 231 -42.54 -19.70 -32.05
N VAL B 232 -42.02 -20.01 -33.25
CA VAL B 232 -41.46 -18.97 -34.11
C VAL B 232 -42.56 -18.03 -34.61
N VAL B 233 -43.74 -18.57 -34.87
CA VAL B 233 -44.83 -17.75 -35.41
C VAL B 233 -45.29 -16.72 -34.39
N LYS B 234 -45.30 -17.08 -33.11
CA LYS B 234 -45.75 -16.15 -32.09
C LYS B 234 -44.69 -15.11 -31.75
N ILE B 235 -43.43 -15.50 -31.76
CA ILE B 235 -42.36 -14.60 -31.34
C ILE B 235 -41.99 -13.63 -32.46
N THR B 236 -41.95 -14.11 -33.71
CA THR B 236 -41.60 -13.25 -34.82
C THR B 236 -42.75 -12.33 -35.22
N GLY B 237 -43.99 -12.75 -35.01
CA GLY B 237 -45.13 -11.98 -35.45
C GLY B 237 -45.51 -12.21 -36.89
N LEU B 238 -44.76 -13.02 -37.63
CA LEU B 238 -45.08 -13.33 -39.01
C LEU B 238 -46.20 -14.35 -39.10
N THR B 239 -46.94 -14.29 -40.21
CA THR B 239 -47.92 -15.32 -40.50
C THR B 239 -47.20 -16.62 -40.87
N ILE B 240 -47.89 -17.74 -40.68
CA ILE B 240 -47.27 -19.04 -40.94
C ILE B 240 -46.80 -19.14 -42.38
N GLU B 241 -47.51 -18.50 -43.32
CA GLU B 241 -47.03 -18.47 -44.70
C GLU B 241 -45.77 -17.61 -44.84
N GLU B 242 -45.74 -16.47 -44.14
CA GLU B 242 -44.56 -15.60 -44.22
C GLU B 242 -43.33 -16.23 -43.58
N VAL B 243 -43.52 -17.09 -42.58
CA VAL B 243 -42.37 -17.74 -41.95
C VAL B 243 -41.66 -18.65 -42.95
N PHE B 244 -42.43 -19.30 -43.82
CA PHE B 244 -41.83 -20.16 -44.84
C PHE B 244 -41.02 -19.36 -45.84
N THR B 245 -41.45 -18.14 -46.17
CA THR B 245 -40.69 -17.34 -47.12
C THR B 245 -39.33 -16.94 -46.53
N TRP B 246 -39.24 -16.88 -45.21
CA TRP B 246 -38.01 -16.52 -44.51
C TRP B 246 -37.07 -17.69 -44.28
N VAL B 247 -37.42 -18.89 -44.75
CA VAL B 247 -36.59 -20.08 -44.53
C VAL B 247 -35.15 -19.79 -44.94
N LEU B 248 -34.94 -19.42 -46.20
CA LEU B 248 -33.64 -19.01 -46.74
C LEU B 248 -32.58 -20.10 -46.78
N GLN B 249 -32.82 -21.26 -46.18
CA GLN B 249 -31.87 -22.37 -46.24
C GLN B 249 -32.42 -23.48 -47.13
N THR B 250 -31.54 -24.03 -47.97
CA THR B 250 -31.96 -25.13 -48.83
C THR B 250 -32.26 -26.41 -48.05
N GLU B 251 -31.55 -26.66 -46.95
CA GLU B 251 -31.76 -27.90 -46.20
C GLU B 251 -32.90 -27.84 -45.20
N VAL B 252 -33.04 -26.72 -44.46
CA VAL B 252 -34.12 -26.64 -43.47
C VAL B 252 -35.48 -26.66 -44.15
N ALA B 253 -35.57 -26.18 -45.38
CA ALA B 253 -36.84 -26.27 -46.12
C ALA B 253 -37.21 -27.73 -46.37
N ASP B 254 -36.22 -28.58 -46.61
CA ASP B 254 -36.49 -29.99 -46.85
C ASP B 254 -37.08 -30.66 -45.62
N GLU B 255 -36.77 -30.16 -44.42
CA GLU B 255 -37.35 -30.72 -43.21
C GLU B 255 -38.80 -30.28 -43.04
N LEU B 256 -39.11 -29.04 -43.40
CA LEU B 256 -40.47 -28.53 -43.26
C LEU B 256 -41.43 -29.21 -44.23
N VAL B 257 -41.00 -29.54 -45.45
CA VAL B 257 -41.90 -30.24 -46.35
C VAL B 257 -42.17 -31.65 -45.87
N LYS B 258 -41.19 -32.29 -45.22
CA LYS B 258 -41.41 -33.63 -44.68
C LYS B 258 -42.34 -33.60 -43.49
N MET B 259 -42.42 -32.47 -42.79
CA MET B 259 -43.34 -32.27 -41.69
C MET B 259 -44.75 -31.95 -42.15
N MET B 260 -44.94 -31.57 -43.40
CA MET B 260 -46.23 -31.08 -43.90
C MET B 260 -46.98 -32.09 -44.76
N LYS B 261 -46.42 -33.28 -45.01
CA LYS B 261 -47.09 -34.38 -45.71
C LYS B 261 -48.59 -34.36 -45.37
N PRO B 262 -49.46 -34.18 -46.36
CA PRO B 262 -50.85 -33.78 -46.09
C PRO B 262 -51.64 -34.71 -45.17
N GLY B 263 -51.90 -35.94 -45.59
CA GLY B 263 -52.83 -36.80 -44.90
C GLY B 263 -52.44 -37.29 -43.52
N GLN B 264 -51.92 -36.42 -42.66
CA GLN B 264 -51.57 -36.79 -41.30
C GLN B 264 -52.49 -36.16 -40.25
N GLU B 265 -53.46 -35.35 -40.67
CA GLU B 265 -54.40 -34.69 -39.76
C GLU B 265 -53.68 -33.87 -38.69
N ILE B 266 -52.62 -33.17 -39.08
CA ILE B 266 -51.89 -32.31 -38.16
C ILE B 266 -52.79 -31.18 -37.69
N ASP B 267 -53.71 -30.75 -38.54
CA ASP B 267 -54.59 -29.64 -38.21
C ASP B 267 -55.56 -30.00 -37.11
N LYS B 268 -56.20 -31.17 -37.22
CA LYS B 268 -57.29 -31.52 -36.32
C LYS B 268 -56.75 -31.86 -34.94
N SER B 269 -57.34 -31.24 -33.92
CA SER B 269 -57.07 -31.65 -32.55
C SER B 269 -57.64 -33.04 -32.31
N THR B 270 -58.91 -33.23 -32.64
CA THR B 270 -59.60 -34.51 -32.52
C THR B 270 -59.03 -35.50 -33.53
N SER B 271 -57.77 -35.88 -33.35
CA SER B 271 -57.11 -36.77 -34.29
C SER B 271 -56.16 -37.71 -33.55
N TYR B 272 -55.76 -38.77 -34.25
CA TYR B 272 -54.76 -39.70 -33.74
C TYR B 272 -53.34 -39.16 -33.88
N MET B 273 -53.15 -38.07 -34.62
CA MET B 273 -51.80 -37.56 -34.89
C MET B 273 -51.02 -37.21 -33.63
N PRO B 274 -51.56 -36.45 -32.66
CA PRO B 274 -50.72 -36.05 -31.53
C PRO B 274 -50.12 -37.20 -30.75
N TYR B 275 -50.83 -38.32 -30.64
CA TYR B 275 -50.38 -39.47 -29.86
C TYR B 275 -49.64 -40.48 -30.71
N LEU B 276 -48.62 -40.02 -31.44
CA LEU B 276 -47.90 -40.88 -32.37
C LEU B 276 -47.19 -42.03 -31.65
N ILE B 277 -46.64 -41.77 -30.47
CA ILE B 277 -45.78 -42.75 -29.82
C ILE B 277 -46.56 -43.65 -28.88
N ASP B 278 -47.38 -43.07 -28.01
CA ASP B 278 -48.04 -43.86 -26.98
C ASP B 278 -49.10 -44.79 -27.55
N MET B 279 -49.72 -44.44 -28.68
CA MET B 279 -50.71 -45.31 -29.30
C MET B 279 -50.10 -46.41 -30.16
N GLY B 280 -48.80 -46.35 -30.43
CA GLY B 280 -48.19 -47.32 -31.32
C GLY B 280 -48.42 -47.06 -32.79
N ILE B 281 -48.95 -45.88 -33.15
CA ILE B 281 -49.25 -45.59 -34.54
C ILE B 281 -47.98 -45.51 -35.37
N SER B 282 -46.86 -45.13 -34.78
CA SER B 282 -45.62 -45.02 -35.54
C SER B 282 -44.44 -45.26 -34.61
N ALA B 283 -43.42 -45.95 -35.11
CA ALA B 283 -42.25 -46.20 -34.28
C ALA B 283 -41.20 -45.11 -34.34
N LYS B 284 -41.48 -43.99 -34.99
CA LYS B 284 -40.52 -42.90 -35.08
C LYS B 284 -41.23 -41.74 -35.76
N SER B 285 -41.64 -40.77 -34.98
CA SER B 285 -42.37 -39.64 -35.49
C SER B 285 -41.53 -38.83 -36.47
N PRO B 286 -42.06 -38.44 -37.62
CA PRO B 286 -41.33 -37.54 -38.51
C PRO B 286 -41.17 -36.14 -37.94
N TYR B 287 -41.92 -35.82 -36.89
CA TYR B 287 -41.95 -34.51 -36.27
C TYR B 287 -41.02 -34.42 -35.07
N SER B 288 -40.16 -35.41 -34.88
CA SER B 288 -39.21 -35.38 -33.78
C SER B 288 -38.15 -34.31 -34.02
N THR B 289 -37.59 -33.79 -32.93
CA THR B 289 -36.53 -32.80 -33.05
C THR B 289 -35.31 -33.38 -33.76
N ILE B 290 -35.02 -34.65 -33.52
CA ILE B 290 -33.89 -35.30 -34.18
C ILE B 290 -34.16 -35.51 -35.66
N LYS B 291 -35.41 -35.73 -36.05
CA LYS B 291 -35.70 -35.99 -37.45
C LYS B 291 -35.60 -34.72 -38.30
N ASN B 292 -35.75 -33.55 -37.70
CA ASN B 292 -35.59 -32.27 -38.37
C ASN B 292 -34.70 -31.40 -37.49
N PRO B 293 -33.41 -31.73 -37.40
CA PRO B 293 -32.51 -30.95 -36.54
C PRO B 293 -32.11 -29.60 -37.10
N SER B 294 -31.75 -29.56 -38.39
CA SER B 294 -31.27 -28.32 -38.99
C SER B 294 -32.31 -27.21 -38.94
N PHE B 295 -33.60 -27.57 -38.98
CA PHE B 295 -34.64 -26.57 -38.81
C PHE B 295 -34.83 -26.18 -37.36
N HIS B 296 -34.65 -27.14 -36.43
CA HIS B 296 -34.84 -26.82 -35.02
C HIS B 296 -33.84 -25.78 -34.55
N PHE B 297 -32.63 -25.77 -35.10
CA PHE B 297 -31.67 -24.74 -34.74
C PHE B 297 -32.01 -23.41 -35.40
N TRP B 298 -32.44 -23.42 -36.67
CA TRP B 298 -32.88 -22.19 -37.32
C TRP B 298 -34.11 -21.61 -36.66
N GLY B 299 -34.99 -22.44 -36.12
CA GLY B 299 -36.21 -21.95 -35.51
C GLY B 299 -36.00 -21.36 -34.14
N GLN B 300 -35.36 -22.13 -33.25
CA GLN B 300 -35.10 -21.64 -31.91
C GLN B 300 -34.13 -20.46 -31.90
N LEU B 301 -33.18 -20.41 -32.84
CA LEU B 301 -32.21 -19.32 -32.83
C LEU B 301 -32.85 -17.98 -33.23
N VAL B 302 -33.75 -17.99 -34.21
CA VAL B 302 -34.43 -16.74 -34.55
C VAL B 302 -35.35 -16.31 -33.41
N ALA B 303 -35.97 -17.28 -32.72
CA ALA B 303 -36.79 -16.94 -31.56
C ALA B 303 -35.93 -16.40 -30.43
N ALA B 304 -34.75 -16.99 -30.22
CA ALA B 304 -33.80 -16.52 -29.24
C ALA B 304 -33.40 -15.08 -29.51
N LEU B 305 -32.66 -14.86 -30.59
CA LEU B 305 -32.31 -13.52 -31.08
C LEU B 305 -33.47 -12.54 -31.02
N CYS B 306 -34.70 -13.04 -31.09
CA CYS B 306 -35.90 -12.22 -30.89
C CYS B 306 -36.35 -12.21 -29.43
N ARG B 307 -35.44 -12.54 -28.51
CA ARG B 307 -35.63 -12.43 -27.07
C ARG B 307 -36.75 -13.36 -26.56
N SER B 308 -36.71 -14.61 -26.99
CA SER B 308 -37.55 -15.65 -26.42
C SER B 308 -36.79 -16.30 -25.26
N LYS B 309 -37.42 -16.36 -24.09
CA LYS B 309 -36.75 -16.92 -22.91
C LYS B 309 -36.67 -18.44 -22.93
N ARG B 310 -37.49 -19.12 -23.73
CA ARG B 310 -37.45 -20.58 -23.80
C ARG B 310 -36.49 -21.09 -24.86
N ALA B 311 -36.26 -20.32 -25.92
CA ALA B 311 -35.33 -20.74 -26.96
C ALA B 311 -33.90 -20.81 -26.47
N LEU B 312 -33.58 -20.13 -25.36
CA LEU B 312 -32.22 -20.13 -24.86
C LEU B 312 -31.77 -21.51 -24.39
N ASN B 313 -32.72 -22.38 -24.03
CA ASN B 313 -32.44 -23.72 -23.53
C ASN B 313 -32.72 -24.79 -24.57
N ALA B 314 -32.36 -24.52 -25.83
CA ALA B 314 -32.63 -25.41 -26.95
C ALA B 314 -31.33 -26.04 -27.43
N ARG B 315 -31.11 -27.31 -27.08
CA ARG B 315 -29.91 -28.03 -27.47
C ARG B 315 -29.51 -27.72 -28.91
N GLN B 316 -28.25 -27.39 -29.12
CA GLN B 316 -27.77 -27.15 -30.47
C GLN B 316 -27.46 -28.48 -31.14
N PRO B 317 -28.15 -28.84 -32.22
CA PRO B 317 -27.93 -30.15 -32.84
C PRO B 317 -26.59 -30.24 -33.57
N ASP B 318 -25.69 -31.06 -33.05
CA ASP B 318 -24.45 -31.33 -33.76
C ASP B 318 -24.74 -31.87 -35.16
N GLU B 319 -23.80 -31.64 -36.07
CA GLU B 319 -23.89 -32.03 -37.47
C GLU B 319 -25.00 -31.27 -38.20
N ILE B 320 -24.83 -29.95 -38.25
CA ILE B 320 -25.66 -29.03 -39.03
C ILE B 320 -24.75 -27.89 -39.46
N ASP B 321 -25.23 -27.08 -40.40
CA ASP B 321 -24.44 -25.96 -40.90
C ASP B 321 -24.53 -24.82 -39.88
N SER B 322 -23.95 -25.06 -38.70
CA SER B 322 -24.02 -24.09 -37.62
C SER B 322 -23.42 -22.74 -38.02
N MET B 323 -22.38 -22.76 -38.86
CA MET B 323 -21.74 -21.50 -39.27
C MET B 323 -22.68 -20.67 -40.14
N SER B 324 -23.43 -21.31 -41.03
CA SER B 324 -24.31 -20.59 -41.95
C SER B 324 -25.72 -20.36 -41.40
N ILE B 325 -26.26 -21.34 -40.67
CA ILE B 325 -27.61 -21.18 -40.13
C ILE B 325 -27.66 -20.02 -39.13
N SER B 326 -26.58 -19.83 -38.37
CA SER B 326 -26.54 -18.71 -37.45
C SER B 326 -26.52 -17.37 -38.18
N ASN B 327 -25.93 -17.32 -39.38
CA ASN B 327 -25.92 -16.08 -40.15
C ASN B 327 -27.29 -15.75 -40.71
N ALA B 328 -27.98 -16.76 -41.27
CA ALA B 328 -29.32 -16.53 -41.78
C ALA B 328 -30.30 -16.16 -40.67
N SER B 329 -30.08 -16.69 -39.46
CA SER B 329 -30.95 -16.37 -38.35
C SER B 329 -30.79 -14.92 -37.92
N LEU B 330 -29.55 -14.42 -37.86
CA LEU B 330 -29.31 -13.04 -37.48
C LEU B 330 -29.90 -12.06 -38.49
N LEU B 331 -29.89 -12.41 -39.77
CA LEU B 331 -30.49 -11.54 -40.79
C LEU B 331 -32.00 -11.45 -40.60
N MET B 332 -32.64 -12.57 -40.25
CA MET B 332 -34.09 -12.54 -40.04
C MET B 332 -34.43 -11.81 -38.74
N ALA B 333 -33.64 -12.02 -37.69
CA ALA B 333 -33.92 -11.34 -36.42
C ALA B 333 -33.70 -9.84 -36.52
N TYR B 334 -32.67 -9.40 -37.25
CA TYR B 334 -32.43 -7.98 -37.39
C TYR B 334 -33.42 -7.31 -38.36
N ALA B 335 -34.17 -8.10 -39.12
CA ALA B 335 -35.19 -7.53 -39.99
C ALA B 335 -36.50 -7.33 -39.25
N LEU B 336 -36.83 -8.24 -38.33
CA LEU B 336 -38.03 -8.09 -37.53
C LEU B 336 -37.91 -6.92 -36.56
N GLY B 337 -36.69 -6.62 -36.10
CA GLY B 337 -36.51 -5.50 -35.20
C GLY B 337 -36.40 -4.16 -35.90
N SER B 338 -35.93 -4.16 -37.15
CA SER B 338 -35.79 -2.93 -37.92
C SER B 338 -37.07 -2.53 -38.64
N SER B 339 -38.10 -3.38 -38.61
CA SER B 339 -39.40 -3.07 -39.21
C SER B 339 -40.47 -3.83 -38.44
N PRO B 340 -40.80 -3.35 -37.25
CA PRO B 340 -41.72 -4.08 -36.38
C PRO B 340 -43.15 -4.08 -36.93
N ASP B 341 -43.96 -5.00 -36.41
CA ASP B 341 -45.35 -5.09 -36.82
C ASP B 341 -46.03 -3.85 -36.25
N ILE B 342 -45.91 -2.74 -36.96
CA ILE B 342 -46.35 -1.43 -36.48
C ILE B 342 -47.33 -0.85 -37.50
N GLU B 343 -48.61 -1.19 -37.34
CA GLU B 343 -49.67 -0.58 -38.14
C GLU B 343 -50.82 -0.25 -37.19
N GLN B 344 -51.39 0.93 -37.30
CA GLN B 344 -52.50 1.25 -36.41
C GLN B 344 -53.68 0.34 -36.74
N GLN B 345 -54.53 0.11 -35.74
CA GLN B 345 -55.71 -0.74 -35.95
C GLN B 345 -56.99 0.05 -35.77
N PHE B 346 -57.32 0.49 -34.56
CA PHE B 346 -58.52 1.27 -34.34
C PHE B 346 -58.35 2.71 -34.85
N SER B 347 -59.48 3.43 -34.85
CA SER B 347 -59.55 4.84 -35.25
C SER B 347 -60.91 5.38 -34.81
N THR B 348 -60.93 6.65 -34.43
CA THR B 348 -62.16 7.33 -34.03
C THR B 348 -62.76 8.21 -35.11
N GLY B 349 -62.30 8.09 -36.35
CA GLY B 349 -62.75 9.01 -37.38
C GLY B 349 -61.61 9.82 -37.94
N ASN B 350 -60.39 9.40 -37.59
CA ASN B 350 -59.16 10.04 -38.03
C ASN B 350 -58.50 9.14 -39.07
N THR B 351 -57.42 9.62 -39.68
CA THR B 351 -56.95 9.01 -40.91
C THR B 351 -55.90 7.92 -40.64
N TYR B 352 -55.24 7.46 -41.70
CA TYR B 352 -54.42 6.24 -41.69
C TYR B 352 -52.95 6.48 -42.02
N ARG B 353 -52.41 7.66 -41.72
CA ARG B 353 -51.03 8.06 -41.97
C ARG B 353 -50.73 8.26 -43.46
N LYS B 354 -51.69 7.98 -44.36
CA LYS B 354 -51.59 8.19 -45.81
C LYS B 354 -50.20 7.85 -46.35
N PRO B 355 -49.83 6.57 -46.42
CA PRO B 355 -48.47 6.21 -46.84
C PRO B 355 -48.24 6.51 -48.31
N PRO B 356 -47.20 7.27 -48.64
CA PRO B 356 -46.86 7.54 -50.04
C PRO B 356 -45.83 6.58 -50.66
N LYS B 357 -45.54 5.45 -50.02
CA LYS B 357 -44.59 4.46 -50.54
C LYS B 357 -43.19 5.02 -50.81
N GLU B 358 -42.41 5.21 -49.74
CA GLU B 358 -41.03 5.72 -49.84
C GLU B 358 -40.26 5.06 -50.96
N ALA B 359 -39.25 5.77 -51.47
CA ALA B 359 -38.42 5.24 -52.55
C ALA B 359 -37.02 4.84 -52.13
N SER B 360 -36.33 5.66 -51.32
CA SER B 360 -34.98 5.28 -50.91
C SER B 360 -34.39 6.16 -49.80
N TYR B 361 -34.04 5.53 -48.68
CA TYR B 361 -33.28 6.14 -47.60
C TYR B 361 -31.84 5.64 -47.63
N LEU B 362 -30.88 6.55 -47.55
CA LEU B 362 -29.47 6.21 -47.67
C LEU B 362 -28.79 6.01 -46.32
N VAL B 363 -29.46 5.42 -45.34
CA VAL B 363 -28.80 5.11 -44.08
C VAL B 363 -27.96 3.84 -44.22
N SER B 364 -28.60 2.73 -44.60
CA SER B 364 -27.92 1.55 -45.12
C SER B 364 -28.70 0.98 -46.30
N GLU B 365 -29.40 1.83 -47.05
CA GLU B 365 -30.47 1.42 -47.96
C GLU B 365 -31.31 0.31 -47.34
N GLU B 366 -31.49 0.37 -46.03
CA GLU B 366 -32.28 -0.59 -45.28
C GLU B 366 -33.73 -0.62 -45.76
N PRO B 367 -34.26 -1.77 -46.18
CA PRO B 367 -35.67 -1.82 -46.58
C PRO B 367 -36.59 -1.52 -45.40
N LYS B 368 -37.69 -0.84 -45.70
CA LYS B 368 -38.67 -0.43 -44.70
C LYS B 368 -39.72 -1.50 -44.45
N ASN B 369 -39.72 -2.60 -45.20
CA ASN B 369 -40.75 -3.63 -45.07
C ASN B 369 -40.13 -4.92 -44.56
N ARG B 370 -40.99 -5.92 -44.35
CA ARG B 370 -40.59 -7.23 -43.86
C ARG B 370 -40.51 -8.26 -44.96
N SER B 371 -40.63 -7.85 -46.23
CA SER B 371 -40.55 -8.78 -47.34
C SER B 371 -39.16 -9.40 -47.42
N VAL B 372 -39.12 -10.72 -47.65
CA VAL B 372 -37.84 -11.40 -47.70
C VAL B 372 -37.00 -10.93 -48.89
N VAL B 373 -37.65 -10.61 -50.01
CA VAL B 373 -36.89 -10.29 -51.22
C VAL B 373 -36.14 -8.98 -51.05
N GLU B 374 -36.78 -7.99 -50.42
CA GLU B 374 -36.12 -6.71 -50.20
C GLU B 374 -34.95 -6.84 -49.24
N TRP B 375 -35.04 -7.78 -48.30
CA TRP B 375 -33.94 -8.00 -47.36
C TRP B 375 -32.82 -8.82 -48.00
N ILE B 376 -33.17 -9.78 -48.86
CA ILE B 376 -32.15 -10.57 -49.54
C ILE B 376 -31.32 -9.69 -50.45
N ALA B 377 -31.96 -8.75 -51.15
CA ALA B 377 -31.22 -7.84 -52.01
C ALA B 377 -30.34 -6.90 -51.20
N TRP B 378 -30.81 -6.47 -50.03
CA TRP B 378 -29.98 -5.62 -49.18
C TRP B 378 -28.82 -6.40 -48.57
N TYR B 379 -29.07 -7.63 -48.12
CA TYR B 379 -27.98 -8.39 -47.52
C TYR B 379 -26.99 -8.87 -48.58
N SER B 380 -27.45 -9.08 -49.81
CA SER B 380 -26.52 -9.41 -50.90
C SER B 380 -25.72 -8.20 -51.35
N ASP B 381 -26.23 -6.99 -51.13
CA ASP B 381 -25.49 -5.79 -51.46
C ASP B 381 -24.30 -5.57 -50.53
N VAL B 382 -24.32 -6.19 -49.36
CA VAL B 382 -23.22 -6.11 -48.41
C VAL B 382 -22.35 -7.38 -48.45
N ASP B 383 -22.42 -8.13 -49.55
CA ASP B 383 -21.62 -9.33 -49.77
C ASP B 383 -21.95 -10.44 -48.76
N ASN B 384 -23.20 -10.47 -48.30
CA ASN B 384 -23.70 -11.52 -47.41
C ASN B 384 -22.85 -11.67 -46.15
N LYS B 385 -22.30 -10.57 -45.65
CA LYS B 385 -21.63 -10.58 -44.37
C LYS B 385 -22.33 -9.59 -43.44
N PRO B 386 -22.55 -9.96 -42.18
CA PRO B 386 -23.33 -9.09 -41.30
C PRO B 386 -22.65 -7.75 -41.08
N THR B 387 -23.47 -6.70 -40.99
CA THR B 387 -23.01 -5.33 -40.82
C THR B 387 -22.73 -5.05 -39.35
N ASP B 388 -22.18 -3.87 -39.09
CA ASP B 388 -21.96 -3.38 -37.74
C ASP B 388 -23.26 -3.45 -36.94
N ASP B 389 -24.25 -2.64 -37.34
CA ASP B 389 -25.59 -2.64 -36.77
C ASP B 389 -26.09 -4.03 -36.36
N MET B 390 -25.80 -5.06 -37.16
CA MET B 390 -26.26 -6.40 -36.82
C MET B 390 -25.48 -6.99 -35.65
N LEU B 391 -24.14 -6.91 -35.69
CA LEU B 391 -23.36 -7.43 -34.58
C LEU B 391 -23.61 -6.64 -33.30
N MET B 392 -23.86 -5.33 -33.42
CA MET B 392 -24.17 -4.54 -32.23
C MET B 392 -25.53 -4.94 -31.66
N MET B 393 -26.50 -5.24 -32.53
CA MET B 393 -27.78 -5.77 -32.06
C MET B 393 -27.59 -7.16 -31.47
N ALA B 394 -26.71 -7.97 -32.06
CA ALA B 394 -26.47 -9.31 -31.55
C ALA B 394 -25.80 -9.28 -30.19
N LYS B 395 -24.90 -8.31 -29.97
CA LYS B 395 -24.26 -8.15 -28.67
C LYS B 395 -25.25 -7.73 -27.59
N ARG B 396 -26.30 -6.98 -27.95
CA ARG B 396 -27.30 -6.61 -26.96
C ARG B 396 -28.06 -7.84 -26.47
N VAL B 397 -28.40 -8.75 -27.38
CA VAL B 397 -29.03 -10.00 -26.97
C VAL B 397 -28.05 -10.89 -26.21
N ALA B 398 -26.76 -10.83 -26.55
CA ALA B 398 -25.77 -11.65 -25.87
C ALA B 398 -25.59 -11.23 -24.41
N GLY B 399 -25.80 -9.95 -24.09
CA GLY B 399 -25.60 -9.49 -22.73
C GLY B 399 -26.73 -9.85 -21.77
N THR B 400 -27.89 -10.21 -22.29
CA THR B 400 -29.04 -10.59 -21.47
C THR B 400 -29.04 -12.06 -21.06
N ILE B 401 -28.14 -12.88 -21.58
CA ILE B 401 -28.12 -14.32 -21.31
C ILE B 401 -27.30 -14.54 -20.05
N SER B 402 -27.97 -14.49 -18.90
CA SER B 402 -27.32 -14.65 -17.60
C SER B 402 -26.35 -15.84 -17.57
N GLY B 403 -26.85 -17.04 -17.82
CA GLY B 403 -25.99 -18.21 -17.84
C GLY B 403 -26.50 -19.33 -18.74
N PRO B 404 -25.78 -19.59 -19.81
CA PRO B 404 -26.15 -20.67 -20.72
C PRO B 404 -25.82 -22.05 -20.18
N ARG B 405 -26.54 -23.05 -20.69
CA ARG B 405 -26.09 -24.42 -20.55
C ARG B 405 -24.90 -24.66 -21.47
N ASP B 406 -24.04 -25.60 -21.08
CA ASP B 406 -22.77 -25.69 -21.80
C ASP B 406 -22.88 -26.33 -23.19
N ASN B 407 -24.08 -26.61 -23.72
CA ASN B 407 -24.20 -27.14 -25.08
C ASN B 407 -25.46 -26.64 -25.78
N SER B 408 -25.93 -25.45 -25.44
CA SER B 408 -27.22 -24.97 -25.92
C SER B 408 -27.06 -23.71 -26.77
N VAL B 409 -28.19 -23.30 -27.34
CA VAL B 409 -28.25 -22.09 -28.17
C VAL B 409 -27.88 -20.85 -27.36
N GLY B 410 -28.16 -20.85 -26.06
CA GLY B 410 -27.83 -19.69 -25.25
C GLY B 410 -26.34 -19.44 -25.17
N LYS B 411 -25.54 -20.51 -25.09
CA LYS B 411 -24.09 -20.34 -25.20
C LYS B 411 -23.68 -19.91 -26.60
N TRP B 412 -24.43 -20.35 -27.61
CA TRP B 412 -24.08 -20.00 -28.98
C TRP B 412 -24.24 -18.50 -29.22
N ILE B 413 -25.35 -17.92 -28.76
CA ILE B 413 -25.56 -16.49 -29.00
C ILE B 413 -24.52 -15.65 -28.26
N LYS B 414 -24.10 -16.09 -27.07
CA LYS B 414 -23.12 -15.31 -26.33
C LYS B 414 -21.70 -15.50 -26.87
N GLN B 415 -21.31 -16.73 -27.17
CA GLN B 415 -19.95 -16.99 -27.62
C GLN B 415 -19.75 -16.57 -29.08
N THR B 416 -20.72 -16.85 -29.95
CA THR B 416 -20.56 -16.53 -31.37
C THR B 416 -20.81 -15.05 -31.62
N TYR B 417 -22.01 -14.57 -31.31
CA TYR B 417 -22.38 -13.18 -31.53
C TYR B 417 -22.17 -12.41 -30.23
N GLY B 418 -20.97 -11.86 -30.06
CA GLY B 418 -20.67 -11.10 -28.87
C GLY B 418 -19.19 -10.96 -28.62
N SER C 2 -69.62 40.39 -6.90
CA SER C 2 -68.65 41.40 -6.45
C SER C 2 -67.26 40.80 -6.33
N VAL C 3 -67.20 39.51 -6.03
CA VAL C 3 -65.97 38.76 -5.88
C VAL C 3 -65.55 38.24 -7.25
N ILE C 4 -64.24 38.08 -7.45
CA ILE C 4 -63.76 37.55 -8.72
C ILE C 4 -64.21 36.10 -8.84
N ARG C 5 -64.99 35.81 -9.87
CA ARG C 5 -65.59 34.51 -10.05
C ARG C 5 -64.66 33.57 -10.80
N ILE C 6 -64.75 32.28 -10.49
CA ILE C 6 -63.95 31.25 -11.14
C ILE C 6 -64.90 30.36 -11.93
N LYS C 7 -64.57 30.15 -13.20
CA LYS C 7 -65.35 29.34 -14.10
C LYS C 7 -64.52 28.18 -14.63
N THR C 8 -65.14 27.41 -15.52
CA THR C 8 -64.58 26.20 -16.10
C THR C 8 -65.07 26.21 -17.55
N ASN C 9 -65.31 25.05 -18.14
CA ASN C 9 -65.82 25.08 -19.50
C ASN C 9 -67.33 25.29 -19.57
N ALA C 10 -68.00 25.53 -18.45
CA ALA C 10 -69.41 25.91 -18.53
C ALA C 10 -69.88 26.91 -17.48
N ALA C 11 -69.33 26.86 -16.26
CA ALA C 11 -70.05 27.47 -15.13
C ALA C 11 -69.11 27.79 -13.98
N VAL C 12 -69.65 28.54 -13.01
CA VAL C 12 -68.90 28.99 -11.83
C VAL C 12 -68.71 27.83 -10.85
N ALA C 13 -67.71 27.99 -9.98
CA ALA C 13 -67.34 26.97 -9.00
C ALA C 13 -67.07 27.61 -7.65
N ALA C 14 -67.65 27.04 -6.59
CA ALA C 14 -67.47 27.56 -5.24
C ALA C 14 -66.01 27.42 -4.80
N VAL C 15 -65.55 28.41 -4.03
CA VAL C 15 -64.12 28.58 -3.77
C VAL C 15 -63.76 28.69 -2.29
N LEU C 16 -64.40 27.92 -1.41
CA LEU C 16 -64.14 28.11 0.02
C LEU C 16 -63.72 26.82 0.71
N PRO C 17 -62.55 26.82 1.40
CA PRO C 17 -62.18 25.69 2.26
C PRO C 17 -62.58 25.92 3.70
N ALA C 18 -62.28 24.96 4.58
CA ALA C 18 -62.54 25.13 6.01
C ALA C 18 -61.70 26.26 6.57
N ASN C 19 -62.25 26.93 7.59
CA ASN C 19 -61.68 28.18 8.11
C ASN C 19 -60.63 27.87 9.18
N GLU C 20 -60.32 28.86 10.02
CA GLU C 20 -59.36 28.70 11.11
C GLU C 20 -59.74 29.67 12.23
N ASP C 21 -59.06 29.53 13.36
CA ASP C 21 -59.45 30.21 14.59
C ASP C 21 -58.62 31.47 14.85
N GLN C 22 -59.24 32.41 15.57
CA GLN C 22 -58.72 33.74 15.90
C GLN C 22 -58.05 33.79 17.26
N ALA C 23 -57.82 35.01 17.75
CA ALA C 23 -57.18 35.35 19.02
C ALA C 23 -58.16 36.14 19.89
N ASP C 24 -57.75 36.45 21.12
CA ASP C 24 -58.64 37.06 22.11
C ASP C 24 -58.40 38.55 22.34
N TYR C 25 -57.17 38.97 22.72
CA TYR C 25 -56.70 40.33 23.05
C TYR C 25 -56.91 40.68 24.52
N PRO C 26 -55.96 41.39 25.13
CA PRO C 26 -56.16 41.86 26.52
C PRO C 26 -57.36 42.79 26.73
N SER C 27 -57.66 43.65 25.76
CA SER C 27 -58.67 44.69 25.98
C SER C 27 -60.08 44.13 26.09
N THR C 28 -60.37 43.01 25.43
CA THR C 28 -61.72 42.48 25.41
C THR C 28 -62.19 42.00 26.78
N PHE C 29 -61.26 41.61 27.66
CA PHE C 29 -61.65 41.11 28.97
C PHE C 29 -62.24 42.20 29.86
N PHE C 30 -61.82 43.45 29.72
CA PHE C 30 -62.26 44.50 30.63
C PHE C 30 -63.51 45.23 30.15
N GLU C 31 -64.24 44.67 29.18
CA GLU C 31 -65.50 45.28 28.75
C GLU C 31 -66.66 44.84 29.64
N GLY C 32 -66.95 43.55 29.67
CA GLY C 32 -67.97 43.02 30.56
C GLY C 32 -67.44 42.80 31.97
N GLY C 33 -66.48 41.88 32.10
CA GLY C 33 -65.97 41.51 33.41
C GLY C 33 -64.88 42.47 33.79
N ASN C 34 -65.29 43.69 34.14
CA ASN C 34 -64.38 44.78 34.50
C ASN C 34 -63.18 44.34 35.34
N GLU C 35 -63.42 43.65 36.45
CA GLU C 35 -62.34 43.25 37.36
C GLU C 35 -62.02 41.76 37.29
N ILE C 36 -60.73 41.45 37.35
CA ILE C 36 -60.26 40.06 37.36
C ILE C 36 -60.61 39.44 38.71
N ARG C 37 -60.76 38.11 38.74
CA ARG C 37 -61.20 37.40 39.94
C ARG C 37 -60.23 36.33 40.40
N LEU C 38 -59.44 36.63 41.44
CA LEU C 38 -58.63 35.62 42.10
C LEU C 38 -59.51 34.87 43.12
N TYR C 39 -59.35 33.56 43.20
CA TYR C 39 -60.15 32.71 44.09
C TYR C 39 -59.25 31.95 45.07
N VAL C 40 -58.99 32.55 46.24
CA VAL C 40 -58.17 31.90 47.26
C VAL C 40 -58.96 31.76 48.55
N ASN C 41 -58.70 30.68 49.27
CA ASN C 41 -59.32 30.43 50.57
C ASN C 41 -58.65 31.30 51.63
N ARG C 42 -59.41 32.22 52.18
CA ARG C 42 -58.94 33.09 53.25
C ARG C 42 -59.79 32.88 54.49
N GLY C 43 -59.14 32.64 55.62
CA GLY C 43 -59.85 32.50 56.87
C GLY C 43 -59.04 31.84 57.95
N GLU C 44 -58.08 31.01 57.53
CA GLU C 44 -57.16 30.39 58.47
C GLU C 44 -56.01 31.35 58.79
N LYS C 45 -55.48 31.21 59.99
CA LYS C 45 -54.39 32.08 60.42
C LYS C 45 -53.10 31.71 59.71
N LEU C 46 -52.21 32.69 59.60
CA LEU C 46 -50.97 32.51 58.86
C LEU C 46 -50.13 31.39 59.46
N ASP C 47 -49.97 31.39 60.79
CA ASP C 47 -49.09 30.42 61.41
C ASP C 47 -49.59 28.99 61.19
N VAL C 48 -50.91 28.79 61.20
CA VAL C 48 -51.44 27.46 60.94
C VAL C 48 -51.23 27.08 59.47
N LEU C 49 -51.31 28.05 58.56
CA LEU C 49 -51.13 27.75 57.15
C LEU C 49 -49.67 27.49 56.81
N ARG C 50 -48.75 28.20 57.47
CA ARG C 50 -47.32 28.03 57.19
C ARG C 50 -46.87 26.62 57.54
N GLN C 51 -47.50 25.99 58.53
CA GLN C 51 -47.14 24.64 58.92
C GLN C 51 -47.76 23.60 57.99
N TYR C 52 -48.91 23.90 57.39
CA TYR C 52 -49.52 22.98 56.45
C TYR C 52 -48.67 22.79 55.20
N VAL C 53 -47.95 23.82 54.77
CA VAL C 53 -47.15 23.70 53.56
C VAL C 53 -45.82 23.03 53.86
N TYR C 54 -45.16 23.41 54.96
CA TYR C 54 -43.84 22.85 55.25
C TYR C 54 -43.89 21.37 55.60
N MET C 55 -44.99 20.91 56.21
CA MET C 55 -45.15 19.49 56.48
C MET C 55 -45.77 18.75 55.31
N GLY C 56 -45.87 19.39 54.17
CA GLY C 56 -46.24 18.72 52.93
C GLY C 56 -45.10 18.82 51.94
N LEU C 57 -44.29 19.87 52.07
CA LEU C 57 -43.14 20.05 51.19
C LEU C 57 -42.03 19.04 51.46
N VAL C 58 -41.82 18.66 52.73
CA VAL C 58 -40.76 17.69 53.03
C VAL C 58 -41.10 16.32 52.44
N GLU C 59 -42.38 16.00 52.35
CA GLU C 59 -42.83 14.79 51.69
C GLU C 59 -43.14 15.07 50.22
N LYS C 60 -42.87 14.07 49.38
CA LYS C 60 -43.16 14.17 47.95
C LYS C 60 -44.59 14.58 47.61
N ASN C 61 -45.46 14.81 48.60
CA ASN C 61 -46.85 15.18 48.35
C ASN C 61 -47.15 16.55 48.93
N CYS C 62 -46.83 17.59 48.17
CA CYS C 62 -47.17 18.97 48.53
C CYS C 62 -48.32 19.40 47.63
N ARG C 63 -49.51 19.53 48.21
CA ARG C 63 -50.69 19.90 47.45
C ARG C 63 -50.56 21.35 46.95
N ILE C 64 -51.46 21.72 46.03
CA ILE C 64 -51.40 23.01 45.37
C ILE C 64 -52.36 24.00 46.03
N GLN C 65 -53.43 23.49 46.64
CA GLN C 65 -54.33 24.38 47.36
C GLN C 65 -53.65 24.99 48.58
N HIS C 66 -52.68 24.30 49.18
CA HIS C 66 -51.97 24.84 50.34
C HIS C 66 -51.06 25.99 49.97
N VAL C 67 -50.26 25.83 48.90
CA VAL C 67 -49.32 26.88 48.54
C VAL C 67 -50.05 28.13 48.12
N ASN C 68 -51.24 28.00 47.53
CA ASN C 68 -52.03 29.17 47.19
C ASN C 68 -52.50 29.88 48.44
N ALA C 69 -52.93 29.11 49.45
CA ALA C 69 -53.36 29.70 50.71
C ALA C 69 -52.23 30.39 51.45
N TYR C 70 -51.01 29.85 51.33
CA TYR C 70 -49.89 30.47 52.04
C TYR C 70 -49.42 31.74 51.36
N LEU C 71 -49.30 31.73 50.03
CA LEU C 71 -48.80 32.91 49.34
C LEU C 71 -49.75 34.10 49.51
N TYR C 72 -51.05 33.84 49.60
CA TYR C 72 -51.97 34.92 49.94
C TYR C 72 -51.81 35.38 51.38
N ALA C 73 -51.35 34.50 52.27
CA ALA C 73 -51.27 34.87 53.68
C ALA C 73 -50.01 35.65 53.99
N VAL C 74 -48.85 35.16 53.53
CA VAL C 74 -47.60 35.82 53.88
C VAL C 74 -47.44 37.14 53.13
N LEU C 75 -47.95 37.23 51.90
CA LEU C 75 -47.69 38.39 51.07
C LEU C 75 -48.79 39.44 51.09
N LYS C 76 -49.81 39.29 51.94
CA LYS C 76 -50.91 40.25 51.99
C LYS C 76 -50.66 41.12 53.22
N GLY C 77 -50.11 42.30 52.99
CA GLY C 77 -49.76 43.16 54.11
C GLY C 77 -48.45 43.91 53.93
N GLU C 78 -47.79 43.73 52.78
CA GLU C 78 -46.50 44.37 52.57
C GLU C 78 -46.66 45.86 52.34
N ARG C 79 -47.30 46.23 51.23
CA ARG C 79 -47.62 47.60 50.82
C ARG C 79 -46.38 48.47 50.62
N GLU C 80 -46.48 49.44 49.71
CA GLU C 80 -45.34 50.28 49.33
C GLU C 80 -45.84 51.62 48.81
N LEU C 81 -44.95 52.60 48.80
CA LEU C 81 -45.27 54.00 48.52
C LEU C 81 -45.44 54.24 47.02
N LEU C 82 -46.68 54.27 46.56
CA LEU C 82 -46.99 54.66 45.18
C LEU C 82 -46.72 56.15 44.98
N GLU C 83 -45.74 56.48 44.13
CA GLU C 83 -45.35 57.86 43.85
C GLU C 83 -46.13 58.51 42.71
N ALA C 84 -47.14 57.82 42.17
CA ALA C 84 -47.84 58.29 40.97
C ALA C 84 -48.98 57.34 40.61
N ASP C 85 -50.11 57.89 40.19
CA ASP C 85 -51.27 57.10 39.79
C ASP C 85 -50.88 55.91 38.92
N TRP C 86 -51.61 54.80 39.05
CA TRP C 86 -51.28 53.55 38.38
C TRP C 86 -52.55 53.06 37.70
N ASP C 87 -52.60 53.20 36.38
CA ASP C 87 -53.82 52.95 35.60
C ASP C 87 -53.45 52.10 34.40
N SER C 88 -53.91 50.86 34.39
CA SER C 88 -53.78 50.02 33.21
C SER C 88 -55.18 49.70 32.68
N PHE C 89 -55.29 49.64 31.36
CA PHE C 89 -56.53 49.32 30.64
C PHE C 89 -57.76 49.98 31.25
N GLY C 90 -57.61 51.19 31.79
CA GLY C 90 -58.73 51.95 32.31
C GLY C 90 -59.13 51.62 33.74
N HIS C 91 -58.68 50.49 34.27
CA HIS C 91 -59.02 50.07 35.62
C HIS C 91 -58.03 50.64 36.63
N LYS C 92 -58.52 51.44 37.57
CA LYS C 92 -57.67 52.03 38.59
C LYS C 92 -57.06 50.97 39.49
N ILE C 93 -55.76 51.10 39.76
CA ILE C 93 -55.03 50.20 40.65
C ILE C 93 -54.75 50.87 41.99
N GLY C 94 -54.12 52.03 41.97
CA GLY C 94 -53.82 52.79 43.18
C GLY C 94 -53.64 54.26 42.87
N ILE C 95 -54.11 55.13 43.76
CA ILE C 95 -53.90 56.57 43.60
C ILE C 95 -52.55 56.93 44.23
N GLN C 96 -52.00 58.08 43.82
CA GLN C 96 -50.68 58.50 44.28
C GLN C 96 -50.66 58.74 45.78
N GLY C 97 -49.56 58.36 46.42
CA GLY C 97 -49.32 58.62 47.83
C GLY C 97 -49.92 57.62 48.79
N ASP C 98 -50.61 56.61 48.29
CA ASP C 98 -51.24 55.60 49.14
C ASP C 98 -50.33 54.39 49.33
N LYS C 99 -50.53 53.70 50.45
CA LYS C 99 -49.98 52.36 50.60
C LYS C 99 -50.80 51.44 49.72
N ILE C 100 -50.15 50.69 48.84
CA ILE C 100 -50.90 49.98 47.81
C ILE C 100 -51.16 48.51 48.17
N GLY C 101 -50.17 47.66 48.02
CA GLY C 101 -50.34 46.25 48.30
C GLY C 101 -50.05 45.44 47.05
N PRO C 102 -49.76 44.16 47.22
CA PRO C 102 -49.56 43.29 46.04
C PRO C 102 -50.84 42.66 45.53
N PHE C 103 -51.90 42.65 46.35
CA PHE C 103 -53.12 41.94 46.01
C PHE C 103 -54.32 42.84 45.75
N ASN C 104 -54.18 44.16 45.81
CA ASN C 104 -55.32 45.04 45.54
C ASN C 104 -55.58 45.23 44.06
N LEU C 105 -54.73 44.67 43.20
CA LEU C 105 -54.97 44.69 41.76
C LEU C 105 -56.10 43.75 41.35
N VAL C 106 -56.59 42.93 42.27
CA VAL C 106 -57.59 41.90 41.97
C VAL C 106 -58.55 41.79 43.14
N ARG C 107 -59.82 41.49 42.83
CA ARG C 107 -60.80 41.19 43.85
C ARG C 107 -60.41 39.91 44.58
N VAL C 108 -60.65 39.88 45.88
CA VAL C 108 -60.18 38.73 46.66
C VAL C 108 -61.17 37.57 46.52
N GLU C 109 -62.47 37.85 46.43
CA GLU C 109 -63.46 36.85 46.02
C GLU C 109 -63.31 35.49 46.68
N ASP C 110 -63.69 35.39 47.96
CA ASP C 110 -63.55 34.17 48.75
C ASP C 110 -63.84 32.92 47.93
N ILE C 111 -63.05 31.88 48.19
CA ILE C 111 -63.02 30.63 47.44
C ILE C 111 -64.35 29.91 47.58
N PRO C 112 -64.77 29.13 46.59
CA PRO C 112 -65.83 28.15 46.83
C PRO C 112 -65.40 27.14 47.88
N ASP C 113 -66.35 26.70 48.69
CA ASP C 113 -66.09 25.95 49.90
C ASP C 113 -65.29 24.67 49.61
N GLY C 114 -64.66 24.14 50.65
CA GLY C 114 -63.79 22.98 50.47
C GLY C 114 -62.35 23.20 50.88
N LEU C 115 -62.13 23.95 51.96
CA LEU C 115 -60.78 24.37 52.32
C LEU C 115 -59.91 23.15 52.62
N PRO C 116 -58.71 23.07 52.03
CA PRO C 116 -57.87 21.88 52.23
C PRO C 116 -57.36 21.71 53.66
N ASP C 117 -57.23 20.44 54.06
CA ASP C 117 -56.61 20.08 55.33
C ASP C 117 -55.14 19.78 55.08
N GLY C 118 -54.29 20.06 56.09
CA GLY C 118 -52.89 19.71 55.97
C GLY C 118 -52.35 18.93 57.16
N LYS C 119 -51.06 19.15 57.44
CA LYS C 119 -50.32 18.47 58.48
C LYS C 119 -49.63 19.45 59.42
N LEU C 120 -49.60 19.10 60.70
CA LEU C 120 -48.95 19.92 61.73
C LEU C 120 -47.43 19.91 61.58
N ASN C 121 -46.82 21.08 61.80
CA ASN C 121 -45.39 21.28 61.54
C ASN C 121 -44.51 20.38 62.40
N ALA C 122 -43.33 20.05 61.87
CA ALA C 122 -42.33 19.30 62.64
C ALA C 122 -41.49 20.25 63.49
N GLU C 123 -40.79 21.19 62.86
CA GLU C 123 -40.03 22.18 63.62
C GLU C 123 -40.62 23.57 63.36
N VAL C 124 -40.41 24.48 64.31
CA VAL C 124 -41.05 25.79 64.29
C VAL C 124 -40.19 26.76 63.48
N SER C 125 -40.74 27.23 62.36
CA SER C 125 -40.09 28.21 61.50
C SER C 125 -40.90 29.51 61.39
N ALA C 126 -41.65 29.86 62.43
CA ALA C 126 -42.53 31.03 62.39
C ALA C 126 -41.91 32.36 61.97
N GLU C 127 -40.57 32.44 61.90
CA GLU C 127 -39.93 33.68 61.45
C GLU C 127 -39.26 33.60 60.08
N ASP C 128 -39.26 32.43 59.43
CA ASP C 128 -38.52 32.23 58.19
C ASP C 128 -39.33 32.60 56.94
N ASP C 129 -40.29 33.51 57.05
CA ASP C 129 -41.06 33.92 55.89
C ASP C 129 -40.26 34.74 54.89
N ALA C 130 -39.01 35.08 55.21
CA ALA C 130 -38.17 35.77 54.24
C ALA C 130 -37.88 34.91 53.01
N TRP C 131 -37.90 33.58 53.16
CA TRP C 131 -37.58 32.68 52.05
C TRP C 131 -38.75 31.84 51.55
N LEU C 132 -39.72 31.50 52.41
CA LEU C 132 -40.77 30.57 52.02
C LEU C 132 -41.56 31.00 50.79
N PRO C 133 -42.07 32.23 50.68
CA PRO C 133 -42.71 32.63 49.42
C PRO C 133 -41.79 32.56 48.21
N LEU C 134 -40.50 32.83 48.38
CA LEU C 134 -39.57 32.81 47.25
C LEU C 134 -39.39 31.40 46.69
N PHE C 135 -39.48 30.37 47.53
CA PHE C 135 -39.28 29.01 47.03
C PHE C 135 -40.46 28.55 46.18
N LEU C 136 -41.68 28.74 46.68
CA LEU C 136 -42.85 28.31 45.93
C LEU C 136 -43.01 29.09 44.64
N LEU C 137 -42.64 30.38 44.64
CA LEU C 137 -42.64 31.15 43.40
C LEU C 137 -41.56 30.68 42.43
N GLY C 138 -40.46 30.15 42.96
CA GLY C 138 -39.39 29.69 42.10
C GLY C 138 -39.66 28.38 41.40
N LEU C 139 -40.58 27.57 41.94
CA LEU C 139 -40.91 26.29 41.32
C LEU C 139 -41.68 26.45 40.01
N TYR C 140 -42.34 27.59 39.79
CA TYR C 140 -43.00 27.81 38.52
C TYR C 140 -41.99 27.92 37.39
N ARG C 141 -40.87 28.60 37.62
CA ARG C 141 -39.81 28.65 36.62
C ARG C 141 -39.14 27.30 36.46
N VAL C 142 -38.99 26.56 37.56
CA VAL C 142 -38.36 25.25 37.51
C VAL C 142 -39.31 24.22 36.91
N GLY C 143 -40.62 24.41 37.08
CA GLY C 143 -41.60 23.52 36.47
C GLY C 143 -41.54 23.47 34.96
N ARG C 144 -41.11 24.56 34.32
CA ARG C 144 -41.17 24.64 32.86
C ARG C 144 -40.06 23.84 32.18
N ALA C 145 -38.81 24.02 32.61
CA ALA C 145 -37.71 23.31 31.99
C ALA C 145 -37.91 21.80 32.07
N SER C 146 -37.59 21.10 30.98
CA SER C 146 -37.73 19.65 30.92
C SER C 146 -36.41 18.90 30.73
N GLU C 147 -35.37 19.56 30.25
CA GLU C 147 -34.06 18.95 30.02
C GLU C 147 -33.17 19.17 31.24
N THR C 148 -31.87 18.95 31.06
CA THR C 148 -30.91 19.11 32.16
C THR C 148 -30.86 20.56 32.67
N ALA C 149 -31.37 21.51 31.90
CA ALA C 149 -31.50 22.88 32.40
C ALA C 149 -32.43 22.94 33.60
N TYR C 150 -33.30 21.94 33.77
CA TYR C 150 -34.08 21.78 34.98
C TYR C 150 -33.19 21.65 36.22
N ARG C 151 -31.98 21.07 36.05
CA ARG C 151 -31.06 20.96 37.18
C ARG C 151 -30.31 22.26 37.47
N THR C 152 -29.86 22.97 36.43
CA THR C 152 -29.09 24.20 36.69
C THR C 152 -29.95 25.26 37.35
N LEU C 153 -31.24 25.34 36.99
CA LEU C 153 -32.10 26.34 37.59
C LEU C 153 -32.42 25.99 39.04
N LEU C 154 -32.61 24.70 39.31
CA LEU C 154 -32.86 24.26 40.68
C LEU C 154 -31.64 24.50 41.56
N MET C 155 -30.43 24.36 40.99
CA MET C 155 -29.22 24.67 41.74
C MET C 155 -29.10 26.15 42.04
N GLU C 156 -29.51 27.00 41.09
CA GLU C 156 -29.52 28.43 41.35
C GLU C 156 -30.54 28.81 42.40
N SER C 157 -31.66 28.09 42.47
CA SER C 157 -32.66 28.38 43.50
C SER C 157 -32.13 27.99 44.88
N LEU C 158 -31.37 26.90 44.97
CA LEU C 158 -30.81 26.49 46.25
C LEU C 158 -29.79 27.50 46.76
N ILE C 159 -28.99 28.08 45.86
CA ILE C 159 -28.03 29.10 46.27
C ILE C 159 -28.78 30.33 46.79
N LYS C 160 -29.96 30.61 46.24
CA LYS C 160 -30.75 31.75 46.67
C LYS C 160 -31.31 31.57 48.08
N GLN C 161 -31.41 30.32 48.57
CA GLN C 161 -31.99 30.07 49.88
C GLN C 161 -30.95 29.81 50.97
N CYS C 162 -29.74 29.35 50.64
CA CYS C 162 -28.69 29.29 51.65
C CYS C 162 -28.30 30.67 52.13
N LYS C 163 -28.44 31.69 51.28
CA LYS C 163 -28.24 33.07 51.71
C LYS C 163 -29.42 33.58 52.54
N ALA C 164 -30.53 32.86 52.56
CA ALA C 164 -31.73 33.40 53.21
C ALA C 164 -31.69 33.27 54.72
N ILE C 165 -31.18 32.16 55.27
CA ILE C 165 -31.30 32.04 56.72
C ILE C 165 -29.98 32.44 57.40
N LYS C 166 -29.00 31.52 57.45
CA LYS C 166 -27.64 31.93 57.72
C LYS C 166 -26.62 31.21 56.84
N SER C 167 -26.30 29.97 57.25
CA SER C 167 -25.56 28.92 56.55
C SER C 167 -26.35 27.62 56.44
N ASP C 168 -27.02 27.20 57.51
CA ASP C 168 -27.71 25.92 57.50
C ASP C 168 -28.94 25.98 56.62
N TRP C 169 -29.16 24.92 55.85
CA TRP C 169 -30.31 24.86 54.97
C TRP C 169 -30.56 23.40 54.59
N VAL C 170 -31.65 22.84 55.12
CA VAL C 170 -32.12 21.55 54.63
C VAL C 170 -32.68 21.75 53.22
N SER C 171 -32.58 20.71 52.40
CA SER C 171 -33.00 20.78 50.99
C SER C 171 -34.21 19.88 50.79
N PRO C 172 -35.42 20.36 51.08
CA PRO C 172 -36.63 19.57 50.82
C PRO C 172 -36.83 19.20 49.35
N VAL C 173 -36.33 20.05 48.45
CA VAL C 173 -36.62 19.88 47.02
C VAL C 173 -36.13 18.52 46.52
N THR C 174 -36.99 17.87 45.74
CA THR C 174 -36.62 16.64 45.07
C THR C 174 -35.63 16.93 43.94
N ALA C 175 -34.76 15.95 43.67
CA ALA C 175 -33.75 16.14 42.64
C ALA C 175 -34.37 16.30 41.25
N THR C 176 -35.31 15.42 40.91
CA THR C 176 -35.87 15.45 39.55
C THR C 176 -37.38 15.26 39.46
N HIS C 177 -38.07 14.92 40.54
CA HIS C 177 -39.50 14.66 40.44
C HIS C 177 -40.26 15.93 40.07
N LYS C 178 -41.31 15.75 39.26
CA LYS C 178 -42.04 16.85 38.65
C LYS C 178 -43.48 16.91 39.15
N TYR C 179 -43.67 16.68 40.45
CA TYR C 179 -45.03 16.71 41.01
C TYR C 179 -45.56 18.12 41.16
N PHE C 180 -44.70 19.14 41.13
CA PHE C 180 -45.15 20.52 41.20
C PHE C 180 -45.42 21.11 39.82
N ASP C 181 -45.20 20.33 38.76
CA ASP C 181 -45.63 20.75 37.43
C ASP C 181 -47.15 20.83 37.34
N VAL C 182 -47.85 20.14 38.24
CA VAL C 182 -49.31 20.24 38.30
C VAL C 182 -49.71 21.68 38.62
N TRP C 183 -48.83 22.40 39.34
CA TRP C 183 -49.17 23.74 39.81
C TRP C 183 -49.37 24.71 38.66
N GLY C 184 -48.72 24.47 37.52
CA GLY C 184 -48.86 25.38 36.40
C GLY C 184 -50.19 25.25 35.68
N ASN C 185 -50.91 24.15 35.91
CA ASN C 185 -52.24 23.99 35.36
C ASN C 185 -53.32 24.63 36.23
N ASP C 186 -53.00 24.96 37.47
CA ASP C 186 -53.95 25.62 38.35
C ASP C 186 -54.07 27.08 37.94
N GLY C 187 -55.28 27.53 37.63
CA GLY C 187 -55.47 28.88 37.16
C GLY C 187 -55.26 29.92 38.23
N ASN C 188 -55.59 29.58 39.47
CA ASN C 188 -55.43 30.52 40.58
C ASN C 188 -53.96 30.76 40.90
N TYR C 189 -53.15 29.69 40.87
CA TYR C 189 -51.73 29.81 41.21
C TYR C 189 -50.99 30.72 40.25
N LEU C 190 -51.39 30.72 38.97
CA LEU C 190 -50.79 31.65 38.02
C LEU C 190 -51.13 33.10 38.36
N LYS C 191 -52.29 33.34 38.96
CA LYS C 191 -52.68 34.70 39.30
C LYS C 191 -51.86 35.25 40.46
N ILE C 192 -51.61 34.45 41.49
CA ILE C 192 -50.75 34.93 42.58
C ILE C 192 -49.33 35.13 42.07
N VAL C 193 -48.89 34.26 41.15
CA VAL C 193 -47.54 34.42 40.59
C VAL C 193 -47.46 35.69 39.76
N ALA C 194 -48.54 36.04 39.08
CA ALA C 194 -48.55 37.29 38.32
C ALA C 194 -48.69 38.50 39.23
N CYS C 195 -49.45 38.39 40.33
CA CYS C 195 -49.61 39.52 41.23
C CYS C 195 -48.30 39.90 41.91
N VAL C 196 -47.49 38.91 42.27
CA VAL C 196 -46.20 39.20 42.90
C VAL C 196 -45.26 39.86 41.90
N ASP C 197 -45.32 39.42 40.64
CA ASP C 197 -44.40 39.93 39.64
C ASP C 197 -44.78 41.33 39.18
N MET C 198 -46.07 41.56 38.90
CA MET C 198 -46.50 42.88 38.48
C MET C 198 -46.34 43.91 39.59
N PHE C 199 -46.53 43.50 40.84
CA PHE C 199 -46.39 44.43 41.96
C PHE C 199 -44.94 44.83 42.17
N TYR C 200 -44.03 43.86 42.18
CA TYR C 200 -42.64 44.17 42.46
C TYR C 200 -41.88 44.64 41.22
N ASN C 201 -42.45 44.49 40.03
CA ASN C 201 -41.88 45.15 38.86
C ASN C 201 -42.04 46.66 38.96
N HIS C 202 -43.09 47.13 39.64
CA HIS C 202 -43.28 48.56 39.85
C HIS C 202 -42.40 49.06 40.98
N PHE C 203 -42.37 48.34 42.09
CA PHE C 203 -41.52 48.66 43.22
C PHE C 203 -40.29 47.75 43.22
N LYS C 204 -39.47 47.92 42.19
CA LYS C 204 -38.28 47.09 42.04
C LYS C 204 -37.24 47.34 43.13
N LYS C 205 -37.25 48.53 43.73
CA LYS C 205 -36.26 48.88 44.74
C LYS C 205 -36.59 48.34 46.13
N SER C 206 -37.77 47.76 46.32
CA SER C 206 -38.16 47.24 47.62
C SER C 206 -37.30 46.04 48.00
N ILE C 207 -37.10 45.85 49.30
CA ILE C 207 -36.25 44.76 49.80
C ILE C 207 -36.84 43.40 49.45
N LYS C 208 -38.16 43.30 49.35
CA LYS C 208 -38.83 42.04 49.06
C LYS C 208 -38.93 41.75 47.57
N ALA C 209 -38.28 42.55 46.73
CA ALA C 209 -38.24 42.33 45.29
C ALA C 209 -37.43 41.09 44.89
N THR C 210 -36.66 40.52 45.82
CA THR C 210 -35.91 39.30 45.54
C THR C 210 -36.83 38.13 45.22
N PHE C 211 -38.10 38.20 45.60
CA PHE C 211 -39.07 37.17 45.26
C PHE C 211 -39.27 37.06 43.75
N ARG C 212 -38.89 38.09 42.99
CA ARG C 212 -39.14 38.12 41.55
C ARG C 212 -38.46 36.97 40.81
N TRP C 213 -37.39 36.39 41.33
CA TRP C 213 -36.83 35.20 40.71
C TRP C 213 -37.86 34.07 40.75
N GLY C 214 -38.03 33.40 39.61
CA GLY C 214 -38.97 32.32 39.47
C GLY C 214 -40.36 32.75 39.05
N THR C 215 -40.70 34.02 39.22
CA THR C 215 -41.95 34.58 38.71
C THR C 215 -41.73 35.56 37.57
N ILE C 216 -40.47 35.90 37.25
CA ILE C 216 -40.20 36.79 36.13
C ILE C 216 -40.59 36.14 34.81
N VAL C 217 -40.66 34.80 34.77
CA VAL C 217 -41.13 34.09 33.59
C VAL C 217 -42.60 34.40 33.32
N SER C 218 -43.34 34.86 34.34
CA SER C 218 -44.74 35.24 34.23
C SER C 218 -44.95 36.46 33.36
N ARG C 219 -43.87 37.16 32.99
CA ARG C 219 -43.88 38.35 32.14
C ARG C 219 -44.31 37.95 30.74
N PHE C 220 -43.79 38.62 29.72
CA PHE C 220 -44.23 38.36 28.35
C PHE C 220 -44.01 36.88 28.04
N LYS C 221 -44.94 36.06 28.56
CA LYS C 221 -44.95 34.60 28.49
C LYS C 221 -45.27 34.02 27.12
N ASP C 222 -46.48 34.24 26.62
CA ASP C 222 -46.93 33.63 25.38
C ASP C 222 -47.23 34.71 24.34
N CYS C 223 -46.38 35.74 24.33
CA CYS C 223 -46.42 36.82 23.36
C CYS C 223 -45.03 37.05 22.79
N ALA C 224 -44.34 35.95 22.48
CA ALA C 224 -42.96 35.98 22.04
C ALA C 224 -42.77 36.64 20.68
N ALA C 225 -43.83 36.73 19.87
CA ALA C 225 -43.70 37.38 18.56
C ALA C 225 -43.31 38.84 18.70
N LEU C 226 -43.69 39.49 19.80
CA LEU C 226 -43.23 40.85 20.06
C LEU C 226 -41.73 40.88 20.32
N ALA C 227 -41.21 39.86 21.00
CA ALA C 227 -39.77 39.79 21.22
C ALA C 227 -39.01 39.62 19.92
N THR C 228 -39.62 38.93 18.94
CA THR C 228 -38.98 38.81 17.63
C THR C 228 -38.90 40.15 16.92
N LEU C 229 -39.94 40.98 17.04
CA LEU C 229 -39.91 42.30 16.41
C LEU C 229 -38.88 43.20 17.07
N GLY C 230 -38.75 43.12 18.40
CA GLY C 230 -37.74 43.91 19.07
C GLY C 230 -36.34 43.39 18.81
N HIS C 231 -36.20 42.08 18.63
CA HIS C 231 -34.89 41.51 18.31
C HIS C 231 -34.40 41.97 16.95
N VAL C 232 -35.30 42.10 15.98
CA VAL C 232 -34.90 42.53 14.64
C VAL C 232 -34.46 43.98 14.64
N VAL C 233 -35.13 44.82 15.44
CA VAL C 233 -34.80 46.24 15.46
C VAL C 233 -33.40 46.46 16.04
N LYS C 234 -33.01 45.66 17.02
CA LYS C 234 -31.69 45.84 17.64
C LYS C 234 -30.58 45.30 16.75
N ILE C 235 -30.83 44.17 16.07
CA ILE C 235 -29.77 43.54 15.31
C ILE C 235 -29.59 44.17 13.93
N THR C 236 -30.69 44.53 13.26
CA THR C 236 -30.57 45.12 11.94
C THR C 236 -30.03 46.54 11.99
N GLY C 237 -30.23 47.24 13.10
CA GLY C 237 -29.87 48.63 13.21
C GLY C 237 -30.87 49.58 12.63
N LEU C 238 -31.95 49.07 12.04
CA LEU C 238 -33.02 49.89 11.52
C LEU C 238 -33.93 50.37 12.64
N THR C 239 -34.56 51.52 12.41
CA THR C 239 -35.61 51.98 13.30
C THR C 239 -36.83 51.08 13.18
N ILE C 240 -37.66 51.05 14.22
CA ILE C 240 -38.83 50.18 14.21
C ILE C 240 -39.72 50.51 13.03
N GLU C 241 -39.76 51.79 12.63
CA GLU C 241 -40.51 52.18 11.45
C GLU C 241 -39.89 51.61 10.18
N GLU C 242 -38.55 51.59 10.10
CA GLU C 242 -37.89 51.10 8.89
C GLU C 242 -38.11 49.61 8.69
N VAL C 243 -38.26 48.83 9.76
CA VAL C 243 -38.47 47.40 9.61
C VAL C 243 -39.80 47.14 8.92
N PHE C 244 -40.81 47.96 9.20
CA PHE C 244 -42.11 47.77 8.54
C PHE C 244 -42.02 48.01 7.04
N THR C 245 -41.19 48.97 6.62
CA THR C 245 -41.07 49.26 5.19
C THR C 245 -40.43 48.11 4.43
N TRP C 246 -39.63 47.28 5.10
CA TRP C 246 -38.96 46.16 4.47
C TRP C 246 -39.83 44.92 4.38
N VAL C 247 -41.06 44.97 4.90
CA VAL C 247 -41.95 43.82 4.92
C VAL C 247 -42.52 43.59 3.52
N LEU C 248 -41.76 42.88 2.69
CA LEU C 248 -42.10 42.63 1.30
C LEU C 248 -43.27 41.67 1.09
N GLN C 249 -43.75 40.98 2.13
CA GLN C 249 -44.88 40.07 1.96
C GLN C 249 -46.18 40.67 2.48
N THR C 250 -47.26 40.46 1.72
CA THR C 250 -48.58 40.93 2.14
C THR C 250 -49.08 40.18 3.37
N GLU C 251 -48.66 38.92 3.55
CA GLU C 251 -49.13 38.16 4.70
C GLU C 251 -48.40 38.58 5.97
N VAL C 252 -47.11 38.89 5.87
CA VAL C 252 -46.38 39.38 7.04
C VAL C 252 -46.95 40.72 7.48
N ALA C 253 -47.45 41.53 6.54
CA ALA C 253 -48.12 42.76 6.92
C ALA C 253 -49.42 42.49 7.66
N ASP C 254 -50.18 41.47 7.21
CA ASP C 254 -51.43 41.15 7.87
C ASP C 254 -51.20 40.60 9.27
N GLU C 255 -50.06 39.94 9.49
CA GLU C 255 -49.72 39.48 10.84
C GLU C 255 -49.16 40.60 11.69
N LEU C 256 -48.40 41.53 11.10
CA LEU C 256 -47.90 42.65 11.88
C LEU C 256 -49.04 43.54 12.35
N VAL C 257 -50.05 43.72 11.51
CA VAL C 257 -51.28 44.33 12.00
C VAL C 257 -52.00 43.31 12.87
N LYS C 258 -52.89 43.81 13.72
CA LYS C 258 -53.64 43.06 14.73
C LYS C 258 -52.72 42.75 15.89
N MET C 259 -51.41 42.84 15.65
CA MET C 259 -50.42 42.83 16.72
C MET C 259 -50.23 44.22 17.30
N MET C 260 -50.65 45.24 16.55
CA MET C 260 -50.44 46.64 16.85
C MET C 260 -51.68 47.36 17.35
N LYS C 261 -52.82 46.66 17.45
CA LYS C 261 -54.08 47.17 17.99
C LYS C 261 -53.84 48.18 19.10
N PRO C 262 -54.31 49.42 18.93
CA PRO C 262 -53.83 50.53 19.77
C PRO C 262 -54.00 50.31 21.27
N GLY C 263 -55.24 50.25 21.74
CA GLY C 263 -55.51 50.22 23.16
C GLY C 263 -55.10 48.96 23.90
N GLN C 264 -53.90 48.44 23.64
CA GLN C 264 -53.39 47.27 24.34
C GLN C 264 -52.25 47.59 25.29
N GLU C 265 -51.78 48.85 25.31
CA GLU C 265 -50.69 49.28 26.18
C GLU C 265 -49.46 48.41 26.02
N ILE C 266 -49.17 48.02 24.77
CA ILE C 266 -47.98 47.21 24.50
C ILE C 266 -46.72 47.98 24.82
N ASP C 267 -46.74 49.30 24.58
CA ASP C 267 -45.59 50.13 24.89
C ASP C 267 -45.43 50.29 26.39
N LYS C 268 -46.54 50.45 27.11
CA LYS C 268 -46.50 50.81 28.52
C LYS C 268 -45.97 49.66 29.37
N SER C 269 -45.00 49.98 30.23
CA SER C 269 -44.50 49.02 31.21
C SER C 269 -45.56 48.71 32.26
N THR C 270 -45.96 49.72 33.03
CA THR C 270 -46.95 49.57 34.09
C THR C 270 -48.32 49.24 33.51
N SER C 271 -48.46 48.05 32.93
CA SER C 271 -49.68 47.62 32.27
C SER C 271 -49.92 46.14 32.54
N TYR C 272 -51.14 45.70 32.25
CA TYR C 272 -51.51 44.30 32.32
C TYR C 272 -51.01 43.50 31.12
N MET C 273 -50.46 44.18 30.10
CA MET C 273 -50.03 43.52 28.88
C MET C 273 -49.03 42.39 29.09
N PRO C 274 -47.96 42.54 29.88
CA PRO C 274 -46.99 41.44 30.00
C PRO C 274 -47.61 40.16 30.56
N TYR C 275 -48.61 40.27 31.44
CA TYR C 275 -49.23 39.13 32.10
C TYR C 275 -50.53 38.73 31.43
N LEU C 276 -50.53 38.68 30.10
CA LEU C 276 -51.75 38.41 29.35
C LEU C 276 -52.31 37.02 29.65
N ILE C 277 -51.45 36.03 29.84
CA ILE C 277 -51.90 34.65 29.98
C ILE C 277 -52.15 34.27 31.43
N ASP C 278 -51.19 34.59 32.31
CA ASP C 278 -51.27 34.15 33.71
C ASP C 278 -52.41 34.83 34.46
N MET C 279 -52.82 36.03 34.04
CA MET C 279 -53.93 36.72 34.68
C MET C 279 -55.29 36.18 34.24
N GLY C 280 -55.33 35.34 33.21
CA GLY C 280 -56.58 34.89 32.66
C GLY C 280 -57.26 35.88 31.75
N ILE C 281 -56.56 36.95 31.36
CA ILE C 281 -57.16 37.98 30.53
C ILE C 281 -57.53 37.43 29.16
N SER C 282 -56.78 36.44 28.67
CA SER C 282 -57.08 35.84 27.38
C SER C 282 -56.56 34.41 27.36
N ALA C 283 -57.35 33.51 26.77
CA ALA C 283 -56.93 32.12 26.65
C ALA C 283 -56.14 31.84 25.37
N LYS C 284 -55.92 32.86 24.55
CA LYS C 284 -55.14 32.70 23.30
C LYS C 284 -54.49 34.06 23.03
N SER C 285 -53.22 34.19 23.39
CA SER C 285 -52.56 35.47 23.22
C SER C 285 -52.49 35.82 21.73
N PRO C 286 -52.89 37.03 21.35
CA PRO C 286 -52.76 37.44 19.94
C PRO C 286 -51.32 37.63 19.51
N TYR C 287 -50.39 37.78 20.45
CA TYR C 287 -49.00 38.05 20.16
C TYR C 287 -48.13 36.81 20.21
N SER C 288 -48.74 35.63 20.30
CA SER C 288 -47.99 34.39 20.34
C SER C 288 -47.35 34.10 18.99
N THR C 289 -46.24 33.35 19.01
CA THR C 289 -45.57 32.98 17.78
C THR C 289 -46.48 32.14 16.88
N ILE C 290 -47.34 31.32 17.49
CA ILE C 290 -48.23 30.48 16.69
C ILE C 290 -49.26 31.32 15.95
N LYS C 291 -49.71 32.43 16.54
CA LYS C 291 -50.71 33.27 15.89
C LYS C 291 -50.12 34.11 14.76
N ASN C 292 -48.81 34.33 14.76
CA ASN C 292 -48.14 35.13 13.73
C ASN C 292 -46.95 34.33 13.20
N PRO C 293 -47.21 33.27 12.44
CA PRO C 293 -46.12 32.44 11.90
C PRO C 293 -45.33 33.13 10.80
N SER C 294 -46.03 33.62 9.77
CA SER C 294 -45.37 34.22 8.62
C SER C 294 -44.47 35.38 8.99
N PHE C 295 -44.83 36.13 10.04
CA PHE C 295 -43.94 37.19 10.50
C PHE C 295 -42.79 36.65 11.35
N HIS C 296 -43.04 35.60 12.14
CA HIS C 296 -41.97 35.05 12.98
C HIS C 296 -40.85 34.47 12.14
N PHE C 297 -41.17 33.90 10.97
CA PHE C 297 -40.12 33.42 10.09
C PHE C 297 -39.41 34.58 9.41
N TRP C 298 -40.16 35.63 9.05
CA TRP C 298 -39.55 36.82 8.48
C TRP C 298 -38.62 37.51 9.47
N GLY C 299 -38.93 37.46 10.75
CA GLY C 299 -38.11 38.12 11.74
C GLY C 299 -36.84 37.36 12.05
N GLN C 300 -36.98 36.08 12.39
CA GLN C 300 -35.82 35.26 12.71
C GLN C 300 -34.91 35.03 11.51
N LEU C 301 -35.47 34.93 10.30
CA LEU C 301 -34.60 34.69 9.15
C LEU C 301 -33.76 35.91 8.81
N VAL C 302 -34.33 37.10 8.91
CA VAL C 302 -33.54 38.31 8.70
C VAL C 302 -32.51 38.48 9.81
N ALA C 303 -32.89 38.14 11.06
CA ALA C 303 -31.95 38.24 12.16
C ALA C 303 -30.84 37.20 12.05
N ALA C 304 -31.17 35.98 11.62
CA ALA C 304 -30.20 34.93 11.39
C ALA C 304 -29.13 35.36 10.38
N LEU C 305 -29.55 35.51 9.12
CA LEU C 305 -28.72 36.03 8.03
C LEU C 305 -27.83 37.19 8.45
N CYS C 306 -28.27 37.96 9.46
CA CYS C 306 -27.49 39.04 10.05
C CYS C 306 -26.67 38.60 11.25
N ARG C 307 -26.37 37.31 11.40
CA ARG C 307 -25.45 36.80 12.42
C ARG C 307 -26.01 37.03 13.83
N SER C 308 -27.22 36.50 14.06
CA SER C 308 -27.82 36.59 15.38
C SER C 308 -27.34 35.50 16.33
N LYS C 309 -27.18 34.27 15.83
CA LYS C 309 -26.82 33.07 16.58
C LYS C 309 -27.98 32.60 17.45
N ARG C 310 -28.95 33.48 17.69
CA ARG C 310 -30.16 33.12 18.43
C ARG C 310 -31.33 32.80 17.51
N ALA C 311 -31.38 33.43 16.35
CA ALA C 311 -32.46 33.22 15.40
C ALA C 311 -32.41 31.84 14.77
N LEU C 312 -31.27 31.16 14.83
CA LEU C 312 -31.11 29.85 14.21
C LEU C 312 -32.04 28.81 14.84
N ASN C 313 -32.48 29.02 16.07
CA ASN C 313 -33.37 28.08 16.78
C ASN C 313 -34.81 28.57 16.75
N ALA C 314 -35.36 28.69 15.54
CA ALA C 314 -36.70 29.23 15.37
C ALA C 314 -37.78 28.22 14.99
N ARG C 315 -37.43 27.10 14.33
CA ARG C 315 -38.42 26.12 13.88
C ARG C 315 -39.44 26.75 12.94
N GLN C 316 -39.10 26.86 11.66
CA GLN C 316 -39.99 27.44 10.66
C GLN C 316 -41.35 26.76 10.64
N PRO C 317 -42.46 27.50 10.81
CA PRO C 317 -43.80 26.90 10.76
C PRO C 317 -44.08 26.43 9.33
N ASP C 318 -44.32 25.13 9.17
CA ASP C 318 -44.49 24.53 7.85
C ASP C 318 -45.53 25.24 6.98
N GLU C 319 -46.59 25.80 7.56
CA GLU C 319 -47.66 26.41 6.76
C GLU C 319 -47.44 27.91 6.57
N ILE C 320 -46.40 28.25 5.82
CA ILE C 320 -46.09 29.62 5.42
C ILE C 320 -45.48 29.57 4.02
N ASP C 321 -45.29 30.75 3.41
CA ASP C 321 -44.76 30.80 2.05
C ASP C 321 -43.32 30.31 1.97
N SER C 322 -42.54 30.52 3.04
CA SER C 322 -41.15 30.09 3.11
C SER C 322 -40.29 30.58 1.94
N MET C 323 -40.53 30.06 0.74
CA MET C 323 -39.70 30.40 -0.41
C MET C 323 -39.77 31.89 -0.75
N SER C 324 -40.93 32.51 -0.57
CA SER C 324 -41.02 33.93 -0.90
C SER C 324 -40.53 34.78 0.27
N ILE C 325 -40.82 34.36 1.50
CA ILE C 325 -40.34 35.09 2.67
C ILE C 325 -38.82 35.02 2.74
N SER C 326 -38.24 33.87 2.40
CA SER C 326 -36.79 33.72 2.43
C SER C 326 -36.10 34.59 1.37
N ASN C 327 -36.75 34.79 0.21
CA ASN C 327 -36.13 35.63 -0.81
C ASN C 327 -36.11 37.08 -0.39
N ALA C 328 -37.20 37.58 0.18
CA ALA C 328 -37.23 38.95 0.68
C ALA C 328 -36.28 39.11 1.86
N SER C 329 -36.08 38.05 2.65
CA SER C 329 -35.18 38.13 3.78
C SER C 329 -33.73 38.24 3.32
N LEU C 330 -33.34 37.45 2.31
CA LEU C 330 -31.98 37.54 1.80
C LEU C 330 -31.71 38.88 1.14
N LEU C 331 -32.71 39.46 0.48
CA LEU C 331 -32.54 40.79 -0.09
C LEU C 331 -32.38 41.84 1.01
N MET C 332 -33.12 41.68 2.10
CA MET C 332 -32.97 42.61 3.21
C MET C 332 -31.64 42.42 3.93
N ALA C 333 -31.22 41.16 4.09
CA ALA C 333 -29.95 40.89 4.74
C ALA C 333 -28.78 41.36 3.88
N TYR C 334 -28.86 41.17 2.56
CA TYR C 334 -27.79 41.64 1.69
C TYR C 334 -27.83 43.15 1.49
N ALA C 335 -28.91 43.82 1.90
CA ALA C 335 -28.95 45.27 1.82
C ALA C 335 -28.35 45.90 3.07
N LEU C 336 -28.56 45.26 4.22
CA LEU C 336 -27.96 45.74 5.45
C LEU C 336 -26.45 45.58 5.45
N GLY C 337 -25.94 44.54 4.77
CA GLY C 337 -24.51 44.34 4.70
C GLY C 337 -23.81 45.12 3.61
N SER C 338 -24.53 45.47 2.54
CA SER C 338 -23.95 46.21 1.43
C SER C 338 -23.95 47.71 1.67
N SER C 339 -24.57 48.17 2.74
CA SER C 339 -24.58 49.58 3.10
C SER C 339 -24.64 49.66 4.63
N PRO C 340 -23.51 49.41 5.28
CA PRO C 340 -23.51 49.31 6.74
C PRO C 340 -23.92 50.61 7.42
N ASP C 341 -24.62 50.49 8.54
CA ASP C 341 -25.04 51.67 9.27
C ASP C 341 -23.81 52.34 9.88
N ILE C 342 -23.09 53.08 9.02
CA ILE C 342 -21.86 53.76 9.38
C ILE C 342 -21.99 55.21 8.97
N GLU C 343 -21.75 56.12 9.91
CA GLU C 343 -21.79 57.55 9.67
C GLU C 343 -21.07 58.21 10.83
N GLN C 344 -20.33 59.28 10.54
CA GLN C 344 -19.61 59.95 11.61
C GLN C 344 -20.60 60.47 12.63
N GLN C 345 -20.22 60.41 13.91
CA GLN C 345 -21.08 60.90 14.97
C GLN C 345 -20.42 62.08 15.69
N PHE C 346 -19.37 61.83 16.46
CA PHE C 346 -18.64 62.90 17.13
C PHE C 346 -17.85 63.70 16.09
N SER C 347 -17.20 64.76 16.56
CA SER C 347 -16.39 65.60 15.69
C SER C 347 -15.48 66.47 16.53
N THR C 348 -14.28 66.73 16.00
CA THR C 348 -13.31 67.61 16.63
C THR C 348 -13.31 69.01 16.04
N GLY C 349 -14.34 69.35 15.25
CA GLY C 349 -14.38 70.63 14.57
C GLY C 349 -14.40 70.49 13.06
N ASN C 350 -14.59 69.26 12.58
CA ASN C 350 -14.66 68.97 11.16
C ASN C 350 -16.08 68.63 10.74
N THR C 351 -16.28 68.58 9.42
CA THR C 351 -17.57 68.47 8.78
C THR C 351 -17.83 67.01 8.40
N TYR C 352 -18.84 66.78 7.57
CA TYR C 352 -19.33 65.46 7.24
C TYR C 352 -19.06 65.16 5.77
N ARG C 353 -19.25 63.90 5.40
CA ARG C 353 -18.96 63.40 4.06
C ARG C 353 -19.64 64.21 2.95
N LYS C 354 -20.49 65.18 3.33
CA LYS C 354 -21.23 66.07 2.44
C LYS C 354 -21.71 65.30 1.22
N PRO C 355 -22.65 64.38 1.38
CA PRO C 355 -23.07 63.55 0.26
C PRO C 355 -23.91 64.32 -0.73
N PRO C 356 -23.52 64.31 -2.01
CA PRO C 356 -24.33 64.90 -3.08
C PRO C 356 -25.26 63.85 -3.67
N LYS C 357 -26.04 63.20 -2.79
CA LYS C 357 -26.89 62.05 -3.11
C LYS C 357 -26.04 60.88 -3.57
N GLU C 358 -26.62 59.69 -3.57
CA GLU C 358 -25.90 58.48 -3.93
C GLU C 358 -25.76 58.39 -5.45
N ALA C 359 -24.74 57.64 -5.89
CA ALA C 359 -24.56 57.45 -7.32
C ALA C 359 -25.79 56.79 -7.92
N SER C 360 -25.99 55.50 -7.63
CA SER C 360 -27.16 54.74 -8.06
C SER C 360 -27.65 55.14 -9.45
N TYR C 361 -26.78 55.13 -10.44
CA TYR C 361 -27.21 55.42 -11.80
C TYR C 361 -27.42 54.17 -12.65
N LEU C 362 -26.72 53.08 -12.36
CA LEU C 362 -26.79 51.95 -13.26
C LEU C 362 -27.88 50.95 -12.85
N VAL C 363 -28.13 49.99 -13.74
CA VAL C 363 -29.08 48.92 -13.47
C VAL C 363 -28.50 47.88 -12.51
N SER C 364 -27.25 47.50 -12.73
CA SER C 364 -26.54 46.64 -11.78
C SER C 364 -25.90 47.43 -10.65
N GLU C 365 -26.48 48.56 -10.28
CA GLU C 365 -25.86 49.52 -9.37
C GLU C 365 -26.56 49.41 -8.02
N GLU C 366 -25.93 48.72 -7.08
CA GLU C 366 -26.46 48.61 -5.73
C GLU C 366 -26.65 49.99 -5.10
N PRO C 367 -27.84 50.32 -4.61
CA PRO C 367 -28.04 51.62 -3.96
C PRO C 367 -27.15 51.76 -2.72
N LYS C 368 -26.69 52.99 -2.48
CA LYS C 368 -25.75 53.24 -1.39
C LYS C 368 -26.45 53.43 -0.05
N ASN C 369 -27.77 53.44 0.00
CA ASN C 369 -28.53 53.62 1.22
C ASN C 369 -29.33 52.35 1.54
N ARG C 370 -30.04 52.39 2.66
CA ARG C 370 -30.83 51.26 3.12
C ARG C 370 -32.31 51.40 2.80
N SER C 371 -32.69 52.38 1.98
CA SER C 371 -34.09 52.56 1.64
C SER C 371 -34.60 51.37 0.86
N VAL C 372 -35.80 50.89 1.23
CA VAL C 372 -36.37 49.72 0.58
C VAL C 372 -36.71 50.02 -0.88
N VAL C 373 -37.07 51.26 -1.20
CA VAL C 373 -37.58 51.56 -2.54
C VAL C 373 -36.49 51.39 -3.58
N GLU C 374 -35.28 51.90 -3.30
CA GLU C 374 -34.19 51.72 -4.26
C GLU C 374 -33.75 50.26 -4.33
N TRP C 375 -33.91 49.51 -3.25
CA TRP C 375 -33.53 48.10 -3.25
C TRP C 375 -34.56 47.25 -3.98
N ILE C 376 -35.85 47.59 -3.87
CA ILE C 376 -36.86 46.86 -4.62
C ILE C 376 -36.67 47.08 -6.12
N ALA C 377 -36.36 48.32 -6.50
CA ALA C 377 -36.09 48.60 -7.91
C ALA C 377 -34.81 47.92 -8.38
N TRP C 378 -33.80 47.84 -7.52
CA TRP C 378 -32.57 47.15 -7.89
C TRP C 378 -32.80 45.65 -8.02
N TYR C 379 -33.64 45.08 -7.16
CA TYR C 379 -33.89 43.64 -7.22
C TYR C 379 -34.71 43.25 -8.44
N SER C 380 -35.53 44.19 -8.96
CA SER C 380 -36.27 43.91 -10.19
C SER C 380 -35.36 43.89 -11.40
N ASP C 381 -34.22 44.58 -11.35
CA ASP C 381 -33.27 44.54 -12.45
C ASP C 381 -32.58 43.20 -12.57
N VAL C 382 -32.59 42.40 -11.50
CA VAL C 382 -31.99 41.07 -11.51
C VAL C 382 -33.07 40.00 -11.68
N ASP C 383 -34.22 40.36 -12.23
CA ASP C 383 -35.32 39.45 -12.52
C ASP C 383 -35.87 38.80 -11.25
N ASN C 384 -35.79 39.51 -10.14
CA ASN C 384 -36.34 39.07 -8.85
C ASN C 384 -35.80 37.69 -8.46
N LYS C 385 -34.57 37.40 -8.87
CA LYS C 385 -33.83 36.21 -8.47
C LYS C 385 -32.52 36.64 -7.81
N PRO C 386 -32.12 35.98 -6.72
CA PRO C 386 -30.92 36.43 -6.01
C PRO C 386 -29.68 36.35 -6.90
N THR C 387 -28.80 37.33 -6.73
CA THR C 387 -27.58 37.41 -7.53
C THR C 387 -26.50 36.52 -6.91
N ASP C 388 -25.40 36.37 -7.66
CA ASP C 388 -24.24 35.65 -7.16
C ASP C 388 -23.81 36.21 -5.81
N ASP C 389 -23.32 37.45 -5.79
CA ASP C 389 -22.98 38.18 -4.58
C ASP C 389 -23.91 37.89 -3.40
N MET C 390 -25.21 37.75 -3.67
CA MET C 390 -26.16 37.49 -2.59
C MET C 390 -26.02 36.07 -2.06
N LEU C 391 -25.94 35.07 -2.95
CA LEU C 391 -25.71 33.70 -2.49
C LEU C 391 -24.36 33.55 -1.84
N MET C 392 -23.37 34.34 -2.25
CA MET C 392 -22.05 34.27 -1.62
C MET C 392 -22.13 34.70 -0.16
N MET C 393 -22.96 35.70 0.15
CA MET C 393 -23.21 36.03 1.54
C MET C 393 -24.00 34.94 2.24
N ALA C 394 -24.94 34.32 1.53
CA ALA C 394 -25.77 33.29 2.15
C ALA C 394 -25.00 32.02 2.46
N LYS C 395 -24.13 31.58 1.53
CA LYS C 395 -23.29 30.43 1.84
C LYS C 395 -22.24 30.76 2.89
N ARG C 396 -21.76 32.01 2.92
CA ARG C 396 -20.79 32.41 3.94
C ARG C 396 -21.42 32.36 5.33
N VAL C 397 -22.66 32.85 5.46
CA VAL C 397 -23.37 32.71 6.72
C VAL C 397 -23.73 31.26 6.97
N ALA C 398 -23.96 30.49 5.90
CA ALA C 398 -24.28 29.07 6.06
C ALA C 398 -23.09 28.29 6.61
N GLY C 399 -21.86 28.77 6.36
CA GLY C 399 -20.70 28.06 6.86
C GLY C 399 -20.49 28.24 8.34
N THR C 400 -21.13 29.25 8.95
CA THR C 400 -21.05 29.47 10.38
C THR C 400 -22.05 28.62 11.17
N ILE C 401 -22.95 27.93 10.48
CA ILE C 401 -23.98 27.13 11.17
C ILE C 401 -23.37 25.74 11.38
N SER C 402 -22.46 25.67 12.36
CA SER C 402 -21.78 24.41 12.68
C SER C 402 -22.74 23.25 12.84
N GLY C 403 -23.85 23.46 13.56
CA GLY C 403 -24.82 22.40 13.74
C GLY C 403 -26.22 22.92 13.97
N PRO C 404 -27.09 22.67 13.00
CA PRO C 404 -28.49 23.09 13.11
C PRO C 404 -29.32 22.19 14.04
N ARG C 405 -30.39 22.77 14.56
CA ARG C 405 -31.48 21.98 15.13
C ARG C 405 -32.22 21.28 14.00
N ASP C 406 -32.90 20.18 14.32
CA ASP C 406 -33.34 19.25 13.27
C ASP C 406 -34.38 19.84 12.32
N ASN C 407 -35.24 20.75 12.78
CA ASN C 407 -36.20 21.40 11.90
C ASN C 407 -36.26 22.91 12.19
N SER C 408 -35.11 23.55 12.20
CA SER C 408 -34.98 24.95 12.59
C SER C 408 -34.43 25.77 11.43
N VAL C 409 -34.30 27.08 11.67
CA VAL C 409 -33.77 28.00 10.67
C VAL C 409 -32.35 27.61 10.29
N GLY C 410 -31.61 26.99 11.21
CA GLY C 410 -30.26 26.56 10.86
C GLY C 410 -30.26 25.50 9.78
N LYS C 411 -31.25 24.60 9.80
CA LYS C 411 -31.42 23.69 8.67
C LYS C 411 -31.91 24.44 7.43
N TRP C 412 -32.71 25.49 7.61
CA TRP C 412 -33.22 26.22 6.46
C TRP C 412 -32.10 26.92 5.70
N ILE C 413 -31.23 27.64 6.43
CA ILE C 413 -30.12 28.31 5.77
C ILE C 413 -29.14 27.29 5.22
N LYS C 414 -28.99 26.15 5.89
CA LYS C 414 -28.04 25.15 5.42
C LYS C 414 -28.58 24.39 4.20
N GLN C 415 -29.87 24.04 4.23
CA GLN C 415 -30.43 23.26 3.12
C GLN C 415 -30.65 24.12 1.88
N THR C 416 -31.17 25.34 2.06
CA THR C 416 -31.49 26.18 0.91
C THR C 416 -30.25 26.84 0.34
N TYR C 417 -29.58 27.68 1.14
CA TYR C 417 -28.37 28.37 0.70
C TYR C 417 -27.16 27.61 1.25
N GLY C 418 -26.64 26.69 0.44
CA GLY C 418 -25.47 25.95 0.84
C GLY C 418 -25.30 24.67 0.06
N SER D 2 -58.81 -14.74 -49.30
CA SER D 2 -57.68 -14.70 -50.23
C SER D 2 -56.38 -15.07 -49.52
N VAL D 3 -56.17 -16.37 -49.32
CA VAL D 3 -54.98 -16.85 -48.63
C VAL D 3 -53.83 -16.98 -49.62
N ILE D 4 -52.63 -16.69 -49.15
CA ILE D 4 -51.40 -16.77 -49.94
C ILE D 4 -50.84 -18.18 -49.92
N ARG D 5 -50.70 -18.78 -51.10
CA ARG D 5 -50.17 -20.13 -51.23
C ARG D 5 -48.65 -20.09 -51.30
N ILE D 6 -48.02 -21.16 -50.83
CA ILE D 6 -46.56 -21.26 -50.76
C ILE D 6 -46.09 -22.35 -51.71
N LYS D 7 -45.10 -22.02 -52.53
CA LYS D 7 -44.48 -22.91 -53.51
C LYS D 7 -43.02 -23.10 -53.13
N THR D 8 -42.30 -23.86 -53.95
CA THR D 8 -40.90 -24.17 -53.66
C THR D 8 -40.17 -24.21 -55.00
N ASN D 9 -39.13 -25.03 -55.12
CA ASN D 9 -38.45 -25.12 -56.42
C ASN D 9 -39.13 -26.10 -57.36
N ALA D 10 -40.27 -26.67 -56.97
CA ALA D 10 -41.05 -27.44 -57.93
C ALA D 10 -42.57 -27.28 -57.75
N ALA D 11 -43.04 -27.14 -56.51
CA ALA D 11 -44.47 -27.38 -56.26
C ALA D 11 -44.89 -26.69 -54.97
N VAL D 12 -46.22 -26.62 -54.76
CA VAL D 12 -46.80 -25.98 -53.59
C VAL D 12 -46.66 -26.89 -52.36
N ALA D 13 -46.57 -26.28 -51.15
CA ALA D 13 -46.53 -27.03 -49.88
C ALA D 13 -47.33 -26.24 -48.84
N ALA D 14 -48.62 -26.53 -48.75
CA ALA D 14 -49.48 -25.84 -47.79
C ALA D 14 -49.12 -26.25 -46.36
N VAL D 15 -49.18 -25.29 -45.44
CA VAL D 15 -48.71 -25.49 -44.06
C VAL D 15 -49.75 -24.95 -43.08
N LEU D 16 -50.01 -25.73 -42.03
CA LEU D 16 -50.96 -25.40 -40.96
C LEU D 16 -50.43 -26.12 -39.73
N PRO D 17 -50.24 -25.43 -38.59
CA PRO D 17 -49.84 -26.12 -37.37
C PRO D 17 -50.99 -26.55 -36.48
N ALA D 18 -50.67 -27.19 -35.35
CA ALA D 18 -51.67 -27.58 -34.38
C ALA D 18 -52.33 -26.34 -33.77
N ASN D 19 -53.60 -26.49 -33.40
CA ASN D 19 -54.42 -25.35 -33.02
C ASN D 19 -54.24 -25.03 -31.54
N GLU D 20 -55.19 -24.28 -30.97
CA GLU D 20 -55.19 -23.91 -29.57
C GLU D 20 -56.65 -23.71 -29.15
N ASP D 21 -56.87 -23.50 -27.86
CA ASP D 21 -58.22 -23.51 -27.33
C ASP D 21 -58.76 -22.09 -27.17
N GLN D 22 -60.08 -21.96 -27.27
CA GLN D 22 -60.79 -20.70 -27.18
C GLN D 22 -61.30 -20.55 -25.75
N ALA D 23 -62.17 -19.57 -25.52
CA ALA D 23 -62.73 -19.32 -24.20
C ALA D 23 -64.26 -19.37 -24.27
N ASP D 24 -64.88 -19.33 -23.10
CA ASP D 24 -66.33 -19.35 -22.97
C ASP D 24 -66.82 -17.95 -22.62
N TYR D 25 -68.14 -17.77 -22.63
CA TYR D 25 -68.66 -16.45 -22.28
C TYR D 25 -69.78 -16.58 -21.26
N PRO D 26 -69.90 -15.63 -20.33
CA PRO D 26 -71.00 -15.69 -19.36
C PRO D 26 -72.41 -15.66 -19.96
N SER D 27 -72.62 -14.90 -21.04
CA SER D 27 -73.98 -14.73 -21.54
C SER D 27 -74.54 -15.98 -22.18
N THR D 28 -73.67 -16.81 -22.77
CA THR D 28 -74.15 -18.00 -23.49
C THR D 28 -74.77 -19.03 -22.55
N PHE D 29 -74.35 -19.05 -21.28
CA PHE D 29 -74.89 -20.00 -20.32
C PHE D 29 -76.35 -19.73 -19.96
N PHE D 30 -76.84 -18.50 -20.12
CA PHE D 30 -78.19 -18.15 -19.73
C PHE D 30 -79.19 -18.17 -20.88
N GLU D 31 -78.83 -18.77 -22.02
CA GLU D 31 -79.77 -18.85 -23.13
C GLU D 31 -80.69 -20.07 -23.03
N GLY D 32 -80.24 -21.17 -22.43
CA GLY D 32 -81.11 -22.32 -22.22
C GLY D 32 -81.10 -22.81 -20.78
N GLY D 33 -80.09 -22.39 -20.02
CA GLY D 33 -79.85 -22.86 -18.67
C GLY D 33 -79.94 -21.69 -17.70
N ASN D 34 -80.98 -20.88 -17.90
CA ASN D 34 -81.25 -19.65 -17.18
C ASN D 34 -80.97 -19.68 -15.67
N GLU D 35 -81.14 -20.82 -15.00
CA GLU D 35 -80.93 -20.88 -13.56
C GLU D 35 -79.64 -21.60 -13.18
N ILE D 36 -78.90 -21.01 -12.23
CA ILE D 36 -77.72 -21.64 -11.65
C ILE D 36 -78.20 -22.71 -10.68
N ARG D 37 -77.37 -23.75 -10.45
CA ARG D 37 -77.76 -24.85 -9.56
C ARG D 37 -76.86 -24.97 -8.33
N LEU D 38 -77.31 -24.42 -7.21
CA LEU D 38 -76.65 -24.61 -5.92
C LEU D 38 -77.18 -25.88 -5.25
N TYR D 39 -76.31 -26.59 -4.54
CA TYR D 39 -76.65 -27.85 -3.86
C TYR D 39 -76.12 -27.85 -2.43
N VAL D 40 -76.96 -27.47 -1.48
CA VAL D 40 -76.59 -27.40 -0.06
C VAL D 40 -77.49 -28.34 0.74
N ASN D 41 -76.94 -28.86 1.84
CA ASN D 41 -77.71 -29.72 2.74
C ASN D 41 -78.73 -28.88 3.50
N ARG D 42 -80.00 -29.08 3.21
CA ARG D 42 -81.07 -28.39 3.92
C ARG D 42 -81.97 -29.41 4.61
N GLY D 43 -82.11 -29.28 5.92
CA GLY D 43 -83.03 -30.14 6.66
C GLY D 43 -82.68 -30.24 8.12
N GLU D 44 -81.40 -30.05 8.42
CA GLU D 44 -80.92 -30.02 9.79
C GLU D 44 -81.11 -28.63 10.38
N LYS D 45 -81.29 -28.59 11.69
CA LYS D 45 -81.53 -27.33 12.38
C LYS D 45 -80.27 -26.48 12.42
N LEU D 46 -80.47 -25.17 12.51
CA LEU D 46 -79.35 -24.24 12.47
C LEU D 46 -78.38 -24.49 13.62
N ASP D 47 -78.90 -24.63 14.84
CA ASP D 47 -78.02 -24.78 15.99
C ASP D 47 -77.20 -26.05 15.90
N VAL D 48 -77.78 -27.12 15.34
CA VAL D 48 -77.03 -28.36 15.16
C VAL D 48 -75.95 -28.17 14.10
N LEU D 49 -76.22 -27.34 13.08
CA LEU D 49 -75.23 -27.12 12.03
C LEU D 49 -74.08 -26.23 12.49
N ARG D 50 -74.37 -25.20 13.29
CA ARG D 50 -73.32 -24.31 13.75
C ARG D 50 -72.32 -25.04 14.65
N GLN D 51 -72.79 -26.03 15.40
CA GLN D 51 -71.92 -26.80 16.27
C GLN D 51 -71.20 -27.91 15.50
N TYR D 52 -71.79 -28.40 14.41
CA TYR D 52 -71.08 -29.33 13.55
C TYR D 52 -69.85 -28.66 12.93
N VAL D 53 -69.95 -27.36 12.64
CA VAL D 53 -68.84 -26.62 12.06
C VAL D 53 -67.86 -26.20 13.14
N TYR D 54 -68.38 -25.80 14.31
CA TYR D 54 -67.54 -25.27 15.37
C TYR D 54 -66.60 -26.33 15.92
N MET D 55 -67.00 -27.60 15.91
CA MET D 55 -66.08 -28.67 16.28
C MET D 55 -65.21 -29.10 15.12
N GLY D 56 -65.68 -28.92 13.89
CA GLY D 56 -64.80 -29.12 12.75
C GLY D 56 -63.77 -28.02 12.65
N LEU D 57 -64.11 -26.81 13.12
CA LEU D 57 -63.14 -25.71 13.14
C LEU D 57 -62.09 -25.89 14.22
N VAL D 58 -62.47 -26.43 15.38
CA VAL D 58 -61.50 -26.63 16.46
C VAL D 58 -60.48 -27.69 16.06
N GLU D 59 -60.88 -28.65 15.25
CA GLU D 59 -59.97 -29.64 14.69
C GLU D 59 -59.44 -29.16 13.36
N LYS D 60 -58.13 -29.33 13.15
CA LYS D 60 -57.52 -29.01 11.86
C LYS D 60 -58.18 -29.75 10.70
N ASN D 61 -59.22 -30.53 10.97
CA ASN D 61 -59.94 -31.32 9.96
C ASN D 61 -61.37 -30.81 9.91
N CYS D 62 -61.60 -29.76 9.13
CA CYS D 62 -62.93 -29.20 8.92
C CYS D 62 -63.43 -29.59 7.54
N ARG D 63 -64.52 -30.36 7.49
CA ARG D 63 -65.08 -30.78 6.21
C ARG D 63 -65.74 -29.59 5.53
N ILE D 64 -66.08 -29.77 4.25
CA ILE D 64 -66.60 -28.68 3.44
C ILE D 64 -68.12 -28.75 3.38
N GLN D 65 -68.68 -29.94 3.53
CA GLN D 65 -70.13 -30.08 3.57
C GLN D 65 -70.72 -29.39 4.80
N HIS D 66 -69.97 -29.33 5.90
CA HIS D 66 -70.45 -28.65 7.09
C HIS D 66 -70.49 -27.14 6.88
N VAL D 67 -69.41 -26.56 6.32
CA VAL D 67 -69.36 -25.12 6.14
C VAL D 67 -70.42 -24.66 5.14
N ASN D 68 -70.74 -25.49 4.14
CA ASN D 68 -71.79 -25.13 3.20
C ASN D 68 -73.17 -25.18 3.84
N ALA D 69 -73.44 -26.24 4.61
CA ALA D 69 -74.75 -26.38 5.24
C ALA D 69 -75.00 -25.30 6.28
N TYR D 70 -73.96 -24.86 6.99
CA TYR D 70 -74.16 -23.84 8.01
C TYR D 70 -74.38 -22.47 7.38
N LEU D 71 -73.56 -22.12 6.38
CA LEU D 71 -73.64 -20.79 5.79
C LEU D 71 -74.99 -20.56 5.11
N TYR D 72 -75.61 -21.62 4.60
CA TYR D 72 -76.96 -21.48 4.06
C TYR D 72 -77.98 -21.20 5.16
N ALA D 73 -77.71 -21.64 6.39
CA ALA D 73 -78.68 -21.46 7.45
C ALA D 73 -78.61 -20.06 8.06
N VAL D 74 -77.40 -19.60 8.38
CA VAL D 74 -77.25 -18.30 9.04
C VAL D 74 -77.55 -17.15 8.07
N LEU D 75 -77.25 -17.33 6.79
CA LEU D 75 -77.31 -16.26 5.80
C LEU D 75 -78.59 -16.26 4.99
N LYS D 76 -79.63 -16.99 5.43
CA LYS D 76 -80.84 -17.14 4.63
C LYS D 76 -81.95 -16.16 5.03
N GLY D 77 -81.97 -15.67 6.26
CA GLY D 77 -82.95 -14.73 6.74
C GLY D 77 -82.57 -13.26 6.67
N GLU D 78 -81.41 -12.94 6.11
CA GLU D 78 -80.86 -11.58 6.09
C GLU D 78 -81.44 -10.66 5.03
N ARG D 79 -82.60 -11.03 4.48
CA ARG D 79 -83.33 -10.26 3.48
C ARG D 79 -83.21 -8.75 3.67
N GLU D 80 -83.37 -7.99 2.59
CA GLU D 80 -83.18 -6.55 2.59
C GLU D 80 -84.03 -5.92 1.49
N LEU D 81 -84.33 -4.64 1.67
CA LEU D 81 -85.32 -3.94 0.85
C LEU D 81 -84.73 -3.50 -0.50
N LEU D 82 -85.33 -3.96 -1.59
CA LEU D 82 -85.02 -3.48 -2.93
C LEU D 82 -85.61 -2.10 -3.16
N GLU D 83 -84.73 -1.11 -3.37
CA GLU D 83 -85.17 0.25 -3.66
C GLU D 83 -85.34 0.49 -5.15
N ALA D 84 -85.18 -0.54 -5.98
CA ALA D 84 -85.16 -0.45 -7.43
C ALA D 84 -84.99 -1.82 -8.06
N ASP D 85 -85.75 -2.11 -9.12
CA ASP D 85 -85.65 -3.38 -9.85
C ASP D 85 -84.21 -3.80 -10.10
N TRP D 86 -83.94 -5.10 -10.06
CA TRP D 86 -82.59 -5.62 -10.22
C TRP D 86 -82.65 -6.81 -11.17
N ASP D 87 -82.32 -6.57 -12.45
CA ASP D 87 -82.45 -7.58 -13.49
C ASP D 87 -81.22 -7.54 -14.39
N SER D 88 -80.40 -8.59 -14.33
CA SER D 88 -79.29 -8.74 -15.27
C SER D 88 -79.48 -9.99 -16.11
N PHE D 89 -78.83 -9.99 -17.29
CA PHE D 89 -78.84 -11.10 -18.24
C PHE D 89 -80.21 -11.75 -18.43
N GLY D 90 -81.28 -10.95 -18.36
CA GLY D 90 -82.62 -11.44 -18.61
C GLY D 90 -83.28 -12.13 -17.44
N HIS D 91 -82.51 -12.63 -16.48
CA HIS D 91 -83.06 -13.29 -15.29
C HIS D 91 -83.23 -12.21 -14.23
N LYS D 92 -84.46 -11.72 -14.08
CA LYS D 92 -84.72 -10.71 -13.06
C LYS D 92 -84.58 -11.33 -11.68
N ILE D 93 -84.03 -10.55 -10.75
CA ILE D 93 -83.77 -11.02 -9.39
C ILE D 93 -84.90 -10.59 -8.45
N GLY D 94 -85.26 -9.32 -8.48
CA GLY D 94 -86.33 -8.85 -7.63
C GLY D 94 -87.06 -7.63 -8.15
N ILE D 95 -88.38 -7.60 -7.95
CA ILE D 95 -89.18 -6.45 -8.33
C ILE D 95 -89.08 -5.39 -7.23
N GLN D 96 -89.37 -4.15 -7.58
CA GLN D 96 -89.21 -3.06 -6.61
C GLN D 96 -90.11 -3.24 -5.40
N GLY D 97 -89.57 -2.91 -4.23
CA GLY D 97 -90.29 -2.86 -2.98
C GLY D 97 -90.42 -4.14 -2.17
N ASP D 98 -89.95 -5.29 -2.67
CA ASP D 98 -89.99 -6.50 -1.85
C ASP D 98 -88.60 -6.71 -1.25
N LYS D 99 -88.55 -7.37 -0.10
CA LYS D 99 -87.27 -7.82 0.44
C LYS D 99 -86.78 -9.08 -0.26
N ILE D 100 -85.59 -9.02 -0.85
CA ILE D 100 -84.91 -10.20 -1.36
C ILE D 100 -83.81 -10.60 -0.39
N GLY D 101 -83.49 -11.89 -0.36
CA GLY D 101 -82.45 -12.39 0.50
C GLY D 101 -81.12 -12.50 -0.21
N PRO D 102 -80.12 -13.08 0.45
CA PRO D 102 -78.82 -13.28 -0.19
C PRO D 102 -78.77 -14.49 -1.11
N PHE D 103 -79.79 -15.37 -1.06
CA PHE D 103 -79.78 -16.61 -1.82
C PHE D 103 -80.80 -16.63 -2.95
N ASN D 104 -81.52 -15.53 -3.21
CA ASN D 104 -82.45 -15.50 -4.32
C ASN D 104 -81.75 -15.25 -5.66
N LEU D 105 -80.45 -15.00 -5.66
CA LEU D 105 -79.68 -14.87 -6.89
C LEU D 105 -79.45 -16.20 -7.59
N VAL D 106 -79.71 -17.32 -6.91
CA VAL D 106 -79.40 -18.64 -7.45
C VAL D 106 -80.49 -19.60 -6.98
N ARG D 107 -80.87 -20.54 -7.85
CA ARG D 107 -81.81 -21.57 -7.44
C ARG D 107 -81.16 -22.46 -6.39
N VAL D 108 -81.88 -22.71 -5.29
CA VAL D 108 -81.36 -23.52 -4.19
C VAL D 108 -81.93 -24.92 -4.36
N GLU D 109 -81.27 -25.75 -5.16
CA GLU D 109 -81.68 -27.14 -5.28
C GLU D 109 -81.20 -27.97 -4.09
N ASP D 110 -81.99 -28.98 -3.74
CA ASP D 110 -81.62 -29.88 -2.66
C ASP D 110 -80.37 -30.65 -3.04
N ILE D 111 -79.50 -30.89 -2.06
CA ILE D 111 -78.21 -31.52 -2.31
C ILE D 111 -78.43 -32.95 -2.79
N PRO D 112 -77.56 -33.49 -3.65
CA PRO D 112 -77.54 -34.94 -3.85
C PRO D 112 -77.18 -35.61 -2.54
N ASP D 113 -77.74 -36.81 -2.31
CA ASP D 113 -77.71 -37.34 -0.95
C ASP D 113 -76.26 -37.40 -0.46
N GLY D 114 -75.93 -36.44 0.39
CA GLY D 114 -74.60 -36.22 0.91
C GLY D 114 -74.62 -35.67 2.32
N LEU D 115 -75.59 -36.09 3.13
CA LEU D 115 -75.81 -35.45 4.41
C LEU D 115 -74.55 -35.55 5.26
N PRO D 116 -74.12 -34.45 5.91
CA PRO D 116 -72.80 -34.45 6.56
C PRO D 116 -72.69 -35.48 7.66
N ASP D 117 -71.52 -36.08 7.76
CA ASP D 117 -71.19 -37.10 8.75
C ASP D 117 -70.45 -36.53 9.95
N GLY D 118 -70.69 -37.13 11.11
CA GLY D 118 -69.90 -36.97 12.32
C GLY D 118 -69.89 -35.57 12.91
N LYS D 119 -68.74 -35.24 13.51
CA LYS D 119 -68.48 -33.96 14.17
C LYS D 119 -69.57 -33.61 15.19
N LEU D 120 -69.53 -34.28 16.33
CA LEU D 120 -70.53 -34.11 17.38
C LEU D 120 -70.48 -32.71 18.00
N ASN D 121 -71.68 -32.18 18.27
CA ASN D 121 -71.87 -30.80 18.70
C ASN D 121 -71.16 -30.49 20.02
N ALA D 122 -70.54 -29.31 20.08
CA ALA D 122 -69.89 -28.78 21.27
C ALA D 122 -70.88 -27.98 22.12
N GLU D 123 -70.36 -27.09 22.96
CA GLU D 123 -71.15 -26.22 23.83
C GLU D 123 -71.85 -25.15 23.00
N VAL D 124 -72.74 -24.42 23.66
CA VAL D 124 -73.69 -23.54 22.98
C VAL D 124 -72.99 -22.27 22.52
N SER D 125 -72.98 -22.05 21.21
CA SER D 125 -72.43 -20.86 20.58
C SER D 125 -73.55 -20.09 19.89
N ALA D 126 -74.67 -19.90 20.58
CA ALA D 126 -75.84 -19.22 20.03
C ALA D 126 -75.60 -17.74 19.72
N GLU D 127 -74.49 -17.16 20.17
CA GLU D 127 -74.18 -15.77 19.87
C GLU D 127 -73.07 -15.60 18.85
N ASP D 128 -72.47 -16.69 18.36
CA ASP D 128 -71.29 -16.60 17.52
C ASP D 128 -71.58 -16.44 16.04
N ASP D 129 -72.79 -16.00 15.67
CA ASP D 129 -73.03 -15.69 14.28
C ASP D 129 -72.46 -14.34 13.85
N ALA D 130 -71.97 -13.53 14.80
CA ALA D 130 -71.33 -12.28 14.43
C ALA D 130 -70.02 -12.50 13.69
N TRP D 131 -69.31 -13.59 13.97
CA TRP D 131 -68.03 -13.86 13.34
C TRP D 131 -68.01 -15.12 12.48
N LEU D 132 -68.80 -16.14 12.81
CA LEU D 132 -68.69 -17.41 12.11
C LEU D 132 -68.89 -17.29 10.61
N PRO D 133 -69.95 -16.63 10.09
CA PRO D 133 -69.97 -16.38 8.65
C PRO D 133 -68.79 -15.55 8.16
N LEU D 134 -68.32 -14.60 8.96
CA LEU D 134 -67.17 -13.80 8.56
C LEU D 134 -65.89 -14.61 8.54
N PHE D 135 -65.75 -15.58 9.44
CA PHE D 135 -64.55 -16.40 9.48
C PHE D 135 -64.53 -17.40 8.32
N LEU D 136 -65.62 -18.14 8.13
CA LEU D 136 -65.65 -19.14 7.08
C LEU D 136 -65.55 -18.50 5.71
N LEU D 137 -66.15 -17.31 5.54
CA LEU D 137 -65.97 -16.55 4.32
C LEU D 137 -64.55 -16.00 4.22
N GLY D 138 -63.91 -15.73 5.36
CA GLY D 138 -62.57 -15.17 5.35
C GLY D 138 -61.49 -16.16 4.97
N LEU D 139 -61.75 -17.46 5.12
CA LEU D 139 -60.77 -18.45 4.71
C LEU D 139 -60.65 -18.55 3.20
N TYR D 140 -61.64 -18.09 2.45
CA TYR D 140 -61.52 -18.05 1.00
C TYR D 140 -60.41 -17.08 0.58
N ARG D 141 -60.33 -15.94 1.26
CA ARG D 141 -59.22 -15.01 1.01
C ARG D 141 -57.89 -15.59 1.49
N VAL D 142 -57.93 -16.30 2.63
CA VAL D 142 -56.73 -16.92 3.16
C VAL D 142 -56.38 -18.18 2.37
N GLY D 143 -57.38 -18.91 1.89
CA GLY D 143 -57.12 -20.07 1.05
C GLY D 143 -56.34 -19.73 -0.21
N ARG D 144 -56.46 -18.49 -0.69
CA ARG D 144 -55.83 -18.09 -1.94
C ARG D 144 -54.35 -17.84 -1.76
N ALA D 145 -53.99 -16.89 -0.89
CA ALA D 145 -52.59 -16.53 -0.71
C ALA D 145 -51.77 -17.74 -0.27
N SER D 146 -50.59 -17.88 -0.87
CA SER D 146 -49.65 -18.95 -0.57
C SER D 146 -48.31 -18.45 -0.05
N GLU D 147 -48.00 -17.17 -0.20
CA GLU D 147 -46.73 -16.58 0.20
C GLU D 147 -46.84 -16.06 1.63
N THR D 148 -45.89 -15.21 2.04
CA THR D 148 -45.92 -14.68 3.40
C THR D 148 -47.16 -13.83 3.67
N ALA D 149 -47.86 -13.38 2.62
CA ALA D 149 -49.15 -12.72 2.81
C ALA D 149 -50.17 -13.68 3.41
N TYR D 150 -49.98 -14.98 3.25
CA TYR D 150 -50.78 -15.97 3.97
C TYR D 150 -50.66 -15.79 5.47
N ARG D 151 -49.49 -15.31 5.94
CA ARG D 151 -49.33 -15.00 7.35
C ARG D 151 -49.98 -13.67 7.72
N THR D 152 -49.85 -12.67 6.85
CA THR D 152 -50.40 -11.34 7.14
C THR D 152 -51.93 -11.36 7.16
N LEU D 153 -52.55 -12.17 6.29
CA LEU D 153 -54.01 -12.14 6.19
C LEU D 153 -54.70 -12.75 7.40
N LEU D 154 -54.15 -13.83 7.95
CA LEU D 154 -54.77 -14.42 9.13
C LEU D 154 -54.72 -13.47 10.33
N MET D 155 -53.65 -12.69 10.45
CA MET D 155 -53.59 -11.70 11.52
C MET D 155 -54.63 -10.61 11.30
N GLU D 156 -54.82 -10.20 10.05
CA GLU D 156 -55.88 -9.25 9.73
C GLU D 156 -57.27 -9.87 9.89
N SER D 157 -57.41 -11.17 9.59
CA SER D 157 -58.69 -11.82 9.77
C SER D 157 -59.04 -11.99 11.24
N LEU D 158 -58.03 -12.28 12.08
CA LEU D 158 -58.29 -12.43 13.51
C LEU D 158 -58.73 -11.10 14.11
N ILE D 159 -58.16 -9.99 13.63
CA ILE D 159 -58.57 -8.68 14.12
C ILE D 159 -60.02 -8.38 13.74
N LYS D 160 -60.46 -8.87 12.57
CA LYS D 160 -61.83 -8.60 12.15
C LYS D 160 -62.85 -9.29 13.04
N GLN D 161 -62.47 -10.43 13.63
CA GLN D 161 -63.35 -11.20 14.49
C GLN D 161 -63.03 -11.11 15.98
N CYS D 162 -61.78 -10.79 16.36
CA CYS D 162 -61.51 -10.48 17.76
C CYS D 162 -62.25 -9.22 18.19
N LYS D 163 -62.49 -8.32 17.25
CA LYS D 163 -63.34 -7.15 17.46
C LYS D 163 -64.83 -7.51 17.47
N ALA D 164 -65.18 -8.72 17.04
CA ALA D 164 -66.58 -9.06 16.81
C ALA D 164 -67.35 -9.39 18.09
N ILE D 165 -66.74 -10.06 19.07
CA ILE D 165 -67.59 -10.51 20.17
C ILE D 165 -67.57 -9.53 21.34
N LYS D 166 -66.53 -9.56 22.16
CA LYS D 166 -66.30 -8.44 23.06
C LYS D 166 -64.82 -8.06 23.12
N SER D 167 -64.00 -8.89 23.76
CA SER D 167 -62.55 -8.88 23.71
C SER D 167 -61.93 -10.24 23.45
N ASP D 168 -62.47 -11.29 24.08
CA ASP D 168 -61.86 -12.61 24.04
C ASP D 168 -62.08 -13.31 22.70
N TRP D 169 -61.04 -13.95 22.19
CA TRP D 169 -61.14 -14.76 20.99
C TRP D 169 -59.93 -15.69 20.92
N VAL D 170 -60.15 -16.98 21.19
CA VAL D 170 -59.14 -17.98 20.88
C VAL D 170 -59.12 -18.17 19.37
N SER D 171 -57.96 -18.55 18.82
CA SER D 171 -57.81 -18.68 17.38
C SER D 171 -57.67 -20.14 16.99
N PRO D 172 -58.77 -20.84 16.73
CA PRO D 172 -58.68 -22.23 16.28
C PRO D 172 -57.90 -22.40 14.99
N VAL D 173 -57.92 -21.38 14.12
CA VAL D 173 -57.27 -21.50 12.82
C VAL D 173 -55.79 -21.82 13.00
N THR D 174 -55.31 -22.76 12.20
CA THR D 174 -53.90 -23.11 12.20
C THR D 174 -53.05 -21.99 11.63
N ALA D 175 -51.81 -21.91 12.12
CA ALA D 175 -50.91 -20.84 11.68
C ALA D 175 -50.54 -21.01 10.20
N THR D 176 -50.20 -22.23 9.78
CA THR D 176 -49.71 -22.41 8.42
C THR D 176 -50.27 -23.62 7.67
N HIS D 177 -51.00 -24.53 8.32
CA HIS D 177 -51.52 -25.70 7.62
C HIS D 177 -52.55 -25.29 6.57
N LYS D 178 -52.59 -26.04 5.46
CA LYS D 178 -53.37 -25.68 4.28
C LYS D 178 -54.54 -26.62 4.05
N TYR D 179 -55.23 -27.03 5.11
CA TYR D 179 -56.37 -27.93 4.95
C TYR D 179 -57.61 -27.22 4.42
N PHE D 180 -57.68 -25.89 4.52
CA PHE D 180 -58.82 -25.14 4.01
C PHE D 180 -58.62 -24.69 2.57
N ASP D 181 -57.47 -24.98 1.96
CA ASP D 181 -57.32 -24.73 0.53
C ASP D 181 -58.26 -25.60 -0.29
N VAL D 182 -58.71 -26.72 0.27
CA VAL D 182 -59.69 -27.58 -0.41
C VAL D 182 -60.99 -26.83 -0.65
N TRP D 183 -61.31 -25.86 0.22
CA TRP D 183 -62.61 -25.22 0.16
C TRP D 183 -62.82 -24.47 -1.14
N GLY D 184 -61.74 -23.99 -1.76
CA GLY D 184 -61.87 -23.25 -2.99
C GLY D 184 -62.14 -24.10 -4.22
N ASN D 185 -61.95 -25.41 -4.12
CA ASN D 185 -62.26 -26.32 -5.21
C ASN D 185 -63.71 -26.77 -5.23
N ASP D 186 -64.44 -26.58 -4.14
CA ASP D 186 -65.85 -26.97 -4.10
C ASP D 186 -66.66 -25.94 -4.88
N GLY D 187 -67.42 -26.40 -5.86
CA GLY D 187 -68.17 -25.47 -6.70
C GLY D 187 -69.33 -24.81 -5.99
N ASN D 188 -69.96 -25.52 -5.07
CA ASN D 188 -71.07 -24.93 -4.31
C ASN D 188 -70.56 -23.87 -3.35
N TYR D 189 -69.40 -24.12 -2.71
CA TYR D 189 -68.84 -23.13 -1.79
C TYR D 189 -68.43 -21.86 -2.52
N LEU D 190 -67.97 -21.97 -3.77
CA LEU D 190 -67.66 -20.79 -4.55
C LEU D 190 -68.93 -20.00 -4.89
N LYS D 191 -70.06 -20.70 -5.04
CA LYS D 191 -71.30 -20.01 -5.37
C LYS D 191 -71.83 -19.24 -4.17
N ILE D 192 -71.81 -19.84 -2.99
CA ILE D 192 -72.28 -19.14 -1.80
C ILE D 192 -71.35 -17.98 -1.46
N VAL D 193 -70.05 -18.15 -1.68
CA VAL D 193 -69.11 -17.06 -1.43
C VAL D 193 -69.35 -15.92 -2.41
N ALA D 194 -69.73 -16.25 -3.65
CA ALA D 194 -70.05 -15.20 -4.62
C ALA D 194 -71.38 -14.54 -4.32
N CYS D 195 -72.35 -15.31 -3.83
CA CYS D 195 -73.66 -14.73 -3.52
C CYS D 195 -73.57 -13.71 -2.38
N VAL D 196 -72.69 -13.95 -1.40
CA VAL D 196 -72.57 -13.01 -0.29
C VAL D 196 -71.98 -11.69 -0.77
N ASP D 197 -71.03 -11.75 -1.71
CA ASP D 197 -70.36 -10.53 -2.15
C ASP D 197 -71.25 -9.72 -3.10
N MET D 198 -71.87 -10.39 -4.07
CA MET D 198 -72.74 -9.68 -5.00
C MET D 198 -73.97 -9.11 -4.31
N PHE D 199 -74.47 -9.80 -3.27
CA PHE D 199 -75.64 -9.29 -2.55
C PHE D 199 -75.30 -8.04 -1.75
N TYR D 200 -74.19 -8.07 -1.01
CA TYR D 200 -73.86 -6.93 -0.17
C TYR D 200 -73.12 -5.83 -0.94
N ASN D 201 -72.67 -6.11 -2.16
CA ASN D 201 -72.23 -5.03 -3.03
C ASN D 201 -73.41 -4.16 -3.46
N HIS D 202 -74.61 -4.75 -3.53
CA HIS D 202 -75.79 -3.97 -3.86
C HIS D 202 -76.32 -3.23 -2.63
N PHE D 203 -76.38 -3.92 -1.49
CA PHE D 203 -76.79 -3.32 -0.23
C PHE D 203 -75.55 -3.04 0.63
N LYS D 204 -74.73 -2.10 0.17
CA LYS D 204 -73.51 -1.76 0.89
C LYS D 204 -73.79 -1.12 2.25
N LYS D 205 -74.96 -0.50 2.42
CA LYS D 205 -75.29 0.17 3.67
C LYS D 205 -75.75 -0.79 4.76
N SER D 206 -75.97 -2.06 4.42
CA SER D 206 -76.42 -3.04 5.40
C SER D 206 -75.32 -3.33 6.41
N ILE D 207 -75.76 -3.68 7.64
CA ILE D 207 -74.83 -3.94 8.72
C ILE D 207 -73.95 -5.16 8.42
N LYS D 208 -74.46 -6.11 7.64
CA LYS D 208 -73.76 -7.35 7.34
C LYS D 208 -72.76 -7.22 6.19
N ALA D 209 -72.49 -6.00 5.72
CA ALA D 209 -71.51 -5.81 4.66
C ALA D 209 -70.09 -6.12 5.11
N THR D 210 -69.84 -6.22 6.42
CA THR D 210 -68.53 -6.62 6.89
C THR D 210 -68.17 -8.04 6.48
N PHE D 211 -69.18 -8.86 6.15
CA PHE D 211 -68.92 -10.20 5.64
C PHE D 211 -68.20 -10.17 4.30
N ARG D 212 -68.26 -9.04 3.59
CA ARG D 212 -67.63 -8.93 2.28
C ARG D 212 -66.12 -9.16 2.32
N TRP D 213 -65.49 -8.96 3.48
CA TRP D 213 -64.09 -9.33 3.61
C TRP D 213 -63.95 -10.82 3.39
N GLY D 214 -62.99 -11.20 2.55
CA GLY D 214 -62.76 -12.57 2.19
C GLY D 214 -63.56 -13.03 0.99
N THR D 215 -64.63 -12.31 0.64
CA THR D 215 -65.39 -12.58 -0.57
C THR D 215 -65.26 -11.49 -1.62
N ILE D 216 -64.65 -10.34 -1.28
CA ILE D 216 -64.46 -9.29 -2.27
C ILE D 216 -63.48 -9.74 -3.34
N VAL D 217 -62.59 -10.68 -3.02
CA VAL D 217 -61.65 -11.20 -4.00
C VAL D 217 -62.39 -11.97 -5.10
N SER D 218 -63.57 -12.52 -4.79
CA SER D 218 -64.32 -13.24 -5.81
C SER D 218 -64.87 -12.32 -6.89
N ARG D 219 -65.07 -11.04 -6.59
CA ARG D 219 -65.58 -10.12 -7.60
C ARG D 219 -64.54 -9.90 -8.68
N PHE D 220 -65.00 -9.87 -9.93
CA PHE D 220 -64.13 -9.69 -11.10
C PHE D 220 -62.94 -10.64 -11.08
N LYS D 221 -63.19 -11.90 -10.71
CA LYS D 221 -62.09 -12.86 -10.71
C LYS D 221 -61.74 -13.24 -12.14
N ASP D 222 -60.51 -13.73 -12.32
CA ASP D 222 -59.95 -14.06 -13.63
C ASP D 222 -60.40 -13.11 -14.73
N CYS D 223 -60.42 -11.81 -14.43
CA CYS D 223 -60.75 -10.77 -15.38
C CYS D 223 -59.69 -9.67 -15.34
N ALA D 224 -58.43 -10.08 -15.21
CA ALA D 224 -57.35 -9.11 -15.09
C ALA D 224 -57.13 -8.31 -16.36
N ALA D 225 -57.53 -8.84 -17.52
CA ALA D 225 -57.38 -8.09 -18.76
C ALA D 225 -58.24 -6.84 -18.77
N LEU D 226 -59.40 -6.88 -18.12
CA LEU D 226 -60.21 -5.66 -17.97
C LEU D 226 -59.54 -4.67 -17.04
N ALA D 227 -58.91 -5.16 -15.97
CA ALA D 227 -58.19 -4.26 -15.07
C ALA D 227 -57.00 -3.64 -15.77
N THR D 228 -56.37 -4.37 -16.71
CA THR D 228 -55.27 -3.80 -17.47
C THR D 228 -55.76 -2.68 -18.38
N LEU D 229 -56.93 -2.84 -19.01
CA LEU D 229 -57.45 -1.79 -19.86
C LEU D 229 -57.86 -0.56 -19.04
N GLY D 230 -58.41 -0.77 -17.85
CA GLY D 230 -58.73 0.35 -16.99
C GLY D 230 -57.50 0.98 -16.36
N HIS D 231 -56.47 0.18 -16.07
CA HIS D 231 -55.25 0.73 -15.51
C HIS D 231 -54.55 1.65 -16.50
N VAL D 232 -54.58 1.29 -17.78
CA VAL D 232 -53.91 2.12 -18.79
C VAL D 232 -54.64 3.45 -18.97
N VAL D 233 -55.97 3.44 -18.89
CA VAL D 233 -56.73 4.67 -19.12
C VAL D 233 -56.49 5.68 -18.00
N LYS D 234 -56.35 5.20 -16.76
CA LYS D 234 -56.15 6.12 -15.64
C LYS D 234 -54.73 6.66 -15.61
N ILE D 235 -53.75 5.84 -15.95
CA ILE D 235 -52.35 6.27 -15.86
C ILE D 235 -51.97 7.08 -17.09
N THR D 236 -52.48 6.72 -18.26
CA THR D 236 -52.14 7.46 -19.47
C THR D 236 -52.78 8.84 -19.49
N GLY D 237 -53.94 8.99 -18.84
CA GLY D 237 -54.68 10.22 -18.89
C GLY D 237 -55.53 10.37 -20.12
N LEU D 238 -55.42 9.44 -21.07
CA LEU D 238 -56.24 9.42 -22.27
C LEU D 238 -57.62 8.85 -21.97
N THR D 239 -58.58 9.24 -22.81
CA THR D 239 -59.91 8.65 -22.75
C THR D 239 -59.86 7.20 -23.21
N ILE D 240 -60.86 6.42 -22.77
CA ILE D 240 -60.88 5.00 -23.10
C ILE D 240 -60.92 4.79 -24.61
N GLU D 241 -61.56 5.70 -25.35
CA GLU D 241 -61.52 5.63 -26.80
C GLU D 241 -60.14 5.97 -27.34
N GLU D 242 -59.46 6.94 -26.72
CA GLU D 242 -58.14 7.35 -27.21
C GLU D 242 -57.10 6.25 -27.03
N VAL D 243 -57.24 5.42 -26.00
CA VAL D 243 -56.30 4.33 -25.80
C VAL D 243 -56.38 3.30 -26.93
N PHE D 244 -57.59 3.09 -27.47
CA PHE D 244 -57.77 2.09 -28.52
C PHE D 244 -57.03 2.47 -29.80
N THR D 245 -56.92 3.76 -30.12
CA THR D 245 -56.26 4.18 -31.35
C THR D 245 -54.77 3.84 -31.35
N TRP D 246 -54.17 3.71 -30.17
CA TRP D 246 -52.75 3.44 -30.07
C TRP D 246 -52.40 1.96 -30.20
N VAL D 247 -53.38 1.08 -30.43
CA VAL D 247 -53.13 -0.35 -30.55
C VAL D 247 -52.50 -0.60 -31.92
N LEU D 248 -51.19 -0.41 -31.99
CA LEU D 248 -50.39 -0.52 -33.21
C LEU D 248 -50.17 -1.95 -33.71
N GLN D 249 -50.55 -2.98 -32.95
CA GLN D 249 -50.39 -4.35 -33.44
C GLN D 249 -51.72 -4.90 -33.94
N THR D 250 -51.67 -5.60 -35.08
CA THR D 250 -52.87 -6.25 -35.61
C THR D 250 -53.32 -7.39 -34.71
N GLU D 251 -52.39 -8.04 -34.01
CA GLU D 251 -52.75 -9.15 -33.14
C GLU D 251 -53.31 -8.66 -31.81
N VAL D 252 -52.77 -7.55 -31.29
CA VAL D 252 -53.27 -7.00 -30.04
C VAL D 252 -54.71 -6.49 -30.18
N ALA D 253 -55.08 -5.99 -31.37
CA ALA D 253 -56.44 -5.53 -31.57
C ALA D 253 -57.45 -6.68 -31.56
N ASP D 254 -57.09 -7.82 -32.16
CA ASP D 254 -58.04 -8.94 -32.18
C ASP D 254 -58.28 -9.49 -30.79
N GLU D 255 -57.30 -9.40 -29.90
CA GLU D 255 -57.50 -9.82 -28.52
C GLU D 255 -58.30 -8.80 -27.75
N LEU D 256 -58.05 -7.51 -28.00
CA LEU D 256 -58.83 -6.44 -27.37
C LEU D 256 -60.27 -6.44 -27.85
N VAL D 257 -60.51 -6.79 -29.11
CA VAL D 257 -61.88 -6.84 -29.64
C VAL D 257 -62.69 -7.98 -29.02
N LYS D 258 -62.05 -9.13 -28.78
CA LYS D 258 -62.78 -10.28 -28.26
C LYS D 258 -63.31 -10.06 -26.84
N MET D 259 -62.69 -9.18 -26.05
CA MET D 259 -63.19 -8.85 -24.74
C MET D 259 -64.35 -7.85 -24.75
N MET D 260 -64.60 -7.19 -25.88
CA MET D 260 -65.54 -6.08 -25.92
C MET D 260 -66.92 -6.46 -26.45
N LYS D 261 -67.13 -7.74 -26.83
CA LYS D 261 -68.43 -8.29 -27.22
C LYS D 261 -69.56 -7.64 -26.42
N PRO D 262 -70.51 -6.96 -27.08
CA PRO D 262 -71.42 -6.04 -26.38
C PRO D 262 -72.22 -6.67 -25.26
N GLY D 263 -73.11 -7.60 -25.58
CA GLY D 263 -74.06 -8.11 -24.61
C GLY D 263 -73.46 -8.94 -23.48
N GLN D 264 -72.35 -8.47 -22.92
CA GLN D 264 -71.72 -9.14 -21.79
C GLN D 264 -71.82 -8.35 -20.49
N GLU D 265 -72.39 -7.14 -20.54
CA GLU D 265 -72.53 -6.28 -19.37
C GLU D 265 -71.21 -6.07 -18.65
N ILE D 266 -70.12 -5.92 -19.42
CA ILE D 266 -68.82 -5.67 -18.80
C ILE D 266 -68.87 -4.34 -18.06
N ASP D 267 -69.59 -3.37 -18.63
CA ASP D 267 -69.87 -2.09 -18.00
C ASP D 267 -70.98 -2.26 -16.97
N LYS D 268 -71.27 -1.18 -16.25
CA LYS D 268 -72.21 -1.07 -15.12
C LYS D 268 -72.06 -2.17 -14.07
N SER D 269 -71.96 -1.77 -12.81
CA SER D 269 -71.93 -2.71 -11.71
C SER D 269 -73.28 -3.42 -11.58
N THR D 270 -73.38 -4.28 -10.55
CA THR D 270 -74.57 -5.07 -10.27
C THR D 270 -74.96 -5.94 -11.48
N SER D 271 -74.06 -6.85 -11.82
CA SER D 271 -74.24 -7.76 -12.94
C SER D 271 -73.64 -9.10 -12.57
N TYR D 272 -74.01 -10.15 -13.31
CA TYR D 272 -73.42 -11.45 -13.07
C TYR D 272 -72.04 -11.64 -13.69
N MET D 273 -71.60 -10.75 -14.57
CA MET D 273 -70.32 -10.97 -15.26
C MET D 273 -69.13 -11.07 -14.29
N PRO D 274 -68.98 -10.21 -13.27
CA PRO D 274 -67.75 -10.30 -12.46
C PRO D 274 -67.57 -11.66 -11.81
N TYR D 275 -68.65 -12.31 -11.40
CA TYR D 275 -68.60 -13.61 -10.74
C TYR D 275 -68.87 -14.74 -11.71
N LEU D 276 -68.38 -14.62 -12.96
CA LEU D 276 -68.68 -15.62 -13.97
C LEU D 276 -68.09 -16.98 -13.63
N ILE D 277 -66.93 -16.99 -12.99
CA ILE D 277 -66.20 -18.25 -12.79
C ILE D 277 -66.63 -18.94 -11.51
N ASP D 278 -66.77 -18.20 -10.40
CA ASP D 278 -67.10 -18.84 -9.13
C ASP D 278 -68.53 -19.38 -9.14
N MET D 279 -69.41 -18.77 -9.93
CA MET D 279 -70.79 -19.22 -10.07
C MET D 279 -70.94 -20.39 -11.04
N GLY D 280 -69.88 -20.72 -11.78
CA GLY D 280 -69.97 -21.73 -12.81
C GLY D 280 -70.60 -21.25 -14.10
N ILE D 281 -70.81 -19.94 -14.24
CA ILE D 281 -71.45 -19.41 -15.44
C ILE D 281 -70.58 -19.63 -16.66
N SER D 282 -69.25 -19.62 -16.49
CA SER D 282 -68.34 -19.82 -17.61
C SER D 282 -67.01 -20.36 -17.11
N ALA D 283 -66.47 -21.33 -17.85
CA ALA D 283 -65.14 -21.85 -17.58
C ALA D 283 -64.12 -21.03 -18.35
N LYS D 284 -62.94 -20.84 -17.75
CA LYS D 284 -61.82 -20.12 -18.37
C LYS D 284 -62.29 -18.83 -19.02
N SER D 285 -62.52 -17.81 -18.19
CA SER D 285 -63.14 -16.57 -18.64
C SER D 285 -62.30 -15.92 -19.75
N PRO D 286 -62.95 -15.36 -20.78
CA PRO D 286 -62.21 -14.70 -21.86
C PRO D 286 -61.49 -13.45 -21.41
N TYR D 287 -61.80 -12.91 -20.23
CA TYR D 287 -61.18 -11.69 -19.75
C TYR D 287 -59.97 -11.99 -18.87
N SER D 288 -59.57 -13.26 -18.79
CA SER D 288 -58.39 -13.63 -18.03
C SER D 288 -57.13 -13.16 -18.75
N THR D 289 -56.08 -12.90 -17.97
CA THR D 289 -54.81 -12.46 -18.55
C THR D 289 -54.19 -13.52 -19.47
N ILE D 290 -54.37 -14.81 -19.16
CA ILE D 290 -53.76 -15.86 -19.97
C ILE D 290 -54.39 -15.97 -21.35
N LYS D 291 -55.69 -15.67 -21.49
CA LYS D 291 -56.35 -15.87 -22.78
C LYS D 291 -55.97 -14.83 -23.82
N ASN D 292 -55.52 -13.65 -23.40
CA ASN D 292 -55.10 -12.58 -24.32
C ASN D 292 -53.75 -12.05 -23.86
N PRO D 293 -52.67 -12.81 -24.08
CA PRO D 293 -51.36 -12.35 -23.60
C PRO D 293 -50.76 -11.21 -24.40
N SER D 294 -50.81 -11.26 -25.74
CA SER D 294 -50.18 -10.22 -26.53
C SER D 294 -50.73 -8.84 -26.22
N PHE D 295 -52.00 -8.75 -25.85
CA PHE D 295 -52.55 -7.47 -25.40
C PHE D 295 -52.13 -7.14 -23.98
N HIS D 296 -52.00 -8.16 -23.12
CA HIS D 296 -51.62 -7.91 -21.74
C HIS D 296 -50.21 -7.32 -21.62
N PHE D 297 -49.29 -7.68 -22.52
CA PHE D 297 -47.96 -7.09 -22.46
C PHE D 297 -47.99 -5.64 -22.94
N TRP D 298 -48.74 -5.38 -24.01
CA TRP D 298 -48.97 -4.01 -24.43
C TRP D 298 -49.81 -3.29 -23.38
N GLY D 299 -49.58 -2.01 -23.23
CA GLY D 299 -50.31 -1.29 -22.19
C GLY D 299 -49.72 -1.46 -20.81
N GLN D 300 -49.55 -2.70 -20.34
CA GLN D 300 -48.89 -2.90 -19.07
C GLN D 300 -47.44 -2.45 -19.16
N LEU D 301 -46.82 -2.64 -20.32
CA LEU D 301 -45.50 -2.09 -20.55
C LEU D 301 -45.59 -0.58 -20.73
N VAL D 302 -46.67 -0.12 -21.39
CA VAL D 302 -46.89 1.32 -21.53
C VAL D 302 -47.11 1.97 -20.17
N ALA D 303 -47.81 1.27 -19.27
CA ALA D 303 -48.02 1.81 -17.93
C ALA D 303 -46.72 1.87 -17.15
N ALA D 304 -45.86 0.86 -17.31
CA ALA D 304 -44.54 0.83 -16.70
C ALA D 304 -43.72 2.04 -17.13
N LEU D 305 -43.32 2.08 -18.41
CA LEU D 305 -42.64 3.21 -19.02
C LEU D 305 -43.24 4.55 -18.61
N CYS D 306 -44.52 4.57 -18.25
CA CYS D 306 -45.17 5.75 -17.70
C CYS D 306 -45.13 5.81 -16.18
N ARG D 307 -44.20 5.09 -15.54
CA ARG D 307 -43.95 5.20 -14.10
C ARG D 307 -45.16 4.76 -13.28
N SER D 308 -45.60 3.52 -13.53
CA SER D 308 -46.70 2.94 -12.76
C SER D 308 -46.24 2.35 -11.43
N LYS D 309 -45.12 1.62 -11.44
CA LYS D 309 -44.55 0.90 -10.29
C LYS D 309 -45.39 -0.34 -9.95
N ARG D 310 -46.63 -0.39 -10.46
CA ARG D 310 -47.46 -1.57 -10.26
C ARG D 310 -47.37 -2.54 -11.43
N ALA D 311 -47.20 -2.01 -12.63
CA ALA D 311 -47.02 -2.84 -13.82
C ALA D 311 -45.66 -3.52 -13.84
N LEU D 312 -44.72 -3.04 -13.03
CA LEU D 312 -43.36 -3.58 -13.05
C LEU D 312 -43.32 -5.04 -12.62
N ASN D 313 -44.30 -5.49 -11.83
CA ASN D 313 -44.35 -6.86 -11.35
C ASN D 313 -45.39 -7.69 -12.11
N ALA D 314 -45.49 -7.49 -13.42
CA ALA D 314 -46.46 -8.17 -14.28
C ALA D 314 -45.73 -9.18 -15.16
N ARG D 315 -45.81 -10.46 -14.78
CA ARG D 315 -45.15 -11.55 -15.50
C ARG D 315 -45.29 -11.42 -17.02
N GLN D 316 -44.20 -11.08 -17.71
CA GLN D 316 -44.22 -10.97 -19.15
C GLN D 316 -44.61 -12.29 -19.81
N PRO D 317 -45.71 -12.34 -20.57
CA PRO D 317 -46.14 -13.60 -21.19
C PRO D 317 -45.28 -14.05 -22.36
N ASP D 318 -44.55 -15.16 -22.19
CA ASP D 318 -43.81 -15.76 -23.29
C ASP D 318 -44.72 -16.07 -24.48
N GLU D 319 -44.09 -16.25 -25.64
CA GLU D 319 -44.77 -16.54 -26.91
C GLU D 319 -45.71 -15.42 -27.35
N ILE D 320 -45.11 -14.25 -27.57
CA ILE D 320 -45.77 -13.08 -28.16
C ILE D 320 -44.72 -12.31 -28.95
N ASP D 321 -45.17 -11.37 -29.76
CA ASP D 321 -44.23 -10.55 -30.54
C ASP D 321 -43.66 -9.48 -29.61
N SER D 322 -42.88 -9.94 -28.63
CA SER D 322 -42.31 -9.04 -27.64
C SER D 322 -41.42 -7.98 -28.27
N MET D 323 -40.73 -8.33 -29.36
CA MET D 323 -39.82 -7.38 -30.00
C MET D 323 -40.59 -6.21 -30.61
N SER D 324 -41.75 -6.46 -31.21
CA SER D 324 -42.52 -5.40 -31.83
C SER D 324 -43.47 -4.71 -30.86
N ILE D 325 -44.05 -5.45 -29.92
CA ILE D 325 -44.98 -4.85 -28.96
C ILE D 325 -44.24 -3.86 -28.07
N SER D 326 -42.98 -4.16 -27.73
CA SER D 326 -42.20 -3.24 -26.91
C SER D 326 -41.87 -1.95 -27.66
N ASN D 327 -41.74 -2.02 -28.99
CA ASN D 327 -41.45 -0.82 -29.76
C ASN D 327 -42.65 0.13 -29.79
N ALA D 328 -43.85 -0.42 -30.00
CA ALA D 328 -45.05 0.42 -29.99
C ALA D 328 -45.30 1.02 -28.62
N SER D 329 -44.89 0.33 -27.56
CA SER D 329 -45.10 0.85 -26.21
C SER D 329 -44.21 2.05 -25.94
N LEU D 330 -42.94 1.98 -26.35
CA LEU D 330 -42.03 3.10 -26.12
C LEU D 330 -42.44 4.33 -26.93
N LEU D 331 -42.97 4.12 -28.14
CA LEU D 331 -43.44 5.26 -28.92
C LEU D 331 -44.65 5.90 -28.27
N MET D 332 -45.54 5.09 -27.70
CA MET D 332 -46.69 5.64 -26.99
C MET D 332 -46.28 6.31 -25.69
N ALA D 333 -45.34 5.70 -24.97
CA ALA D 333 -44.86 6.29 -23.72
C ALA D 333 -44.09 7.58 -23.97
N TYR D 334 -43.27 7.62 -25.02
CA TYR D 334 -42.52 8.83 -25.34
C TYR D 334 -43.40 9.92 -25.96
N ALA D 335 -44.62 9.59 -26.35
CA ALA D 335 -45.54 10.59 -26.86
C ALA D 335 -46.32 11.25 -25.72
N LEU D 336 -46.62 10.47 -24.68
CA LEU D 336 -47.31 11.00 -23.52
C LEU D 336 -46.42 11.97 -22.75
N GLY D 337 -45.10 11.76 -22.78
CA GLY D 337 -44.20 12.67 -22.10
C GLY D 337 -43.86 13.91 -22.92
N SER D 338 -43.93 13.79 -24.24
CA SER D 338 -43.65 14.92 -25.13
C SER D 338 -44.87 15.80 -25.34
N SER D 339 -46.02 15.40 -24.83
CA SER D 339 -47.25 16.20 -24.93
C SER D 339 -48.09 15.90 -23.70
N PRO D 340 -47.72 16.44 -22.55
CA PRO D 340 -48.41 16.12 -21.31
C PRO D 340 -49.84 16.62 -21.33
N ASP D 341 -50.71 15.95 -20.57
CA ASP D 341 -52.09 16.39 -20.50
C ASP D 341 -52.06 17.73 -19.77
N ILE D 342 -51.75 18.77 -20.53
CA ILE D 342 -51.50 20.11 -20.01
C ILE D 342 -52.47 21.06 -20.70
N GLU D 343 -53.65 21.22 -20.10
CA GLU D 343 -54.65 22.16 -20.60
C GLU D 343 -55.20 22.94 -19.43
N GLN D 344 -55.36 24.25 -19.60
CA GLN D 344 -55.94 25.03 -18.52
C GLN D 344 -57.35 24.56 -18.26
N GLN D 345 -57.80 24.61 -17.00
CA GLN D 345 -59.15 24.20 -16.67
C GLN D 345 -59.97 25.35 -16.11
N PHE D 346 -59.71 25.77 -14.88
CA PHE D 346 -60.42 26.90 -14.28
C PHE D 346 -59.92 28.20 -14.89
N SER D 347 -60.54 29.31 -14.50
CA SER D 347 -60.15 30.62 -14.97
C SER D 347 -60.77 31.70 -14.09
N THR D 348 -60.03 32.78 -13.86
CA THR D 348 -60.53 33.93 -13.12
C THR D 348 -60.95 35.07 -14.02
N GLY D 349 -61.09 34.82 -15.33
CA GLY D 349 -61.38 35.89 -16.27
C GLY D 349 -60.30 36.11 -17.32
N ASN D 350 -59.34 35.20 -17.40
CA ASN D 350 -58.26 35.27 -18.37
C ASN D 350 -58.44 34.20 -19.45
N THR D 351 -57.64 34.33 -20.50
CA THR D 351 -57.79 33.58 -21.74
C THR D 351 -56.82 32.39 -21.76
N TYR D 352 -56.64 31.80 -22.93
CA TYR D 352 -55.89 30.56 -23.12
C TYR D 352 -54.66 30.83 -23.98
N ARG D 353 -53.79 29.82 -24.05
CA ARG D 353 -52.52 29.88 -24.78
C ARG D 353 -52.67 30.34 -26.23
N LYS D 354 -53.92 30.47 -26.69
CA LYS D 354 -54.32 30.94 -28.01
C LYS D 354 -53.40 30.46 -29.14
N PRO D 355 -53.38 29.16 -29.43
CA PRO D 355 -52.52 28.66 -30.50
C PRO D 355 -53.07 29.05 -31.86
N PRO D 356 -52.27 29.67 -32.71
CA PRO D 356 -52.73 30.02 -34.06
C PRO D 356 -52.47 28.95 -35.11
N LYS D 357 -51.84 27.84 -34.74
CA LYS D 357 -51.57 26.71 -35.63
C LYS D 357 -50.78 27.16 -36.87
N GLU D 358 -49.51 27.50 -36.62
CA GLU D 358 -48.61 27.95 -37.68
C GLU D 358 -48.00 26.74 -38.40
N ALA D 359 -48.89 25.91 -38.98
CA ALA D 359 -48.51 24.75 -39.76
C ALA D 359 -47.74 23.72 -38.92
N SER D 360 -46.51 24.05 -38.52
CA SER D 360 -45.68 23.16 -37.72
C SER D 360 -44.32 23.84 -37.47
N TYR D 361 -43.68 23.41 -36.39
CA TYR D 361 -42.31 23.79 -36.04
C TYR D 361 -41.35 22.66 -36.37
N LEU D 362 -40.24 22.99 -37.02
CA LEU D 362 -39.28 22.01 -37.53
C LEU D 362 -38.08 21.82 -36.59
N VAL D 363 -38.29 21.79 -35.27
CA VAL D 363 -37.19 21.50 -34.36
C VAL D 363 -36.85 20.01 -34.40
N SER D 364 -37.83 19.15 -34.13
CA SER D 364 -37.79 17.75 -34.51
C SER D 364 -39.13 17.34 -35.10
N GLU D 365 -39.84 18.31 -35.68
CA GLU D 365 -41.26 18.25 -36.03
C GLU D 365 -42.06 17.35 -35.10
N GLU D 366 -41.71 17.34 -33.82
CA GLU D 366 -42.46 16.59 -32.82
C GLU D 366 -43.88 17.14 -32.73
N PRO D 367 -44.92 16.32 -32.93
CA PRO D 367 -46.28 16.83 -32.82
C PRO D 367 -46.58 17.32 -31.40
N LYS D 368 -47.36 18.39 -31.31
CA LYS D 368 -47.72 18.98 -30.03
C LYS D 368 -48.97 18.36 -29.41
N ASN D 369 -49.61 17.42 -30.10
CA ASN D 369 -50.81 16.78 -29.63
C ASN D 369 -50.54 15.30 -29.33
N ARG D 370 -51.56 14.63 -28.82
CA ARG D 370 -51.46 13.22 -28.46
C ARG D 370 -52.12 12.30 -29.49
N SER D 371 -52.52 12.84 -30.64
CA SER D 371 -53.16 12.02 -31.66
C SER D 371 -52.18 10.98 -32.20
N VAL D 372 -52.66 9.76 -32.36
CA VAL D 372 -51.80 8.67 -32.81
C VAL D 372 -51.35 8.90 -34.26
N VAL D 373 -52.20 9.52 -35.09
CA VAL D 373 -51.88 9.61 -36.51
C VAL D 373 -50.70 10.53 -36.76
N GLU D 374 -50.64 11.66 -36.05
CA GLU D 374 -49.52 12.57 -36.21
C GLU D 374 -48.23 11.98 -35.66
N TRP D 375 -48.33 11.12 -34.65
CA TRP D 375 -47.14 10.52 -34.05
C TRP D 375 -46.60 9.36 -34.87
N ILE D 376 -47.48 8.53 -35.45
CA ILE D 376 -47.00 7.42 -36.27
C ILE D 376 -46.33 7.94 -37.54
N ALA D 377 -46.85 9.02 -38.12
CA ALA D 377 -46.19 9.61 -39.28
C ALA D 377 -44.85 10.21 -38.90
N TRP D 378 -44.75 10.77 -37.70
CA TRP D 378 -43.48 11.31 -37.22
C TRP D 378 -42.47 10.19 -36.96
N TYR D 379 -42.94 9.06 -36.42
CA TYR D 379 -42.05 7.95 -36.13
C TYR D 379 -41.54 7.26 -37.38
N SER D 380 -42.28 7.35 -38.49
CA SER D 380 -41.83 6.81 -39.75
C SER D 380 -40.68 7.62 -40.37
N ASP D 381 -40.55 8.90 -40.01
CA ASP D 381 -39.45 9.70 -40.51
C ASP D 381 -38.11 9.25 -39.93
N VAL D 382 -38.13 8.54 -38.81
CA VAL D 382 -36.91 7.98 -38.22
C VAL D 382 -36.79 6.49 -38.56
N ASP D 383 -37.48 6.05 -39.61
CA ASP D 383 -37.42 4.66 -40.10
C ASP D 383 -37.92 3.66 -39.07
N ASN D 384 -38.89 4.07 -38.24
CA ASN D 384 -39.52 3.21 -37.25
C ASN D 384 -38.50 2.59 -36.31
N LYS D 385 -37.43 3.32 -36.03
CA LYS D 385 -36.44 2.93 -35.03
C LYS D 385 -36.36 4.02 -33.98
N PRO D 386 -36.30 3.67 -32.71
CA PRO D 386 -36.35 4.68 -31.65
C PRO D 386 -35.18 5.66 -31.72
N THR D 387 -35.46 6.91 -31.41
CA THR D 387 -34.49 7.98 -31.47
C THR D 387 -33.62 8.00 -30.21
N ASP D 388 -32.57 8.83 -30.25
CA ASP D 388 -31.72 9.04 -29.09
C ASP D 388 -32.56 9.46 -27.89
N ASP D 389 -33.09 10.68 -27.93
CA ASP D 389 -34.04 11.20 -26.95
C ASP D 389 -35.03 10.14 -26.46
N MET D 390 -35.47 9.27 -27.37
CA MET D 390 -36.45 8.25 -27.00
C MET D 390 -35.83 7.18 -26.10
N LEU D 391 -34.65 6.68 -26.48
CA LEU D 391 -33.97 5.73 -25.60
C LEU D 391 -33.56 6.39 -24.28
N MET D 392 -33.29 7.70 -24.31
CA MET D 392 -32.88 8.40 -23.11
C MET D 392 -33.98 8.42 -22.05
N MET D 393 -35.24 8.55 -22.48
CA MET D 393 -36.34 8.43 -21.53
C MET D 393 -36.44 7.00 -21.00
N ALA D 394 -36.16 6.02 -21.86
CA ALA D 394 -36.26 4.63 -21.45
C ALA D 394 -35.21 4.29 -20.39
N LYS D 395 -34.01 4.85 -20.52
CA LYS D 395 -33.02 4.68 -19.47
C LYS D 395 -33.43 5.39 -18.20
N ARG D 396 -34.18 6.50 -18.31
CA ARG D 396 -34.69 7.17 -17.13
C ARG D 396 -35.71 6.30 -16.41
N VAL D 397 -36.59 5.63 -17.18
CA VAL D 397 -37.52 4.69 -16.58
C VAL D 397 -36.78 3.46 -16.06
N ALA D 398 -35.67 3.08 -16.71
CA ALA D 398 -34.89 1.95 -16.25
C ALA D 398 -34.22 2.22 -14.91
N GLY D 399 -33.94 3.49 -14.61
CA GLY D 399 -33.27 3.82 -13.37
C GLY D 399 -34.15 3.73 -12.14
N THR D 400 -35.47 3.71 -12.32
CA THR D 400 -36.37 3.57 -11.19
C THR D 400 -36.60 2.11 -10.80
N ILE D 401 -36.11 1.15 -11.58
CA ILE D 401 -36.35 -0.25 -11.29
C ILE D 401 -35.22 -0.72 -10.37
N SER D 402 -35.28 -0.30 -9.10
CA SER D 402 -34.26 -0.67 -8.12
C SER D 402 -33.99 -2.17 -8.12
N GLY D 403 -35.03 -2.98 -8.13
CA GLY D 403 -34.90 -4.41 -8.20
C GLY D 403 -36.11 -5.06 -8.82
N PRO D 404 -35.95 -5.62 -10.02
CA PRO D 404 -37.07 -6.27 -10.70
C PRO D 404 -37.43 -7.62 -10.11
N ARG D 405 -38.70 -7.98 -10.27
CA ARG D 405 -39.10 -9.36 -10.10
C ARG D 405 -38.65 -10.18 -11.31
N ASP D 406 -38.40 -11.46 -11.10
CA ASP D 406 -37.81 -12.27 -12.16
C ASP D 406 -38.83 -12.51 -13.27
N ASN D 407 -38.35 -12.47 -14.51
CA ASN D 407 -39.17 -12.72 -15.70
C ASN D 407 -40.45 -11.87 -15.68
N SER D 408 -40.26 -10.58 -15.41
CA SER D 408 -41.35 -9.63 -15.27
C SER D 408 -41.14 -8.46 -16.25
N VAL D 409 -42.14 -7.58 -16.30
CA VAL D 409 -42.00 -6.38 -17.14
C VAL D 409 -40.85 -5.53 -16.64
N GLY D 410 -40.60 -5.53 -15.34
CA GLY D 410 -39.48 -4.77 -14.80
C GLY D 410 -38.13 -5.30 -15.25
N LYS D 411 -38.00 -6.62 -15.35
CA LYS D 411 -36.79 -7.20 -15.93
C LYS D 411 -36.68 -6.88 -17.41
N TRP D 412 -37.81 -6.77 -18.11
CA TRP D 412 -37.76 -6.47 -19.54
C TRP D 412 -37.21 -5.08 -19.80
N ILE D 413 -37.68 -4.09 -19.03
CA ILE D 413 -37.21 -2.72 -19.21
C ILE D 413 -35.73 -2.62 -18.86
N LYS D 414 -35.25 -3.42 -17.91
CA LYS D 414 -33.85 -3.34 -17.52
C LYS D 414 -32.94 -3.95 -18.58
N GLN D 415 -33.33 -5.09 -19.14
CA GLN D 415 -32.47 -5.75 -20.13
C GLN D 415 -32.51 -5.05 -21.48
N THR D 416 -33.70 -4.67 -21.96
CA THR D 416 -33.80 -4.07 -23.28
C THR D 416 -33.40 -2.61 -23.28
N TYR D 417 -34.10 -1.79 -22.51
CA TYR D 417 -33.86 -0.35 -22.46
C TYR D 417 -32.97 -0.05 -21.25
N GLY D 418 -31.67 -0.01 -21.48
CA GLY D 418 -30.75 0.30 -20.41
C GLY D 418 -29.33 -0.16 -20.67
N SER E 2 -42.65 65.89 13.62
CA SER E 2 -41.70 65.29 14.56
C SER E 2 -41.70 63.77 14.41
N VAL E 3 -42.88 63.17 14.42
CA VAL E 3 -43.03 61.72 14.30
C VAL E 3 -43.10 61.32 12.84
N ILE E 4 -42.52 60.16 12.52
CA ILE E 4 -42.58 59.58 11.20
C ILE E 4 -43.86 58.77 11.07
N ARG E 5 -44.70 59.11 10.10
CA ARG E 5 -45.97 58.44 9.94
C ARG E 5 -45.80 57.19 9.09
N ILE E 6 -46.59 56.17 9.40
CA ILE E 6 -46.53 54.88 8.72
C ILE E 6 -47.86 54.62 8.03
N LYS E 7 -47.82 54.24 6.76
CA LYS E 7 -49.01 53.90 6.02
C LYS E 7 -48.91 52.46 5.52
N THR E 8 -49.97 52.02 4.84
CA THR E 8 -50.10 50.67 4.32
C THR E 8 -50.87 50.84 3.01
N ASN E 9 -51.65 49.85 2.60
CA ASN E 9 -52.47 50.04 1.42
C ASN E 9 -53.80 50.71 1.75
N ALA E 10 -54.03 51.07 3.02
CA ALA E 10 -55.20 51.89 3.33
C ALA E 10 -55.00 52.87 4.48
N ALA E 11 -54.18 52.53 5.47
CA ALA E 11 -54.29 53.22 6.75
C ALA E 11 -52.99 53.10 7.56
N VAL E 12 -52.93 53.90 8.64
CA VAL E 12 -51.76 53.97 9.52
C VAL E 12 -51.72 52.76 10.45
N ALA E 13 -50.52 52.48 10.96
CA ALA E 13 -50.28 51.33 11.84
C ALA E 13 -49.35 51.72 12.99
N ALA E 14 -49.77 51.42 14.22
CA ALA E 14 -48.97 51.70 15.41
C ALA E 14 -47.66 50.91 15.43
N VAL E 15 -46.60 51.53 15.95
CA VAL E 15 -45.24 51.04 15.81
C VAL E 15 -44.48 50.91 17.14
N LEU E 16 -45.12 50.40 18.20
CA LEU E 16 -44.46 50.43 19.51
C LEU E 16 -44.23 49.05 20.12
N PRO E 17 -42.97 48.72 20.44
CA PRO E 17 -42.66 47.51 21.22
C PRO E 17 -42.56 47.80 22.71
N ALA E 18 -42.19 46.80 23.51
CA ALA E 18 -42.00 47.01 24.94
C ALA E 18 -40.87 48.02 25.18
N ASN E 19 -41.00 48.78 26.27
CA ASN E 19 -40.20 49.98 26.50
C ASN E 19 -38.84 49.75 27.17
N GLU E 20 -38.66 48.63 27.86
CA GLU E 20 -37.45 48.22 28.60
C GLU E 20 -36.97 49.26 29.60
N ASP E 21 -36.03 48.89 30.48
CA ASP E 21 -35.65 49.72 31.62
C ASP E 21 -34.25 50.31 31.49
N GLN E 22 -34.04 51.45 32.15
CA GLN E 22 -32.78 52.19 32.20
C GLN E 22 -32.01 51.85 33.47
N ALA E 23 -30.98 52.63 33.77
CA ALA E 23 -30.13 52.46 34.94
C ALA E 23 -30.11 53.73 35.79
N ASP E 24 -29.45 53.67 36.95
CA ASP E 24 -29.38 54.79 37.87
C ASP E 24 -28.00 55.44 37.78
N TYR E 25 -27.80 56.50 38.58
CA TYR E 25 -26.54 57.23 38.56
C TYR E 25 -25.99 57.45 39.96
N PRO E 26 -24.66 57.46 40.12
CA PRO E 26 -24.09 57.76 41.44
C PRO E 26 -24.47 59.13 42.00
N SER E 27 -24.58 60.15 41.15
CA SER E 27 -24.81 61.50 41.65
C SER E 27 -26.23 61.67 42.19
N THR E 28 -27.19 60.93 41.64
CA THR E 28 -28.58 61.10 42.05
C THR E 28 -28.82 60.66 43.50
N PHE E 29 -28.00 59.73 44.00
CA PHE E 29 -28.13 59.30 45.39
C PHE E 29 -27.68 60.38 46.36
N PHE E 30 -26.91 61.37 45.89
CA PHE E 30 -26.38 62.44 46.72
C PHE E 30 -27.02 63.80 46.42
N GLU E 31 -28.20 63.80 45.78
CA GLU E 31 -28.88 65.06 45.52
C GLU E 31 -29.62 65.55 46.76
N GLY E 32 -30.17 64.63 47.54
CA GLY E 32 -30.81 64.91 48.81
C GLY E 32 -29.86 65.13 49.96
N GLY E 33 -28.57 64.84 49.75
CA GLY E 33 -27.59 64.77 50.80
C GLY E 33 -27.56 63.45 51.54
N ASN E 34 -28.41 62.50 51.15
CA ASN E 34 -28.43 61.15 51.70
C ASN E 34 -27.03 60.55 51.83
N GLU E 35 -26.73 60.06 53.03
CA GLU E 35 -25.44 59.45 53.37
C GLU E 35 -25.59 57.94 53.43
N ILE E 36 -24.52 57.24 53.03
CA ILE E 36 -24.56 55.78 52.99
C ILE E 36 -24.74 55.25 54.41
N ARG E 37 -25.55 54.19 54.55
CA ARG E 37 -25.89 53.63 55.86
C ARG E 37 -25.12 52.35 56.12
N LEU E 38 -24.04 52.46 56.91
CA LEU E 38 -23.28 51.29 57.35
C LEU E 38 -23.94 50.69 58.60
N TYR E 39 -24.99 49.90 58.38
CA TYR E 39 -25.74 49.27 59.47
C TYR E 39 -24.98 48.08 60.06
N VAL E 40 -24.20 48.30 61.11
CA VAL E 40 -23.43 47.23 61.74
C VAL E 40 -23.84 47.08 63.20
N ASN E 41 -23.85 45.84 63.67
CA ASN E 41 -24.16 45.48 65.05
C ASN E 41 -22.94 45.64 65.96
N ARG E 42 -22.97 46.59 66.88
CA ARG E 42 -21.91 46.76 67.88
C ARG E 42 -22.51 46.63 69.29
N GLY E 43 -22.66 45.39 69.75
CA GLY E 43 -23.15 45.19 71.10
C GLY E 43 -22.26 44.32 71.98
N GLU E 44 -21.48 43.45 71.35
CA GLU E 44 -20.50 42.62 72.02
C GLU E 44 -19.17 43.33 72.21
N LYS E 45 -18.42 42.90 73.22
CA LYS E 45 -17.13 43.51 73.54
C LYS E 45 -16.11 43.18 72.45
N LEU E 46 -15.10 44.05 72.35
CA LEU E 46 -14.13 43.92 71.26
C LEU E 46 -13.36 42.60 71.34
N ASP E 47 -12.80 42.28 72.51
CA ASP E 47 -11.99 41.07 72.63
C ASP E 47 -12.83 39.81 72.45
N VAL E 48 -14.08 39.84 72.91
CA VAL E 48 -14.97 38.69 72.78
C VAL E 48 -15.37 38.42 71.34
N LEU E 49 -15.42 39.46 70.49
CA LEU E 49 -15.87 39.28 69.12
C LEU E 49 -14.88 38.48 68.27
N ARG E 50 -13.58 38.66 68.52
CA ARG E 50 -12.59 37.93 67.74
C ARG E 50 -12.70 36.42 67.97
N GLN E 51 -13.16 36.02 69.15
CA GLN E 51 -13.31 34.62 69.51
C GLN E 51 -14.60 34.02 68.96
N TYR E 52 -15.64 34.83 68.77
CA TYR E 52 -16.87 34.34 68.12
C TYR E 52 -16.62 33.95 66.66
N VAL E 53 -15.72 34.63 65.96
CA VAL E 53 -15.51 34.36 64.55
C VAL E 53 -14.60 33.13 64.37
N TYR E 54 -13.60 32.98 65.22
CA TYR E 54 -12.66 31.87 65.06
C TYR E 54 -13.32 30.52 65.24
N MET E 55 -14.39 30.46 66.05
CA MET E 55 -15.16 29.23 66.19
C MET E 55 -16.20 29.08 65.11
N GLY E 56 -16.10 29.88 64.05
CA GLY E 56 -16.90 29.66 62.87
C GLY E 56 -16.03 29.34 61.67
N LEU E 57 -14.79 29.83 61.68
CA LEU E 57 -13.87 29.54 60.57
C LEU E 57 -13.46 28.09 60.55
N VAL E 58 -13.28 27.47 61.73
CA VAL E 58 -12.91 26.06 61.76
C VAL E 58 -14.07 25.19 61.29
N GLU E 59 -15.30 25.64 61.50
CA GLU E 59 -16.49 24.95 61.04
C GLU E 59 -16.93 25.45 59.67
N LYS E 60 -17.90 24.75 59.09
CA LYS E 60 -18.53 25.16 57.84
C LYS E 60 -19.62 26.19 58.09
N ASN E 61 -19.83 26.56 59.36
CA ASN E 61 -20.83 27.51 59.83
C ASN E 61 -20.05 28.64 60.50
N CYS E 62 -19.67 29.65 59.71
CA CYS E 62 -18.88 30.77 60.23
C CYS E 62 -19.68 32.02 60.52
N ARG E 63 -20.96 32.07 60.14
CA ARG E 63 -21.82 33.23 60.36
C ARG E 63 -21.29 34.44 59.59
N ILE E 64 -22.10 35.49 59.46
CA ILE E 64 -21.66 36.65 58.71
C ILE E 64 -21.82 37.90 59.56
N GLN E 65 -22.77 37.88 60.49
CA GLN E 65 -22.90 39.00 61.42
C GLN E 65 -21.70 39.11 62.34
N HIS E 66 -21.06 37.99 62.64
CA HIS E 66 -19.85 38.02 63.47
C HIS E 66 -18.68 38.63 62.71
N VAL E 67 -18.46 38.22 61.46
CA VAL E 67 -17.35 38.77 60.70
C VAL E 67 -17.58 40.25 60.42
N ASN E 68 -18.85 40.66 60.26
CA ASN E 68 -19.15 42.07 60.08
C ASN E 68 -18.92 42.86 61.37
N ALA E 69 -19.37 42.31 62.50
CA ALA E 69 -19.18 42.98 63.78
C ALA E 69 -17.71 43.05 64.16
N TYR E 70 -16.92 42.06 63.78
CA TYR E 70 -15.51 42.04 64.14
C TYR E 70 -14.73 43.08 63.32
N LEU E 71 -15.00 43.15 62.02
CA LEU E 71 -14.26 44.08 61.17
C LEU E 71 -14.53 45.53 61.55
N TYR E 72 -15.73 45.83 62.05
CA TYR E 72 -15.99 47.17 62.56
C TYR E 72 -15.21 47.43 63.84
N ALA E 73 -14.87 46.39 64.59
CA ALA E 73 -14.18 46.58 65.87
C ALA E 73 -12.69 46.80 65.68
N VAL E 74 -12.05 46.00 64.82
CA VAL E 74 -10.62 46.11 64.63
C VAL E 74 -10.24 47.40 63.92
N LEU E 75 -11.11 47.90 63.04
CA LEU E 75 -10.79 49.04 62.19
C LEU E 75 -11.34 50.37 62.73
N LYS E 76 -11.79 50.41 63.98
CA LYS E 76 -12.43 51.61 64.54
C LYS E 76 -11.45 52.37 65.43
N GLY E 77 -10.47 53.01 64.78
CA GLY E 77 -9.46 53.76 65.51
C GLY E 77 -8.08 53.74 64.88
N GLU E 78 -7.94 53.12 63.71
CA GLU E 78 -6.65 53.04 63.03
C GLU E 78 -6.37 54.30 62.23
N ARG E 79 -6.92 55.44 62.69
CA ARG E 79 -6.72 56.74 62.08
C ARG E 79 -5.32 56.90 61.51
N GLU E 80 -5.18 57.80 60.55
CA GLU E 80 -3.96 57.96 59.78
C GLU E 80 -3.86 59.41 59.34
N LEU E 81 -2.65 59.82 58.98
CA LEU E 81 -2.43 61.23 58.70
C LEU E 81 -3.10 61.58 57.37
N LEU E 82 -3.72 62.76 57.33
CA LEU E 82 -4.34 63.25 56.10
C LEU E 82 -3.60 64.49 55.66
N GLU E 83 -2.85 64.37 54.56
CA GLU E 83 -2.04 65.44 54.01
C GLU E 83 -2.78 66.29 52.98
N ALA E 84 -4.09 66.10 52.81
CA ALA E 84 -4.77 66.73 51.69
C ALA E 84 -6.29 66.60 51.78
N ASP E 85 -6.99 67.71 51.56
CA ASP E 85 -8.43 67.84 51.58
C ASP E 85 -9.18 66.72 50.84
N TRP E 86 -10.41 66.45 51.28
CA TRP E 86 -11.25 65.36 50.79
C TRP E 86 -12.61 65.94 50.43
N ASP E 87 -12.87 66.10 49.13
CA ASP E 87 -14.08 66.76 48.65
C ASP E 87 -14.72 65.99 47.51
N SER E 88 -14.93 64.69 47.69
CA SER E 88 -15.67 63.95 46.68
C SER E 88 -17.17 64.21 46.78
N PHE E 89 -17.83 64.16 45.61
CA PHE E 89 -19.28 64.32 45.46
C PHE E 89 -19.88 65.39 46.37
N GLY E 90 -19.12 66.44 46.66
CA GLY E 90 -19.61 67.54 47.44
C GLY E 90 -19.68 67.29 48.93
N HIS E 91 -19.77 66.02 49.34
CA HIS E 91 -19.84 65.66 50.77
C HIS E 91 -18.42 65.43 51.26
N LYS E 92 -17.82 66.47 51.82
CA LYS E 92 -16.47 66.37 52.37
C LYS E 92 -16.47 65.56 53.67
N ILE E 93 -15.43 64.75 53.84
CA ILE E 93 -15.27 63.92 55.02
C ILE E 93 -14.26 64.51 56.00
N GLY E 94 -13.08 64.91 55.53
CA GLY E 94 -12.07 65.46 56.40
C GLY E 94 -11.10 66.43 55.75
N ILE E 95 -10.72 67.46 56.51
CA ILE E 95 -9.79 68.47 56.04
C ILE E 95 -8.34 68.01 56.26
N GLN E 96 -7.43 68.64 55.53
CA GLN E 96 -6.02 68.28 55.56
C GLN E 96 -5.43 68.47 56.95
N GLY E 97 -4.53 67.56 57.35
CA GLY E 97 -3.83 67.63 58.61
C GLY E 97 -4.58 67.03 59.78
N ASP E 98 -5.78 66.52 59.55
CA ASP E 98 -6.60 65.92 60.60
C ASP E 98 -6.40 64.41 60.66
N LYS E 99 -6.64 63.84 61.84
CA LYS E 99 -6.79 62.40 61.94
C LYS E 99 -8.14 62.02 61.33
N ILE E 100 -8.14 61.11 60.36
CA ILE E 100 -9.36 60.87 59.60
C ILE E 100 -10.14 59.67 60.10
N GLY E 101 -9.70 58.46 59.77
CA GLY E 101 -10.38 57.26 60.16
C GLY E 101 -10.72 56.42 58.94
N PRO E 102 -10.95 55.12 59.12
CA PRO E 102 -11.35 54.30 57.97
C PRO E 102 -12.85 54.30 57.73
N PHE E 103 -13.63 54.70 58.74
CA PHE E 103 -15.08 54.62 58.66
C PHE E 103 -15.78 55.97 58.68
N ASN E 104 -15.03 57.07 58.70
CA ASN E 104 -15.67 58.38 58.67
C ASN E 104 -16.08 58.77 57.25
N LEU E 105 -15.73 57.95 56.26
CA LEU E 105 -16.18 58.14 54.89
C LEU E 105 -17.65 57.81 54.70
N VAL E 106 -18.27 57.18 55.71
CA VAL E 106 -19.63 56.70 55.61
C VAL E 106 -20.31 56.88 56.97
N ARG E 107 -21.60 57.23 56.94
CA ARG E 107 -22.36 57.31 58.17
C ARG E 107 -22.56 55.91 58.77
N VAL E 108 -22.39 55.81 60.08
CA VAL E 108 -22.54 54.54 60.79
C VAL E 108 -23.73 54.70 61.74
N GLU E 109 -24.55 53.65 61.84
CA GLU E 109 -25.66 53.68 62.78
C GLU E 109 -25.85 52.29 63.39
N ASP E 110 -26.48 52.29 64.57
CA ASP E 110 -26.71 51.05 65.30
C ASP E 110 -27.65 50.13 64.53
N ILE E 111 -27.38 48.83 64.64
CA ILE E 111 -28.10 47.80 63.90
C ILE E 111 -29.55 47.74 64.38
N PRO E 112 -30.50 47.34 63.55
CA PRO E 112 -31.81 46.94 64.07
C PRO E 112 -31.62 45.74 64.98
N ASP E 113 -32.45 45.65 66.02
CA ASP E 113 -32.12 44.72 67.10
C ASP E 113 -32.06 43.31 66.53
N GLY E 114 -30.84 42.89 66.19
CA GLY E 114 -30.54 41.62 65.57
C GLY E 114 -29.19 41.04 65.96
N LEU E 115 -28.75 41.27 67.20
CA LEU E 115 -27.38 40.93 67.57
C LEU E 115 -27.15 39.43 67.39
N PRO E 116 -26.03 39.02 66.80
CA PRO E 116 -25.85 37.61 66.44
C PRO E 116 -25.83 36.71 67.66
N ASP E 117 -26.44 35.52 67.50
CA ASP E 117 -26.52 34.51 68.54
C ASP E 117 -25.43 33.46 68.41
N GLY E 118 -25.00 32.93 69.56
CA GLY E 118 -24.22 31.70 69.60
C GLY E 118 -22.72 31.78 69.43
N LYS E 119 -22.15 30.72 68.86
CA LYS E 119 -20.73 30.60 68.56
C LYS E 119 -19.86 30.82 69.79
N LEU E 120 -19.80 29.80 70.66
CA LEU E 120 -19.06 29.86 71.91
C LEU E 120 -17.55 29.96 71.69
N ASN E 121 -16.92 30.75 72.55
CA ASN E 121 -15.53 31.20 72.43
C ASN E 121 -14.57 30.01 72.48
N ALA E 122 -13.57 30.01 71.59
CA ALA E 122 -12.48 29.04 71.52
C ALA E 122 -11.30 29.48 72.40
N GLU E 123 -10.09 29.03 72.09
CA GLU E 123 -8.96 29.57 72.83
C GLU E 123 -8.68 31.00 72.36
N VAL E 124 -8.05 31.78 73.22
CA VAL E 124 -7.93 33.21 72.97
C VAL E 124 -6.75 33.49 72.05
N SER E 125 -6.88 34.55 71.25
CA SER E 125 -5.79 35.00 70.40
C SER E 125 -5.30 36.39 70.81
N ALA E 126 -6.17 37.40 70.75
CA ALA E 126 -5.91 38.76 71.22
C ALA E 126 -4.75 39.45 70.50
N GLU E 127 -4.04 38.72 69.64
CA GLU E 127 -2.94 39.32 68.88
C GLU E 127 -2.88 38.83 67.44
N ASP E 128 -3.76 37.91 67.05
CA ASP E 128 -3.72 37.28 65.72
C ASP E 128 -4.48 38.07 64.67
N ASP E 129 -4.63 39.38 64.88
CA ASP E 129 -5.26 40.28 63.91
C ASP E 129 -4.37 40.57 62.71
N ALA E 130 -3.14 40.05 62.67
CA ALA E 130 -2.30 40.25 61.50
C ALA E 130 -2.90 39.62 60.25
N TRP E 131 -3.67 38.55 60.39
CA TRP E 131 -4.28 37.90 59.23
C TRP E 131 -5.80 37.98 59.20
N LEU E 132 -6.46 37.97 60.36
CA LEU E 132 -7.92 37.81 60.37
C LEU E 132 -8.65 38.87 59.57
N PRO E 133 -8.43 40.18 59.74
CA PRO E 133 -9.04 41.13 58.80
C PRO E 133 -8.61 40.91 57.36
N LEU E 134 -7.36 40.52 57.14
CA LEU E 134 -6.90 40.27 55.77
C LEU E 134 -7.56 39.04 55.18
N PHE E 135 -7.82 38.02 56.01
CA PHE E 135 -8.47 36.81 55.52
C PHE E 135 -9.94 37.04 55.24
N LEU E 136 -10.65 37.67 56.19
CA LEU E 136 -12.08 37.89 56.03
C LEU E 136 -12.36 38.81 54.85
N LEU E 137 -11.51 39.81 54.62
CA LEU E 137 -11.62 40.63 53.41
C LEU E 137 -11.23 39.84 52.18
N GLY E 138 -10.33 38.86 52.32
CA GLY E 138 -9.87 38.09 51.18
C GLY E 138 -10.86 37.08 50.67
N LEU E 139 -11.81 36.66 51.50
CA LEU E 139 -12.81 35.70 51.03
C LEU E 139 -13.79 36.33 50.04
N TYR E 140 -13.94 37.66 50.08
CA TYR E 140 -14.77 38.33 49.07
C TYR E 140 -14.15 38.20 47.69
N ARG E 141 -12.82 38.25 47.60
CA ARG E 141 -12.15 38.08 46.32
C ARG E 141 -12.31 36.67 45.78
N VAL E 142 -12.29 35.67 46.67
CA VAL E 142 -12.48 34.29 46.22
C VAL E 142 -13.95 34.00 45.94
N GLY E 143 -14.86 34.86 46.40
CA GLY E 143 -16.26 34.72 46.07
C GLY E 143 -16.55 34.85 44.59
N ARG E 144 -15.71 35.60 43.87
CA ARG E 144 -15.97 35.93 42.48
C ARG E 144 -15.66 34.77 41.54
N ALA E 145 -14.47 34.17 41.66
CA ALA E 145 -14.08 33.12 40.74
C ALA E 145 -15.07 31.95 40.78
N SER E 146 -15.39 31.44 39.58
CA SER E 146 -16.27 30.29 39.43
C SER E 146 -15.61 29.09 38.77
N GLU E 147 -14.49 29.29 38.08
CA GLU E 147 -13.76 28.24 37.39
C GLU E 147 -12.65 27.70 38.29
N THR E 148 -11.71 26.97 37.69
CA THR E 148 -10.57 26.42 38.42
C THR E 148 -9.69 27.51 39.02
N ALA E 149 -9.85 28.77 38.58
CA ALA E 149 -9.17 29.90 39.21
C ALA E 149 -9.56 30.05 40.67
N TYR E 150 -10.69 29.46 41.06
CA TYR E 150 -11.07 29.39 42.48
C TYR E 150 -9.97 28.73 43.30
N ARG E 151 -9.21 27.81 42.70
CA ARG E 151 -8.09 27.19 43.40
C ARG E 151 -6.88 28.11 43.46
N THR E 152 -6.62 28.86 42.38
CA THR E 152 -5.44 29.73 42.35
C THR E 152 -5.54 30.87 43.35
N LEU E 153 -6.74 31.41 43.57
CA LEU E 153 -6.88 32.56 44.45
C LEU E 153 -6.68 32.18 45.91
N LEU E 154 -7.18 31.00 46.31
CA LEU E 154 -7.00 30.56 47.69
C LEU E 154 -5.54 30.30 48.02
N MET E 155 -4.74 29.83 47.06
CA MET E 155 -3.32 29.62 47.31
C MET E 155 -2.58 30.93 47.54
N GLU E 156 -2.94 31.98 46.80
CA GLU E 156 -2.33 33.28 47.04
C GLU E 156 -2.75 33.85 48.39
N SER E 157 -3.98 33.57 48.83
CA SER E 157 -4.40 34.06 50.14
C SER E 157 -3.66 33.35 51.26
N LEU E 158 -3.42 32.04 51.12
CA LEU E 158 -2.70 31.32 52.17
C LEU E 158 -1.25 31.78 52.27
N ILE E 159 -0.61 32.02 51.12
CA ILE E 159 0.77 32.48 51.15
C ILE E 159 0.86 33.89 51.75
N LYS E 160 -0.14 34.73 51.49
CA LYS E 160 -0.08 36.10 52.00
C LYS E 160 -0.23 36.15 53.52
N GLN E 161 -0.92 35.17 54.11
CA GLN E 161 -1.14 35.17 55.56
C GLN E 161 -0.29 34.16 56.31
N CYS E 162 0.18 33.09 55.66
CA CYS E 162 1.19 32.25 56.29
C CYS E 162 2.49 33.02 56.49
N LYS E 163 2.74 34.01 55.63
CA LYS E 163 3.83 34.96 55.79
C LYS E 163 3.56 36.01 56.86
N ALA E 164 2.32 36.08 57.36
CA ALA E 164 1.95 37.19 58.24
C ALA E 164 2.51 37.03 59.65
N ILE E 165 2.56 35.80 60.19
CA ILE E 165 2.97 35.74 61.60
C ILE E 165 4.46 35.44 61.69
N LYS E 166 4.85 34.17 61.52
CA LYS E 166 6.25 33.89 61.23
C LYS E 166 6.42 32.80 60.17
N SER E 167 6.18 31.55 60.56
CA SER E 167 6.04 30.37 59.71
C SER E 167 4.76 29.59 59.95
N ASP E 168 4.38 29.40 61.21
CA ASP E 168 3.23 28.55 61.52
C ASP E 168 1.93 29.23 61.12
N TRP E 169 1.03 28.46 60.53
CA TRP E 169 -0.27 28.98 60.12
C TRP E 169 -1.22 27.79 59.90
N VAL E 170 -2.18 27.62 60.79
CA VAL E 170 -3.27 26.69 60.53
C VAL E 170 -4.17 27.27 59.45
N SER E 171 -4.78 26.39 58.65
CA SER E 171 -5.59 26.83 57.52
C SER E 171 -7.04 26.47 57.77
N PRO E 172 -7.81 27.33 58.47
CA PRO E 172 -9.24 27.05 58.67
C PRO E 172 -10.01 26.94 57.36
N VAL E 173 -9.60 27.67 56.33
CA VAL E 173 -10.35 27.70 55.08
C VAL E 173 -10.41 26.31 54.48
N THR E 174 -11.59 25.94 53.98
CA THR E 174 -11.75 24.68 53.26
C THR E 174 -11.01 24.75 51.93
N ALA E 175 -10.55 23.59 51.47
CA ALA E 175 -9.79 23.56 50.21
C ALA E 175 -10.65 23.97 49.03
N THR E 176 -11.88 23.45 48.96
CA THR E 176 -12.72 23.74 47.81
C THR E 176 -14.17 24.05 48.13
N HIS E 177 -14.63 23.87 49.37
CA HIS E 177 -16.02 24.17 49.70
C HIS E 177 -16.26 25.67 49.58
N LYS E 178 -17.44 26.03 49.06
CA LYS E 178 -17.76 27.41 48.70
C LYS E 178 -18.92 27.96 49.53
N TYR E 179 -18.93 27.68 50.83
CA TYR E 179 -20.01 28.15 51.70
C TYR E 179 -19.91 29.64 52.02
N PHE E 180 -18.76 30.28 51.81
CA PHE E 180 -18.61 31.70 52.07
C PHE E 180 -18.97 32.58 50.88
N ASP E 181 -19.41 31.99 49.76
CA ASP E 181 -19.93 32.78 48.66
C ASP E 181 -21.19 33.55 49.06
N VAL E 182 -21.88 33.09 50.11
CA VAL E 182 -23.05 33.78 50.65
C VAL E 182 -22.69 35.19 51.13
N TRP E 183 -21.44 35.40 51.53
CA TRP E 183 -21.05 36.64 52.18
C TRP E 183 -21.22 37.85 51.27
N GLY E 184 -21.16 37.65 49.95
CA GLY E 184 -21.26 38.76 49.02
C GLY E 184 -22.65 39.33 48.85
N ASN E 185 -23.69 38.63 49.32
CA ASN E 185 -25.05 39.14 49.21
C ASN E 185 -25.42 40.11 50.33
N ASP E 186 -24.67 40.14 51.42
CA ASP E 186 -24.97 41.07 52.51
C ASP E 186 -24.52 42.47 52.15
N GLY E 187 -25.44 43.43 52.25
CA GLY E 187 -25.13 44.79 51.86
C GLY E 187 -24.16 45.48 52.79
N ASN E 188 -24.21 45.16 54.09
CA ASN E 188 -23.27 45.76 55.02
C ASN E 188 -21.86 45.23 54.80
N TYR E 189 -21.73 43.93 54.51
CA TYR E 189 -20.41 43.37 54.26
C TYR E 189 -19.79 43.95 53.00
N LEU E 190 -20.61 44.22 51.98
CA LEU E 190 -20.10 44.90 50.79
C LEU E 190 -19.70 46.35 51.11
N LYS E 191 -20.42 46.98 52.04
CA LYS E 191 -20.10 48.36 52.41
C LYS E 191 -18.82 48.41 53.23
N ILE E 192 -18.63 47.47 54.15
CA ILE E 192 -17.41 47.44 54.95
C ILE E 192 -16.21 47.14 54.07
N VAL E 193 -16.38 46.25 53.08
CA VAL E 193 -15.28 45.94 52.17
C VAL E 193 -14.93 47.12 51.29
N ALA E 194 -15.93 47.93 50.91
CA ALA E 194 -15.65 49.10 50.08
C ALA E 194 -14.96 50.20 50.88
N CYS E 195 -15.32 50.35 52.15
CA CYS E 195 -14.70 51.38 52.98
C CYS E 195 -13.21 51.09 53.21
N VAL E 196 -12.84 49.83 53.32
CA VAL E 196 -11.43 49.49 53.54
C VAL E 196 -10.59 49.84 52.32
N ASP E 197 -11.15 49.66 51.13
CA ASP E 197 -10.37 49.92 49.92
C ASP E 197 -10.25 51.42 49.64
N MET E 198 -11.36 52.16 49.79
CA MET E 198 -11.33 53.60 49.55
C MET E 198 -10.44 54.33 50.53
N PHE E 199 -10.36 53.84 51.78
CA PHE E 199 -9.49 54.48 52.76
C PHE E 199 -8.03 54.26 52.43
N TYR E 200 -7.64 53.02 52.13
CA TYR E 200 -6.25 52.71 51.84
C TYR E 200 -5.86 52.99 50.40
N ASN E 201 -6.83 53.27 49.53
CA ASN E 201 -6.48 53.79 48.21
C ASN E 201 -5.86 55.18 48.31
N HIS E 202 -6.25 55.95 49.33
CA HIS E 202 -5.64 57.25 49.56
C HIS E 202 -4.31 57.14 50.28
N PHE E 203 -4.25 56.30 51.32
CA PHE E 203 -3.01 56.10 52.07
C PHE E 203 -2.36 54.77 51.64
N LYS E 204 -1.91 54.75 50.38
CA LYS E 204 -1.27 53.56 49.86
C LYS E 204 0.08 53.29 50.55
N LYS E 205 0.71 54.33 51.09
CA LYS E 205 2.01 54.18 51.72
C LYS E 205 1.94 53.66 53.15
N SER E 206 0.74 53.57 53.72
CA SER E 206 0.60 53.09 55.10
C SER E 206 0.95 51.61 55.20
N ILE E 207 1.46 51.22 56.37
CA ILE E 207 1.88 49.83 56.58
C ILE E 207 0.68 48.89 56.51
N LYS E 208 -0.50 49.37 56.88
CA LYS E 208 -1.71 48.54 56.89
C LYS E 208 -2.41 48.51 55.54
N ALA E 209 -1.79 49.05 54.49
CA ALA E 209 -2.35 49.00 53.15
C ALA E 209 -2.35 47.59 52.55
N THR E 210 -1.62 46.65 53.16
CA THR E 210 -1.63 45.27 52.68
C THR E 210 -3.01 44.63 52.82
N PHE E 211 -3.88 45.17 53.68
CA PHE E 211 -5.25 44.68 53.78
C PHE E 211 -6.04 44.91 52.50
N ARG E 212 -5.56 45.79 51.62
CA ARG E 212 -6.26 46.11 50.38
C ARG E 212 -6.44 44.89 49.48
N TRP E 213 -5.62 43.87 49.64
CA TRP E 213 -5.85 42.61 48.92
C TRP E 213 -7.20 42.03 49.30
N GLY E 214 -7.97 41.63 48.29
CA GLY E 214 -9.29 41.08 48.48
C GLY E 214 -10.41 42.10 48.46
N THR E 215 -10.09 43.38 48.66
CA THR E 215 -11.08 44.45 48.51
C THR E 215 -10.81 45.34 47.31
N ILE E 216 -9.68 45.18 46.64
CA ILE E 216 -9.40 45.96 45.44
C ILE E 216 -10.35 45.60 44.32
N VAL E 217 -10.92 44.39 44.34
CA VAL E 217 -11.90 44.00 43.34
C VAL E 217 -13.15 44.86 43.44
N SER E 218 -13.41 45.43 44.62
CA SER E 218 -14.55 46.33 44.76
C SER E 218 -14.35 47.63 44.00
N ARG E 219 -13.11 48.00 43.70
CA ARG E 219 -12.85 49.22 42.96
C ARG E 219 -13.39 49.05 41.54
N PHE E 220 -14.10 50.08 41.05
CA PHE E 220 -14.70 50.04 39.72
C PHE E 220 -15.45 48.73 39.48
N LYS E 221 -16.26 48.34 40.46
CA LYS E 221 -16.99 47.08 40.36
C LYS E 221 -18.11 47.16 39.32
N ASP E 222 -18.31 46.04 38.62
CA ASP E 222 -19.28 45.84 37.55
C ASP E 222 -19.54 47.09 36.72
N CYS E 223 -18.48 47.84 36.41
CA CYS E 223 -18.53 48.99 35.52
C CYS E 223 -17.39 48.90 34.52
N ALA E 224 -17.16 47.70 34.00
CA ALA E 224 -16.02 47.42 33.13
C ALA E 224 -16.09 48.16 31.80
N ALA E 225 -17.26 48.62 31.39
CA ALA E 225 -17.37 49.33 30.12
C ALA E 225 -16.54 50.61 30.11
N LEU E 226 -16.36 51.24 31.28
CA LEU E 226 -15.45 52.38 31.34
C LEU E 226 -14.00 51.94 31.14
N ALA E 227 -13.63 50.78 31.68
CA ALA E 227 -12.28 50.26 31.47
C ALA E 227 -12.04 49.90 30.00
N THR E 228 -13.09 49.48 29.29
CA THR E 228 -12.94 49.18 27.87
C THR E 228 -12.59 50.43 27.06
N LEU E 229 -13.14 51.59 27.44
CA LEU E 229 -12.81 52.81 26.74
C LEU E 229 -11.34 53.18 26.92
N GLY E 230 -10.78 52.91 28.11
CA GLY E 230 -9.37 53.14 28.30
C GLY E 230 -8.50 52.13 27.57
N HIS E 231 -9.00 50.90 27.41
CA HIS E 231 -8.24 49.90 26.68
C HIS E 231 -8.08 50.27 25.21
N VAL E 232 -9.12 50.88 24.63
CA VAL E 232 -9.03 51.29 23.22
C VAL E 232 -8.02 52.41 23.05
N VAL E 233 -7.91 53.31 24.04
CA VAL E 233 -6.98 54.42 23.94
C VAL E 233 -5.55 53.91 23.94
N LYS E 234 -5.27 52.86 24.72
CA LYS E 234 -3.92 52.33 24.82
C LYS E 234 -3.56 51.47 23.61
N ILE E 235 -4.53 50.73 23.06
CA ILE E 235 -4.21 49.79 22.00
C ILE E 235 -4.07 50.52 20.67
N THR E 236 -4.94 51.49 20.39
CA THR E 236 -4.83 52.24 19.14
C THR E 236 -3.69 53.25 19.19
N GLY E 237 -3.38 53.78 20.37
CA GLY E 237 -2.37 54.80 20.56
C GLY E 237 -2.80 56.21 20.26
N LEU E 238 -4.01 56.41 19.72
CA LEU E 238 -4.56 57.74 19.51
C LEU E 238 -5.20 58.28 20.79
N THR E 239 -5.30 59.60 20.86
CA THR E 239 -5.89 60.29 22.01
C THR E 239 -7.39 60.01 22.14
N ILE E 240 -7.88 60.16 23.38
CA ILE E 240 -9.27 59.85 23.71
C ILE E 240 -10.25 60.67 22.89
N GLU E 241 -9.89 61.90 22.52
CA GLU E 241 -10.76 62.67 21.63
C GLU E 241 -10.84 62.02 20.26
N GLU E 242 -9.72 61.45 19.79
CA GLU E 242 -9.72 60.76 18.51
C GLU E 242 -10.56 59.49 18.56
N VAL E 243 -10.69 58.87 19.74
CA VAL E 243 -11.51 57.67 19.83
C VAL E 243 -12.98 58.00 19.57
N PHE E 244 -13.44 59.15 20.06
CA PHE E 244 -14.84 59.53 19.88
C PHE E 244 -15.17 59.86 18.43
N THR E 245 -14.23 60.47 17.70
CA THR E 245 -14.50 60.85 16.32
C THR E 245 -14.65 59.63 15.41
N TRP E 246 -14.08 58.49 15.80
CA TRP E 246 -14.14 57.26 15.00
C TRP E 246 -15.40 56.44 15.23
N VAL E 247 -16.34 56.92 16.05
CA VAL E 247 -17.55 56.18 16.36
C VAL E 247 -18.53 56.23 15.18
N LEU E 248 -18.36 55.31 14.23
CA LEU E 248 -19.20 55.26 13.04
C LEU E 248 -20.64 54.82 13.30
N GLN E 249 -20.98 54.33 14.49
CA GLN E 249 -22.34 53.90 14.77
C GLN E 249 -23.11 54.94 15.58
N THR E 250 -24.36 55.17 15.20
CA THR E 250 -25.22 56.09 15.94
C THR E 250 -25.56 55.55 17.33
N GLU E 251 -25.63 54.22 17.48
CA GLU E 251 -25.95 53.65 18.78
C GLU E 251 -24.74 53.62 19.71
N VAL E 252 -23.55 53.36 19.16
CA VAL E 252 -22.35 53.38 19.98
C VAL E 252 -22.10 54.78 20.50
N ALA E 253 -22.45 55.80 19.72
CA ALA E 253 -22.37 57.17 20.22
C ALA E 253 -23.40 57.40 21.33
N ASP E 254 -24.61 56.86 21.17
CA ASP E 254 -25.63 57.02 22.19
C ASP E 254 -25.27 56.31 23.48
N GLU E 255 -24.51 55.22 23.39
CA GLU E 255 -24.05 54.54 24.60
C GLU E 255 -22.86 55.25 25.22
N LEU E 256 -21.97 55.83 24.41
CA LEU E 256 -20.86 56.58 24.98
C LEU E 256 -21.36 57.83 25.70
N VAL E 257 -22.41 58.47 25.17
CA VAL E 257 -23.07 59.50 25.96
C VAL E 257 -23.86 58.83 27.06
N LYS E 258 -24.16 59.61 28.11
CA LYS E 258 -24.80 59.16 29.35
C LYS E 258 -23.77 58.47 30.21
N MET E 259 -22.66 58.04 29.59
CA MET E 259 -21.48 57.61 30.33
C MET E 259 -20.64 58.79 30.76
N MET E 260 -20.85 59.95 30.12
CA MET E 260 -20.04 61.14 30.31
C MET E 260 -20.74 62.20 31.14
N LYS E 261 -22.00 61.97 31.56
CA LYS E 261 -22.76 62.84 32.45
C LYS E 261 -21.83 63.50 33.47
N PRO E 262 -21.76 64.84 33.49
CA PRO E 262 -20.65 65.52 34.17
C PRO E 262 -20.45 65.17 35.63
N GLY E 263 -21.40 65.51 36.49
CA GLY E 263 -21.19 65.41 37.93
C GLY E 263 -21.07 64.02 38.53
N GLN E 264 -20.29 63.14 37.91
CA GLN E 264 -20.04 61.82 38.47
C GLN E 264 -18.60 61.60 38.93
N GLU E 265 -17.72 62.59 38.73
CA GLU E 265 -16.32 62.51 39.17
C GLU E 265 -15.63 61.26 38.61
N ILE E 266 -15.88 60.95 37.34
CA ILE E 266 -15.27 59.76 36.75
C ILE E 266 -13.75 59.88 36.71
N ASP E 267 -13.24 61.10 36.47
CA ASP E 267 -11.80 61.30 36.44
C ASP E 267 -11.19 61.21 37.83
N LYS E 268 -11.95 61.57 38.87
CA LYS E 268 -11.41 61.70 40.21
C LYS E 268 -11.12 60.34 40.82
N SER E 269 -9.89 60.18 41.32
CA SER E 269 -9.55 58.99 42.09
C SER E 269 -10.28 58.96 43.42
N THR E 270 -10.00 59.93 44.28
CA THR E 270 -10.60 60.05 45.60
C THR E 270 -12.09 60.35 45.52
N SER E 271 -12.88 59.39 45.05
CA SER E 271 -14.32 59.59 44.90
C SER E 271 -15.05 58.31 45.29
N TYR E 272 -16.36 58.46 45.54
CA TYR E 272 -17.21 57.32 45.82
C TYR E 272 -17.64 56.57 44.57
N MET E 273 -17.41 57.14 43.39
CA MET E 273 -17.89 56.50 42.16
C MET E 273 -17.36 55.08 41.96
N PRO E 274 -16.06 54.76 42.16
CA PRO E 274 -15.62 53.38 41.84
C PRO E 274 -16.39 52.33 42.61
N TYR E 275 -16.80 52.63 43.83
CA TYR E 275 -17.55 51.71 44.68
C TYR E 275 -19.04 51.97 44.53
N LEU E 276 -19.49 52.03 43.27
CA LEU E 276 -20.87 52.39 42.98
C LEU E 276 -21.86 51.38 43.56
N ILE E 277 -21.52 50.10 43.50
CA ILE E 277 -22.46 49.04 43.87
C ILE E 277 -22.31 48.66 45.34
N ASP E 278 -21.08 48.47 45.80
CA ASP E 278 -20.87 47.98 47.16
C ASP E 278 -21.29 49.01 48.19
N MET E 279 -21.26 50.29 47.84
CA MET E 279 -21.75 51.33 48.75
C MET E 279 -23.27 51.47 48.70
N GLY E 280 -23.93 50.83 47.74
CA GLY E 280 -25.36 51.01 47.59
C GLY E 280 -25.78 52.27 46.89
N ILE E 281 -24.85 53.01 46.30
CA ILE E 281 -25.18 54.28 45.66
C ILE E 281 -26.12 54.08 44.47
N SER E 282 -26.02 52.94 43.80
CA SER E 282 -26.89 52.65 42.67
C SER E 282 -27.05 51.14 42.52
N ALA E 283 -28.26 50.71 42.21
CA ALA E 283 -28.54 49.29 42.00
C ALA E 283 -28.32 48.83 40.57
N LYS E 284 -28.00 49.74 39.65
CA LYS E 284 -27.74 49.40 38.25
C LYS E 284 -26.75 50.41 37.71
N SER E 285 -25.48 50.02 37.66
CA SER E 285 -24.43 50.94 37.25
C SER E 285 -24.66 51.39 35.81
N PRO E 286 -24.61 52.70 35.52
CA PRO E 286 -24.70 53.14 34.13
C PRO E 286 -23.47 52.80 33.31
N TYR E 287 -22.37 52.43 33.97
CA TYR E 287 -21.11 52.12 33.32
C TYR E 287 -20.90 50.62 33.15
N SER E 288 -21.93 49.82 33.41
CA SER E 288 -21.82 48.37 33.28
C SER E 288 -21.72 47.96 31.82
N THR E 289 -21.09 46.81 31.59
CA THR E 289 -20.96 46.29 30.23
C THR E 289 -22.32 45.97 29.62
N ILE E 290 -23.27 45.50 30.44
CA ILE E 290 -24.60 45.18 29.93
C ILE E 290 -25.34 46.44 29.50
N LYS E 291 -25.08 47.56 30.18
CA LYS E 291 -25.76 48.82 29.86
C LYS E 291 -25.25 49.43 28.56
N ASN E 292 -24.06 49.05 28.11
CA ASN E 292 -23.46 49.58 26.88
C ASN E 292 -23.01 48.40 26.03
N PRO E 293 -23.95 47.66 25.43
CA PRO E 293 -23.58 46.50 24.61
C PRO E 293 -22.93 46.87 23.29
N SER E 294 -23.60 47.71 22.49
CA SER E 294 -23.09 48.05 21.17
C SER E 294 -21.72 48.72 21.24
N PHE E 295 -21.45 49.45 22.32
CA PHE E 295 -20.12 50.03 22.48
C PHE E 295 -19.09 49.01 22.95
N HIS E 296 -19.52 48.05 23.79
CA HIS E 296 -18.57 47.04 24.25
C HIS E 296 -18.07 46.18 23.11
N PHE E 297 -18.91 45.93 22.10
CA PHE E 297 -18.46 45.18 20.94
C PHE E 297 -17.57 46.05 20.05
N TRP E 298 -17.90 47.34 19.93
CA TRP E 298 -17.06 48.26 19.18
C TRP E 298 -15.68 48.41 19.79
N GLY E 299 -15.58 48.37 21.12
CA GLY E 299 -14.31 48.56 21.77
C GLY E 299 -13.39 47.36 21.70
N GLN E 300 -13.90 46.20 22.14
CA GLN E 300 -13.09 44.99 22.11
C GLN E 300 -12.77 44.52 20.69
N LEU E 301 -13.66 44.75 19.73
CA LEU E 301 -13.35 44.33 18.36
C LEU E 301 -12.25 45.19 17.75
N VAL E 302 -12.28 46.50 18.01
CA VAL E 302 -11.18 47.33 17.54
C VAL E 302 -9.89 46.98 18.28
N ALA E 303 -10.00 46.68 19.57
CA ALA E 303 -8.82 46.28 20.32
C ALA E 303 -8.30 44.92 19.86
N ALA E 304 -9.20 43.99 19.57
CA ALA E 304 -8.84 42.69 19.02
C ALA E 304 -8.12 42.86 17.70
N LEU E 305 -8.85 43.30 16.67
CA LEU E 305 -8.30 43.60 15.35
C LEU E 305 -6.96 44.34 15.39
N CYS E 306 -6.70 45.09 16.46
CA CYS E 306 -5.40 45.71 16.69
C CYS E 306 -4.47 44.84 17.53
N ARG E 307 -4.74 43.53 17.57
CA ARG E 307 -3.86 42.52 18.18
C ARG E 307 -3.66 42.72 19.68
N SER E 308 -4.76 42.95 20.39
CA SER E 308 -4.75 42.89 21.85
C SER E 308 -5.09 41.46 22.27
N LYS E 309 -4.23 40.85 23.06
CA LYS E 309 -4.43 39.45 23.46
C LYS E 309 -5.59 39.27 24.42
N ARG E 310 -6.05 40.34 25.07
CA ARG E 310 -7.13 40.23 26.05
C ARG E 310 -8.52 40.41 25.43
N ALA E 311 -8.64 41.18 24.36
CA ALA E 311 -9.95 41.37 23.73
C ALA E 311 -10.49 40.12 23.05
N LEU E 312 -9.63 39.14 22.74
CA LEU E 312 -10.09 37.95 22.04
C LEU E 312 -11.09 37.14 22.86
N ASN E 313 -11.06 37.26 24.18
CA ASN E 313 -11.97 36.54 25.06
C ASN E 313 -13.08 37.43 25.61
N ALA E 314 -13.63 38.30 24.76
CA ALA E 314 -14.64 39.29 25.16
C ALA E 314 -16.02 38.91 24.61
N ARG E 315 -16.87 38.36 25.48
CA ARG E 315 -18.22 37.92 25.13
C ARG E 315 -19.00 38.90 24.22
N GLN E 316 -19.17 38.53 22.96
CA GLN E 316 -19.96 39.31 22.00
C GLN E 316 -21.43 39.40 22.37
N PRO E 317 -21.99 40.59 22.56
CA PRO E 317 -23.42 40.71 22.87
C PRO E 317 -24.30 40.28 21.71
N ASP E 318 -25.48 39.74 22.05
CA ASP E 318 -26.44 39.31 21.04
C ASP E 318 -27.11 40.48 20.32
N GLU E 319 -27.91 41.27 21.05
CA GLU E 319 -28.74 42.32 20.47
C GLU E 319 -27.92 43.57 20.15
N ILE E 320 -27.14 43.46 19.07
CA ILE E 320 -26.35 44.57 18.54
C ILE E 320 -26.37 44.47 17.01
N ASP E 321 -25.84 45.52 16.36
CA ASP E 321 -25.88 45.56 14.90
C ASP E 321 -24.96 44.50 14.29
N SER E 322 -23.92 44.10 15.01
CA SER E 322 -22.99 43.07 14.56
C SER E 322 -22.37 43.36 13.19
N MET E 323 -23.17 43.22 12.13
CA MET E 323 -22.66 43.39 10.78
C MET E 323 -22.13 44.81 10.53
N SER E 324 -22.79 45.82 11.11
CA SER E 324 -22.32 47.18 10.90
C SER E 324 -21.23 47.57 11.88
N ILE E 325 -21.33 47.10 13.13
CA ILE E 325 -20.28 47.43 14.11
C ILE E 325 -18.97 46.77 13.73
N SER E 326 -19.02 45.54 13.21
CA SER E 326 -17.81 44.85 12.78
C SER E 326 -17.18 45.51 11.55
N ASN E 327 -17.99 46.10 10.67
CA ASN E 327 -17.45 46.75 9.49
C ASN E 327 -16.71 48.03 9.86
N ALA E 328 -17.30 48.84 10.74
CA ALA E 328 -16.63 50.05 11.19
C ALA E 328 -15.38 49.74 11.99
N SER E 329 -15.35 48.60 12.69
CA SER E 329 -14.17 48.24 13.47
C SER E 329 -13.01 47.88 12.54
N LEU E 330 -13.28 47.11 11.49
CA LEU E 330 -12.22 46.78 10.53
C LEU E 330 -11.74 48.02 9.79
N LEU E 331 -12.63 48.97 9.53
CA LEU E 331 -12.22 50.22 8.91
C LEU E 331 -11.31 51.01 9.82
N MET E 332 -11.58 50.98 11.13
CA MET E 332 -10.69 51.67 12.07
C MET E 332 -9.37 50.93 12.18
N ALA E 333 -9.41 49.59 12.17
CA ALA E 333 -8.17 48.83 12.24
C ALA E 333 -7.35 49.02 10.96
N TYR E 334 -8.00 48.99 9.80
CA TYR E 334 -7.26 49.28 8.57
C TYR E 334 -7.16 50.80 8.39
N ALA E 335 -6.83 51.50 9.46
CA ALA E 335 -6.46 52.91 9.37
C ALA E 335 -5.26 53.10 10.27
N LEU E 336 -5.31 52.40 11.41
CA LEU E 336 -4.21 52.41 12.36
C LEU E 336 -3.00 51.65 11.85
N GLY E 337 -3.24 50.58 11.08
CA GLY E 337 -2.14 49.82 10.51
C GLY E 337 -1.60 50.38 9.23
N SER E 338 -2.43 51.11 8.47
CA SER E 338 -1.99 51.68 7.20
C SER E 338 -1.31 53.03 7.37
N SER E 339 -1.36 53.61 8.57
CA SER E 339 -0.66 54.86 8.86
C SER E 339 -0.39 54.94 10.36
N PRO E 340 0.58 54.15 10.84
CA PRO E 340 0.82 54.08 12.29
C PRO E 340 1.43 55.35 12.86
N ASP E 341 1.77 55.32 14.15
CA ASP E 341 2.36 56.45 14.88
C ASP E 341 3.87 56.51 14.68
N ILE E 342 4.29 57.13 13.58
CA ILE E 342 5.71 57.26 13.24
C ILE E 342 5.98 58.75 13.05
N GLU E 343 6.38 59.42 14.12
CA GLU E 343 6.80 60.82 14.08
C GLU E 343 8.11 60.93 14.84
N GLN E 344 9.06 61.69 14.29
CA GLN E 344 10.34 61.83 14.99
C GLN E 344 10.10 62.52 16.33
N GLN E 345 10.90 62.15 17.33
CA GLN E 345 10.73 62.73 18.66
C GLN E 345 11.95 63.51 19.15
N PHE E 346 13.07 62.84 19.40
CA PHE E 346 14.18 63.53 20.07
C PHE E 346 15.07 64.37 19.15
N SER E 347 15.85 63.71 18.27
CA SER E 347 16.80 64.38 17.38
C SER E 347 17.92 65.04 18.19
N THR E 348 19.13 65.09 17.62
CA THR E 348 20.27 65.74 18.26
C THR E 348 20.49 67.16 17.77
N GLY E 349 19.50 67.75 17.09
CA GLY E 349 19.69 69.03 16.45
C GLY E 349 19.48 68.92 14.96
N ASN E 350 18.95 67.77 14.55
CA ASN E 350 18.63 67.48 13.16
C ASN E 350 17.12 67.53 12.97
N THR E 351 16.70 67.52 11.70
CA THR E 351 15.34 67.82 11.33
C THR E 351 14.52 66.54 11.11
N TYR E 352 13.35 66.68 10.53
CA TYR E 352 12.39 65.59 10.38
C TYR E 352 12.10 65.37 8.89
N ARG E 353 11.10 64.52 8.62
CA ARG E 353 10.70 64.17 7.25
C ARG E 353 10.36 65.39 6.41
N LYS E 354 9.95 66.49 7.04
CA LYS E 354 9.59 67.79 6.44
C LYS E 354 8.82 67.65 5.12
N PRO E 355 7.58 67.17 5.16
CA PRO E 355 6.81 66.98 3.92
C PRO E 355 6.30 68.30 3.37
N PRO E 356 6.62 68.62 2.11
CA PRO E 356 6.07 69.84 1.49
C PRO E 356 4.78 69.63 0.73
N LYS E 357 3.84 68.84 1.27
CA LYS E 357 2.56 68.59 0.60
C LYS E 357 2.73 67.98 -0.79
N GLU E 358 3.01 66.68 -0.85
CA GLU E 358 3.23 65.97 -2.11
C GLU E 358 2.01 66.12 -3.03
N ALA E 359 2.28 66.16 -4.34
CA ALA E 359 1.19 66.39 -5.29
C ALA E 359 0.16 65.27 -5.29
N SER E 360 0.61 64.00 -5.32
CA SER E 360 -0.33 62.87 -5.33
C SER E 360 0.34 61.50 -5.37
N TYR E 361 0.01 60.64 -4.41
CA TYR E 361 0.39 59.23 -4.45
C TYR E 361 -0.82 58.39 -4.82
N LEU E 362 -0.68 57.57 -5.86
CA LEU E 362 -1.77 56.79 -6.44
C LEU E 362 -1.72 55.30 -6.11
N VAL E 363 -1.41 54.94 -4.86
CA VAL E 363 -1.43 53.52 -4.51
C VAL E 363 -2.85 53.02 -4.33
N SER E 364 -3.60 53.60 -3.38
CA SER E 364 -5.05 53.50 -3.35
C SER E 364 -5.66 54.83 -2.94
N GLU E 365 -4.97 55.93 -3.26
CA GLU E 365 -5.17 57.26 -2.66
C GLU E 365 -5.51 57.13 -1.18
N GLU E 366 -4.89 56.15 -0.53
CA GLU E 366 -5.06 55.94 0.91
C GLU E 366 -4.58 57.17 1.68
N PRO E 367 -5.41 57.74 2.56
CA PRO E 367 -4.93 58.88 3.34
C PRO E 367 -3.75 58.47 4.22
N LYS E 368 -2.80 59.39 4.36
CA LYS E 368 -1.57 59.13 5.09
C LYS E 368 -1.68 59.39 6.60
N ASN E 369 -2.80 59.92 7.06
CA ASN E 369 -2.99 60.25 8.47
C ASN E 369 -4.10 59.38 9.07
N ARG E 370 -4.37 59.61 10.35
CA ARG E 370 -5.35 58.84 11.10
C ARG E 370 -6.69 59.55 11.23
N SER E 371 -6.90 60.65 10.50
CA SER E 371 -8.16 61.37 10.60
C SER E 371 -9.30 60.50 10.08
N VAL E 372 -10.41 60.49 10.84
CA VAL E 372 -11.55 59.67 10.45
C VAL E 372 -12.20 60.19 9.18
N VAL E 373 -12.16 61.50 8.95
CA VAL E 373 -12.89 62.10 7.84
C VAL E 373 -12.31 61.66 6.51
N GLU E 374 -10.98 61.61 6.40
CA GLU E 374 -10.37 61.19 5.14
C GLU E 374 -10.64 59.73 4.84
N TRP E 375 -10.80 58.89 5.86
CA TRP E 375 -11.08 57.48 5.60
C TRP E 375 -12.54 57.24 5.22
N ILE E 376 -13.47 57.98 5.81
CA ILE E 376 -14.87 57.82 5.41
C ILE E 376 -15.06 58.27 3.97
N ALA E 377 -14.40 59.36 3.57
CA ALA E 377 -14.48 59.77 2.18
C ALA E 377 -13.81 58.75 1.27
N TRP E 378 -12.71 58.15 1.72
CA TRP E 378 -12.08 57.08 0.95
C TRP E 378 -12.93 55.82 0.96
N TYR E 379 -13.54 55.50 2.12
CA TYR E 379 -14.36 54.30 2.21
C TYR E 379 -15.67 54.46 1.45
N SER E 380 -16.14 55.69 1.28
CA SER E 380 -17.31 55.92 0.43
C SER E 380 -16.97 55.74 -1.04
N ASP E 381 -15.70 55.95 -1.42
CA ASP E 381 -15.27 55.75 -2.79
C ASP E 381 -15.22 54.28 -3.18
N VAL E 382 -15.15 53.37 -2.22
CA VAL E 382 -15.14 51.93 -2.50
C VAL E 382 -16.52 51.30 -2.26
N ASP E 383 -17.58 52.11 -2.29
CA ASP E 383 -18.96 51.63 -2.16
C ASP E 383 -19.23 50.97 -0.81
N ASN E 384 -18.53 51.44 0.23
CA ASN E 384 -18.76 51.00 1.61
C ASN E 384 -18.62 49.49 1.77
N LYS E 385 -17.74 48.86 0.99
CA LYS E 385 -17.42 47.47 1.18
C LYS E 385 -15.93 47.31 1.44
N PRO E 386 -15.54 46.47 2.39
CA PRO E 386 -14.11 46.35 2.71
C PRO E 386 -13.33 45.83 1.51
N THR E 387 -12.12 46.35 1.33
CA THR E 387 -11.31 45.95 0.19
C THR E 387 -10.58 44.65 0.49
N ASP E 388 -9.94 44.10 -0.55
CA ASP E 388 -9.08 42.94 -0.39
C ASP E 388 -8.07 43.16 0.72
N ASP E 389 -7.17 44.13 0.52
CA ASP E 389 -6.19 44.56 1.53
C ASP E 389 -6.72 44.50 2.96
N MET E 390 -7.99 44.88 3.17
CA MET E 390 -8.57 44.83 4.50
C MET E 390 -8.84 43.39 4.93
N LEU E 391 -9.46 42.60 4.05
CA LEU E 391 -9.73 41.21 4.39
C LEU E 391 -8.45 40.40 4.56
N MET E 392 -7.40 40.73 3.81
CA MET E 392 -6.13 40.02 3.98
C MET E 392 -5.52 40.31 5.35
N MET E 393 -5.64 41.56 5.82
CA MET E 393 -5.23 41.86 7.18
C MET E 393 -6.12 41.17 8.20
N ALA E 394 -7.42 41.05 7.89
CA ALA E 394 -8.34 40.39 8.82
C ALA E 394 -8.02 38.91 8.95
N LYS E 395 -7.65 38.25 7.84
CA LYS E 395 -7.24 36.87 7.92
C LYS E 395 -5.92 36.71 8.68
N ARG E 396 -5.03 37.70 8.59
CA ARG E 396 -3.79 37.64 9.35
C ARG E 396 -4.06 37.74 10.85
N VAL E 397 -4.99 38.62 11.25
CA VAL E 397 -5.40 38.67 12.64
C VAL E 397 -6.17 37.41 13.02
N ALA E 398 -6.93 36.86 12.07
CA ALA E 398 -7.69 35.64 12.34
C ALA E 398 -6.79 34.43 12.56
N GLY E 399 -5.59 34.44 11.96
CA GLY E 399 -4.71 33.30 12.10
C GLY E 399 -4.02 33.20 13.43
N THR E 400 -3.99 34.28 14.20
CA THR E 400 -3.39 34.28 15.53
C THR E 400 -4.35 33.79 16.61
N ILE E 401 -5.62 33.58 16.29
CA ILE E 401 -6.60 33.17 17.29
C ILE E 401 -6.58 31.65 17.36
N SER E 402 -5.53 31.10 17.96
CA SER E 402 -5.35 29.65 18.11
C SER E 402 -6.61 28.95 18.62
N GLY E 403 -7.00 29.25 19.86
CA GLY E 403 -8.21 28.69 20.42
C GLY E 403 -9.13 29.76 20.96
N PRO E 404 -10.21 30.03 20.25
CA PRO E 404 -11.19 31.02 20.71
C PRO E 404 -12.07 30.48 21.83
N ARG E 405 -12.61 31.41 22.62
CA ARG E 405 -13.73 31.08 23.47
C ARG E 405 -14.99 30.89 22.62
N ASP E 406 -15.94 30.14 23.15
CA ASP E 406 -17.03 29.64 22.33
C ASP E 406 -17.95 30.75 21.81
N ASN E 407 -18.04 31.87 22.50
CA ASN E 407 -18.88 32.98 22.01
C ASN E 407 -18.22 34.32 22.29
N SER E 408 -16.98 34.47 21.84
CA SER E 408 -16.19 35.66 22.11
C SER E 408 -15.79 36.33 20.81
N VAL E 409 -15.14 37.49 20.93
CA VAL E 409 -14.68 38.23 19.77
C VAL E 409 -13.66 37.41 18.98
N GLY E 410 -12.89 36.57 19.67
CA GLY E 410 -11.92 35.74 18.96
C GLY E 410 -12.61 34.71 18.08
N LYS E 411 -13.72 34.14 18.55
CA LYS E 411 -14.52 33.28 17.68
C LYS E 411 -15.19 34.09 16.58
N TRP E 412 -15.57 35.33 16.86
CA TRP E 412 -16.21 36.15 15.82
C TRP E 412 -15.23 36.47 14.71
N ILE E 413 -14.02 36.90 15.06
CA ILE E 413 -13.02 37.23 14.06
C ILE E 413 -12.63 35.97 13.29
N LYS E 414 -12.65 34.82 13.95
CA LYS E 414 -12.31 33.57 13.29
C LYS E 414 -13.44 33.12 12.37
N GLN E 415 -14.70 33.28 12.82
CA GLN E 415 -15.82 32.79 12.03
C GLN E 415 -16.11 33.69 10.83
N THR E 416 -16.10 35.01 11.03
CA THR E 416 -16.44 35.91 9.93
C THR E 416 -15.26 36.10 8.99
N TYR E 417 -14.11 36.51 9.51
CA TYR E 417 -12.94 36.74 8.68
C TYR E 417 -12.06 35.49 8.68
N GLY E 418 -11.35 35.29 7.57
CA GLY E 418 -10.46 34.15 7.43
C GLY E 418 -11.04 33.04 6.57
N SER F 2 11.15 -45.60 -65.62
CA SER F 2 9.98 -44.99 -65.03
C SER F 2 10.35 -44.21 -63.77
N VAL F 3 11.56 -44.44 -63.27
CA VAL F 3 12.04 -43.77 -62.07
C VAL F 3 12.72 -42.45 -62.43
N ILE F 4 12.56 -41.46 -61.55
CA ILE F 4 13.22 -40.17 -61.68
C ILE F 4 14.61 -40.29 -61.06
N ARG F 5 15.64 -40.03 -61.86
CA ARG F 5 17.01 -40.22 -61.39
C ARG F 5 17.50 -38.98 -60.66
N ILE F 6 18.33 -39.21 -59.64
CA ILE F 6 18.91 -38.18 -58.81
C ILE F 6 20.42 -38.24 -58.95
N LYS F 7 21.04 -37.08 -59.13
CA LYS F 7 22.49 -36.99 -59.30
C LYS F 7 23.11 -36.24 -58.13
N THR F 8 24.44 -36.15 -58.18
CA THR F 8 25.28 -35.51 -57.16
C THR F 8 26.42 -34.88 -57.94
N ASN F 9 27.61 -34.80 -57.36
CA ASN F 9 28.70 -34.29 -58.17
C ASN F 9 29.34 -35.37 -59.03
N ALA F 10 28.83 -36.61 -59.00
CA ALA F 10 29.31 -37.60 -59.94
C ALA F 10 28.28 -38.64 -60.41
N ALA F 11 27.34 -39.03 -59.56
CA ALA F 11 26.65 -40.29 -59.83
C ALA F 11 25.29 -40.36 -59.15
N VAL F 12 24.52 -41.38 -59.55
CA VAL F 12 23.16 -41.62 -59.06
C VAL F 12 23.20 -42.25 -57.66
N ALA F 13 22.09 -42.09 -56.93
CA ALA F 13 21.93 -42.61 -55.57
C ALA F 13 20.54 -43.20 -55.41
N ALA F 14 20.47 -44.43 -54.89
CA ALA F 14 19.18 -45.09 -54.69
C ALA F 14 18.33 -44.33 -53.68
N VAL F 15 17.01 -44.30 -53.91
CA VAL F 15 16.12 -43.40 -53.20
C VAL F 15 14.93 -44.07 -52.54
N LEU F 16 15.12 -45.24 -51.93
CA LEU F 16 13.98 -45.98 -51.36
C LEU F 16 14.19 -46.29 -49.89
N PRO F 17 13.26 -45.88 -49.01
CA PRO F 17 13.30 -46.35 -47.62
C PRO F 17 12.43 -47.57 -47.44
N ALA F 18 12.37 -48.11 -46.22
CA ALA F 18 11.49 -49.25 -45.95
C ALA F 18 10.03 -48.83 -46.09
N ASN F 19 9.21 -49.79 -46.53
CA ASN F 19 7.82 -49.53 -46.89
C ASN F 19 6.93 -49.68 -45.65
N GLU F 20 5.63 -49.86 -45.89
CA GLU F 20 4.65 -50.11 -44.84
C GLU F 20 3.53 -50.92 -45.45
N ASP F 21 2.60 -51.37 -44.60
CA ASP F 21 1.61 -52.35 -45.02
C ASP F 21 0.30 -51.68 -45.41
N GLN F 22 -0.45 -52.35 -46.28
CA GLN F 22 -1.70 -51.85 -46.82
C GLN F 22 -2.86 -52.40 -45.99
N ALA F 23 -4.08 -52.27 -46.50
CA ALA F 23 -5.29 -52.72 -45.81
C ALA F 23 -6.01 -53.74 -46.68
N ASP F 24 -7.06 -54.31 -46.12
CA ASP F 24 -7.84 -55.31 -46.82
C ASP F 24 -9.15 -54.68 -47.30
N TYR F 25 -9.95 -55.48 -48.01
CA TYR F 25 -11.18 -54.96 -48.55
C TYR F 25 -12.33 -55.91 -48.24
N PRO F 26 -13.55 -55.39 -48.06
CA PRO F 26 -14.70 -56.28 -47.80
C PRO F 26 -14.97 -57.29 -48.91
N SER F 27 -14.78 -56.91 -50.18
CA SER F 27 -15.15 -57.80 -51.27
C SER F 27 -14.21 -59.00 -51.41
N THR F 28 -12.94 -58.84 -51.03
CA THR F 28 -11.95 -59.88 -51.27
C THR F 28 -12.20 -61.14 -50.44
N PHE F 29 -12.83 -61.03 -49.28
CA PHE F 29 -13.12 -62.20 -48.47
C PHE F 29 -14.20 -63.10 -49.06
N PHE F 30 -15.00 -62.57 -50.00
CA PHE F 30 -16.13 -63.28 -50.56
C PHE F 30 -15.90 -63.77 -51.99
N GLU F 31 -14.65 -63.88 -52.43
CA GLU F 31 -14.37 -64.34 -53.80
C GLU F 31 -14.44 -65.87 -53.90
N GLY F 32 -13.51 -66.56 -53.25
CA GLY F 32 -13.51 -68.01 -53.19
C GLY F 32 -13.40 -68.45 -51.75
N GLY F 33 -13.00 -67.49 -50.92
CA GLY F 33 -12.69 -67.58 -49.52
C GLY F 33 -13.90 -67.34 -48.64
N ASN F 34 -15.08 -67.20 -49.24
CA ASN F 34 -16.30 -66.88 -48.51
C ASN F 34 -16.79 -68.05 -47.64
N GLU F 35 -15.92 -68.50 -46.74
CA GLU F 35 -16.22 -69.57 -45.80
C GLU F 35 -16.50 -69.03 -44.41
N ILE F 36 -17.44 -68.10 -44.27
CA ILE F 36 -17.71 -67.49 -42.97
C ILE F 36 -18.35 -68.52 -42.05
N ARG F 37 -17.93 -68.52 -40.78
CA ARG F 37 -18.48 -69.48 -39.81
C ARG F 37 -18.13 -69.04 -38.39
N LEU F 38 -19.13 -68.96 -37.52
CA LEU F 38 -18.84 -68.64 -36.12
C LEU F 38 -18.47 -69.88 -35.29
N TYR F 39 -18.88 -71.09 -35.69
CA TYR F 39 -18.55 -72.36 -35.03
C TYR F 39 -18.51 -72.32 -33.49
N VAL F 40 -19.68 -72.35 -32.83
CA VAL F 40 -19.78 -72.30 -31.38
C VAL F 40 -20.38 -73.62 -30.87
N ASN F 41 -20.05 -73.97 -29.63
CA ASN F 41 -20.49 -75.22 -28.98
C ASN F 41 -21.96 -75.54 -29.18
N ARG F 42 -22.23 -76.60 -29.94
CA ARG F 42 -23.58 -77.11 -30.15
C ARG F 42 -23.65 -78.58 -29.73
N GLY F 43 -24.56 -78.89 -28.81
CA GLY F 43 -24.77 -80.29 -28.48
C GLY F 43 -25.25 -80.54 -27.08
N GLU F 44 -24.89 -79.63 -26.18
CA GLU F 44 -25.34 -79.69 -24.80
C GLU F 44 -26.72 -79.04 -24.66
N LYS F 45 -27.46 -79.49 -23.67
CA LYS F 45 -28.83 -79.01 -23.48
C LYS F 45 -28.83 -77.56 -23.01
N LEU F 46 -29.92 -76.86 -23.32
CA LEU F 46 -30.04 -75.44 -23.01
C LEU F 46 -30.00 -75.19 -21.51
N ASP F 47 -30.75 -75.98 -20.74
CA ASP F 47 -30.87 -75.71 -19.30
C ASP F 47 -29.53 -75.81 -18.60
N VAL F 48 -28.65 -76.70 -19.06
CA VAL F 48 -27.32 -76.80 -18.46
C VAL F 48 -26.51 -75.54 -18.73
N LEU F 49 -26.72 -74.90 -19.89
CA LEU F 49 -25.97 -73.70 -20.25
C LEU F 49 -26.40 -72.46 -19.45
N ARG F 50 -27.70 -72.31 -19.19
CA ARG F 50 -28.16 -71.10 -18.52
C ARG F 50 -27.59 -70.96 -17.11
N GLN F 51 -27.38 -72.09 -16.43
CA GLN F 51 -26.82 -72.05 -15.08
C GLN F 51 -25.29 -71.97 -15.09
N TYR F 52 -24.63 -72.46 -16.15
CA TYR F 52 -23.18 -72.32 -16.25
C TYR F 52 -22.75 -70.85 -16.31
N VAL F 53 -23.56 -69.99 -16.93
CA VAL F 53 -23.18 -68.59 -17.07
C VAL F 53 -23.48 -67.81 -15.79
N TYR F 54 -24.59 -68.13 -15.12
CA TYR F 54 -24.96 -67.39 -13.93
C TYR F 54 -23.93 -67.59 -12.82
N MET F 55 -23.25 -68.76 -12.80
CA MET F 55 -22.13 -69.00 -11.89
C MET F 55 -20.88 -68.45 -12.59
N GLY F 56 -20.52 -67.24 -12.17
CA GLY F 56 -19.33 -66.53 -12.59
C GLY F 56 -19.72 -65.08 -12.77
N LEU F 57 -21.00 -64.84 -13.10
CA LEU F 57 -21.48 -63.46 -13.08
C LEU F 57 -21.66 -63.00 -11.65
N VAL F 58 -22.20 -63.89 -10.79
CA VAL F 58 -22.27 -63.62 -9.36
C VAL F 58 -20.86 -63.65 -8.78
N GLU F 59 -19.97 -64.42 -9.40
CA GLU F 59 -18.56 -64.49 -9.04
C GLU F 59 -17.81 -63.44 -9.86
N LYS F 60 -16.49 -63.53 -9.88
CA LYS F 60 -15.66 -62.65 -10.69
C LYS F 60 -14.93 -63.39 -11.80
N ASN F 61 -15.11 -64.70 -11.90
CA ASN F 61 -14.44 -65.53 -12.91
C ASN F 61 -15.49 -66.24 -13.76
N CYS F 62 -15.99 -65.56 -14.79
CA CYS F 62 -16.93 -66.15 -15.74
C CYS F 62 -16.19 -66.43 -17.05
N ARG F 63 -16.36 -67.63 -17.58
CA ARG F 63 -15.70 -67.99 -18.83
C ARG F 63 -16.41 -67.33 -20.00
N ILE F 64 -15.75 -67.34 -21.16
CA ILE F 64 -16.28 -66.67 -22.34
C ILE F 64 -16.95 -67.71 -23.23
N GLN F 65 -16.48 -68.96 -23.14
CA GLN F 65 -17.13 -70.05 -23.86
C GLN F 65 -18.53 -70.31 -23.32
N HIS F 66 -18.77 -70.01 -22.04
CA HIS F 66 -20.11 -70.15 -21.48
C HIS F 66 -21.06 -69.13 -22.11
N VAL F 67 -20.63 -67.88 -22.20
CA VAL F 67 -21.47 -66.83 -22.76
C VAL F 67 -21.72 -67.08 -24.23
N ASN F 68 -20.75 -67.67 -24.93
CA ASN F 68 -20.94 -67.97 -26.35
C ASN F 68 -21.97 -69.07 -26.56
N ALA F 69 -21.87 -70.15 -25.76
CA ALA F 69 -22.83 -71.25 -25.90
C ALA F 69 -24.24 -70.84 -25.49
N TYR F 70 -24.38 -69.94 -24.51
CA TYR F 70 -25.70 -69.56 -24.05
C TYR F 70 -26.42 -68.66 -25.04
N LEU F 71 -25.71 -67.66 -25.57
CA LEU F 71 -26.34 -66.73 -26.51
C LEU F 71 -26.76 -67.43 -27.78
N TYR F 72 -26.04 -68.48 -28.18
CA TYR F 72 -26.44 -69.28 -29.32
C TYR F 72 -27.73 -70.05 -29.04
N ALA F 73 -28.01 -70.35 -27.77
CA ALA F 73 -29.18 -71.16 -27.45
C ALA F 73 -30.47 -70.34 -27.42
N VAL F 74 -30.44 -69.17 -26.74
CA VAL F 74 -31.64 -68.38 -26.59
C VAL F 74 -32.05 -67.73 -27.91
N LEU F 75 -31.07 -67.38 -28.74
CA LEU F 75 -31.36 -66.61 -29.95
C LEU F 75 -31.50 -67.49 -31.19
N LYS F 76 -31.58 -68.81 -31.03
CA LYS F 76 -31.67 -69.73 -32.18
C LYS F 76 -33.12 -70.17 -32.37
N GLY F 77 -33.90 -69.30 -33.01
CA GLY F 77 -35.30 -69.57 -33.23
C GLY F 77 -36.19 -68.34 -33.19
N GLU F 78 -35.58 -67.17 -33.05
CA GLU F 78 -36.27 -65.89 -32.94
C GLU F 78 -36.58 -65.38 -34.35
N ARG F 79 -36.70 -66.33 -35.29
CA ARG F 79 -37.05 -66.06 -36.68
C ARG F 79 -38.08 -64.93 -36.81
N GLU F 80 -38.15 -64.35 -38.00
CA GLU F 80 -38.89 -63.14 -38.31
C GLU F 80 -39.45 -63.22 -39.71
N LEU F 81 -40.42 -62.35 -39.99
CA LEU F 81 -41.29 -62.53 -41.16
C LEU F 81 -40.57 -62.24 -42.48
N LEU F 82 -39.71 -61.21 -42.54
CA LEU F 82 -38.91 -60.97 -43.74
C LEU F 82 -39.76 -60.77 -44.99
N GLU F 83 -40.34 -59.58 -45.13
CA GLU F 83 -41.26 -59.27 -46.22
C GLU F 83 -40.57 -58.92 -47.54
N ALA F 84 -39.26 -59.14 -47.66
CA ALA F 84 -38.52 -58.70 -48.84
C ALA F 84 -37.12 -59.31 -48.87
N ASP F 85 -36.73 -59.86 -50.02
CA ASP F 85 -35.43 -60.49 -50.23
C ASP F 85 -34.29 -59.65 -49.66
N TRP F 86 -33.28 -60.34 -49.13
CA TRP F 86 -32.15 -59.70 -48.46
C TRP F 86 -30.86 -60.41 -48.89
N ASP F 87 -30.12 -59.81 -49.83
CA ASP F 87 -28.93 -60.44 -50.40
C ASP F 87 -27.81 -59.40 -50.56
N SER F 88 -26.74 -59.57 -49.79
CA SER F 88 -25.55 -58.73 -49.97
C SER F 88 -24.35 -59.57 -50.37
N PHE F 89 -23.38 -58.90 -51.01
CA PHE F 89 -22.11 -59.48 -51.44
C PHE F 89 -22.22 -60.88 -52.05
N GLY F 90 -23.31 -61.15 -52.76
CA GLY F 90 -23.49 -62.41 -53.45
C GLY F 90 -24.03 -63.54 -52.61
N HIS F 91 -23.90 -63.46 -51.29
CA HIS F 91 -24.43 -64.49 -50.39
C HIS F 91 -25.85 -64.10 -50.02
N LYS F 92 -26.83 -64.70 -50.68
CA LYS F 92 -28.22 -64.42 -50.36
C LYS F 92 -28.56 -64.96 -48.98
N ILE F 93 -29.34 -64.19 -48.24
CA ILE F 93 -29.72 -64.56 -46.88
C ILE F 93 -31.12 -65.16 -46.83
N GLY F 94 -32.11 -64.45 -47.40
CA GLY F 94 -33.46 -64.98 -47.38
C GLY F 94 -34.38 -64.46 -48.48
N ILE F 95 -35.22 -65.35 -48.99
CA ILE F 95 -36.22 -64.96 -49.99
C ILE F 95 -37.44 -64.40 -49.26
N GLN F 96 -38.24 -63.61 -49.99
CA GLN F 96 -39.38 -62.95 -49.39
C GLN F 96 -40.37 -63.96 -48.84
N GLY F 97 -40.95 -63.64 -47.68
CA GLY F 97 -41.99 -64.46 -47.09
C GLY F 97 -41.49 -65.62 -46.24
N ASP F 98 -40.17 -65.80 -46.12
CA ASP F 98 -39.61 -66.91 -45.37
C ASP F 98 -39.33 -66.51 -43.92
N LYS F 99 -39.36 -67.51 -43.04
CA LYS F 99 -38.82 -67.36 -41.70
C LYS F 99 -37.29 -67.41 -41.80
N ILE F 100 -36.62 -66.40 -41.27
CA ILE F 100 -35.19 -66.28 -41.54
C ILE F 100 -34.32 -66.83 -40.40
N GLY F 101 -34.14 -66.06 -39.33
CA GLY F 101 -33.32 -66.48 -38.23
C GLY F 101 -32.25 -65.45 -37.93
N PRO F 102 -31.68 -65.47 -36.73
CA PRO F 102 -30.57 -64.55 -36.44
C PRO F 102 -29.20 -65.14 -36.79
N PHE F 103 -29.13 -66.45 -36.97
CA PHE F 103 -27.85 -67.13 -37.17
C PHE F 103 -27.68 -67.75 -38.55
N ASN F 104 -28.65 -67.61 -39.44
CA ASN F 104 -28.52 -68.14 -40.79
C ASN F 104 -27.70 -67.22 -41.69
N LEU F 105 -27.29 -66.06 -41.19
CA LEU F 105 -26.42 -65.15 -41.91
C LEU F 105 -25.00 -65.67 -42.03
N VAL F 106 -24.65 -66.71 -41.27
CA VAL F 106 -23.31 -67.25 -41.21
C VAL F 106 -23.43 -68.75 -41.00
N ARG F 107 -22.48 -69.50 -41.56
CA ARG F 107 -22.48 -70.95 -41.36
C ARG F 107 -22.24 -71.29 -39.90
N VAL F 108 -23.03 -72.22 -39.38
CA VAL F 108 -22.89 -72.67 -38.00
C VAL F 108 -22.28 -74.07 -38.01
N GLU F 109 -20.96 -74.15 -37.98
CA GLU F 109 -20.27 -75.42 -37.90
C GLU F 109 -20.02 -75.83 -36.46
N ASP F 110 -19.86 -77.14 -36.25
CA ASP F 110 -19.59 -77.66 -34.91
C ASP F 110 -18.24 -77.17 -34.43
N ILE F 111 -18.17 -76.84 -33.13
CA ILE F 111 -16.96 -76.28 -32.54
C ILE F 111 -15.92 -77.40 -32.50
N PRO F 112 -14.62 -77.11 -32.61
CA PRO F 112 -13.62 -78.09 -32.21
C PRO F 112 -13.75 -78.40 -30.71
N ASP F 113 -13.49 -79.66 -30.37
CA ASP F 113 -13.80 -80.19 -29.05
C ASP F 113 -13.13 -79.35 -27.94
N GLY F 114 -13.52 -79.65 -26.70
CA GLY F 114 -13.03 -78.88 -25.57
C GLY F 114 -14.10 -78.18 -24.75
N LEU F 115 -15.25 -78.83 -24.57
CA LEU F 115 -16.37 -78.19 -23.87
C LEU F 115 -15.95 -77.87 -22.44
N PRO F 116 -16.21 -76.66 -21.96
CA PRO F 116 -15.69 -76.27 -20.63
C PRO F 116 -16.27 -77.13 -19.51
N ASP F 117 -15.42 -77.40 -18.52
CA ASP F 117 -15.74 -78.16 -17.32
C ASP F 117 -16.05 -77.23 -16.14
N GLY F 118 -16.87 -77.73 -15.21
CA GLY F 118 -17.06 -77.09 -13.93
C GLY F 118 -18.21 -76.11 -13.86
N LYS F 119 -18.06 -75.07 -13.02
CA LYS F 119 -19.11 -74.07 -12.79
C LYS F 119 -20.46 -74.76 -12.53
N LEU F 120 -20.54 -75.37 -11.35
CA LEU F 120 -21.72 -76.12 -10.96
C LEU F 120 -22.94 -75.21 -10.82
N ASN F 121 -24.07 -75.70 -11.30
CA ASN F 121 -25.28 -74.89 -11.47
C ASN F 121 -25.79 -74.32 -10.16
N ALA F 122 -26.18 -73.04 -10.20
CA ALA F 122 -26.81 -72.36 -9.08
C ALA F 122 -28.32 -72.55 -9.13
N GLU F 123 -29.07 -71.67 -8.47
CA GLU F 123 -30.52 -71.79 -8.46
C GLU F 123 -31.14 -71.41 -9.81
N VAL F 124 -32.22 -72.11 -10.15
CA VAL F 124 -32.86 -72.00 -11.44
C VAL F 124 -33.87 -70.86 -11.44
N SER F 125 -33.79 -69.99 -12.44
CA SER F 125 -34.75 -68.91 -12.64
C SER F 125 -35.59 -69.17 -13.89
N ALA F 126 -34.95 -69.27 -15.05
CA ALA F 126 -35.56 -69.67 -16.31
C ALA F 126 -36.58 -68.69 -16.88
N GLU F 127 -36.97 -67.67 -16.12
CA GLU F 127 -37.85 -66.64 -16.64
C GLU F 127 -37.13 -65.31 -16.83
N ASP F 128 -35.88 -65.20 -16.36
CA ASP F 128 -35.13 -63.96 -16.43
C ASP F 128 -34.30 -63.85 -17.70
N ASP F 129 -34.67 -64.59 -18.74
CA ASP F 129 -33.99 -64.49 -20.03
C ASP F 129 -34.37 -63.21 -20.78
N ALA F 130 -35.32 -62.43 -20.26
CA ALA F 130 -35.64 -61.15 -20.87
C ALA F 130 -34.46 -60.19 -20.81
N TRP F 131 -33.58 -60.35 -19.82
CA TRP F 131 -32.43 -59.46 -19.64
C TRP F 131 -31.08 -60.11 -19.88
N LEU F 132 -30.95 -61.41 -19.60
CA LEU F 132 -29.62 -62.04 -19.63
C LEU F 132 -28.93 -61.91 -20.99
N PRO F 133 -29.55 -62.26 -22.12
CA PRO F 133 -28.90 -61.95 -23.40
C PRO F 133 -28.62 -60.47 -23.60
N LEU F 134 -29.50 -59.59 -23.11
CA LEU F 134 -29.27 -58.15 -23.25
C LEU F 134 -28.09 -57.70 -22.41
N PHE F 135 -27.89 -58.31 -21.24
CA PHE F 135 -26.78 -57.94 -20.38
C PHE F 135 -25.45 -58.46 -20.94
N LEU F 136 -25.42 -59.73 -21.34
CA LEU F 136 -24.18 -60.31 -21.83
C LEU F 136 -23.71 -59.62 -23.11
N LEU F 137 -24.65 -59.23 -23.97
CA LEU F 137 -24.31 -58.40 -25.11
C LEU F 137 -23.91 -56.99 -24.68
N GLY F 138 -24.46 -56.51 -23.56
CA GLY F 138 -24.16 -55.15 -23.13
C GLY F 138 -22.78 -54.96 -22.55
N LEU F 139 -22.15 -56.03 -22.05
CA LEU F 139 -20.81 -55.89 -21.51
C LEU F 139 -19.76 -55.67 -22.60
N TYR F 140 -20.06 -56.04 -23.86
CA TYR F 140 -19.14 -55.77 -24.95
C TYR F 140 -19.00 -54.27 -25.19
N ARG F 141 -20.11 -53.53 -25.13
CA ARG F 141 -20.02 -52.08 -25.27
C ARG F 141 -19.35 -51.45 -24.06
N VAL F 142 -19.58 -52.02 -22.88
CA VAL F 142 -18.92 -51.53 -21.67
C VAL F 142 -17.48 -52.01 -21.58
N GLY F 143 -17.04 -52.88 -22.51
CA GLY F 143 -15.66 -53.29 -22.53
C GLY F 143 -14.71 -52.30 -23.16
N ARG F 144 -15.20 -51.44 -24.06
CA ARG F 144 -14.34 -50.55 -24.83
C ARG F 144 -13.90 -49.32 -24.03
N ALA F 145 -14.80 -48.73 -23.25
CA ALA F 145 -14.52 -47.55 -22.45
C ALA F 145 -13.38 -47.79 -21.47
N SER F 146 -12.61 -46.74 -21.19
CA SER F 146 -11.53 -46.85 -20.20
C SER F 146 -11.70 -45.97 -18.97
N GLU F 147 -12.47 -44.90 -19.04
CA GLU F 147 -12.71 -43.95 -17.96
C GLU F 147 -13.99 -44.31 -17.19
N THR F 148 -14.52 -43.35 -16.42
CA THR F 148 -15.72 -43.49 -15.61
C THR F 148 -16.94 -43.89 -16.43
N ALA F 149 -16.81 -43.92 -17.76
CA ALA F 149 -17.87 -44.45 -18.61
C ALA F 149 -18.18 -45.90 -18.27
N TYR F 150 -17.27 -46.63 -17.63
CA TYR F 150 -17.63 -47.93 -17.08
C TYR F 150 -18.79 -47.81 -16.11
N ARG F 151 -18.85 -46.71 -15.36
CA ARG F 151 -19.99 -46.49 -14.48
C ARG F 151 -21.17 -45.92 -15.25
N THR F 152 -20.91 -45.02 -16.21
CA THR F 152 -22.01 -44.42 -16.95
C THR F 152 -22.73 -45.44 -17.81
N LEU F 153 -21.98 -46.36 -18.44
CA LEU F 153 -22.64 -47.35 -19.29
C LEU F 153 -23.32 -48.44 -18.49
N LEU F 154 -22.68 -48.91 -17.41
CA LEU F 154 -23.29 -49.94 -16.57
C LEU F 154 -24.52 -49.42 -15.85
N MET F 155 -24.54 -48.14 -15.47
CA MET F 155 -25.73 -47.59 -14.84
C MET F 155 -26.89 -47.56 -15.82
N GLU F 156 -26.61 -47.23 -17.08
CA GLU F 156 -27.63 -47.36 -18.12
C GLU F 156 -27.94 -48.82 -18.40
N SER F 157 -26.92 -49.69 -18.30
CA SER F 157 -27.14 -51.13 -18.49
C SER F 157 -27.93 -51.71 -17.32
N LEU F 158 -27.69 -51.21 -16.10
CA LEU F 158 -28.42 -51.71 -14.94
C LEU F 158 -29.90 -51.41 -15.04
N ILE F 159 -30.25 -50.25 -15.62
CA ILE F 159 -31.66 -49.91 -15.80
C ILE F 159 -32.33 -50.89 -16.75
N LYS F 160 -31.58 -51.41 -17.73
CA LYS F 160 -32.17 -52.31 -18.71
C LYS F 160 -32.62 -53.62 -18.08
N GLN F 161 -31.95 -54.06 -17.01
CA GLN F 161 -32.30 -55.31 -16.34
C GLN F 161 -32.99 -55.14 -15.00
N CYS F 162 -32.78 -54.01 -14.31
CA CYS F 162 -33.58 -53.73 -13.11
C CYS F 162 -35.05 -53.53 -13.45
N LYS F 163 -35.34 -53.04 -14.66
CA LYS F 163 -36.72 -52.98 -15.14
C LYS F 163 -37.21 -54.36 -15.53
N ALA F 164 -36.31 -55.32 -15.70
CA ALA F 164 -36.65 -56.65 -16.21
C ALA F 164 -37.20 -57.59 -15.14
N ILE F 165 -36.76 -57.48 -13.88
CA ILE F 165 -37.08 -58.55 -12.94
C ILE F 165 -38.39 -58.30 -12.19
N LYS F 166 -38.36 -57.47 -11.15
CA LYS F 166 -39.61 -56.96 -10.60
C LYS F 166 -39.49 -55.47 -10.31
N SER F 167 -38.92 -55.17 -9.14
CA SER F 167 -38.33 -53.92 -8.68
C SER F 167 -36.94 -54.15 -8.12
N ASP F 168 -36.77 -55.18 -7.30
CA ASP F 168 -35.49 -55.51 -6.68
C ASP F 168 -34.60 -56.21 -7.68
N TRP F 169 -33.31 -55.88 -7.65
CA TRP F 169 -32.36 -56.54 -8.53
C TRP F 169 -30.96 -56.31 -7.97
N VAL F 170 -30.34 -57.38 -7.46
CA VAL F 170 -28.93 -57.31 -7.11
C VAL F 170 -28.14 -57.16 -8.39
N SER F 171 -26.98 -56.51 -8.29
CA SER F 171 -26.17 -56.19 -9.47
C SER F 171 -24.92 -57.05 -9.45
N PRO F 172 -24.96 -58.25 -10.04
CA PRO F 172 -23.75 -59.08 -10.10
C PRO F 172 -22.61 -58.41 -10.84
N VAL F 173 -22.92 -57.55 -11.82
CA VAL F 173 -21.87 -56.92 -12.59
C VAL F 173 -20.99 -56.09 -11.67
N THR F 174 -19.69 -56.18 -11.89
CA THR F 174 -18.75 -55.38 -11.12
C THR F 174 -18.86 -53.90 -11.51
N ALA F 175 -18.59 -53.03 -10.53
CA ALA F 175 -18.68 -51.59 -10.79
C ALA F 175 -17.59 -51.13 -11.75
N THR F 176 -16.36 -51.57 -11.54
CA THR F 176 -15.24 -51.08 -12.34
C THR F 176 -14.25 -52.16 -12.77
N HIS F 177 -14.34 -53.39 -12.28
CA HIS F 177 -13.38 -54.43 -12.64
C HIS F 177 -13.49 -54.75 -14.13
N LYS F 178 -12.36 -55.11 -14.72
CA LYS F 178 -12.20 -55.23 -16.16
C LYS F 178 -12.04 -56.67 -16.60
N TYR F 179 -12.78 -57.59 -15.97
CA TYR F 179 -12.70 -59.00 -16.34
C TYR F 179 -13.46 -59.34 -17.61
N PHE F 180 -14.39 -58.48 -18.04
CA PHE F 180 -15.14 -58.74 -19.27
C PHE F 180 -14.48 -58.14 -20.50
N ASP F 181 -13.34 -57.46 -20.35
CA ASP F 181 -12.58 -57.02 -21.52
C ASP F 181 -12.02 -58.21 -22.31
N VAL F 182 -11.89 -59.37 -21.68
CA VAL F 182 -11.43 -60.57 -22.38
C VAL F 182 -12.40 -60.95 -23.50
N TRP F 183 -13.68 -60.62 -23.34
CA TRP F 183 -14.70 -61.09 -24.28
C TRP F 183 -14.51 -60.51 -25.68
N GLY F 184 -13.89 -59.32 -25.80
CA GLY F 184 -13.74 -58.72 -27.10
C GLY F 184 -12.67 -59.35 -27.97
N ASN F 185 -11.78 -60.13 -27.38
CA ASN F 185 -10.77 -60.86 -28.15
C ASN F 185 -11.26 -62.20 -28.66
N ASP F 186 -12.36 -62.72 -28.14
CA ASP F 186 -12.89 -64.00 -28.58
C ASP F 186 -13.57 -63.84 -29.94
N GLY F 187 -13.14 -64.64 -30.90
CA GLY F 187 -13.67 -64.52 -32.25
C GLY F 187 -15.10 -64.99 -32.38
N ASN F 188 -15.50 -65.99 -31.60
CA ASN F 188 -16.89 -66.44 -31.66
C ASN F 188 -17.84 -65.41 -31.08
N TYR F 189 -17.45 -64.78 -29.96
CA TYR F 189 -18.29 -63.76 -29.36
C TYR F 189 -18.42 -62.54 -30.26
N LEU F 190 -17.36 -62.20 -31.00
CA LEU F 190 -17.45 -61.10 -31.96
C LEU F 190 -18.40 -61.40 -33.10
N LYS F 191 -18.49 -62.67 -33.52
CA LYS F 191 -19.41 -63.01 -34.59
C LYS F 191 -20.85 -63.02 -34.10
N ILE F 192 -21.09 -63.56 -32.90
CA ILE F 192 -22.44 -63.59 -32.36
C ILE F 192 -22.92 -62.18 -32.03
N VAL F 193 -22.04 -61.33 -31.52
CA VAL F 193 -22.43 -59.96 -31.21
C VAL F 193 -22.72 -59.16 -32.48
N ALA F 194 -21.99 -59.46 -33.56
CA ALA F 194 -22.24 -58.77 -34.83
C ALA F 194 -23.53 -59.24 -35.49
N CYS F 195 -23.88 -60.52 -35.32
CA CYS F 195 -25.10 -61.05 -35.93
C CYS F 195 -26.34 -60.39 -35.34
N VAL F 196 -26.30 -60.01 -34.06
CA VAL F 196 -27.47 -59.41 -33.43
C VAL F 196 -27.79 -58.06 -34.07
N ASP F 197 -26.76 -57.32 -34.50
CA ASP F 197 -27.02 -56.01 -35.06
C ASP F 197 -27.56 -56.09 -36.48
N MET F 198 -26.94 -56.92 -37.32
CA MET F 198 -27.40 -57.03 -38.71
C MET F 198 -28.80 -57.61 -38.77
N PHE F 199 -29.14 -58.52 -37.86
CA PHE F 199 -30.47 -59.10 -37.86
C PHE F 199 -31.52 -58.08 -37.40
N TYR F 200 -31.25 -57.39 -36.29
CA TYR F 200 -32.23 -56.46 -35.75
C TYR F 200 -32.17 -55.07 -36.38
N ASN F 201 -31.12 -54.75 -37.13
CA ASN F 201 -31.15 -53.53 -37.94
C ASN F 201 -32.15 -53.67 -39.09
N HIS F 202 -32.37 -54.88 -39.57
CA HIS F 202 -33.35 -55.10 -40.62
C HIS F 202 -34.76 -55.12 -40.07
N PHE F 203 -34.98 -55.84 -38.98
CA PHE F 203 -36.28 -55.90 -38.31
C PHE F 203 -36.28 -55.01 -37.07
N LYS F 204 -36.23 -53.70 -37.30
CA LYS F 204 -36.24 -52.76 -36.18
C LYS F 204 -37.54 -52.79 -35.39
N LYS F 205 -38.63 -53.25 -36.01
CA LYS F 205 -39.92 -53.29 -35.33
C LYS F 205 -40.07 -54.50 -34.41
N SER F 206 -39.13 -55.44 -34.43
CA SER F 206 -39.24 -56.63 -33.60
C SER F 206 -39.09 -56.28 -32.12
N ILE F 207 -39.78 -57.07 -31.29
CA ILE F 207 -39.76 -56.83 -29.85
C ILE F 207 -38.38 -57.04 -29.25
N LYS F 208 -37.58 -57.93 -29.85
CA LYS F 208 -36.26 -58.25 -29.34
C LYS F 208 -35.18 -57.28 -29.83
N ALA F 209 -35.58 -56.19 -30.49
CA ALA F 209 -34.62 -55.18 -30.92
C ALA F 209 -33.99 -54.44 -29.75
N THR F 210 -34.55 -54.56 -28.54
CA THR F 210 -33.93 -53.97 -27.36
C THR F 210 -32.57 -54.58 -27.07
N PHE F 211 -32.29 -55.77 -27.61
CA PHE F 211 -30.98 -56.39 -27.47
C PHE F 211 -29.88 -55.57 -28.13
N ARG F 212 -30.24 -54.65 -29.02
CA ARG F 212 -29.23 -53.85 -29.71
C ARG F 212 -28.38 -53.02 -28.76
N TRP F 213 -28.89 -52.71 -27.57
CA TRP F 213 -28.04 -52.06 -26.57
C TRP F 213 -26.88 -52.96 -26.20
N GLY F 214 -25.69 -52.36 -26.17
CA GLY F 214 -24.48 -53.06 -25.83
C GLY F 214 -23.78 -53.74 -27.00
N THR F 215 -24.48 -53.98 -28.10
CA THR F 215 -23.88 -54.50 -29.30
C THR F 215 -23.88 -53.50 -30.46
N ILE F 216 -24.59 -52.38 -30.33
CA ILE F 216 -24.71 -51.41 -31.41
C ILE F 216 -23.38 -50.79 -31.78
N VAL F 217 -22.40 -50.81 -30.88
CA VAL F 217 -21.07 -50.29 -31.17
C VAL F 217 -20.40 -51.06 -32.30
N SER F 218 -20.83 -52.30 -32.55
CA SER F 218 -20.24 -53.11 -33.61
C SER F 218 -20.49 -52.56 -35.01
N ARG F 219 -21.52 -51.74 -35.20
CA ARG F 219 -21.79 -51.23 -36.53
C ARG F 219 -20.68 -50.31 -37.02
N PHE F 220 -20.39 -50.39 -38.33
CA PHE F 220 -19.35 -49.61 -38.99
C PHE F 220 -18.14 -49.40 -38.11
N LYS F 221 -17.63 -50.47 -37.51
CA LYS F 221 -16.48 -50.37 -36.62
C LYS F 221 -15.22 -50.06 -37.40
N ASP F 222 -14.24 -49.49 -36.69
CA ASP F 222 -13.00 -49.00 -37.28
C ASP F 222 -13.18 -48.40 -38.66
N CYS F 223 -14.22 -47.60 -38.84
CA CYS F 223 -14.50 -46.91 -40.09
C CYS F 223 -14.73 -45.42 -39.85
N ALA F 224 -13.92 -44.83 -38.96
CA ALA F 224 -14.11 -43.42 -38.61
C ALA F 224 -13.82 -42.49 -39.77
N ALA F 225 -12.99 -42.91 -40.72
CA ALA F 225 -12.73 -42.06 -41.88
C ALA F 225 -13.97 -41.87 -42.73
N LEU F 226 -14.85 -42.88 -42.78
CA LEU F 226 -16.13 -42.71 -43.46
C LEU F 226 -17.05 -41.79 -42.67
N ALA F 227 -17.07 -41.94 -41.35
CA ALA F 227 -17.88 -41.05 -40.51
C ALA F 227 -17.38 -39.62 -40.59
N THR F 228 -16.06 -39.44 -40.76
CA THR F 228 -15.52 -38.10 -40.93
C THR F 228 -15.98 -37.49 -42.25
N LEU F 229 -16.06 -38.29 -43.31
CA LEU F 229 -16.51 -37.78 -44.60
C LEU F 229 -17.97 -37.37 -44.54
N GLY F 230 -18.80 -38.13 -43.82
CA GLY F 230 -20.18 -37.73 -43.64
C GLY F 230 -20.35 -36.56 -42.68
N HIS F 231 -19.47 -36.47 -41.68
CA HIS F 231 -19.56 -35.35 -40.73
C HIS F 231 -19.26 -34.02 -41.41
N VAL F 232 -18.33 -34.00 -42.36
CA VAL F 232 -18.00 -32.75 -43.04
C VAL F 232 -19.17 -32.29 -43.90
N VAL F 233 -19.93 -33.23 -44.47
CA VAL F 233 -21.06 -32.85 -45.31
C VAL F 233 -22.13 -32.16 -44.46
N LYS F 234 -22.31 -32.60 -43.21
CA LYS F 234 -23.34 -32.03 -42.36
C LYS F 234 -22.94 -30.68 -41.79
N ILE F 235 -21.67 -30.52 -41.40
CA ILE F 235 -21.27 -29.29 -40.73
C ILE F 235 -21.00 -28.17 -41.73
N THR F 236 -20.36 -28.50 -42.87
CA THR F 236 -20.09 -27.49 -43.89
C THR F 236 -21.35 -27.13 -44.67
N GLY F 237 -22.30 -28.06 -44.77
CA GLY F 237 -23.50 -27.86 -45.55
C GLY F 237 -23.36 -28.15 -47.03
N LEU F 238 -22.17 -28.49 -47.50
CA LEU F 238 -21.97 -28.83 -48.90
C LEU F 238 -22.43 -30.26 -49.17
N THR F 239 -22.85 -30.49 -50.41
CA THR F 239 -23.10 -31.85 -50.88
C THR F 239 -21.77 -32.57 -51.07
N ILE F 240 -21.84 -33.90 -51.09
CA ILE F 240 -20.64 -34.73 -51.13
C ILE F 240 -19.76 -34.38 -52.33
N GLU F 241 -20.36 -33.94 -53.44
CA GLU F 241 -19.54 -33.56 -54.59
C GLU F 241 -18.69 -32.33 -54.32
N GLU F 242 -19.24 -31.30 -53.66
CA GLU F 242 -18.41 -30.12 -53.38
C GLU F 242 -17.33 -30.43 -52.35
N VAL F 243 -17.57 -31.37 -51.43
CA VAL F 243 -16.54 -31.70 -50.47
C VAL F 243 -15.34 -32.32 -51.18
N PHE F 244 -15.59 -33.14 -52.20
CA PHE F 244 -14.50 -33.76 -52.95
C PHE F 244 -13.72 -32.74 -53.76
N THR F 245 -14.41 -31.75 -54.34
CA THR F 245 -13.72 -30.76 -55.17
C THR F 245 -12.79 -29.86 -54.35
N TRP F 246 -13.06 -29.72 -53.05
CA TRP F 246 -12.26 -28.88 -52.17
C TRP F 246 -11.02 -29.59 -51.63
N VAL F 247 -10.81 -30.86 -51.99
CA VAL F 247 -9.69 -31.64 -51.48
C VAL F 247 -8.41 -31.18 -52.15
N LEU F 248 -7.81 -30.11 -51.60
CA LEU F 248 -6.63 -29.47 -52.15
C LEU F 248 -5.34 -30.26 -52.00
N GLN F 249 -5.31 -31.33 -51.22
CA GLN F 249 -4.09 -32.12 -51.05
C GLN F 249 -4.14 -33.39 -51.89
N THR F 250 -3.01 -33.72 -52.52
CA THR F 250 -2.92 -34.93 -53.34
C THR F 250 -3.00 -36.20 -52.50
N GLU F 251 -2.54 -36.17 -51.25
CA GLU F 251 -2.58 -37.37 -50.43
C GLU F 251 -3.98 -37.61 -49.86
N VAL F 252 -4.69 -36.54 -49.51
CA VAL F 252 -6.05 -36.71 -49.02
C VAL F 252 -6.92 -37.29 -50.12
N ALA F 253 -6.63 -36.95 -51.38
CA ALA F 253 -7.33 -37.56 -52.50
C ALA F 253 -6.96 -39.02 -52.67
N ASP F 254 -5.66 -39.35 -52.49
CA ASP F 254 -5.21 -40.73 -52.69
C ASP F 254 -5.83 -41.67 -51.68
N GLU F 255 -6.12 -41.17 -50.48
CA GLU F 255 -6.78 -42.01 -49.48
C GLU F 255 -8.28 -42.13 -49.76
N LEU F 256 -8.91 -41.05 -50.24
CA LEU F 256 -10.34 -41.10 -50.54
C LEU F 256 -10.65 -42.03 -51.71
N VAL F 257 -9.78 -42.10 -52.71
CA VAL F 257 -10.04 -43.02 -53.81
C VAL F 257 -9.94 -44.46 -53.34
N LYS F 258 -9.07 -44.74 -52.36
CA LYS F 258 -8.96 -46.10 -51.83
C LYS F 258 -10.19 -46.49 -51.02
N MET F 259 -10.91 -45.50 -50.49
CA MET F 259 -12.16 -45.71 -49.78
C MET F 259 -13.35 -45.91 -50.70
N MET F 260 -13.22 -45.55 -51.97
CA MET F 260 -14.36 -45.51 -52.89
C MET F 260 -14.43 -46.69 -53.86
N LYS F 261 -13.45 -47.60 -53.82
CA LYS F 261 -13.46 -48.86 -54.56
C LYS F 261 -14.87 -49.40 -54.71
N PRO F 262 -15.37 -49.57 -55.94
CA PRO F 262 -16.81 -49.77 -56.16
C PRO F 262 -17.42 -50.93 -55.38
N GLY F 263 -16.99 -52.16 -55.69
CA GLY F 263 -17.64 -53.34 -55.15
C GLY F 263 -17.50 -53.55 -53.66
N GLN F 264 -17.73 -52.50 -52.86
CA GLN F 264 -17.67 -52.59 -51.41
C GLN F 264 -19.04 -52.46 -50.74
N GLU F 265 -20.10 -52.20 -51.50
CA GLU F 265 -21.44 -52.03 -50.94
C GLU F 265 -21.43 -50.99 -49.83
N ILE F 266 -20.65 -49.92 -50.05
CA ILE F 266 -20.51 -48.87 -49.06
C ILE F 266 -21.83 -48.13 -48.83
N ASP F 267 -22.64 -47.98 -49.87
CA ASP F 267 -23.91 -47.28 -49.73
C ASP F 267 -24.92 -48.11 -48.94
N LYS F 268 -24.98 -49.41 -49.21
CA LYS F 268 -26.08 -50.23 -48.73
C LYS F 268 -26.01 -50.43 -47.22
N SER F 269 -27.14 -50.19 -46.55
CA SER F 269 -27.29 -50.55 -45.14
C SER F 269 -27.29 -52.08 -45.00
N THR F 270 -28.28 -52.72 -45.61
CA THR F 270 -28.41 -54.18 -45.58
C THR F 270 -27.25 -54.82 -46.33
N SER F 271 -26.03 -54.67 -45.79
CA SER F 271 -24.83 -55.20 -46.41
C SER F 271 -23.90 -55.72 -45.33
N TYR F 272 -22.93 -56.53 -45.74
CA TYR F 272 -21.93 -57.06 -44.82
C TYR F 272 -20.85 -56.04 -44.46
N MET F 273 -20.79 -54.91 -45.16
CA MET F 273 -19.71 -53.95 -44.92
C MET F 273 -19.62 -53.42 -43.49
N PRO F 274 -20.71 -53.00 -42.83
CA PRO F 274 -20.52 -52.35 -41.52
C PRO F 274 -19.77 -53.21 -40.50
N TYR F 275 -19.93 -54.52 -40.53
CA TYR F 275 -19.26 -55.39 -39.57
C TYR F 275 -17.97 -55.97 -40.15
N LEU F 276 -17.08 -55.13 -40.67
CA LEU F 276 -15.86 -55.66 -41.29
C LEU F 276 -14.99 -56.37 -40.28
N ILE F 277 -14.93 -55.88 -39.05
CA ILE F 277 -13.98 -56.39 -38.07
C ILE F 277 -14.58 -57.50 -37.23
N ASP F 278 -15.78 -57.29 -36.70
CA ASP F 278 -16.36 -58.27 -35.79
C ASP F 278 -16.77 -59.55 -36.49
N MET F 279 -17.13 -59.47 -37.78
CA MET F 279 -17.46 -60.68 -38.54
C MET F 279 -16.24 -61.39 -39.10
N GLY F 280 -15.05 -60.78 -39.02
CA GLY F 280 -13.88 -61.36 -39.63
C GLY F 280 -13.74 -61.17 -41.12
N ILE F 281 -14.57 -60.32 -41.72
CA ILE F 281 -14.51 -60.13 -43.17
C ILE F 281 -13.19 -59.51 -43.59
N SER F 282 -12.57 -58.71 -42.72
CA SER F 282 -11.29 -58.09 -43.03
C SER F 282 -10.51 -57.87 -41.75
N ALA F 283 -9.20 -58.11 -41.82
CA ALA F 283 -8.32 -57.91 -40.68
C ALA F 283 -7.75 -56.50 -40.60
N LYS F 284 -7.99 -55.66 -41.60
CA LYS F 284 -7.51 -54.28 -41.59
C LYS F 284 -8.47 -53.45 -42.43
N SER F 285 -9.39 -52.76 -41.76
CA SER F 285 -10.41 -52.00 -42.47
C SER F 285 -9.77 -50.90 -43.30
N PRO F 286 -10.14 -50.75 -44.58
CA PRO F 286 -9.63 -49.63 -45.37
C PRO F 286 -10.18 -48.28 -44.92
N TYR F 287 -11.23 -48.27 -44.11
CA TYR F 287 -11.89 -47.06 -43.67
C TYR F 287 -11.41 -46.59 -42.31
N SER F 288 -10.37 -47.21 -41.77
CA SER F 288 -9.85 -46.84 -40.46
C SER F 288 -9.14 -45.49 -40.52
N THR F 289 -9.13 -44.81 -39.37
CA THR F 289 -8.43 -43.52 -39.29
C THR F 289 -6.95 -43.69 -39.56
N ILE F 290 -6.37 -44.81 -39.12
CA ILE F 290 -4.94 -45.03 -39.34
C ILE F 290 -4.64 -45.24 -40.82
N LYS F 291 -5.55 -45.88 -41.55
CA LYS F 291 -5.32 -46.14 -42.97
C LYS F 291 -5.49 -44.89 -43.82
N ASN F 292 -6.23 -43.90 -43.34
CA ASN F 292 -6.41 -42.62 -44.04
C ASN F 292 -6.15 -41.50 -43.04
N PRO F 293 -4.88 -41.32 -42.62
CA PRO F 293 -4.58 -40.28 -41.64
C PRO F 293 -4.60 -38.87 -42.22
N SER F 294 -3.98 -38.69 -43.39
CA SER F 294 -3.88 -37.37 -43.99
C SER F 294 -5.25 -36.78 -44.29
N PHE F 295 -6.23 -37.62 -44.60
CA PHE F 295 -7.59 -37.16 -44.80
C PHE F 295 -8.32 -36.89 -43.49
N HIS F 296 -8.03 -37.67 -42.45
CA HIS F 296 -8.71 -37.48 -41.17
C HIS F 296 -8.37 -36.12 -40.56
N PHE F 297 -7.15 -35.63 -40.78
CA PHE F 297 -6.78 -34.30 -40.32
C PHE F 297 -7.43 -33.22 -41.19
N TRP F 298 -7.55 -33.49 -42.49
CA TRP F 298 -8.22 -32.58 -43.40
C TRP F 298 -9.70 -32.41 -43.06
N GLY F 299 -10.39 -33.50 -42.78
CA GLY F 299 -11.83 -33.41 -42.54
C GLY F 299 -12.18 -32.79 -41.20
N GLN F 300 -11.59 -33.29 -40.12
CA GLN F 300 -11.92 -32.79 -38.79
C GLN F 300 -11.50 -31.34 -38.58
N LEU F 301 -10.40 -30.89 -39.18
CA LEU F 301 -9.99 -29.50 -38.94
C LEU F 301 -10.92 -28.51 -39.61
N VAL F 302 -11.39 -28.80 -40.84
CA VAL F 302 -12.36 -27.90 -41.46
C VAL F 302 -13.68 -27.93 -40.70
N ALA F 303 -14.06 -29.09 -40.16
CA ALA F 303 -15.29 -29.16 -39.37
C ALA F 303 -15.15 -28.37 -38.08
N ALA F 304 -13.98 -28.42 -37.45
CA ALA F 304 -13.68 -27.62 -36.26
C ALA F 304 -13.87 -26.14 -36.55
N LEU F 305 -12.99 -25.59 -37.39
CA LEU F 305 -13.06 -24.21 -37.89
C LEU F 305 -14.48 -23.78 -38.26
N CYS F 306 -15.33 -24.73 -38.63
CA CYS F 306 -16.74 -24.46 -38.91
C CYS F 306 -17.63 -24.63 -37.68
N ARG F 307 -17.03 -24.57 -36.49
CA ARG F 307 -17.76 -24.58 -35.22
C ARG F 307 -18.55 -25.86 -35.00
N SER F 308 -17.91 -27.00 -35.28
CA SER F 308 -18.45 -28.30 -34.90
C SER F 308 -17.91 -28.65 -33.52
N LYS F 309 -18.80 -28.95 -32.58
CA LYS F 309 -18.39 -29.25 -31.22
C LYS F 309 -17.68 -30.60 -31.10
N ARG F 310 -17.83 -31.47 -32.09
CA ARG F 310 -17.26 -32.81 -32.06
C ARG F 310 -15.85 -32.90 -32.64
N ALA F 311 -15.51 -32.06 -33.63
CA ALA F 311 -14.19 -32.15 -34.25
C ALA F 311 -13.06 -31.73 -33.31
N LEU F 312 -13.36 -30.98 -32.25
CA LEU F 312 -12.29 -30.52 -31.35
C LEU F 312 -11.62 -31.67 -30.63
N ASN F 313 -12.29 -32.81 -30.47
CA ASN F 313 -11.76 -33.98 -29.78
C ASN F 313 -11.33 -35.07 -30.77
N ALA F 314 -10.69 -34.68 -31.87
CA ALA F 314 -10.31 -35.57 -32.96
C ALA F 314 -8.80 -35.79 -32.97
N ARG F 315 -8.36 -36.97 -32.53
CA ARG F 315 -6.94 -37.33 -32.47
C ARG F 315 -6.18 -36.84 -33.70
N GLN F 316 -5.38 -35.80 -33.54
CA GLN F 316 -4.57 -35.30 -34.66
C GLN F 316 -3.49 -36.31 -35.05
N PRO F 317 -3.52 -36.84 -36.28
CA PRO F 317 -2.53 -37.84 -36.71
C PRO F 317 -1.19 -37.23 -37.07
N ASP F 318 -0.15 -37.53 -36.28
CA ASP F 318 1.20 -37.13 -36.62
C ASP F 318 1.67 -37.79 -37.92
N GLU F 319 2.91 -37.49 -38.32
CA GLU F 319 3.51 -37.98 -39.56
C GLU F 319 2.60 -37.67 -40.76
N ILE F 320 2.32 -36.38 -40.95
CA ILE F 320 1.60 -35.86 -42.09
C ILE F 320 2.10 -34.45 -42.38
N ASP F 321 1.69 -33.92 -43.54
CA ASP F 321 2.07 -32.60 -44.02
C ASP F 321 1.19 -31.53 -43.36
N SER F 322 0.70 -31.84 -42.15
CA SER F 322 -0.24 -31.05 -41.37
C SER F 322 -0.08 -29.53 -41.46
N MET F 323 1.15 -29.02 -41.56
CA MET F 323 1.33 -27.57 -41.59
C MET F 323 0.66 -26.96 -42.82
N SER F 324 0.69 -27.65 -43.95
CA SER F 324 0.06 -27.15 -45.16
C SER F 324 -1.41 -27.50 -45.21
N ILE F 325 -1.79 -28.66 -44.67
CA ILE F 325 -3.20 -29.05 -44.65
C ILE F 325 -4.00 -28.06 -43.82
N SER F 326 -3.40 -27.54 -42.74
CA SER F 326 -4.04 -26.51 -41.96
C SER F 326 -4.19 -25.22 -42.76
N ASN F 327 -3.26 -24.95 -43.68
CA ASN F 327 -3.35 -23.77 -44.52
C ASN F 327 -4.50 -23.89 -45.51
N ALA F 328 -4.62 -25.06 -46.17
CA ALA F 328 -5.74 -25.28 -47.07
C ALA F 328 -7.06 -25.34 -46.33
N SER F 329 -7.04 -25.79 -45.07
CA SER F 329 -8.27 -25.89 -44.30
C SER F 329 -8.83 -24.51 -43.95
N LEU F 330 -7.95 -23.57 -43.59
CA LEU F 330 -8.41 -22.23 -43.27
C LEU F 330 -9.03 -21.54 -44.48
N LEU F 331 -8.52 -21.82 -45.67
CA LEU F 331 -9.10 -21.23 -46.88
C LEU F 331 -10.51 -21.74 -47.11
N MET F 332 -10.76 -23.03 -46.84
CA MET F 332 -12.10 -23.57 -47.00
C MET F 332 -13.05 -23.05 -45.93
N ALA F 333 -12.58 -22.97 -44.69
CA ALA F 333 -13.43 -22.49 -43.60
C ALA F 333 -13.77 -21.02 -43.77
N TYR F 334 -12.82 -20.21 -44.25
CA TYR F 334 -13.09 -18.80 -44.48
C TYR F 334 -13.95 -18.57 -45.72
N ALA F 335 -14.14 -19.60 -46.55
CA ALA F 335 -15.02 -19.48 -47.70
C ALA F 335 -16.46 -19.86 -47.35
N LEU F 336 -16.64 -20.85 -46.48
CA LEU F 336 -17.98 -21.24 -46.06
C LEU F 336 -18.63 -20.16 -45.19
N GLY F 337 -17.83 -19.38 -44.45
CA GLY F 337 -18.39 -18.32 -43.64
C GLY F 337 -18.67 -17.03 -44.41
N SER F 338 -17.95 -16.80 -45.50
CA SER F 338 -18.12 -15.64 -46.35
C SER F 338 -19.22 -15.83 -47.38
N SER F 339 -19.79 -17.03 -47.45
CA SER F 339 -20.88 -17.35 -48.39
C SER F 339 -21.78 -18.37 -47.72
N PRO F 340 -22.65 -17.91 -46.81
CA PRO F 340 -23.39 -18.83 -45.93
C PRO F 340 -24.45 -19.70 -46.59
N ASP F 341 -24.46 -19.83 -47.91
CA ASP F 341 -25.41 -20.72 -48.60
C ASP F 341 -26.84 -20.39 -48.18
N ILE F 342 -27.30 -19.24 -48.66
CA ILE F 342 -28.61 -18.70 -48.32
C ILE F 342 -29.34 -18.43 -49.64
N GLU F 343 -30.13 -19.41 -50.08
CA GLU F 343 -30.93 -19.29 -51.28
C GLU F 343 -32.39 -19.43 -50.87
N GLN F 344 -33.24 -18.57 -51.42
CA GLN F 344 -34.64 -18.60 -51.05
C GLN F 344 -35.31 -19.90 -51.47
N GLN F 345 -36.05 -20.48 -50.55
CA GLN F 345 -37.08 -21.47 -50.85
C GLN F 345 -38.39 -20.89 -50.33
N PHE F 346 -39.50 -21.35 -50.91
CA PHE F 346 -40.83 -20.90 -50.55
C PHE F 346 -41.06 -19.46 -50.99
N SER F 347 -42.29 -19.13 -51.36
CA SER F 347 -42.59 -17.79 -51.85
C SER F 347 -44.09 -17.54 -51.80
N THR F 348 -44.44 -16.29 -51.53
CA THR F 348 -45.83 -15.84 -51.50
C THR F 348 -46.24 -15.15 -52.80
N GLY F 349 -45.43 -15.30 -53.85
CA GLY F 349 -45.67 -14.59 -55.10
C GLY F 349 -44.52 -13.65 -55.46
N ASN F 350 -43.43 -13.75 -54.73
CA ASN F 350 -42.24 -12.93 -54.95
C ASN F 350 -41.10 -13.79 -55.50
N THR F 351 -40.06 -13.08 -55.94
CA THR F 351 -38.94 -13.62 -56.70
C THR F 351 -37.77 -13.94 -55.78
N TYR F 352 -36.59 -14.12 -56.36
CA TYR F 352 -35.38 -14.60 -55.71
C TYR F 352 -34.31 -13.51 -55.75
N ARG F 353 -33.15 -13.82 -55.14
CA ARG F 353 -32.01 -12.92 -55.01
C ARG F 353 -31.57 -12.28 -56.33
N LYS F 354 -32.15 -12.74 -57.45
CA LYS F 354 -31.90 -12.27 -58.81
C LYS F 354 -30.43 -11.95 -59.06
N PRO F 355 -29.55 -12.96 -59.07
CA PRO F 355 -28.12 -12.70 -59.25
C PRO F 355 -27.81 -12.31 -60.68
N PRO F 356 -27.10 -11.19 -60.88
CA PRO F 356 -26.72 -10.82 -62.25
C PRO F 356 -25.38 -11.38 -62.70
N LYS F 357 -24.49 -11.68 -61.76
CA LYS F 357 -23.16 -12.20 -62.05
C LYS F 357 -22.42 -11.25 -63.00
N GLU F 358 -22.08 -10.08 -62.46
CA GLU F 358 -21.42 -9.03 -63.23
C GLU F 358 -19.91 -9.25 -63.31
N ALA F 359 -19.54 -10.43 -63.83
CA ALA F 359 -18.15 -10.81 -64.04
C ALA F 359 -17.34 -10.67 -62.75
N SER F 360 -16.80 -9.48 -62.50
CA SER F 360 -16.05 -9.21 -61.29
C SER F 360 -15.83 -7.73 -61.05
N TYR F 361 -16.31 -7.22 -59.92
CA TYR F 361 -16.00 -5.86 -59.47
C TYR F 361 -14.97 -5.93 -58.34
N LEU F 362 -14.49 -4.75 -57.94
CA LEU F 362 -13.41 -4.62 -56.97
C LEU F 362 -13.92 -4.31 -55.56
N VAL F 363 -15.02 -4.95 -55.15
CA VAL F 363 -15.53 -4.73 -53.79
C VAL F 363 -14.65 -5.44 -52.76
N SER F 364 -14.42 -6.74 -52.92
CA SER F 364 -13.36 -7.43 -52.19
C SER F 364 -12.52 -8.38 -53.05
N GLU F 365 -12.94 -8.66 -54.28
CA GLU F 365 -12.44 -9.75 -55.13
C GLU F 365 -12.82 -11.10 -54.55
N GLU F 366 -13.34 -11.12 -53.33
CA GLU F 366 -13.84 -12.33 -52.71
C GLU F 366 -15.00 -12.88 -53.52
N PRO F 367 -14.94 -14.12 -53.98
CA PRO F 367 -16.10 -14.67 -54.71
C PRO F 367 -17.32 -14.75 -53.82
N LYS F 368 -18.48 -14.52 -54.41
CA LYS F 368 -19.75 -14.50 -53.69
C LYS F 368 -20.36 -15.89 -53.54
N ASN F 369 -19.75 -16.91 -54.14
CA ASN F 369 -20.23 -18.28 -54.12
C ASN F 369 -19.23 -19.16 -53.37
N ARG F 370 -19.56 -20.45 -53.27
CA ARG F 370 -18.75 -21.43 -52.58
C ARG F 370 -17.91 -22.29 -53.53
N SER F 371 -17.85 -21.92 -54.82
CA SER F 371 -17.08 -22.71 -55.77
C SER F 371 -15.60 -22.68 -55.41
N VAL F 372 -14.96 -23.86 -55.49
CA VAL F 372 -13.56 -23.98 -55.12
C VAL F 372 -12.65 -23.21 -56.07
N VAL F 373 -13.03 -23.11 -57.35
CA VAL F 373 -12.13 -22.56 -58.35
C VAL F 373 -11.94 -21.05 -58.15
N GLU F 374 -13.04 -20.32 -57.89
CA GLU F 374 -12.92 -18.88 -57.69
C GLU F 374 -12.20 -18.56 -56.39
N TRP F 375 -12.29 -19.43 -55.38
CA TRP F 375 -11.62 -19.15 -54.12
C TRP F 375 -10.12 -19.42 -54.22
N ILE F 376 -9.72 -20.45 -54.97
CA ILE F 376 -8.30 -20.71 -55.17
C ILE F 376 -7.67 -19.59 -55.98
N ALA F 377 -8.38 -19.09 -56.98
CA ALA F 377 -7.86 -17.97 -57.77
C ALA F 377 -7.76 -16.71 -56.92
N TRP F 378 -8.72 -16.50 -56.01
CA TRP F 378 -8.62 -15.35 -55.11
C TRP F 378 -7.47 -15.54 -54.12
N TYR F 379 -7.26 -16.77 -53.66
CA TYR F 379 -6.19 -17.05 -52.71
C TYR F 379 -4.82 -16.95 -53.36
N SER F 380 -4.73 -17.14 -54.68
CA SER F 380 -3.46 -16.98 -55.37
C SER F 380 -3.02 -15.52 -55.44
N ASP F 381 -3.97 -14.57 -55.36
CA ASP F 381 -3.62 -13.16 -55.35
C ASP F 381 -2.92 -12.74 -54.06
N VAL F 382 -3.08 -13.51 -52.99
CA VAL F 382 -2.42 -13.21 -51.72
C VAL F 382 -1.21 -14.12 -51.50
N ASP F 383 -0.69 -14.72 -52.57
CA ASP F 383 0.52 -15.55 -52.51
C ASP F 383 0.34 -16.76 -51.59
N ASN F 384 -0.88 -17.28 -51.53
CA ASN F 384 -1.20 -18.49 -50.76
C ASN F 384 -0.78 -18.38 -49.30
N LYS F 385 -0.90 -17.18 -48.73
CA LYS F 385 -0.69 -16.95 -47.31
C LYS F 385 -1.97 -16.39 -46.71
N PRO F 386 -2.39 -16.86 -45.53
CA PRO F 386 -3.65 -16.39 -44.97
C PRO F 386 -3.63 -14.90 -44.72
N THR F 387 -4.76 -14.25 -44.95
CA THR F 387 -4.84 -12.81 -44.81
C THR F 387 -5.10 -12.45 -43.34
N ASP F 388 -4.99 -11.15 -43.06
CA ASP F 388 -5.37 -10.63 -41.75
C ASP F 388 -6.81 -11.05 -41.46
N ASP F 389 -7.75 -10.49 -42.22
CA ASP F 389 -9.17 -10.86 -42.20
C ASP F 389 -9.38 -12.36 -41.98
N MET F 390 -8.53 -13.18 -42.61
CA MET F 390 -8.65 -14.63 -42.48
C MET F 390 -8.20 -15.09 -41.10
N LEU F 391 -7.04 -14.60 -40.64
CA LEU F 391 -6.55 -14.97 -39.31
C LEU F 391 -7.47 -14.46 -38.22
N MET F 392 -8.16 -13.34 -38.43
CA MET F 392 -9.09 -12.84 -37.43
C MET F 392 -10.26 -13.79 -37.23
N MET F 393 -10.72 -14.43 -38.30
CA MET F 393 -11.71 -15.48 -38.15
C MET F 393 -11.13 -16.69 -37.42
N ALA F 394 -9.85 -16.99 -37.67
CA ALA F 394 -9.23 -18.16 -37.05
C ALA F 394 -9.06 -17.98 -35.55
N LYS F 395 -8.72 -16.75 -35.11
CA LYS F 395 -8.63 -16.50 -33.68
C LYS F 395 -10.01 -16.58 -33.00
N ARG F 396 -11.08 -16.28 -33.74
CA ARG F 396 -12.42 -16.40 -33.16
C ARG F 396 -12.73 -17.85 -32.81
N VAL F 397 -12.33 -18.78 -33.67
CA VAL F 397 -12.51 -20.19 -33.36
C VAL F 397 -11.59 -20.61 -32.22
N ALA F 398 -10.42 -19.98 -32.11
CA ALA F 398 -9.49 -20.29 -31.03
C ALA F 398 -10.05 -19.86 -29.68
N GLY F 399 -10.88 -18.82 -29.65
CA GLY F 399 -11.41 -18.35 -28.38
C GLY F 399 -12.53 -19.19 -27.81
N THR F 400 -13.16 -20.02 -28.63
CA THR F 400 -14.20 -20.92 -28.14
C THR F 400 -13.67 -22.23 -27.60
N ILE F 401 -12.38 -22.52 -27.78
CA ILE F 401 -11.81 -23.80 -27.35
C ILE F 401 -11.32 -23.58 -25.92
N SER F 402 -12.29 -23.54 -24.99
CA SER F 402 -11.98 -23.34 -23.58
C SER F 402 -10.88 -24.26 -23.07
N GLY F 403 -10.94 -25.54 -23.44
CA GLY F 403 -9.93 -26.48 -23.02
C GLY F 403 -9.69 -27.58 -24.04
N PRO F 404 -8.52 -27.56 -24.66
CA PRO F 404 -8.17 -28.57 -25.66
C PRO F 404 -7.83 -29.92 -25.06
N ARG F 405 -7.98 -30.95 -25.88
CA ARG F 405 -7.34 -32.23 -25.63
C ARG F 405 -5.84 -32.08 -25.84
N ASP F 406 -5.07 -32.97 -25.20
CA ASP F 406 -3.63 -32.73 -25.09
C ASP F 406 -2.92 -32.78 -26.44
N ASN F 407 -3.42 -33.55 -27.40
CA ASN F 407 -2.81 -33.58 -28.74
C ASN F 407 -3.88 -33.68 -29.83
N SER F 408 -4.88 -32.81 -29.79
CA SER F 408 -6.01 -32.89 -30.69
C SER F 408 -6.10 -31.65 -31.57
N VAL F 409 -7.07 -31.68 -32.50
CA VAL F 409 -7.29 -30.55 -33.41
C VAL F 409 -7.68 -29.30 -32.64
N GLY F 410 -8.31 -29.46 -31.48
CA GLY F 410 -8.67 -28.29 -30.70
C GLY F 410 -7.45 -27.54 -30.20
N LYS F 411 -6.39 -28.26 -29.85
CA LYS F 411 -5.13 -27.60 -29.52
C LYS F 411 -4.52 -26.92 -30.74
N TRP F 412 -4.75 -27.46 -31.94
CA TRP F 412 -4.18 -26.87 -33.15
C TRP F 412 -4.72 -25.46 -33.39
N ILE F 413 -6.04 -25.29 -33.26
CA ILE F 413 -6.62 -23.97 -33.51
C ILE F 413 -6.14 -22.96 -32.48
N LYS F 414 -5.94 -23.40 -31.24
CA LYS F 414 -5.46 -22.49 -30.20
C LYS F 414 -3.97 -22.23 -30.33
N GLN F 415 -3.19 -23.27 -30.64
CA GLN F 415 -1.74 -23.14 -30.68
C GLN F 415 -1.29 -22.39 -31.93
N THR F 416 -1.87 -22.72 -33.08
CA THR F 416 -1.45 -22.11 -34.33
C THR F 416 -2.05 -20.72 -34.52
N TYR F 417 -3.38 -20.65 -34.58
CA TYR F 417 -4.10 -19.41 -34.84
C TYR F 417 -4.56 -18.80 -33.52
N GLY F 418 -3.77 -17.88 -32.99
CA GLY F 418 -4.14 -17.22 -31.75
C GLY F 418 -2.98 -16.56 -31.04
N SER G 2 73.59 -9.72 -30.41
CA SER G 2 72.59 -10.68 -29.96
C SER G 2 71.21 -10.33 -30.49
N VAL G 3 70.29 -10.05 -29.57
CA VAL G 3 68.92 -9.69 -29.90
C VAL G 3 68.84 -8.19 -30.11
N ILE G 4 67.76 -7.75 -30.76
CA ILE G 4 67.45 -6.35 -31.01
C ILE G 4 67.78 -5.53 -29.76
N ARG G 5 68.60 -4.51 -29.94
CA ARG G 5 69.16 -3.77 -28.80
C ARG G 5 68.18 -2.75 -28.25
N ILE G 6 68.22 -2.58 -26.93
CA ILE G 6 67.38 -1.62 -26.22
C ILE G 6 68.27 -0.65 -25.45
N LYS G 7 68.04 0.65 -25.63
CA LYS G 7 68.77 1.67 -24.89
C LYS G 7 67.79 2.53 -24.12
N THR G 8 68.31 3.41 -23.27
CA THR G 8 67.48 4.34 -22.52
C THR G 8 68.06 5.74 -22.67
N ASN G 9 69.30 5.93 -22.18
CA ASN G 9 70.09 7.13 -22.37
C ASN G 9 71.46 6.59 -22.77
N ALA G 10 71.62 6.28 -24.06
CA ALA G 10 72.88 5.79 -24.61
C ALA G 10 73.42 4.61 -23.78
N ALA G 11 72.54 3.69 -23.40
CA ALA G 11 72.88 2.71 -22.35
C ALA G 11 72.03 1.46 -22.56
N VAL G 12 72.70 0.33 -22.86
CA VAL G 12 72.02 -0.93 -23.16
C VAL G 12 71.52 -1.61 -21.89
N ALA G 13 70.51 -2.48 -22.06
CA ALA G 13 69.89 -3.22 -20.98
C ALA G 13 69.59 -4.65 -21.42
N ALA G 14 70.01 -5.64 -20.64
CA ALA G 14 69.73 -7.04 -20.95
C ALA G 14 68.24 -7.33 -20.87
N VAL G 15 67.75 -8.21 -21.75
CA VAL G 15 66.31 -8.38 -21.96
C VAL G 15 65.80 -9.82 -21.85
N LEU G 16 66.33 -10.62 -20.93
CA LEU G 16 65.94 -12.03 -20.89
C LEU G 16 65.42 -12.44 -19.51
N PRO G 17 64.20 -13.03 -19.43
CA PRO G 17 63.68 -13.56 -18.16
C PRO G 17 63.98 -15.03 -17.90
N ALA G 18 63.50 -15.52 -16.76
CA ALA G 18 63.62 -16.93 -16.43
C ALA G 18 62.83 -17.79 -17.41
N ASN G 19 63.31 -19.02 -17.62
CA ASN G 19 62.83 -19.87 -18.70
C ASN G 19 61.61 -20.68 -18.24
N GLU G 20 61.28 -21.74 -18.97
CA GLU G 20 60.19 -22.65 -18.66
C GLU G 20 60.52 -24.00 -19.28
N ASP G 21 59.71 -25.01 -18.97
CA ASP G 21 60.02 -26.38 -19.33
C ASP G 21 59.29 -26.81 -20.60
N GLN G 22 59.91 -27.75 -21.31
CA GLN G 22 59.41 -28.29 -22.56
C GLN G 22 58.64 -29.58 -22.32
N ALA G 23 58.31 -30.29 -23.41
CA ALA G 23 57.63 -31.58 -23.35
C ALA G 23 58.46 -32.60 -24.13
N ASP G 24 58.04 -33.85 -24.05
CA ASP G 24 58.72 -34.94 -24.75
C ASP G 24 57.87 -35.38 -25.93
N TYR G 25 58.36 -36.35 -26.69
CA TYR G 25 57.65 -36.87 -27.84
C TYR G 25 57.62 -38.38 -27.80
N PRO G 26 56.53 -39.00 -28.30
CA PRO G 26 56.52 -40.47 -28.37
C PRO G 26 57.64 -41.07 -29.20
N SER G 27 58.03 -40.40 -30.29
CA SER G 27 59.03 -40.98 -31.18
C SER G 27 60.42 -41.00 -30.53
N THR G 28 60.72 -40.04 -29.67
CA THR G 28 62.05 -39.96 -29.07
C THR G 28 62.30 -41.13 -28.12
N PHE G 29 61.24 -41.68 -27.52
CA PHE G 29 61.40 -42.84 -26.65
C PHE G 29 61.77 -44.10 -27.42
N PHE G 30 61.44 -44.16 -28.72
CA PHE G 30 61.71 -45.32 -29.56
C PHE G 30 62.80 -45.06 -30.59
N GLU G 31 63.60 -44.00 -30.42
CA GLU G 31 64.71 -43.77 -31.33
C GLU G 31 65.92 -44.61 -30.99
N GLY G 32 66.00 -45.10 -29.74
CA GLY G 32 67.00 -46.03 -29.29
C GLY G 32 66.65 -47.48 -29.50
N GLY G 33 65.41 -47.76 -29.88
CA GLY G 33 64.85 -49.10 -29.90
C GLY G 33 64.38 -49.59 -28.54
N ASN G 34 64.51 -48.76 -27.50
CA ASN G 34 64.03 -49.05 -26.16
C ASN G 34 62.66 -49.69 -26.15
N GLU G 35 62.51 -50.72 -25.30
CA GLU G 35 61.30 -51.50 -25.10
C GLU G 35 60.60 -51.06 -23.82
N ILE G 36 59.26 -51.12 -23.82
CA ILE G 36 58.45 -50.53 -22.75
C ILE G 36 58.71 -51.18 -21.39
N ARG G 37 59.05 -52.47 -21.36
CA ARG G 37 59.46 -53.14 -20.12
C ARG G 37 58.49 -53.08 -18.94
N LEU G 38 57.46 -53.92 -18.96
CA LEU G 38 56.56 -54.05 -17.82
C LEU G 38 57.24 -54.81 -16.69
N TYR G 39 56.86 -54.47 -15.45
CA TYR G 39 57.49 -55.03 -14.24
C TYR G 39 56.44 -55.66 -13.32
N VAL G 40 56.14 -56.94 -13.52
CA VAL G 40 55.19 -57.64 -12.66
C VAL G 40 55.83 -58.91 -12.09
N ASN G 41 55.45 -59.24 -10.85
CA ASN G 41 55.85 -60.49 -10.22
C ASN G 41 55.01 -61.64 -10.78
N ARG G 42 55.66 -62.58 -11.47
CA ARG G 42 54.96 -63.71 -12.07
C ARG G 42 55.37 -65.06 -11.50
N GLY G 43 55.92 -65.10 -10.29
CA GLY G 43 56.30 -66.36 -9.69
C GLY G 43 55.23 -67.13 -8.94
N GLU G 44 54.19 -66.43 -8.48
CA GLU G 44 53.09 -67.07 -7.77
C GLU G 44 52.05 -67.69 -8.71
N LYS G 45 51.38 -68.73 -8.19
CA LYS G 45 50.40 -69.49 -8.95
C LYS G 45 49.13 -68.69 -9.21
N LEU G 46 48.42 -69.06 -10.29
CA LEU G 46 47.23 -68.32 -10.69
C LEU G 46 46.11 -68.42 -9.66
N ASP G 47 45.78 -69.63 -9.21
CA ASP G 47 44.59 -69.80 -8.37
C ASP G 47 44.73 -69.10 -7.03
N VAL G 48 45.94 -69.08 -6.46
CA VAL G 48 46.14 -68.38 -5.19
C VAL G 48 46.01 -66.88 -5.38
N LEU G 49 46.31 -66.38 -6.58
CA LEU G 49 46.20 -64.94 -6.84
C LEU G 49 44.75 -64.46 -6.78
N ARG G 50 43.81 -65.29 -7.22
CA ARG G 50 42.40 -64.89 -7.18
C ARG G 50 41.93 -64.68 -5.74
N GLN G 51 42.47 -65.45 -4.80
CA GLN G 51 42.10 -65.30 -3.40
C GLN G 51 42.87 -64.16 -2.73
N TYR G 52 44.08 -63.86 -3.21
CA TYR G 52 44.80 -62.70 -2.69
C TYR G 52 44.09 -61.40 -3.02
N VAL G 53 43.42 -61.34 -4.18
CA VAL G 53 42.76 -60.09 -4.58
C VAL G 53 41.40 -59.95 -3.91
N TYR G 54 40.63 -61.04 -3.83
CA TYR G 54 39.29 -60.96 -3.29
C TYR G 54 39.30 -60.63 -1.80
N MET G 55 40.33 -61.05 -1.07
CA MET G 55 40.51 -60.70 0.34
C MET G 55 41.21 -59.37 0.54
N GLY G 56 41.31 -58.55 -0.51
CA GLY G 56 41.75 -57.19 -0.31
C GLY G 56 40.61 -56.26 -0.64
N LEU G 57 39.75 -56.69 -1.56
CA LEU G 57 38.55 -55.91 -1.87
C LEU G 57 37.52 -56.04 -0.75
N VAL G 58 37.35 -57.26 -0.21
CA VAL G 58 36.44 -57.47 0.91
C VAL G 58 36.97 -56.85 2.19
N GLU G 59 38.29 -56.79 2.35
CA GLU G 59 38.91 -56.18 3.51
C GLU G 59 39.22 -54.70 3.32
N LYS G 60 38.89 -54.14 2.16
CA LYS G 60 39.10 -52.73 1.79
C LYS G 60 40.57 -52.38 1.69
N ASN G 61 41.48 -53.33 1.95
CA ASN G 61 42.92 -53.11 1.87
C ASN G 61 43.47 -54.10 0.86
N CYS G 62 43.40 -53.75 -0.42
CA CYS G 62 43.95 -54.56 -1.49
C CYS G 62 45.23 -53.91 -2.00
N ARG G 63 46.29 -54.70 -2.09
CA ARG G 63 47.56 -54.20 -2.58
C ARG G 63 47.50 -54.00 -4.09
N ILE G 64 48.51 -53.32 -4.63
CA ILE G 64 48.53 -53.05 -6.06
C ILE G 64 49.34 -54.13 -6.76
N GLN G 65 50.27 -54.76 -6.05
CA GLN G 65 50.98 -55.91 -6.59
C GLN G 65 50.05 -57.10 -6.79
N HIS G 66 48.99 -57.22 -5.98
CA HIS G 66 48.05 -58.32 -6.14
C HIS G 66 47.24 -58.17 -7.43
N VAL G 67 46.65 -56.99 -7.63
CA VAL G 67 45.84 -56.78 -8.83
C VAL G 67 46.71 -56.83 -10.08
N ASN G 68 47.97 -56.39 -9.97
CA ASN G 68 48.87 -56.46 -11.12
C ASN G 68 49.23 -57.89 -11.45
N ALA G 69 49.55 -58.69 -10.43
CA ALA G 69 49.91 -60.09 -10.66
C ALA G 69 48.73 -60.91 -11.17
N TYR G 70 47.51 -60.60 -10.75
CA TYR G 70 46.36 -61.38 -11.19
C TYR G 70 46.00 -61.05 -12.63
N LEU G 71 45.96 -59.76 -12.98
CA LEU G 71 45.59 -59.38 -14.33
C LEU G 71 46.61 -59.90 -15.33
N TYR G 72 47.87 -60.02 -14.92
CA TYR G 72 48.86 -60.65 -15.79
C TYR G 72 48.59 -62.14 -15.96
N ALA G 73 47.96 -62.78 -14.98
CA ALA G 73 47.77 -64.23 -15.07
C ALA G 73 46.58 -64.61 -15.93
N VAL G 74 45.43 -63.94 -15.71
CA VAL G 74 44.22 -64.29 -16.44
C VAL G 74 44.30 -63.89 -17.90
N LEU G 75 45.05 -62.84 -18.22
CA LEU G 75 45.02 -62.21 -19.54
C LEU G 75 46.12 -62.68 -20.49
N LYS G 76 46.80 -63.79 -20.23
CA LYS G 76 47.88 -64.18 -21.14
C LYS G 76 47.40 -65.15 -22.22
N GLY G 77 46.43 -66.00 -21.91
CA GLY G 77 45.89 -66.94 -22.86
C GLY G 77 44.79 -66.38 -23.73
N GLU G 78 44.49 -65.10 -23.58
CA GLU G 78 43.40 -64.43 -24.29
C GLU G 78 43.75 -64.07 -25.72
N ARG G 79 44.91 -64.54 -26.21
CA ARG G 79 45.43 -64.34 -27.56
C ARG G 79 44.34 -64.40 -28.62
N GLU G 80 44.59 -63.78 -29.76
CA GLU G 80 43.61 -63.61 -30.82
C GLU G 80 44.31 -63.66 -32.16
N LEU G 81 43.54 -63.99 -33.20
CA LEU G 81 44.13 -64.19 -34.51
C LEU G 81 44.49 -62.85 -35.12
N LEU G 82 45.61 -62.81 -35.84
CA LEU G 82 46.05 -61.61 -36.53
C LEU G 82 45.98 -61.85 -38.03
N GLU G 83 45.05 -61.15 -38.69
CA GLU G 83 44.82 -61.28 -40.13
C GLU G 83 45.66 -60.34 -40.96
N ALA G 84 46.61 -59.63 -40.36
CA ALA G 84 47.34 -58.58 -41.05
C ALA G 84 48.39 -58.01 -40.11
N ASP G 85 49.58 -57.78 -40.65
CA ASP G 85 50.71 -57.22 -39.91
C ASP G 85 50.31 -56.03 -39.04
N TRP G 86 51.01 -55.87 -37.92
CA TRP G 86 50.72 -54.84 -36.92
C TRP G 86 52.03 -54.14 -36.63
N ASP G 87 52.16 -52.91 -37.14
CA ASP G 87 53.42 -52.18 -37.13
C ASP G 87 53.20 -50.79 -36.56
N SER G 88 54.04 -50.46 -35.58
CA SER G 88 54.06 -49.18 -34.87
C SER G 88 55.41 -48.51 -35.08
N PHE G 89 55.85 -47.71 -34.10
CA PHE G 89 57.09 -46.96 -34.22
C PHE G 89 58.29 -47.88 -34.37
N GLY G 90 58.33 -48.64 -35.46
CA GLY G 90 59.45 -49.48 -35.79
C GLY G 90 59.49 -50.82 -35.09
N HIS G 91 58.84 -50.96 -33.94
CA HIS G 91 58.82 -52.22 -33.20
C HIS G 91 57.61 -53.02 -33.68
N LYS G 92 57.84 -54.00 -34.54
CA LYS G 92 56.76 -54.82 -35.05
C LYS G 92 56.18 -55.67 -33.91
N ILE G 93 54.87 -55.81 -33.91
CA ILE G 93 54.16 -56.55 -32.86
C ILE G 93 53.82 -57.96 -33.31
N GLY G 94 53.20 -58.10 -34.48
CA GLY G 94 52.87 -59.43 -34.98
C GLY G 94 52.74 -59.51 -36.48
N ILE G 95 53.21 -60.63 -37.03
CA ILE G 95 53.09 -60.91 -38.46
C ILE G 95 51.72 -61.53 -38.73
N GLN G 96 51.28 -61.44 -39.98
CA GLN G 96 49.95 -61.92 -40.34
C GLN G 96 49.82 -63.42 -40.09
N GLY G 97 48.65 -63.83 -39.62
CA GLY G 97 48.33 -65.23 -39.42
C GLY G 97 48.76 -65.82 -38.10
N ASP G 98 49.42 -65.04 -37.24
CA ASP G 98 49.87 -65.54 -35.96
C ASP G 98 48.86 -65.25 -34.85
N LYS G 99 48.84 -66.11 -33.84
CA LYS G 99 48.18 -65.78 -32.58
C LYS G 99 49.09 -64.84 -31.80
N ILE G 100 48.54 -63.69 -31.40
CA ILE G 100 49.36 -62.61 -30.87
C ILE G 100 49.38 -62.54 -29.35
N GLY G 101 48.23 -62.25 -28.73
CA GLY G 101 48.16 -62.07 -27.30
C GLY G 101 48.18 -60.59 -26.93
N PRO G 102 47.72 -60.27 -25.71
CA PRO G 102 47.74 -58.87 -25.26
C PRO G 102 49.02 -58.41 -24.58
N PHE G 103 49.91 -59.31 -24.16
CA PHE G 103 51.07 -58.90 -23.37
C PHE G 103 52.39 -59.00 -24.12
N ASN G 104 52.39 -59.41 -25.39
CA ASN G 104 53.62 -59.41 -26.16
C ASN G 104 53.92 -58.03 -26.74
N LEU G 105 53.04 -57.05 -26.49
CA LEU G 105 53.26 -55.67 -26.89
C LEU G 105 54.37 -55.02 -26.08
N VAL G 106 54.80 -55.63 -24.99
CA VAL G 106 55.77 -55.07 -24.07
C VAL G 106 56.65 -56.19 -23.56
N ARG G 107 57.93 -55.89 -23.34
CA ARG G 107 58.83 -56.87 -22.74
C ARG G 107 58.42 -57.04 -21.28
N VAL G 108 57.94 -58.24 -20.93
CA VAL G 108 57.44 -58.48 -19.57
C VAL G 108 58.62 -59.04 -18.77
N GLU G 109 59.45 -58.12 -18.28
CA GLU G 109 60.54 -58.50 -17.40
C GLU G 109 60.06 -58.74 -15.98
N ASP G 110 60.69 -59.69 -15.30
CA ASP G 110 60.33 -60.01 -13.94
C ASP G 110 60.64 -58.83 -13.02
N ILE G 111 59.77 -58.61 -12.05
CA ILE G 111 59.90 -57.48 -11.12
C ILE G 111 61.12 -57.73 -10.25
N PRO G 112 61.80 -56.70 -9.75
CA PRO G 112 62.73 -56.92 -8.64
C PRO G 112 61.96 -57.47 -7.45
N ASP G 113 62.61 -58.35 -6.69
CA ASP G 113 61.88 -59.19 -5.75
C ASP G 113 61.04 -58.36 -4.78
N GLY G 114 59.72 -58.38 -5.01
CA GLY G 114 58.74 -57.63 -4.26
C GLY G 114 57.46 -58.42 -4.00
N LEU G 115 57.59 -59.74 -3.80
CA LEU G 115 56.42 -60.60 -3.78
C LEU G 115 55.45 -60.21 -2.67
N PRO G 116 54.15 -60.09 -2.97
CA PRO G 116 53.21 -59.59 -1.96
C PRO G 116 53.07 -60.52 -0.76
N ASP G 117 52.87 -59.91 0.40
CA ASP G 117 52.68 -60.62 1.67
C ASP G 117 51.20 -60.79 2.00
N GLY G 118 50.88 -61.91 2.67
CA GLY G 118 49.60 -62.04 3.34
C GLY G 118 48.41 -62.55 2.54
N LYS G 119 47.23 -62.04 2.89
CA LYS G 119 45.95 -62.33 2.23
C LYS G 119 45.53 -63.79 2.24
N LEU G 120 44.97 -64.22 3.36
CA LEU G 120 44.50 -65.60 3.53
C LEU G 120 43.34 -65.91 2.59
N ASN G 121 43.31 -67.16 2.12
CA ASN G 121 42.42 -67.58 1.04
C ASN G 121 40.94 -67.36 1.36
N ALA G 122 40.23 -66.84 0.36
CA ALA G 122 38.79 -66.62 0.35
C ALA G 122 38.08 -67.86 -0.19
N GLU G 123 36.86 -67.66 -0.71
CA GLU G 123 36.09 -68.74 -1.29
C GLU G 123 36.78 -69.22 -2.56
N VAL G 124 36.56 -70.49 -2.90
CA VAL G 124 37.31 -71.18 -3.94
C VAL G 124 36.70 -70.91 -5.30
N SER G 125 35.72 -69.99 -5.36
CA SER G 125 35.13 -69.64 -6.63
C SER G 125 36.18 -69.16 -7.61
N ALA G 126 36.49 -69.98 -8.61
CA ALA G 126 37.45 -69.65 -9.66
C ALA G 126 36.82 -69.47 -11.03
N GLU G 127 35.53 -69.78 -11.17
CA GLU G 127 34.84 -69.59 -12.44
C GLU G 127 34.37 -68.15 -12.64
N ASP G 128 34.55 -67.30 -11.65
CA ASP G 128 34.06 -65.93 -11.66
C ASP G 128 35.06 -64.96 -12.28
N ASP G 129 35.97 -65.45 -13.12
CA ASP G 129 36.92 -64.59 -13.82
C ASP G 129 36.25 -63.78 -14.92
N ALA G 130 34.96 -64.01 -15.20
CA ALA G 130 34.25 -63.19 -16.16
C ALA G 130 34.15 -61.74 -15.71
N TRP G 131 34.22 -61.48 -14.40
CA TRP G 131 34.08 -60.11 -13.90
C TRP G 131 35.34 -59.52 -13.30
N LEU G 132 36.25 -60.33 -12.75
CA LEU G 132 37.40 -59.75 -12.04
C LEU G 132 38.24 -58.83 -12.90
N PRO G 133 38.68 -59.20 -14.11
CA PRO G 133 39.37 -58.21 -14.96
C PRO G 133 38.52 -56.99 -15.29
N LEU G 134 37.22 -57.16 -15.50
CA LEU G 134 36.39 -56.01 -15.82
C LEU G 134 36.25 -55.05 -14.63
N PHE G 135 36.23 -55.60 -13.41
CA PHE G 135 36.13 -54.76 -12.23
C PHE G 135 37.44 -54.04 -11.94
N LEU G 136 38.55 -54.78 -11.94
CA LEU G 136 39.83 -54.18 -11.62
C LEU G 136 40.26 -53.17 -12.67
N LEU G 137 39.96 -53.45 -13.95
CA LEU G 137 40.19 -52.46 -14.98
C LEU G 137 39.22 -51.30 -14.89
N GLY G 138 38.01 -51.55 -14.35
CA GLY G 138 37.03 -50.50 -14.22
C GLY G 138 37.31 -49.53 -13.11
N LEU G 139 38.11 -49.93 -12.12
CA LEU G 139 38.45 -49.01 -11.04
C LEU G 139 39.40 -47.91 -11.50
N TYR G 140 40.14 -48.14 -12.59
CA TYR G 140 40.95 -47.05 -13.13
C TYR G 140 40.08 -45.91 -13.63
N ARG G 141 38.93 -46.25 -14.23
CA ARG G 141 37.99 -45.21 -14.64
C ARG G 141 37.38 -44.51 -13.44
N VAL G 142 37.11 -45.26 -12.37
CA VAL G 142 36.57 -44.65 -11.16
C VAL G 142 37.64 -43.93 -10.35
N GLY G 143 38.91 -44.14 -10.67
CA GLY G 143 39.97 -43.40 -10.03
C GLY G 143 40.03 -41.95 -10.46
N ARG G 144 39.56 -41.66 -11.68
CA ARG G 144 39.66 -40.34 -12.26
C ARG G 144 38.59 -39.40 -11.72
N ALA G 145 37.32 -39.76 -11.87
CA ALA G 145 36.24 -38.88 -11.46
C ALA G 145 36.36 -38.49 -9.98
N SER G 146 36.10 -37.21 -9.71
CA SER G 146 36.13 -36.67 -8.36
C SER G 146 34.79 -36.15 -7.88
N GLU G 147 33.86 -35.86 -8.78
CA GLU G 147 32.53 -35.35 -8.45
C GLU G 147 31.56 -36.52 -8.34
N THR G 148 30.25 -36.24 -8.40
CA THR G 148 29.23 -37.27 -8.28
C THR G 148 29.32 -38.31 -9.38
N ALA G 149 30.07 -38.06 -10.45
CA ALA G 149 30.35 -39.10 -11.44
C ALA G 149 31.08 -40.28 -10.83
N TYR G 150 31.76 -40.07 -9.69
CA TYR G 150 32.31 -41.18 -8.93
C TYR G 150 31.22 -42.16 -8.52
N ARG G 151 30.00 -41.67 -8.25
CA ARG G 151 28.89 -42.56 -7.98
C ARG G 151 28.28 -43.11 -9.26
N THR G 152 28.17 -42.27 -10.29
CA THR G 152 27.58 -42.73 -11.56
C THR G 152 28.45 -43.78 -12.23
N LEU G 153 29.77 -43.65 -12.11
CA LEU G 153 30.66 -44.59 -12.79
C LEU G 153 30.63 -45.96 -12.15
N LEU G 154 30.59 -46.01 -10.82
CA LEU G 154 30.50 -47.30 -10.13
C LEU G 154 29.18 -48.00 -10.42
N MET G 155 28.10 -47.25 -10.59
CA MET G 155 26.81 -47.88 -10.91
C MET G 155 26.83 -48.52 -12.29
N GLU G 156 27.48 -47.88 -13.26
CA GLU G 156 27.60 -48.50 -14.58
C GLU G 156 28.53 -49.71 -14.54
N SER G 157 29.59 -49.65 -13.72
CA SER G 157 30.47 -50.80 -13.59
C SER G 157 29.81 -51.93 -12.80
N LEU G 158 29.05 -51.57 -11.76
CA LEU G 158 28.40 -52.60 -10.96
C LEU G 158 27.32 -53.32 -11.76
N ILE G 159 26.56 -52.58 -12.58
CA ILE G 159 25.55 -53.20 -13.43
C ILE G 159 26.18 -54.08 -14.49
N LYS G 160 27.37 -53.70 -14.99
CA LYS G 160 28.00 -54.48 -16.05
C LYS G 160 28.44 -55.85 -15.55
N GLN G 161 28.72 -55.98 -14.26
CA GLN G 161 29.17 -57.25 -13.70
C GLN G 161 28.08 -57.97 -12.91
N CYS G 162 27.07 -57.26 -12.41
CA CYS G 162 25.91 -57.94 -11.85
C CYS G 162 25.17 -58.72 -12.94
N LYS G 163 25.24 -58.25 -14.17
CA LYS G 163 24.77 -59.00 -15.33
C LYS G 163 25.73 -60.12 -15.72
N ALA G 164 26.95 -60.11 -15.18
CA ALA G 164 27.97 -61.05 -15.63
C ALA G 164 27.81 -62.45 -15.03
N ILE G 165 27.39 -62.57 -13.76
CA ILE G 165 27.43 -63.90 -13.18
C ILE G 165 26.07 -64.59 -13.31
N LYS G 166 25.14 -64.30 -12.40
CA LYS G 166 23.75 -64.63 -12.69
C LYS G 166 22.77 -63.53 -12.28
N SER G 167 22.45 -63.45 -10.99
CA SER G 167 21.75 -62.37 -10.30
C SER G 167 22.50 -61.87 -9.07
N ASP G 168 23.03 -62.78 -8.25
CA ASP G 168 23.66 -62.38 -7.00
C ASP G 168 25.01 -61.75 -7.25
N TRP G 169 25.30 -60.67 -6.55
CA TRP G 169 26.59 -60.01 -6.67
C TRP G 169 26.76 -59.09 -5.47
N VAL G 170 27.65 -59.46 -4.55
CA VAL G 170 28.06 -58.55 -3.50
C VAL G 170 28.92 -57.45 -4.10
N SER G 171 28.87 -56.26 -3.51
CA SER G 171 29.61 -55.12 -4.03
C SER G 171 30.72 -54.78 -3.06
N PRO G 172 31.90 -55.41 -3.19
CA PRO G 172 33.01 -55.08 -2.30
C PRO G 172 33.44 -53.62 -2.39
N VAL G 173 33.27 -52.99 -3.56
CA VAL G 173 33.72 -51.62 -3.74
C VAL G 173 33.01 -50.71 -2.76
N THR G 174 33.77 -49.82 -2.15
CA THR G 174 33.21 -48.81 -1.25
C THR G 174 32.40 -47.78 -2.04
N ALA G 175 31.38 -47.23 -1.38
CA ALA G 175 30.52 -46.26 -2.05
C ALA G 175 31.25 -44.98 -2.40
N THR G 176 32.05 -44.45 -1.48
CA THR G 176 32.71 -43.17 -1.73
C THR G 176 34.16 -43.11 -1.29
N HIS G 177 34.67 -44.09 -0.54
CA HIS G 177 36.06 -44.05 -0.11
C HIS G 177 36.97 -44.18 -1.33
N LYS G 178 38.11 -43.49 -1.29
CA LYS G 178 38.99 -43.34 -2.44
C LYS G 178 40.33 -44.03 -2.24
N TYR G 179 40.32 -45.24 -1.66
CA TYR G 179 41.57 -45.96 -1.42
C TYR G 179 42.15 -46.63 -2.66
N PHE G 180 41.36 -46.83 -3.71
CA PHE G 180 41.91 -47.42 -4.93
C PHE G 180 42.39 -46.38 -5.93
N ASP G 181 42.31 -45.09 -5.61
CA ASP G 181 42.91 -44.07 -6.45
C ASP G 181 44.43 -44.18 -6.49
N VAL G 182 45.02 -44.91 -5.53
CA VAL G 182 46.47 -45.13 -5.52
C VAL G 182 46.92 -45.82 -6.80
N TRP G 183 46.02 -46.60 -7.42
CA TRP G 183 46.41 -47.43 -8.56
C TRP G 183 46.87 -46.60 -9.74
N GLY G 184 46.41 -45.35 -9.86
CA GLY G 184 46.80 -44.54 -11.00
C GLY G 184 48.21 -44.00 -10.91
N ASN G 185 48.82 -44.04 -9.73
CA ASN G 185 50.22 -43.64 -9.58
C ASN G 185 51.20 -44.77 -9.87
N ASP G 186 50.72 -46.02 -9.88
CA ASP G 186 51.58 -47.16 -10.17
C ASP G 186 51.84 -47.22 -11.67
N GLY G 187 53.12 -47.24 -12.06
CA GLY G 187 53.45 -47.26 -13.47
C GLY G 187 53.14 -48.58 -14.14
N ASN G 188 53.28 -49.68 -13.41
CA ASN G 188 52.99 -50.99 -13.99
C ASN G 188 51.50 -51.17 -14.23
N TYR G 189 50.66 -50.71 -13.28
CA TYR G 189 49.22 -50.83 -13.46
C TYR G 189 48.73 -49.99 -14.63
N LEU G 190 49.35 -48.84 -14.87
CA LEU G 190 49.00 -48.03 -16.04
C LEU G 190 49.39 -48.73 -17.33
N LYS G 191 50.49 -49.50 -17.32
CA LYS G 191 50.95 -50.17 -18.53
C LYS G 191 50.07 -51.37 -18.88
N ILE G 192 49.67 -52.16 -17.89
CA ILE G 192 48.80 -53.30 -18.18
C ILE G 192 47.45 -52.82 -18.67
N VAL G 193 46.97 -51.70 -18.13
CA VAL G 193 45.70 -51.15 -18.60
C VAL G 193 45.82 -50.67 -20.04
N ALA G 194 46.98 -50.13 -20.40
CA ALA G 194 47.16 -49.70 -21.78
C ALA G 194 47.29 -50.87 -22.74
N CYS G 195 47.92 -51.97 -22.29
CA CYS G 195 48.06 -53.14 -23.14
C CYS G 195 46.70 -53.78 -23.43
N VAL G 196 45.79 -53.75 -22.45
CA VAL G 196 44.48 -54.37 -22.67
C VAL G 196 43.69 -53.58 -23.70
N ASP G 197 43.80 -52.25 -23.69
CA ASP G 197 43.00 -51.46 -24.62
C ASP G 197 43.57 -51.51 -26.02
N MET G 198 44.88 -51.36 -26.17
CA MET G 198 45.48 -51.40 -27.49
C MET G 198 45.32 -52.77 -28.13
N PHE G 199 45.34 -53.84 -27.32
CA PHE G 199 45.14 -55.17 -27.86
C PHE G 199 43.70 -55.36 -28.32
N TYR G 200 42.74 -54.99 -27.47
CA TYR G 200 41.34 -55.20 -27.82
C TYR G 200 40.76 -54.08 -28.68
N ASN G 201 41.45 -52.94 -28.79
CA ASN G 201 41.08 -51.96 -29.81
C ASN G 201 41.38 -52.49 -31.21
N HIS G 202 42.40 -53.34 -31.33
CA HIS G 202 42.71 -53.95 -32.61
C HIS G 202 41.75 -55.11 -32.89
N PHE G 203 41.52 -55.96 -31.90
CA PHE G 203 40.59 -57.08 -32.02
C PHE G 203 39.28 -56.73 -31.32
N LYS G 204 38.57 -55.76 -31.90
CA LYS G 204 37.29 -55.33 -31.33
C LYS G 204 36.23 -56.43 -31.38
N LYS G 205 36.37 -57.39 -32.28
CA LYS G 205 35.38 -58.45 -32.42
C LYS G 205 35.53 -59.55 -31.38
N SER G 206 36.59 -59.54 -30.59
CA SER G 206 36.81 -60.58 -29.59
C SER G 206 35.77 -60.48 -28.48
N ILE G 207 35.43 -61.65 -27.92
CA ILE G 207 34.43 -61.70 -26.85
C ILE G 207 34.93 -60.97 -25.60
N LYS G 208 36.24 -60.96 -25.37
CA LYS G 208 36.83 -60.34 -24.20
C LYS G 208 37.08 -58.84 -24.37
N ALA G 209 36.60 -58.25 -25.48
CA ALA G 209 36.73 -56.82 -25.70
C ALA G 209 35.88 -56.00 -24.75
N THR G 210 34.94 -56.62 -24.04
CA THR G 210 34.14 -55.92 -23.04
C THR G 210 35.00 -55.40 -21.89
N PHE G 211 36.21 -55.94 -21.72
CA PHE G 211 37.12 -55.45 -20.69
C PHE G 211 37.52 -54.00 -20.92
N ARG G 212 37.34 -53.49 -22.15
CA ARG G 212 37.73 -52.11 -22.45
C ARG G 212 36.96 -51.08 -21.63
N TRP G 213 35.78 -51.42 -21.12
CA TRP G 213 35.11 -50.50 -20.21
C TRP G 213 36.01 -50.26 -19.00
N GLY G 214 36.20 -48.99 -18.66
CA GLY G 214 37.12 -48.63 -17.61
C GLY G 214 38.53 -48.48 -18.11
N THR G 215 38.81 -49.00 -19.30
CA THR G 215 40.10 -48.91 -19.96
C THR G 215 40.11 -47.98 -21.17
N ILE G 216 38.94 -47.53 -21.63
CA ILE G 216 38.87 -46.61 -22.76
C ILE G 216 39.45 -45.24 -22.42
N VAL G 217 39.46 -44.88 -21.13
CA VAL G 217 40.01 -43.59 -20.72
C VAL G 217 41.51 -43.49 -20.98
N SER G 218 42.22 -44.62 -21.06
CA SER G 218 43.65 -44.58 -21.31
C SER G 218 43.98 -44.10 -22.71
N ARG G 219 43.06 -44.22 -23.66
CA ARG G 219 43.35 -43.78 -25.03
C ARG G 219 43.50 -42.27 -25.09
N PHE G 220 44.40 -41.83 -25.97
CA PHE G 220 44.74 -40.42 -26.17
C PHE G 220 44.66 -39.62 -24.88
N LYS G 221 45.21 -40.16 -23.79
CA LYS G 221 45.17 -39.45 -22.53
C LYS G 221 46.18 -38.30 -22.56
N ASP G 222 45.93 -37.29 -21.73
CA ASP G 222 46.70 -36.05 -21.74
C ASP G 222 46.98 -35.57 -23.17
N CYS G 223 45.97 -35.66 -24.04
CA CYS G 223 46.05 -35.19 -25.41
C CYS G 223 44.86 -34.31 -25.76
N ALA G 224 44.46 -33.45 -24.84
CA ALA G 224 43.26 -32.64 -25.05
C ALA G 224 43.43 -31.62 -26.18
N ALA G 225 44.65 -31.21 -26.48
CA ALA G 225 44.85 -30.27 -27.58
C ALA G 225 44.49 -30.89 -28.92
N LEU G 226 44.69 -32.21 -29.09
CA LEU G 226 44.28 -32.88 -30.31
C LEU G 226 42.77 -32.97 -30.43
N ALA G 227 42.08 -33.23 -29.31
CA ALA G 227 40.62 -33.26 -29.34
C ALA G 227 40.03 -31.89 -29.67
N THR G 228 40.71 -30.82 -29.25
CA THR G 228 40.25 -29.48 -29.58
C THR G 228 40.37 -29.20 -31.08
N LEU G 229 41.45 -29.72 -31.71
CA LEU G 229 41.62 -29.49 -33.13
C LEU G 229 40.53 -30.19 -33.95
N GLY G 230 40.12 -31.38 -33.52
CA GLY G 230 39.02 -32.06 -34.20
C GLY G 230 37.68 -31.43 -33.90
N HIS G 231 37.52 -30.87 -32.70
CA HIS G 231 36.25 -30.25 -32.33
C HIS G 231 35.97 -29.01 -33.19
N VAL G 232 37.00 -28.23 -33.52
CA VAL G 232 36.80 -27.04 -34.33
C VAL G 232 36.44 -27.43 -35.76
N VAL G 233 37.02 -28.51 -36.27
CA VAL G 233 36.77 -28.92 -37.65
C VAL G 233 35.32 -29.37 -37.83
N LYS G 234 34.76 -30.04 -36.82
CA LYS G 234 33.41 -30.56 -36.96
C LYS G 234 32.34 -29.48 -36.78
N ILE G 235 32.58 -28.53 -35.88
CA ILE G 235 31.56 -27.55 -35.55
C ILE G 235 31.52 -26.42 -36.59
N THR G 236 32.69 -25.97 -37.03
CA THR G 236 32.73 -24.90 -38.03
C THR G 236 32.31 -25.40 -39.41
N GLY G 237 32.50 -26.69 -39.68
CA GLY G 237 32.24 -27.25 -40.98
C GLY G 237 33.36 -27.10 -41.98
N LEU G 238 34.44 -26.42 -41.60
CA LEU G 238 35.61 -26.27 -42.46
C LEU G 238 36.46 -27.53 -42.43
N THR G 239 37.18 -27.77 -43.52
CA THR G 239 38.17 -28.82 -43.53
C THR G 239 39.34 -28.43 -42.62
N ILE G 240 40.05 -29.45 -42.12
CA ILE G 240 41.13 -29.19 -41.17
C ILE G 240 42.20 -28.28 -41.76
N GLU G 241 42.42 -28.36 -43.08
CA GLU G 241 43.38 -27.45 -43.71
C GLU G 241 42.88 -26.01 -43.68
N GLU G 242 41.58 -25.80 -43.87
CA GLU G 242 41.04 -24.46 -43.83
C GLU G 242 41.11 -23.86 -42.43
N VAL G 243 41.07 -24.70 -41.39
CA VAL G 243 41.14 -24.20 -40.02
C VAL G 243 42.50 -23.55 -39.76
N PHE G 244 43.56 -24.09 -40.36
CA PHE G 244 44.89 -23.52 -40.16
C PHE G 244 44.98 -22.12 -40.75
N THR G 245 44.28 -21.87 -41.86
CA THR G 245 44.33 -20.55 -42.48
C THR G 245 43.69 -19.48 -41.60
N TRP G 246 42.78 -19.87 -40.71
CA TRP G 246 42.11 -18.94 -39.82
C TRP G 246 42.92 -18.63 -38.57
N VAL G 247 44.10 -19.23 -38.41
CA VAL G 247 44.93 -19.02 -37.23
C VAL G 247 45.57 -17.64 -37.33
N LEU G 248 44.83 -16.62 -36.90
CA LEU G 248 45.26 -15.24 -36.99
C LEU G 248 46.40 -14.86 -36.04
N GLN G 249 46.74 -15.69 -35.07
CA GLN G 249 47.83 -15.38 -34.15
C GLN G 249 49.08 -16.20 -34.46
N THR G 250 50.23 -15.52 -34.35
CA THR G 250 51.52 -16.20 -34.55
C THR G 250 51.80 -17.21 -33.45
N GLU G 251 51.26 -16.99 -32.25
CA GLU G 251 51.51 -17.90 -31.14
C GLU G 251 50.70 -19.19 -31.27
N VAL G 252 49.47 -19.09 -31.76
CA VAL G 252 48.68 -20.31 -31.95
C VAL G 252 49.32 -21.17 -33.03
N ALA G 253 49.97 -20.55 -34.02
CA ALA G 253 50.68 -21.32 -35.04
C ALA G 253 51.88 -22.06 -34.46
N ASP G 254 52.62 -21.41 -33.56
CA ASP G 254 53.80 -22.06 -32.98
C ASP G 254 53.40 -23.27 -32.16
N GLU G 255 52.21 -23.25 -31.57
CA GLU G 255 51.71 -24.39 -30.83
C GLU G 255 51.18 -25.48 -31.76
N LEU G 256 50.51 -25.09 -32.85
CA LEU G 256 50.03 -26.07 -33.82
C LEU G 256 51.16 -26.74 -34.59
N VAL G 257 52.24 -26.02 -34.87
CA VAL G 257 53.39 -26.63 -35.54
C VAL G 257 54.07 -27.64 -34.62
N LYS G 258 54.28 -27.24 -33.36
CA LYS G 258 54.88 -28.13 -32.38
C LYS G 258 53.96 -29.28 -32.03
N MET G 259 52.66 -29.13 -32.28
CA MET G 259 51.68 -30.18 -32.05
C MET G 259 51.70 -31.26 -33.13
N MET G 260 52.33 -31.01 -34.27
CA MET G 260 52.27 -31.97 -35.38
C MET G 260 53.53 -32.81 -35.48
N LYS G 261 54.69 -32.17 -35.70
CA LYS G 261 56.00 -32.81 -35.68
C LYS G 261 55.99 -34.14 -36.42
N PRO G 262 55.97 -34.14 -37.76
CA PRO G 262 55.58 -35.34 -38.51
C PRO G 262 56.46 -36.55 -38.19
N GLY G 263 55.81 -37.71 -38.16
CA GLY G 263 56.39 -38.97 -37.73
C GLY G 263 56.07 -39.32 -36.30
N GLN G 264 54.83 -39.03 -35.87
CA GLN G 264 54.33 -39.39 -34.56
C GLN G 264 53.20 -40.41 -34.64
N GLU G 265 52.81 -40.81 -35.85
CA GLU G 265 51.71 -41.75 -36.08
C GLU G 265 50.42 -41.26 -35.43
N ILE G 266 50.19 -39.94 -35.46
CA ILE G 266 48.96 -39.36 -34.94
C ILE G 266 47.77 -39.81 -35.77
N ASP G 267 47.97 -39.98 -37.07
CA ASP G 267 46.90 -40.40 -37.96
C ASP G 267 46.50 -41.84 -37.72
N LYS G 268 47.48 -42.73 -37.61
CA LYS G 268 47.22 -44.16 -37.55
C LYS G 268 46.59 -44.54 -36.22
N SER G 269 45.50 -45.30 -36.28
CA SER G 269 44.88 -45.85 -35.08
C SER G 269 45.80 -46.87 -34.42
N THR G 270 46.23 -47.87 -35.19
CA THR G 270 47.11 -48.92 -34.68
C THR G 270 48.49 -48.37 -34.35
N SER G 271 48.57 -47.52 -33.32
CA SER G 271 49.83 -46.90 -32.94
C SER G 271 49.93 -46.81 -31.43
N TYR G 272 51.16 -46.63 -30.95
CA TYR G 272 51.45 -46.43 -29.54
C TYR G 272 51.21 -44.99 -29.08
N MET G 273 51.02 -44.05 -30.00
CA MET G 273 50.90 -42.65 -29.59
C MET G 273 49.77 -42.37 -28.59
N PRO G 274 48.55 -42.91 -28.71
CA PRO G 274 47.49 -42.51 -27.77
C PRO G 274 47.84 -42.74 -26.31
N TYR G 275 48.62 -43.77 -26.00
CA TYR G 275 48.96 -44.12 -24.62
C TYR G 275 50.27 -43.46 -24.19
N LEU G 276 50.36 -42.14 -24.32
CA LEU G 276 51.62 -41.45 -24.07
C LEU G 276 52.10 -41.58 -22.63
N ILE G 277 51.20 -41.44 -21.66
CA ILE G 277 51.61 -41.44 -20.26
C ILE G 277 51.43 -42.83 -19.63
N ASP G 278 50.32 -43.51 -19.93
CA ASP G 278 50.03 -44.76 -19.26
C ASP G 278 51.03 -45.84 -19.63
N MET G 279 51.58 -45.80 -20.84
CA MET G 279 52.63 -46.73 -21.23
C MET G 279 54.01 -46.28 -20.76
N GLY G 280 54.14 -45.05 -20.29
CA GLY G 280 55.43 -44.50 -19.93
C GLY G 280 56.27 -44.05 -21.11
N ILE G 281 55.70 -44.01 -22.31
CA ILE G 281 56.47 -43.64 -23.49
C ILE G 281 56.91 -42.18 -23.45
N SER G 282 56.14 -41.32 -22.78
CA SER G 282 56.51 -39.91 -22.71
C SER G 282 55.96 -39.26 -21.45
N ALA G 283 56.80 -38.44 -20.82
CA ALA G 283 56.39 -37.66 -19.66
C ALA G 283 55.87 -36.31 -20.14
N LYS G 284 54.73 -35.87 -19.59
CA LYS G 284 54.17 -34.57 -19.94
C LYS G 284 53.93 -34.45 -21.45
N SER G 285 52.80 -34.97 -21.90
CA SER G 285 52.52 -35.09 -23.32
C SER G 285 52.56 -33.72 -24.02
N PRO G 286 53.20 -33.63 -25.18
CA PRO G 286 53.19 -32.36 -25.93
C PRO G 286 51.82 -31.99 -26.46
N TYR G 287 50.88 -32.92 -26.51
CA TYR G 287 49.54 -32.68 -27.01
C TYR G 287 48.58 -32.36 -25.88
N SER G 288 49.08 -32.18 -24.66
CA SER G 288 48.24 -31.82 -23.54
C SER G 288 47.76 -30.37 -23.68
N THR G 289 46.61 -30.08 -23.09
CA THR G 289 46.08 -28.72 -23.14
C THR G 289 47.01 -27.72 -22.46
N ILE G 290 47.72 -28.15 -21.41
CA ILE G 290 48.62 -27.21 -20.72
C ILE G 290 49.82 -26.85 -21.60
N LYS G 291 50.27 -27.79 -22.45
CA LYS G 291 51.42 -27.50 -23.31
C LYS G 291 51.04 -26.61 -24.50
N ASN G 292 49.76 -26.56 -24.86
CA ASN G 292 49.29 -25.73 -25.97
C ASN G 292 48.10 -24.92 -25.48
N PRO G 293 48.34 -23.92 -24.61
CA PRO G 293 47.23 -23.11 -24.09
C PRO G 293 46.64 -22.14 -25.11
N SER G 294 47.48 -21.34 -25.77
CA SER G 294 46.99 -20.30 -26.67
C SER G 294 46.15 -20.87 -27.80
N PHE G 295 46.44 -22.08 -28.26
CA PHE G 295 45.59 -22.69 -29.28
C PHE G 295 44.32 -23.28 -28.68
N HIS G 296 44.40 -23.83 -27.46
CA HIS G 296 43.22 -24.42 -26.84
C HIS G 296 42.13 -23.39 -26.58
N PHE G 297 42.51 -22.15 -26.26
CA PHE G 297 41.52 -21.11 -26.06
C PHE G 297 40.95 -20.59 -27.38
N TRP G 298 41.81 -20.43 -28.40
CA TRP G 298 41.32 -20.02 -29.71
C TRP G 298 40.39 -21.06 -30.32
N GLY G 299 40.60 -22.33 -30.02
CA GLY G 299 39.78 -23.38 -30.58
C GLY G 299 38.43 -23.51 -29.92
N GLN G 300 38.43 -23.62 -28.58
CA GLN G 300 37.18 -23.74 -27.84
C GLN G 300 36.31 -22.50 -27.96
N LEU G 301 36.91 -21.30 -28.05
CA LEU G 301 36.10 -20.10 -28.16
C LEU G 301 35.39 -20.01 -29.50
N VAL G 302 36.04 -20.45 -30.58
CA VAL G 302 35.37 -20.46 -31.87
C VAL G 302 34.24 -21.49 -31.88
N ALA G 303 34.44 -22.63 -31.22
CA ALA G 303 33.39 -23.63 -31.13
C ALA G 303 32.23 -23.15 -30.27
N ALA G 304 32.54 -22.47 -29.17
CA ALA G 304 31.54 -21.87 -28.29
C ALA G 304 30.65 -20.91 -29.06
N LEU G 305 31.23 -19.79 -29.48
CA LEU G 305 30.57 -18.80 -30.34
C LEU G 305 29.73 -19.44 -31.44
N CYS G 306 30.07 -20.64 -31.86
CA CYS G 306 29.30 -21.40 -32.82
C CYS G 306 28.28 -22.34 -32.17
N ARG G 307 27.91 -22.11 -30.91
CA ARG G 307 26.83 -22.87 -30.25
C ARG G 307 27.20 -24.35 -30.13
N SER G 308 28.36 -24.63 -29.56
CA SER G 308 28.77 -26.01 -29.32
C SER G 308 28.19 -26.59 -28.03
N LYS G 309 28.03 -25.76 -27.00
CA LYS G 309 27.52 -26.13 -25.67
C LYS G 309 28.53 -26.95 -24.88
N ARG G 310 29.54 -27.51 -25.54
CA ARG G 310 30.60 -28.24 -24.84
C ARG G 310 31.82 -27.38 -24.58
N ALA G 311 32.13 -26.44 -25.48
CA ALA G 311 33.25 -25.55 -25.31
C ALA G 311 33.02 -24.55 -24.19
N LEU G 312 31.77 -24.37 -23.78
CA LEU G 312 31.45 -23.38 -22.75
C LEU G 312 32.09 -23.74 -21.41
N ASN G 313 32.39 -25.03 -21.20
CA ASN G 313 33.01 -25.49 -19.96
C ASN G 313 34.50 -25.80 -20.16
N ALA G 314 35.21 -24.96 -20.93
CA ALA G 314 36.61 -25.16 -21.26
C ALA G 314 37.44 -24.09 -20.54
N ARG G 315 38.06 -24.45 -19.43
CA ARG G 315 38.85 -23.53 -18.61
C ARG G 315 39.74 -22.61 -19.44
N GLN G 316 39.58 -21.31 -19.23
CA GLN G 316 40.43 -20.32 -19.87
C GLN G 316 41.89 -20.53 -19.45
N PRO G 317 42.82 -20.65 -20.40
CA PRO G 317 44.22 -20.94 -20.03
C PRO G 317 44.91 -19.83 -19.23
N ASP G 318 44.39 -18.60 -19.26
CA ASP G 318 44.88 -17.48 -18.43
C ASP G 318 46.16 -16.86 -19.00
N GLU G 319 47.27 -17.60 -18.96
CA GLU G 319 48.54 -17.06 -19.44
C GLU G 319 48.52 -17.00 -20.96
N ILE G 320 47.65 -16.17 -21.54
CA ILE G 320 47.52 -16.02 -22.98
C ILE G 320 47.11 -14.59 -23.34
N ASP G 321 47.16 -14.30 -24.64
CA ASP G 321 46.86 -13.02 -25.28
C ASP G 321 45.35 -12.83 -25.47
N SER G 322 44.55 -13.39 -24.56
CA SER G 322 43.09 -13.45 -24.63
C SER G 322 42.42 -12.24 -25.29
N MET G 323 42.94 -11.03 -25.07
CA MET G 323 42.32 -9.87 -25.69
C MET G 323 42.38 -9.94 -27.21
N SER G 324 43.48 -10.48 -27.75
CA SER G 324 43.60 -10.62 -29.20
C SER G 324 42.99 -11.93 -29.70
N ILE G 325 43.12 -12.99 -28.92
CA ILE G 325 42.56 -14.29 -29.33
C ILE G 325 41.04 -14.22 -29.42
N SER G 326 40.41 -13.51 -28.47
CA SER G 326 38.96 -13.39 -28.51
C SER G 326 38.48 -12.59 -29.70
N ASN G 327 39.25 -11.60 -30.14
CA ASN G 327 38.85 -10.82 -31.32
C ASN G 327 38.98 -11.64 -32.58
N ALA G 328 40.07 -12.39 -32.73
CA ALA G 328 40.24 -13.26 -33.89
C ALA G 328 39.20 -14.36 -33.92
N SER G 329 38.75 -14.82 -32.76
CA SER G 329 37.73 -15.86 -32.71
C SER G 329 36.39 -15.34 -33.18
N LEU G 330 36.02 -14.12 -32.77
CA LEU G 330 34.73 -13.56 -33.18
C LEU G 330 34.69 -13.31 -34.69
N LEU G 331 35.81 -12.93 -35.29
CA LEU G 331 35.82 -12.75 -36.75
C LEU G 331 35.61 -14.07 -37.47
N MET G 332 36.17 -15.15 -36.93
CA MET G 332 35.98 -16.47 -37.54
C MET G 332 34.54 -16.96 -37.32
N ALA G 333 33.99 -16.71 -36.14
CA ALA G 333 32.62 -17.16 -35.86
C ALA G 333 31.59 -16.42 -36.70
N TYR G 334 31.77 -15.11 -36.91
CA TYR G 334 30.84 -14.34 -37.72
C TYR G 334 31.01 -14.62 -39.21
N ALA G 335 32.06 -15.31 -39.62
CA ALA G 335 32.20 -15.64 -41.03
C ALA G 335 31.42 -16.89 -41.37
N LEU G 336 31.35 -17.84 -40.44
CA LEU G 336 30.56 -19.04 -40.66
C LEU G 336 29.07 -18.74 -40.70
N GLY G 337 28.62 -17.70 -39.98
CA GLY G 337 27.21 -17.38 -39.98
C GLY G 337 26.76 -16.54 -41.17
N SER G 338 27.65 -15.75 -41.75
CA SER G 338 27.32 -14.93 -42.91
C SER G 338 27.46 -15.69 -44.21
N SER G 339 27.98 -16.91 -44.16
CA SER G 339 28.10 -17.78 -45.34
C SER G 339 27.97 -19.21 -44.83
N PRO G 340 26.75 -19.63 -44.49
CA PRO G 340 26.55 -20.90 -43.79
C PRO G 340 26.74 -22.17 -44.62
N ASP G 341 27.82 -22.27 -45.39
CA ASP G 341 28.12 -23.49 -46.16
C ASP G 341 26.85 -23.97 -46.87
N ILE G 342 26.46 -23.21 -47.88
CA ILE G 342 25.17 -23.40 -48.54
C ILE G 342 25.42 -23.62 -50.04
N GLU G 343 25.56 -24.90 -50.40
CA GLU G 343 25.68 -25.30 -51.79
C GLU G 343 24.75 -26.47 -52.06
N GLN G 344 24.09 -26.45 -53.22
CA GLN G 344 23.20 -27.55 -53.55
C GLN G 344 24.01 -28.84 -53.69
N GLN G 345 23.40 -29.98 -53.37
CA GLN G 345 24.09 -31.25 -53.48
C GLN G 345 23.43 -32.18 -54.50
N PHE G 346 22.24 -32.70 -54.22
CA PHE G 346 21.60 -33.58 -55.19
C PHE G 346 20.90 -32.76 -56.27
N SER G 347 20.41 -33.48 -57.29
CA SER G 347 19.69 -32.86 -58.39
C SER G 347 19.00 -33.95 -59.19
N THR G 348 17.82 -33.62 -59.72
CA THR G 348 17.08 -34.51 -60.60
C THR G 348 17.25 -34.15 -62.08
N GLY G 349 18.21 -33.30 -62.41
CA GLY G 349 18.35 -32.81 -63.77
C GLY G 349 18.16 -31.31 -63.85
N ASN G 350 18.14 -30.65 -62.70
CA ASN G 350 17.96 -29.21 -62.59
C ASN G 350 19.29 -28.55 -62.21
N THR G 351 19.31 -27.21 -62.26
CA THR G 351 20.56 -26.47 -62.23
C THR G 351 20.90 -25.98 -60.83
N TYR G 352 21.89 -25.11 -60.75
CA TYR G 352 22.53 -24.67 -59.50
C TYR G 352 22.42 -23.15 -59.34
N ARG G 353 23.13 -22.62 -58.33
CA ARG G 353 23.14 -21.20 -57.98
C ARG G 353 23.48 -20.25 -59.13
N LYS G 354 23.96 -20.78 -60.25
CA LYS G 354 24.33 -20.04 -61.46
C LYS G 354 24.98 -18.68 -61.14
N PRO G 355 26.19 -18.67 -60.58
CA PRO G 355 26.82 -17.38 -60.23
C PRO G 355 27.31 -16.66 -61.46
N PRO G 356 26.91 -15.40 -61.64
CA PRO G 356 27.37 -14.64 -62.81
C PRO G 356 28.66 -13.86 -62.64
N LYS G 357 29.66 -14.42 -61.95
CA LYS G 357 30.95 -13.76 -61.75
C LYS G 357 30.77 -12.39 -61.07
N GLU G 358 30.46 -12.44 -59.78
CA GLU G 358 30.22 -11.21 -59.05
C GLU G 358 31.52 -10.55 -58.62
N ALA G 359 32.34 -11.29 -57.87
CA ALA G 359 33.69 -10.90 -57.43
C ALA G 359 33.71 -9.72 -56.46
N SER G 360 32.63 -8.93 -56.41
CA SER G 360 32.51 -7.82 -55.47
C SER G 360 31.14 -7.14 -55.56
N TYR G 361 30.40 -7.19 -54.46
CA TYR G 361 29.16 -6.42 -54.27
C TYR G 361 29.37 -5.35 -53.19
N LEU G 362 28.85 -4.15 -53.45
CA LEU G 362 29.05 -3.01 -52.54
C LEU G 362 27.89 -2.85 -51.56
N VAL G 363 27.36 -3.95 -51.04
CA VAL G 363 26.30 -3.85 -50.04
C VAL G 363 26.88 -3.56 -48.66
N SER G 364 27.74 -4.44 -48.13
CA SER G 364 28.58 -4.10 -47.00
C SER G 364 30.00 -4.63 -47.19
N GLU G 365 30.43 -4.80 -48.44
CA GLU G 365 31.63 -5.55 -48.81
C GLU G 365 31.87 -6.78 -47.95
N GLU G 366 30.81 -7.49 -47.55
CA GLU G 366 31.00 -8.70 -46.77
C GLU G 366 31.18 -9.88 -47.72
N PRO G 367 32.29 -10.59 -47.67
CA PRO G 367 32.48 -11.72 -48.59
C PRO G 367 31.44 -12.81 -48.35
N LYS G 368 31.02 -13.43 -49.44
CA LYS G 368 30.02 -14.50 -49.41
C LYS G 368 30.64 -15.86 -49.18
N ASN G 369 31.97 -15.95 -49.11
CA ASN G 369 32.69 -17.19 -48.91
C ASN G 369 33.41 -17.15 -47.56
N ARG G 370 34.06 -18.26 -47.22
CA ARG G 370 34.75 -18.40 -45.96
C ARG G 370 36.27 -18.24 -46.07
N SER G 371 36.78 -17.79 -47.21
CA SER G 371 38.21 -17.62 -47.35
C SER G 371 38.72 -16.55 -46.38
N VAL G 372 39.84 -16.84 -45.72
CA VAL G 372 40.36 -15.93 -44.70
C VAL G 372 40.81 -14.60 -45.31
N VAL G 373 41.32 -14.61 -46.54
CA VAL G 373 41.92 -13.41 -47.09
C VAL G 373 40.86 -12.34 -47.34
N GLU G 374 39.69 -12.74 -47.85
CA GLU G 374 38.63 -11.75 -48.07
C GLU G 374 38.09 -11.21 -46.76
N TRP G 375 38.14 -12.03 -45.69
CA TRP G 375 37.67 -11.57 -44.39
C TRP G 375 38.72 -10.70 -43.69
N ILE G 376 40.00 -11.03 -43.86
CA ILE G 376 41.04 -10.21 -43.25
C ILE G 376 41.05 -8.81 -43.85
N ALA G 377 40.89 -8.71 -45.17
CA ALA G 377 40.84 -7.40 -45.81
C ALA G 377 39.58 -6.64 -45.41
N TRP G 378 38.45 -7.35 -45.25
CA TRP G 378 37.24 -6.67 -44.81
C TRP G 378 37.35 -6.24 -43.36
N TYR G 379 37.95 -7.07 -42.51
CA TYR G 379 38.09 -6.70 -41.11
C TYR G 379 39.13 -5.59 -40.93
N SER G 380 40.09 -5.49 -41.85
CA SER G 380 41.06 -4.40 -41.82
C SER G 380 40.46 -3.08 -42.25
N ASP G 381 39.39 -3.10 -43.04
CA ASP G 381 38.72 -1.86 -43.44
C ASP G 381 37.98 -1.22 -42.28
N VAL G 382 37.65 -1.99 -41.24
CA VAL G 382 36.97 -1.47 -40.07
C VAL G 382 37.96 -1.25 -38.92
N ASP G 383 39.25 -1.13 -39.24
CA ASP G 383 40.31 -0.85 -38.27
C ASP G 383 40.43 -1.96 -37.23
N ASN G 384 40.15 -3.20 -37.63
CA ASN G 384 40.33 -4.38 -36.79
C ASN G 384 39.56 -4.29 -35.48
N LYS G 385 38.40 -3.65 -35.49
CA LYS G 385 37.52 -3.64 -34.34
C LYS G 385 36.17 -4.25 -34.72
N PRO G 386 35.59 -5.09 -33.87
CA PRO G 386 34.34 -5.76 -34.24
C PRO G 386 33.23 -4.75 -34.50
N THR G 387 32.39 -5.05 -35.49
CA THR G 387 31.32 -4.15 -35.86
C THR G 387 30.11 -4.36 -34.95
N ASP G 388 29.15 -3.44 -35.08
CA ASP G 388 27.87 -3.57 -34.39
C ASP G 388 27.23 -4.91 -34.72
N ASP G 389 26.76 -5.07 -35.97
CA ASP G 389 26.26 -6.33 -36.50
C ASP G 389 27.00 -7.55 -35.98
N MET G 390 28.33 -7.42 -35.84
CA MET G 390 29.14 -8.54 -35.36
C MET G 390 28.93 -8.79 -33.87
N LEU G 391 28.93 -7.73 -33.07
CA LEU G 391 28.71 -7.89 -31.63
C LEU G 391 27.31 -8.40 -31.33
N MET G 392 26.33 -8.10 -32.19
CA MET G 392 24.98 -8.59 -31.95
C MET G 392 24.91 -10.11 -31.99
N MET G 393 25.69 -10.74 -32.87
CA MET G 393 25.77 -12.19 -32.84
C MET G 393 26.46 -12.68 -31.58
N ALA G 394 27.46 -11.94 -31.10
CA ALA G 394 28.20 -12.38 -29.92
C ALA G 394 27.33 -12.33 -28.66
N LYS G 395 26.52 -11.29 -28.51
CA LYS G 395 25.56 -11.27 -27.42
C LYS G 395 24.47 -12.30 -27.62
N ARG G 396 24.13 -12.59 -28.88
CA ARG G 396 23.13 -13.61 -29.17
C ARG G 396 23.59 -14.98 -28.71
N VAL G 397 24.87 -15.30 -28.91
CA VAL G 397 25.43 -16.53 -28.38
C VAL G 397 25.51 -16.47 -26.85
N ALA G 398 25.69 -15.27 -26.30
CA ALA G 398 25.78 -15.12 -24.86
C ALA G 398 24.47 -15.44 -24.15
N GLY G 399 23.34 -15.30 -24.85
CA GLY G 399 22.06 -15.55 -24.21
C GLY G 399 21.76 -17.02 -24.00
N THR G 400 22.48 -17.91 -24.69
CA THR G 400 22.30 -19.34 -24.51
C THR G 400 23.12 -19.91 -23.35
N ILE G 401 23.99 -19.10 -22.74
CA ILE G 401 24.88 -19.58 -21.66
C ILE G 401 24.10 -19.39 -20.36
N SER G 402 23.16 -20.31 -20.11
CA SER G 402 22.36 -20.25 -18.90
C SER G 402 23.21 -20.06 -17.65
N GLY G 403 24.29 -20.84 -17.53
CA GLY G 403 25.21 -20.65 -16.43
C GLY G 403 26.60 -21.18 -16.70
N PRO G 404 27.56 -20.27 -16.83
CA PRO G 404 28.96 -20.67 -16.99
C PRO G 404 29.60 -21.06 -15.68
N ARG G 405 30.66 -21.86 -15.77
CA ARG G 405 31.58 -21.97 -14.64
C ARG G 405 32.39 -20.68 -14.51
N ASP G 406 32.80 -20.37 -13.29
CA ASP G 406 33.37 -19.05 -13.04
C ASP G 406 34.77 -18.84 -13.63
N ASN G 407 35.35 -19.74 -14.44
CA ASN G 407 36.65 -19.48 -15.05
C ASN G 407 36.77 -20.08 -16.44
N SER G 408 35.67 -20.18 -17.18
CA SER G 408 35.63 -20.90 -18.44
C SER G 408 35.28 -19.97 -19.59
N VAL G 409 35.27 -20.55 -20.79
CA VAL G 409 34.94 -19.81 -22.00
C VAL G 409 33.52 -19.26 -21.92
N GLY G 410 32.64 -19.92 -21.19
CA GLY G 410 31.28 -19.43 -21.05
C GLY G 410 31.23 -18.09 -20.33
N LYS G 411 32.14 -17.89 -19.36
CA LYS G 411 32.25 -16.57 -18.74
C LYS G 411 32.75 -15.52 -19.72
N TRP G 412 33.59 -15.90 -20.68
CA TRP G 412 34.10 -14.91 -21.63
C TRP G 412 32.98 -14.36 -22.50
N ILE G 413 32.15 -15.26 -23.06
CA ILE G 413 31.04 -14.78 -23.88
C ILE G 413 30.04 -14.02 -23.03
N LYS G 414 29.86 -14.42 -21.76
CA LYS G 414 28.88 -13.74 -20.93
C LYS G 414 29.39 -12.38 -20.44
N GLN G 415 30.64 -12.31 -19.98
CA GLN G 415 31.15 -11.05 -19.43
C GLN G 415 31.57 -10.07 -20.53
N THR G 416 32.29 -10.56 -21.54
CA THR G 416 32.82 -9.66 -22.56
C THR G 416 31.77 -9.26 -23.59
N TYR G 417 31.23 -10.24 -24.30
CA TYR G 417 30.25 -9.98 -25.36
C TYR G 417 28.85 -10.17 -24.78
N GLY G 418 28.29 -9.09 -24.25
CA GLY G 418 26.94 -9.15 -23.70
C GLY G 418 26.64 -8.04 -22.72
N SER H 2 71.69 16.42 -5.79
CA SER H 2 71.43 17.82 -6.10
C SER H 2 71.83 18.16 -7.53
N VAL H 3 70.98 17.79 -8.48
CA VAL H 3 71.29 18.06 -9.88
C VAL H 3 70.85 19.46 -10.29
N ILE H 4 69.95 20.09 -9.53
CA ILE H 4 69.50 21.46 -9.78
C ILE H 4 69.45 22.19 -8.44
N ARG H 5 69.96 23.41 -8.42
CA ARG H 5 70.05 24.17 -7.18
C ARG H 5 68.73 24.86 -6.88
N ILE H 6 68.43 25.01 -5.58
CA ILE H 6 67.20 25.62 -5.11
C ILE H 6 67.53 26.89 -4.34
N LYS H 7 66.86 27.97 -4.69
CA LYS H 7 66.98 29.25 -4.01
C LYS H 7 65.63 29.66 -3.47
N THR H 8 65.59 30.83 -2.82
CA THR H 8 64.38 31.34 -2.19
C THR H 8 64.40 32.85 -2.38
N ASN H 9 63.83 33.61 -1.46
CA ASN H 9 63.91 35.06 -1.61
C ASN H 9 65.19 35.64 -1.05
N ALA H 10 66.13 34.81 -0.59
CA ALA H 10 67.44 35.32 -0.22
C ALA H 10 68.60 34.38 -0.54
N ALA H 11 68.38 33.07 -0.46
CA ALA H 11 69.52 32.16 -0.34
C ALA H 11 69.16 30.74 -0.78
N VAL H 12 70.20 29.92 -0.94
CA VAL H 12 70.07 28.53 -1.37
C VAL H 12 69.59 27.66 -0.21
N ALA H 13 69.03 26.50 -0.56
CA ALA H 13 68.45 25.57 0.40
C ALA H 13 68.86 24.14 0.06
N ALA H 14 69.33 23.41 1.07
CA ALA H 14 69.73 22.02 0.90
C ALA H 14 68.54 21.13 0.52
N VAL H 15 68.82 20.11 -0.30
CA VAL H 15 67.78 19.35 -0.98
C VAL H 15 67.85 17.84 -0.73
N LEU H 16 68.15 17.42 0.49
CA LEU H 16 68.35 16.00 0.74
C LEU H 16 67.44 15.47 1.84
N PRO H 17 66.67 14.40 1.57
CA PRO H 17 65.90 13.73 2.63
C PRO H 17 66.63 12.54 3.23
N ALA H 18 66.01 11.90 4.22
CA ALA H 18 66.55 10.67 4.78
C ALA H 18 66.52 9.55 3.73
N ASN H 19 67.49 8.64 3.83
CA ASN H 19 67.71 7.66 2.78
C ASN H 19 66.82 6.44 3.01
N GLU H 20 67.14 5.32 2.36
CA GLU H 20 66.43 4.06 2.48
C GLU H 20 67.41 2.94 2.18
N ASP H 21 66.95 1.70 2.31
CA ASP H 21 67.85 0.55 2.27
C ASP H 21 67.92 -0.01 0.86
N GLN H 22 69.06 -0.63 0.56
CA GLN H 22 69.35 -1.20 -0.75
C GLN H 22 69.01 -2.69 -0.75
N ALA H 23 69.41 -3.39 -1.81
CA ALA H 23 69.20 -4.83 -1.93
C ALA H 23 70.54 -5.49 -2.20
N ASP H 24 70.55 -6.81 -2.14
CA ASP H 24 71.76 -7.58 -2.43
C ASP H 24 71.63 -8.24 -3.79
N TYR H 25 72.70 -8.89 -4.21
CA TYR H 25 72.68 -9.57 -5.50
C TYR H 25 73.26 -10.97 -5.36
N PRO H 26 72.74 -11.93 -6.15
CA PRO H 26 73.34 -13.27 -6.12
C PRO H 26 74.82 -13.31 -6.49
N SER H 27 75.25 -12.47 -7.43
CA SER H 27 76.62 -12.56 -7.90
C SER H 27 77.62 -12.10 -6.84
N THR H 28 77.23 -11.17 -5.99
CA THR H 28 78.15 -10.63 -4.99
C THR H 28 78.52 -11.66 -3.93
N PHE H 29 77.64 -12.62 -3.65
CA PHE H 29 77.94 -13.64 -2.64
C PHE H 29 79.03 -14.58 -3.11
N PHE H 30 79.13 -14.84 -4.41
CA PHE H 30 80.10 -15.80 -4.95
C PHE H 30 81.40 -15.13 -5.36
N GLU H 31 81.65 -13.90 -4.92
CA GLU H 31 82.90 -13.21 -5.19
C GLU H 31 83.93 -13.69 -4.17
N GLY H 32 85.13 -14.01 -4.64
CA GLY H 32 86.21 -14.40 -3.75
C GLY H 32 86.34 -15.89 -3.50
N GLY H 33 85.34 -16.69 -3.88
CA GLY H 33 85.31 -18.10 -3.53
C GLY H 33 84.47 -18.47 -2.31
N ASN H 34 83.79 -17.50 -1.69
CA ASN H 34 82.89 -17.74 -0.57
C ASN H 34 82.08 -19.02 -0.73
N GLU H 35 82.09 -19.84 0.32
CA GLU H 35 81.45 -21.15 0.33
C GLU H 35 80.14 -21.17 1.09
N ILE H 36 79.15 -21.88 0.55
CA ILE H 36 77.84 -22.08 1.18
C ILE H 36 78.05 -23.10 2.29
N ARG H 37 78.02 -22.67 3.56
CA ARG H 37 78.27 -23.57 4.69
C ARG H 37 76.98 -23.99 5.38
N LEU H 38 76.50 -25.20 5.04
CA LEU H 38 75.37 -25.81 5.74
C LEU H 38 75.90 -26.55 6.96
N TYR H 39 75.59 -26.05 8.16
CA TYR H 39 76.06 -26.63 9.43
C TYR H 39 75.06 -27.65 9.96
N VAL H 40 75.29 -28.93 9.66
CA VAL H 40 74.42 -29.98 10.14
C VAL H 40 75.21 -30.96 11.01
N ASN H 41 74.53 -31.49 12.04
CA ASN H 41 75.09 -32.49 12.95
C ASN H 41 75.08 -33.85 12.26
N ARG H 42 76.28 -34.40 12.00
CA ARG H 42 76.43 -35.71 11.38
C ARG H 42 77.17 -36.70 12.28
N GLY H 43 76.91 -36.68 13.58
CA GLY H 43 77.58 -37.61 14.47
C GLY H 43 76.82 -38.83 14.93
N GLU H 44 75.48 -38.76 14.95
CA GLU H 44 74.66 -39.91 15.30
C GLU H 44 74.37 -40.80 14.09
N LYS H 45 74.17 -42.08 14.37
CA LYS H 45 73.88 -43.07 13.33
C LYS H 45 72.47 -42.89 12.80
N LEU H 46 72.24 -43.41 11.59
CA LEU H 46 70.99 -43.17 10.87
C LEU H 46 69.76 -43.63 11.66
N ASP H 47 69.81 -44.84 12.23
CA ASP H 47 68.61 -45.36 12.89
C ASP H 47 68.20 -44.51 14.09
N VAL H 48 69.18 -43.93 14.79
CA VAL H 48 68.86 -43.06 15.91
C VAL H 48 68.18 -41.77 15.45
N LEU H 49 68.54 -41.27 14.28
CA LEU H 49 67.94 -40.01 13.80
C LEU H 49 66.51 -40.21 13.33
N ARG H 50 66.23 -41.32 12.62
CA ARG H 50 64.87 -41.54 12.13
C ARG H 50 63.89 -41.74 13.27
N GLN H 51 64.35 -42.33 14.37
CA GLN H 51 63.45 -42.60 15.48
C GLN H 51 63.27 -41.39 16.37
N TYR H 52 64.27 -40.50 16.45
CA TYR H 52 64.08 -39.23 17.14
C TYR H 52 63.06 -38.34 16.45
N VAL H 53 62.95 -38.44 15.12
CA VAL H 53 62.05 -37.57 14.39
C VAL H 53 60.61 -38.06 14.49
N TYR H 54 60.40 -39.38 14.35
CA TYR H 54 59.05 -39.91 14.39
C TYR H 54 58.41 -39.75 15.78
N MET H 55 59.21 -39.79 16.83
CA MET H 55 58.75 -39.57 18.20
C MET H 55 58.75 -38.11 18.62
N GLY H 56 58.89 -37.18 17.68
CA GLY H 56 58.66 -35.80 18.04
C GLY H 56 57.48 -35.22 17.26
N LEU H 57 57.28 -35.72 16.04
CA LEU H 57 56.13 -35.29 15.24
C LEU H 57 54.83 -35.88 15.78
N VAL H 58 54.85 -37.14 16.24
CA VAL H 58 53.64 -37.74 16.78
C VAL H 58 53.26 -37.08 18.10
N GLU H 59 54.23 -36.60 18.87
CA GLU H 59 53.98 -35.88 20.11
C GLU H 59 53.91 -34.38 19.92
N LYS H 60 53.99 -33.89 18.68
CA LYS H 60 53.91 -32.49 18.29
C LYS H 60 55.14 -31.68 18.71
N ASN H 61 56.13 -32.29 19.34
CA ASN H 61 57.35 -31.59 19.75
C ASN H 61 58.55 -32.29 19.12
N CYS H 62 58.85 -31.98 17.86
CA CYS H 62 60.02 -32.50 17.19
C CYS H 62 61.10 -31.46 16.95
N ARG H 63 60.84 -30.20 17.28
CA ARG H 63 61.77 -29.08 17.06
C ARG H 63 62.12 -29.08 15.56
N ILE H 64 63.33 -28.64 15.24
CA ILE H 64 63.79 -28.55 13.86
C ILE H 64 65.13 -29.27 13.72
N GLN H 65 65.86 -29.36 14.83
CA GLN H 65 67.17 -30.01 14.82
C GLN H 65 67.09 -31.52 14.55
N HIS H 66 66.01 -32.18 14.98
CA HIS H 66 65.92 -33.61 14.72
C HIS H 66 65.67 -33.90 13.24
N VAL H 67 64.71 -33.18 12.64
CA VAL H 67 64.41 -33.42 11.23
C VAL H 67 65.58 -33.00 10.34
N ASN H 68 66.36 -32.00 10.78
CA ASN H 68 67.52 -31.58 10.00
C ASN H 68 68.59 -32.65 9.97
N ALA H 69 68.87 -33.27 11.13
CA ALA H 69 69.85 -34.34 11.17
C ALA H 69 69.37 -35.56 10.39
N TYR H 70 68.06 -35.80 10.36
CA TYR H 70 67.52 -36.95 9.66
C TYR H 70 67.58 -36.77 8.14
N LEU H 71 67.18 -35.59 7.64
CA LEU H 71 67.16 -35.37 6.21
C LEU H 71 68.55 -35.43 5.61
N TYR H 72 69.58 -35.05 6.37
CA TYR H 72 70.95 -35.21 5.89
C TYR H 72 71.32 -36.68 5.78
N ALA H 73 70.70 -37.56 6.56
CA ALA H 73 71.08 -38.97 6.53
C ALA H 73 70.43 -39.69 5.36
N VAL H 74 69.12 -39.49 5.16
CA VAL H 74 68.42 -40.22 4.11
C VAL H 74 68.81 -39.74 2.72
N LEU H 75 69.09 -38.44 2.57
CA LEU H 75 69.33 -37.90 1.25
C LEU H 75 70.80 -37.78 0.88
N LYS H 76 71.72 -38.32 1.69
CA LYS H 76 73.14 -38.20 1.38
C LYS H 76 73.57 -39.57 0.83
N GLY H 77 73.55 -39.67 -0.49
CA GLY H 77 73.88 -40.90 -1.18
C GLY H 77 72.99 -41.22 -2.38
N GLU H 78 72.05 -40.33 -2.72
CA GLU H 78 71.19 -40.63 -3.86
C GLU H 78 71.97 -40.48 -5.16
N ARG H 79 73.01 -39.65 -5.14
CA ARG H 79 73.95 -39.45 -6.24
C ARG H 79 73.28 -39.19 -7.57
N GLU H 80 73.20 -40.23 -8.41
CA GLU H 80 72.68 -40.22 -9.77
C GLU H 80 73.59 -39.49 -10.76
N LEU H 81 73.61 -39.98 -12.01
CA LEU H 81 74.56 -39.56 -13.04
C LEU H 81 74.10 -38.31 -13.79
N LEU H 82 74.83 -37.21 -13.62
CA LEU H 82 74.64 -36.01 -14.44
C LEU H 82 75.16 -36.28 -15.86
N GLU H 83 74.29 -36.09 -16.86
CA GLU H 83 74.60 -36.40 -18.25
C GLU H 83 75.36 -35.30 -18.98
N ALA H 84 75.83 -34.27 -18.28
CA ALA H 84 76.42 -33.09 -18.89
C ALA H 84 76.95 -32.15 -17.82
N ASP H 85 78.15 -31.59 -18.03
CA ASP H 85 78.79 -30.68 -17.08
C ASP H 85 77.80 -29.67 -16.50
N TRP H 86 78.00 -29.31 -15.24
CA TRP H 86 77.07 -28.47 -14.49
C TRP H 86 77.85 -27.36 -13.78
N ASP H 87 77.80 -26.16 -14.32
CA ASP H 87 78.57 -25.03 -13.83
C ASP H 87 77.68 -23.80 -13.72
N SER H 88 77.35 -23.42 -12.49
CA SER H 88 76.66 -22.17 -12.22
C SER H 88 77.50 -21.30 -11.30
N PHE H 89 77.31 -19.97 -11.43
CA PHE H 89 77.95 -18.94 -10.61
C PHE H 89 79.43 -19.19 -10.31
N GLY H 90 80.16 -19.83 -11.22
CA GLY H 90 81.58 -20.02 -11.05
C GLY H 90 81.96 -21.18 -10.17
N HIS H 91 81.04 -21.65 -9.32
CA HIS H 91 81.28 -22.77 -8.41
C HIS H 91 80.90 -24.05 -9.15
N LYS H 92 81.92 -24.80 -9.60
CA LYS H 92 81.65 -26.02 -10.36
C LYS H 92 80.96 -27.04 -9.48
N ILE H 93 79.97 -27.72 -10.06
CA ILE H 93 79.18 -28.70 -9.30
C ILE H 93 79.62 -30.11 -9.63
N GLY H 94 79.63 -30.46 -10.92
CA GLY H 94 80.02 -31.80 -11.31
C GLY H 94 80.50 -31.96 -12.75
N ILE H 95 81.52 -32.79 -12.97
CA ILE H 95 81.97 -33.10 -14.31
C ILE H 95 81.10 -34.21 -14.88
N GLN H 96 81.04 -34.30 -16.21
CA GLN H 96 80.14 -35.24 -16.87
C GLN H 96 80.51 -36.68 -16.53
N GLY H 97 79.48 -37.51 -16.35
CA GLY H 97 79.64 -38.93 -16.13
C GLY H 97 79.88 -39.34 -14.68
N ASP H 98 79.95 -38.40 -13.76
CA ASP H 98 80.17 -38.71 -12.36
C ASP H 98 78.84 -38.80 -11.61
N LYS H 99 78.84 -39.60 -10.55
CA LYS H 99 77.76 -39.56 -9.57
C LYS H 99 77.93 -38.32 -8.71
N ILE H 100 76.89 -37.49 -8.64
CA ILE H 100 77.05 -36.18 -8.02
C ILE H 100 76.58 -36.14 -6.56
N GLY H 101 75.28 -36.08 -6.34
CA GLY H 101 74.74 -35.99 -5.01
C GLY H 101 73.87 -34.76 -4.87
N PRO H 102 72.98 -34.75 -3.88
CA PRO H 102 72.19 -33.53 -3.64
C PRO H 102 72.86 -32.56 -2.67
N PHE H 103 73.86 -33.03 -1.92
CA PHE H 103 74.46 -32.23 -0.86
C PHE H 103 75.88 -31.79 -1.13
N ASN H 104 76.47 -32.15 -2.28
CA ASN H 104 77.81 -31.68 -2.60
C ASN H 104 77.82 -30.27 -3.16
N LEU H 105 76.65 -29.67 -3.36
CA LEU H 105 76.51 -28.29 -3.80
C LEU H 105 76.85 -27.29 -2.69
N VAL H 106 77.06 -27.76 -1.46
CA VAL H 106 77.26 -26.92 -0.29
C VAL H 106 78.33 -27.56 0.58
N ARG H 107 79.06 -26.71 1.31
CA ARG H 107 80.11 -27.19 2.20
C ARG H 107 79.55 -28.07 3.32
N VAL H 108 80.30 -29.13 3.62
CA VAL H 108 79.92 -30.16 4.56
C VAL H 108 80.45 -29.80 5.95
N GLU H 109 80.79 -28.52 6.13
CA GLU H 109 81.21 -28.00 7.43
C GLU H 109 80.34 -28.51 8.57
N ASP H 110 80.95 -29.27 9.48
CA ASP H 110 80.23 -29.84 10.60
C ASP H 110 79.70 -28.73 11.52
N ILE H 111 78.52 -28.97 12.09
CA ILE H 111 77.83 -27.98 12.92
C ILE H 111 78.66 -27.74 14.16
N PRO H 112 78.62 -26.55 14.76
CA PRO H 112 79.13 -26.39 16.13
C PRO H 112 78.31 -27.26 17.06
N ASP H 113 78.97 -27.79 18.10
CA ASP H 113 78.41 -28.88 18.86
C ASP H 113 77.00 -28.56 19.33
N GLY H 114 76.02 -29.21 18.69
CA GLY H 114 74.61 -28.99 18.91
C GLY H 114 73.80 -30.27 18.83
N LEU H 115 74.37 -31.39 19.29
CA LEU H 115 73.75 -32.70 19.07
C LEU H 115 72.36 -32.73 19.70
N PRO H 116 71.34 -33.21 18.99
CA PRO H 116 69.97 -33.10 19.51
C PRO H 116 69.78 -33.88 20.80
N ASP H 117 68.98 -33.32 21.69
CA ASP H 117 68.66 -33.92 22.97
C ASP H 117 67.30 -34.62 22.96
N GLY H 118 67.20 -35.72 23.72
CA GLY H 118 65.91 -36.25 24.12
C GLY H 118 65.22 -37.20 23.15
N LYS H 119 63.88 -37.16 23.22
CA LYS H 119 62.93 -37.94 22.44
C LYS H 119 63.42 -39.34 22.11
N LEU H 120 63.40 -40.21 23.13
CA LEU H 120 63.91 -41.57 23.03
C LEU H 120 63.10 -42.45 22.08
N ASN H 121 63.81 -43.31 21.36
CA ASN H 121 63.29 -44.09 20.25
C ASN H 121 62.14 -45.04 20.62
N ALA H 122 61.12 -45.06 19.76
CA ALA H 122 59.97 -45.96 19.75
C ALA H 122 60.21 -47.19 18.89
N GLU H 123 59.14 -47.80 18.40
CA GLU H 123 59.25 -48.96 17.54
C GLU H 123 59.88 -48.57 16.19
N VAL H 124 60.57 -49.53 15.58
CA VAL H 124 61.46 -49.25 14.46
C VAL H 124 60.70 -49.17 13.14
N SER H 125 60.82 -48.05 12.45
CA SER H 125 60.23 -47.84 11.14
C SER H 125 61.34 -47.71 10.10
N ALA H 126 62.34 -48.59 10.18
CA ALA H 126 63.48 -48.58 9.26
C ALA H 126 63.09 -48.72 7.79
N GLU H 127 61.84 -49.03 7.47
CA GLU H 127 61.41 -49.09 6.08
C GLU H 127 60.53 -47.90 5.69
N ASP H 128 60.18 -47.04 6.63
CA ASP H 128 59.27 -45.93 6.38
C ASP H 128 60.00 -44.67 5.92
N ASP H 129 61.23 -44.80 5.42
CA ASP H 129 61.94 -43.66 4.85
C ASP H 129 61.43 -43.29 3.47
N ALA H 130 60.54 -44.09 2.88
CA ALA H 130 59.95 -43.74 1.59
C ALA H 130 59.07 -42.50 1.68
N TRP H 131 58.46 -42.24 2.85
CA TRP H 131 57.56 -41.10 3.01
C TRP H 131 58.06 -40.04 3.97
N LEU H 132 58.83 -40.41 5.00
CA LEU H 132 59.19 -39.46 6.04
C LEU H 132 59.92 -38.23 5.52
N PRO H 133 60.95 -38.34 4.67
CA PRO H 133 61.52 -37.11 4.07
C PRO H 133 60.50 -36.30 3.28
N LEU H 134 59.57 -36.95 2.60
CA LEU H 134 58.54 -36.20 1.86
C LEU H 134 57.63 -35.45 2.81
N PHE H 135 57.41 -35.99 4.01
CA PHE H 135 56.54 -35.33 4.99
C PHE H 135 57.21 -34.09 5.55
N LEU H 136 58.47 -34.22 5.98
CA LEU H 136 59.15 -33.08 6.59
C LEU H 136 59.37 -31.97 5.57
N LEU H 137 59.65 -32.32 4.32
CA LEU H 137 59.74 -31.33 3.26
C LEU H 137 58.39 -30.72 2.91
N GLY H 138 57.31 -31.48 3.09
CA GLY H 138 55.99 -30.97 2.72
C GLY H 138 55.43 -29.96 3.69
N LEU H 139 55.89 -29.95 4.95
CA LEU H 139 55.42 -28.96 5.90
C LEU H 139 55.95 -27.57 5.61
N TYR H 140 57.04 -27.44 4.86
CA TYR H 140 57.52 -26.12 4.47
C TYR H 140 56.52 -25.41 3.56
N ARG H 141 55.92 -26.16 2.63
CA ARG H 141 54.86 -25.57 1.80
C ARG H 141 53.62 -25.28 2.64
N VAL H 142 53.33 -26.16 3.59
CA VAL H 142 52.18 -25.94 4.47
C VAL H 142 52.49 -24.86 5.49
N GLY H 143 53.77 -24.66 5.82
CA GLY H 143 54.17 -23.58 6.70
C GLY H 143 53.84 -22.20 6.16
N ARG H 144 53.78 -22.06 4.83
CA ARG H 144 53.62 -20.75 4.22
C ARG H 144 52.18 -20.25 4.31
N ALA H 145 51.23 -21.02 3.81
CA ALA H 145 49.84 -20.56 3.80
C ALA H 145 49.37 -20.24 5.21
N SER H 146 48.64 -19.13 5.34
CA SER H 146 48.09 -18.68 6.61
C SER H 146 46.58 -18.67 6.64
N GLU H 147 45.92 -18.70 5.48
CA GLU H 147 44.47 -18.71 5.35
C GLU H 147 44.00 -20.17 5.28
N THR H 148 42.77 -20.39 4.84
CA THR H 148 42.23 -21.74 4.73
C THR H 148 43.03 -22.61 3.75
N ALA H 149 43.88 -22.02 2.92
CA ALA H 149 44.78 -22.80 2.08
C ALA H 149 45.74 -23.63 2.94
N TYR H 150 45.95 -23.24 4.20
CA TYR H 150 46.66 -24.08 5.15
C TYR H 150 45.95 -25.42 5.33
N ARG H 151 44.62 -25.43 5.19
CA ARG H 151 43.87 -26.68 5.24
C ARG H 151 43.99 -27.47 3.95
N THR H 152 43.96 -26.77 2.81
CA THR H 152 44.04 -27.44 1.51
C THR H 152 45.39 -28.11 1.30
N LEU H 153 46.47 -27.52 1.81
CA LEU H 153 47.79 -28.07 1.56
C LEU H 153 48.00 -29.38 2.33
N LEU H 154 47.51 -29.46 3.56
CA LEU H 154 47.63 -30.71 4.30
C LEU H 154 46.82 -31.82 3.64
N MET H 155 45.67 -31.48 3.06
CA MET H 155 44.90 -32.49 2.35
C MET H 155 45.64 -32.99 1.12
N GLU H 156 46.33 -32.09 0.41
CA GLU H 156 47.17 -32.54 -0.69
C GLU H 156 48.38 -33.31 -0.19
N SER H 157 48.92 -32.93 0.96
CA SER H 157 50.04 -33.67 1.53
C SER H 157 49.61 -35.01 2.10
N LEU H 158 48.47 -35.05 2.78
CA LEU H 158 48.00 -36.30 3.37
C LEU H 158 47.61 -37.31 2.30
N ILE H 159 46.93 -36.86 1.24
CA ILE H 159 46.55 -37.76 0.16
C ILE H 159 47.79 -38.25 -0.59
N LYS H 160 48.81 -37.40 -0.71
CA LYS H 160 49.99 -37.79 -1.48
C LYS H 160 50.79 -38.88 -0.76
N GLN H 161 50.72 -38.93 0.57
CA GLN H 161 51.47 -39.92 1.34
C GLN H 161 50.61 -41.07 1.86
N CYS H 162 49.30 -40.87 2.02
CA CYS H 162 48.44 -42.00 2.30
C CYS H 162 48.44 -42.97 1.12
N LYS H 163 48.69 -42.44 -0.09
CA LYS H 163 48.92 -43.26 -1.27
C LYS H 163 50.30 -43.91 -1.26
N ALA H 164 51.19 -43.49 -0.36
CA ALA H 164 52.57 -43.95 -0.42
C ALA H 164 52.76 -45.35 0.17
N ILE H 165 52.06 -45.70 1.25
CA ILE H 165 52.42 -46.98 1.87
C ILE H 165 51.51 -48.10 1.37
N LYS H 166 50.31 -48.23 1.92
CA LYS H 166 49.29 -49.03 1.24
C LYS H 166 47.91 -48.39 1.29
N SER H 167 47.23 -48.48 2.43
CA SER H 167 46.03 -47.75 2.83
C SER H 167 46.16 -47.11 4.20
N ASP H 168 46.72 -47.81 5.18
CA ASP H 168 46.77 -47.31 6.54
C ASP H 168 47.78 -46.19 6.69
N TRP H 169 47.39 -45.16 7.43
CA TRP H 169 48.28 -44.04 7.72
C TRP H 169 47.71 -43.27 8.89
N VAL H 170 48.38 -43.36 10.05
CA VAL H 170 48.05 -42.44 11.13
C VAL H 170 48.52 -41.05 10.72
N SER H 171 47.83 -40.02 11.20
CA SER H 171 48.13 -38.65 10.79
C SER H 171 48.72 -37.91 11.99
N PRO H 172 50.04 -38.00 12.19
CA PRO H 172 50.66 -37.24 13.29
C PRO H 172 50.50 -35.75 13.14
N VAL H 173 50.43 -35.24 11.90
CA VAL H 173 50.35 -33.80 11.71
C VAL H 173 49.08 -33.27 12.36
N THR H 174 49.23 -32.16 13.06
CA THR H 174 48.08 -31.48 13.65
C THR H 174 47.21 -30.86 12.58
N ALA H 175 45.90 -30.80 12.85
CA ALA H 175 44.96 -30.24 11.89
C ALA H 175 45.20 -28.75 11.69
N THR H 176 45.39 -28.00 12.77
CA THR H 176 45.51 -26.55 12.67
C THR H 176 46.61 -25.93 13.52
N HIS H 177 47.25 -26.66 14.43
CA HIS H 177 48.30 -26.09 15.26
C HIS H 177 49.50 -25.70 14.40
N LYS H 178 50.17 -24.62 14.78
CA LYS H 178 51.20 -23.99 13.97
C LYS H 178 52.59 -24.11 14.58
N TYR H 179 52.90 -25.28 15.16
CA TYR H 179 54.21 -25.48 15.77
C TYR H 179 55.33 -25.71 14.76
N PHE H 180 55.00 -26.05 13.52
CA PHE H 180 56.03 -26.28 12.50
C PHE H 180 56.38 -25.03 11.72
N ASP H 181 55.78 -23.88 12.04
CA ASP H 181 56.21 -22.62 11.44
C ASP H 181 57.65 -22.26 11.83
N VAL H 182 58.17 -22.85 12.91
CA VAL H 182 59.54 -22.60 13.31
C VAL H 182 60.52 -23.08 12.23
N TRP H 183 60.12 -24.08 11.45
CA TRP H 183 61.05 -24.70 10.50
C TRP H 183 61.49 -23.73 9.41
N GLY H 184 60.64 -22.76 9.04
CA GLY H 184 61.01 -21.85 7.98
C GLY H 184 61.99 -20.77 8.37
N ASN H 185 62.16 -20.53 9.67
CA ASN H 185 63.14 -19.55 10.13
C ASN H 185 64.53 -20.14 10.34
N ASP H 186 64.65 -21.47 10.36
CA ASP H 186 65.96 -22.08 10.54
C ASP H 186 66.76 -21.99 9.25
N GLY H 187 67.96 -21.43 9.35
CA GLY H 187 68.76 -21.22 8.16
C GLY H 187 69.29 -22.52 7.55
N ASN H 188 69.60 -23.51 8.39
CA ASN H 188 70.07 -24.78 7.85
C ASN H 188 68.95 -25.54 7.15
N TYR H 189 67.74 -25.52 7.73
CA TYR H 189 66.62 -26.23 7.11
C TYR H 189 66.24 -25.61 5.77
N LEU H 190 66.36 -24.29 5.63
CA LEU H 190 66.10 -23.66 4.34
C LEU H 190 67.12 -24.07 3.29
N LYS H 191 68.36 -24.33 3.72
CA LYS H 191 69.39 -24.74 2.77
C LYS H 191 69.14 -26.16 2.28
N ILE H 192 68.74 -27.07 3.19
CA ILE H 192 68.46 -28.44 2.79
C ILE H 192 67.26 -28.49 1.87
N VAL H 193 66.25 -27.65 2.11
CA VAL H 193 65.08 -27.61 1.24
C VAL H 193 65.43 -27.08 -0.14
N ALA H 194 66.37 -26.13 -0.22
CA ALA H 194 66.78 -25.62 -1.51
C ALA H 194 67.65 -26.63 -2.25
N CYS H 195 68.49 -27.37 -1.53
CA CYS H 195 69.33 -28.37 -2.18
C CYS H 195 68.50 -29.50 -2.79
N VAL H 196 67.42 -29.89 -2.11
CA VAL H 196 66.59 -30.98 -2.63
C VAL H 196 65.85 -30.54 -3.89
N ASP H 197 65.41 -29.28 -3.93
CA ASP H 197 64.63 -28.84 -5.08
C ASP H 197 65.51 -28.58 -6.29
N MET H 198 66.63 -27.88 -6.09
CA MET H 198 67.55 -27.59 -7.19
C MET H 198 68.20 -28.86 -7.73
N PHE H 199 68.45 -29.84 -6.87
CA PHE H 199 69.04 -31.09 -7.33
C PHE H 199 68.06 -31.88 -8.19
N TYR H 200 66.81 -32.01 -7.72
CA TYR H 200 65.83 -32.78 -8.47
C TYR H 200 65.17 -31.97 -9.57
N ASN H 201 65.35 -30.64 -9.59
CA ASN H 201 64.97 -29.87 -10.77
C ASN H 201 65.86 -30.19 -11.96
N HIS H 202 67.12 -30.55 -11.70
CA HIS H 202 68.01 -30.96 -12.78
C HIS H 202 67.76 -32.42 -13.17
N PHE H 203 67.61 -33.30 -12.18
CA PHE H 203 67.33 -34.71 -12.42
C PHE H 203 65.85 -34.99 -12.22
N LYS H 204 65.05 -34.43 -13.13
CA LYS H 204 63.61 -34.63 -13.09
C LYS H 204 63.21 -36.08 -13.36
N LYS H 205 64.07 -36.86 -14.02
CA LYS H 205 63.74 -38.22 -14.38
C LYS H 205 63.87 -39.21 -13.23
N SER H 206 64.47 -38.78 -12.12
CA SER H 206 64.67 -39.68 -10.98
C SER H 206 63.36 -40.00 -10.28
N ILE H 207 63.30 -41.22 -9.72
CA ILE H 207 62.13 -41.66 -8.98
C ILE H 207 61.96 -40.85 -7.71
N LYS H 208 63.05 -40.33 -7.16
CA LYS H 208 63.02 -39.58 -5.90
C LYS H 208 62.62 -38.13 -6.08
N ALA H 209 62.21 -37.76 -7.31
CA ALA H 209 61.71 -36.42 -7.59
C ALA H 209 60.35 -36.17 -6.94
N THR H 210 59.68 -37.21 -6.42
CA THR H 210 58.41 -37.03 -5.74
C THR H 210 58.54 -36.13 -4.52
N PHE H 211 59.74 -36.00 -3.97
CA PHE H 211 60.01 -35.05 -2.88
C PHE H 211 59.79 -33.61 -3.29
N ARG H 212 59.69 -33.32 -4.60
CA ARG H 212 59.55 -31.95 -5.07
C ARG H 212 58.32 -31.26 -4.49
N TRP H 213 57.29 -32.02 -4.12
CA TRP H 213 56.18 -31.43 -3.40
C TRP H 213 56.68 -30.89 -2.06
N GLY H 214 56.28 -29.65 -1.76
CA GLY H 214 56.68 -29.00 -0.54
C GLY H 214 57.99 -28.24 -0.61
N THR H 215 58.83 -28.54 -1.60
CA THR H 215 60.05 -27.77 -1.84
C THR H 215 60.01 -26.97 -3.13
N ILE H 216 59.01 -27.18 -3.98
CA ILE H 216 58.88 -26.38 -5.20
C ILE H 216 58.55 -24.93 -4.87
N VAL H 217 57.93 -24.68 -3.72
CA VAL H 217 57.62 -23.32 -3.32
C VAL H 217 58.89 -22.51 -3.08
N SER H 218 60.00 -23.19 -2.77
CA SER H 218 61.28 -22.51 -2.60
C SER H 218 61.80 -21.93 -3.91
N ARG H 219 61.31 -22.44 -5.04
CA ARG H 219 61.78 -21.97 -6.34
C ARG H 219 61.37 -20.51 -6.55
N PHE H 220 62.32 -19.71 -7.04
CA PHE H 220 62.12 -18.29 -7.32
C PHE H 220 61.42 -17.56 -6.16
N LYS H 221 61.92 -17.78 -4.94
CA LYS H 221 61.32 -17.07 -3.83
C LYS H 221 61.66 -15.59 -3.90
N ASP H 222 60.82 -14.78 -3.26
CA ASP H 222 60.92 -13.31 -3.31
C ASP H 222 61.40 -12.82 -4.68
N CYS H 223 60.87 -13.39 -5.76
CA CYS H 223 61.20 -12.99 -7.11
C CYS H 223 59.93 -12.73 -7.91
N ALA H 224 58.94 -12.11 -7.27
CA ALA H 224 57.66 -11.88 -7.95
C ALA H 224 57.78 -10.86 -9.07
N ALA H 225 58.79 -9.99 -9.04
CA ALA H 225 58.97 -9.02 -10.12
C ALA H 225 59.29 -9.71 -11.44
N LEU H 226 59.98 -10.86 -11.39
CA LEU H 226 60.18 -11.65 -12.60
C LEU H 226 58.88 -12.28 -13.06
N ALA H 227 58.07 -12.77 -12.12
CA ALA H 227 56.77 -13.31 -12.50
C ALA H 227 55.86 -12.22 -13.07
N THR H 228 55.99 -10.99 -12.57
CA THR H 228 55.23 -9.89 -13.14
C THR H 228 55.71 -9.56 -14.56
N LEU H 229 57.03 -9.60 -14.78
CA LEU H 229 57.55 -9.33 -16.12
C LEU H 229 57.16 -10.41 -17.10
N GLY H 230 57.15 -11.67 -16.67
CA GLY H 230 56.71 -12.75 -17.54
C GLY H 230 55.22 -12.74 -17.78
N HIS H 231 54.44 -12.30 -16.79
CA HIS H 231 53.00 -12.23 -16.94
C HIS H 231 52.61 -11.20 -18.00
N VAL H 232 53.34 -10.10 -18.09
CA VAL H 232 53.03 -9.07 -19.08
C VAL H 232 53.34 -9.58 -20.48
N VAL H 233 54.38 -10.39 -20.63
CA VAL H 233 54.77 -10.87 -21.96
C VAL H 233 53.71 -11.80 -22.53
N LYS H 234 53.08 -12.61 -21.68
CA LYS H 234 52.11 -13.59 -22.16
C LYS H 234 50.78 -12.95 -22.52
N ILE H 235 50.32 -11.99 -21.73
CA ILE H 235 48.97 -11.45 -21.90
C ILE H 235 48.94 -10.38 -22.99
N THR H 236 49.95 -9.53 -23.06
CA THR H 236 49.96 -8.48 -24.09
C THR H 236 50.20 -9.07 -25.48
N GLY H 237 50.91 -10.19 -25.55
CA GLY H 237 51.28 -10.77 -26.82
C GLY H 237 52.52 -10.16 -27.44
N LEU H 238 53.08 -9.13 -26.82
CA LEU H 238 54.30 -8.51 -27.28
C LEU H 238 55.52 -9.33 -26.90
N THR H 239 56.58 -9.19 -27.68
CA THR H 239 57.86 -9.76 -27.29
C THR H 239 58.40 -8.98 -26.10
N ILE H 240 59.24 -9.64 -25.30
CA ILE H 240 59.75 -8.99 -24.09
C ILE H 240 60.55 -7.73 -24.43
N GLU H 241 61.23 -7.72 -25.57
CA GLU H 241 61.93 -6.51 -25.97
C GLU H 241 60.96 -5.38 -26.28
N GLU H 242 59.84 -5.69 -26.92
CA GLU H 242 58.85 -4.68 -27.25
C GLU H 242 58.18 -4.12 -25.99
N VAL H 243 58.08 -4.94 -24.93
CA VAL H 243 57.48 -4.48 -23.68
C VAL H 243 58.30 -3.36 -23.04
N PHE H 244 59.62 -3.42 -23.18
CA PHE H 244 60.47 -2.39 -22.59
C PHE H 244 60.22 -1.04 -23.24
N THR H 245 59.91 -1.03 -24.53
CA THR H 245 59.65 0.22 -25.23
C THR H 245 58.40 0.92 -24.72
N TRP H 246 57.47 0.18 -24.12
CA TRP H 246 56.23 0.76 -23.61
C TRP H 246 56.37 1.36 -22.22
N VAL H 247 57.54 1.27 -21.59
CA VAL H 247 57.73 1.75 -20.22
C VAL H 247 57.79 3.28 -20.21
N LEU H 248 56.61 3.89 -20.16
CA LEU H 248 56.44 5.35 -20.21
C LEU H 248 56.88 6.08 -18.95
N GLN H 249 57.19 5.39 -17.85
CA GLN H 249 57.64 6.05 -16.63
C GLN H 249 59.16 5.96 -16.48
N THR H 250 59.77 7.07 -16.06
CA THR H 250 61.22 7.08 -15.83
C THR H 250 61.61 6.19 -14.66
N GLU H 251 60.73 6.06 -13.65
CA GLU H 251 61.06 5.23 -12.50
C GLU H 251 60.85 3.75 -12.80
N VAL H 252 59.82 3.43 -13.57
CA VAL H 252 59.57 2.03 -13.91
C VAL H 252 60.72 1.49 -14.75
N ALA H 253 61.34 2.34 -15.57
CA ALA H 253 62.51 1.92 -16.33
C ALA H 253 63.70 1.68 -15.41
N ASP H 254 63.89 2.54 -14.41
CA ASP H 254 65.04 2.40 -13.50
C ASP H 254 64.94 1.13 -12.68
N GLU H 255 63.73 0.67 -12.38
CA GLU H 255 63.56 -0.56 -11.62
C GLU H 255 63.82 -1.79 -12.48
N LEU H 256 63.42 -1.75 -13.75
CA LEU H 256 63.73 -2.85 -14.66
C LEU H 256 65.22 -2.97 -14.93
N VAL H 257 65.94 -1.84 -14.96
CA VAL H 257 67.39 -1.90 -15.18
C VAL H 257 68.09 -2.56 -14.00
N LYS H 258 67.63 -2.29 -12.78
CA LYS H 258 68.26 -2.89 -11.61
C LYS H 258 68.00 -4.38 -11.51
N MET H 259 66.91 -4.85 -12.12
CA MET H 259 66.61 -6.28 -12.18
C MET H 259 67.38 -7.02 -13.26
N MET H 260 67.98 -6.30 -14.21
CA MET H 260 68.57 -6.90 -15.40
C MET H 260 70.09 -7.02 -15.36
N LYS H 261 70.74 -6.55 -14.28
CA LYS H 261 72.19 -6.71 -14.08
C LYS H 261 72.68 -8.03 -14.65
N PRO H 262 73.55 -8.00 -15.66
CA PRO H 262 73.79 -9.19 -16.49
C PRO H 262 74.28 -10.44 -15.75
N GLY H 263 75.09 -10.29 -14.70
CA GLY H 263 75.76 -11.46 -14.15
C GLY H 263 75.02 -12.24 -13.08
N GLN H 264 73.72 -12.44 -13.25
CA GLN H 264 72.94 -13.25 -12.32
C GLN H 264 72.42 -14.55 -12.94
N GLU H 265 72.66 -14.76 -14.24
CA GLU H 265 72.27 -15.98 -14.98
C GLU H 265 70.81 -16.35 -14.73
N ILE H 266 69.94 -15.33 -14.81
CA ILE H 266 68.51 -15.53 -14.63
C ILE H 266 67.95 -16.47 -15.69
N ASP H 267 68.58 -16.49 -16.87
CA ASP H 267 68.10 -17.32 -17.97
C ASP H 267 68.20 -18.81 -17.64
N LYS H 268 69.32 -19.22 -17.05
CA LYS H 268 69.58 -20.64 -16.87
C LYS H 268 68.67 -21.24 -15.80
N SER H 269 68.04 -22.36 -16.15
CA SER H 269 67.29 -23.13 -15.17
C SER H 269 68.22 -23.73 -14.12
N THR H 270 69.14 -24.58 -14.57
CA THR H 270 70.12 -25.21 -13.69
C THR H 270 71.07 -24.16 -13.12
N SER H 271 70.55 -23.27 -12.28
CA SER H 271 71.32 -22.18 -11.71
C SER H 271 70.90 -21.93 -10.26
N TYR H 272 71.75 -21.18 -9.56
CA TYR H 272 71.47 -20.74 -8.20
C TYR H 272 70.52 -19.55 -8.16
N MET H 273 70.20 -18.96 -9.31
CA MET H 273 69.39 -17.75 -9.35
C MET H 273 68.04 -17.88 -8.66
N PRO H 274 67.21 -18.90 -8.91
CA PRO H 274 65.91 -18.94 -8.23
C PRO H 274 65.97 -18.95 -6.71
N TYR H 275 66.98 -19.58 -6.12
CA TYR H 275 67.06 -19.77 -4.67
C TYR H 275 67.91 -18.71 -3.98
N LEU H 276 67.65 -17.43 -4.22
CA LEU H 276 68.45 -16.38 -3.58
C LEU H 276 68.27 -16.37 -2.07
N ILE H 277 67.06 -16.65 -1.60
CA ILE H 277 66.75 -16.46 -0.19
C ILE H 277 67.02 -17.72 0.62
N ASP H 278 66.53 -18.87 0.15
CA ASP H 278 66.65 -20.10 0.93
C ASP H 278 68.10 -20.58 1.03
N MET H 279 68.92 -20.28 0.03
CA MET H 279 70.33 -20.65 0.07
C MET H 279 71.18 -19.67 0.87
N GLY H 280 70.63 -18.51 1.24
CA GLY H 280 71.42 -17.49 1.90
C GLY H 280 72.29 -16.67 0.98
N ILE H 281 72.09 -16.79 -0.33
CA ILE H 281 72.93 -16.07 -1.29
C ILE H 281 72.74 -14.56 -1.15
N SER H 282 71.56 -14.12 -0.74
CA SER H 282 71.28 -12.70 -0.56
C SER H 282 70.22 -12.52 0.50
N ALA H 283 70.40 -11.51 1.36
CA ALA H 283 69.44 -11.21 2.40
C ALA H 283 68.35 -10.24 1.99
N LYS H 284 68.29 -9.86 0.71
CA LYS H 284 67.27 -8.94 0.22
C LYS H 284 67.31 -9.04 -1.30
N SER H 285 66.41 -9.84 -1.85
CA SER H 285 66.42 -10.12 -3.27
C SER H 285 66.16 -8.83 -4.05
N PRO H 286 66.95 -8.55 -5.09
CA PRO H 286 66.66 -7.39 -5.93
C PRO H 286 65.40 -7.57 -6.76
N TYR H 287 64.90 -8.80 -6.88
CA TYR H 287 63.73 -9.11 -7.68
C TYR H 287 62.47 -9.20 -6.83
N SER H 288 62.54 -8.84 -5.56
CA SER H 288 61.37 -8.86 -4.70
C SER H 288 60.43 -7.72 -5.07
N THR H 289 59.13 -7.90 -4.79
CA THR H 289 58.16 -6.86 -5.07
C THR H 289 58.47 -5.60 -4.27
N ILE H 290 59.01 -5.76 -3.05
CA ILE H 290 59.32 -4.59 -2.23
C ILE H 290 60.47 -3.79 -2.84
N LYS H 291 61.43 -4.47 -3.47
CA LYS H 291 62.56 -3.78 -4.07
C LYS H 291 62.21 -3.10 -5.39
N ASN H 292 61.16 -3.56 -6.07
CA ASN H 292 60.74 -2.97 -7.35
C ASN H 292 59.23 -2.72 -7.31
N PRO H 293 58.79 -1.74 -6.53
CA PRO H 293 57.35 -1.44 -6.47
C PRO H 293 56.81 -0.78 -7.74
N SER H 294 57.25 0.46 -8.00
CA SER H 294 56.79 1.27 -9.13
C SER H 294 56.63 0.52 -10.44
N PHE H 295 57.49 -0.47 -10.71
CA PHE H 295 57.31 -1.29 -11.90
C PHE H 295 56.27 -2.38 -11.70
N HIS H 296 56.17 -2.93 -10.49
CA HIS H 296 55.20 -3.99 -10.24
C HIS H 296 53.77 -3.48 -10.44
N PHE H 297 53.51 -2.21 -10.14
CA PHE H 297 52.20 -1.65 -10.41
C PHE H 297 52.00 -1.42 -11.90
N TRP H 298 53.05 -0.99 -12.60
CA TRP H 298 52.95 -0.85 -14.04
C TRP H 298 52.71 -2.18 -14.74
N GLY H 299 53.23 -3.27 -14.19
CA GLY H 299 53.07 -4.56 -14.82
C GLY H 299 51.72 -5.20 -14.57
N GLN H 300 51.32 -5.29 -13.31
CA GLN H 300 50.04 -5.88 -12.96
C GLN H 300 48.86 -5.05 -13.46
N LEU H 301 48.98 -3.72 -13.51
CA LEU H 301 47.85 -2.91 -13.95
C LEU H 301 47.59 -3.06 -15.44
N VAL H 302 48.65 -3.11 -16.26
CA VAL H 302 48.42 -3.36 -17.69
C VAL H 302 47.87 -4.77 -17.91
N ALA H 303 48.33 -5.73 -17.11
CA ALA H 303 47.80 -7.09 -17.23
C ALA H 303 46.35 -7.15 -16.76
N ALA H 304 46.01 -6.44 -15.69
CA ALA H 304 44.65 -6.32 -15.20
C ALA H 304 43.76 -5.75 -16.30
N LEU H 305 43.94 -4.48 -16.62
CA LEU H 305 43.28 -3.79 -17.73
C LEU H 305 43.17 -4.66 -18.98
N CYS H 306 44.12 -5.59 -19.16
CA CYS H 306 44.06 -6.55 -20.25
C CYS H 306 43.36 -7.86 -19.85
N ARG H 307 42.56 -7.84 -18.78
CA ARG H 307 41.70 -8.96 -18.39
C ARG H 307 42.53 -10.21 -18.08
N SER H 308 43.47 -10.05 -17.14
CA SER H 308 44.24 -11.18 -16.65
C SER H 308 43.47 -12.02 -15.62
N LYS H 309 42.66 -11.36 -14.80
CA LYS H 309 41.86 -11.96 -13.73
C LYS H 309 42.72 -12.43 -12.57
N ARG H 310 44.02 -12.58 -12.80
CA ARG H 310 44.96 -12.91 -11.73
C ARG H 310 45.69 -11.68 -11.21
N ALA H 311 45.92 -10.70 -12.08
CA ALA H 311 46.58 -9.45 -11.69
C ALA H 311 45.68 -8.60 -10.79
N LEU H 312 44.38 -8.88 -10.77
CA LEU H 312 43.45 -8.09 -9.97
C LEU H 312 43.74 -8.20 -8.48
N ASN H 313 44.42 -9.26 -8.05
CA ASN H 313 44.74 -9.49 -6.64
C ASN H 313 46.20 -9.16 -6.35
N ALA H 314 46.70 -8.06 -6.91
CA ALA H 314 48.07 -7.62 -6.78
C ALA H 314 48.12 -6.43 -5.85
N ARG H 315 48.83 -6.56 -4.74
CA ARG H 315 48.90 -5.51 -3.73
C ARG H 315 49.47 -4.22 -4.30
N GLN H 316 48.59 -3.26 -4.62
CA GLN H 316 49.01 -1.96 -5.13
C GLN H 316 49.98 -1.31 -4.15
N PRO H 317 51.23 -1.09 -4.57
CA PRO H 317 52.27 -0.57 -3.66
C PRO H 317 52.07 0.90 -3.30
N ASP H 318 51.86 1.17 -2.01
CA ASP H 318 51.86 2.54 -1.51
C ASP H 318 53.16 3.26 -1.86
N GLU H 319 53.07 4.58 -2.00
CA GLU H 319 54.19 5.47 -2.33
C GLU H 319 54.78 5.19 -3.72
N ILE H 320 53.94 5.41 -4.75
CA ILE H 320 54.37 5.36 -6.14
C ILE H 320 53.56 6.38 -6.92
N ASP H 321 53.99 6.66 -8.15
CA ASP H 321 53.30 7.60 -9.03
C ASP H 321 52.09 6.91 -9.66
N SER H 322 51.12 6.59 -8.80
CA SER H 322 49.93 5.88 -9.27
C SER H 322 49.16 6.68 -10.32
N MET H 323 49.16 8.01 -10.20
CA MET H 323 48.43 8.84 -11.16
C MET H 323 49.05 8.75 -12.56
N SER H 324 50.38 8.68 -12.64
CA SER H 324 51.03 8.61 -13.94
C SER H 324 51.15 7.19 -14.46
N ILE H 325 51.40 6.22 -13.58
CA ILE H 325 51.50 4.83 -14.02
C ILE H 325 50.15 4.34 -14.53
N SER H 326 49.06 4.76 -13.90
CA SER H 326 47.74 4.38 -14.36
C SER H 326 47.42 5.01 -15.72
N ASN H 327 47.96 6.20 -15.99
CA ASN H 327 47.71 6.84 -17.28
C ASN H 327 48.44 6.08 -18.39
N ALA H 328 49.70 5.72 -18.16
CA ALA H 328 50.42 4.92 -19.14
C ALA H 328 49.84 3.52 -19.29
N SER H 329 49.27 2.99 -18.20
CA SER H 329 48.71 1.64 -18.27
C SER H 329 47.45 1.60 -19.13
N LEU H 330 46.55 2.56 -18.93
CA LEU H 330 45.35 2.60 -19.77
C LEU H 330 45.69 2.92 -21.21
N LEU H 331 46.72 3.75 -21.44
CA LEU H 331 47.14 4.04 -22.80
C LEU H 331 47.72 2.79 -23.47
N MET H 332 48.47 1.99 -22.71
CA MET H 332 49.01 0.76 -23.26
C MET H 332 47.91 -0.28 -23.44
N ALA H 333 47.00 -0.38 -22.47
CA ALA H 333 45.93 -1.36 -22.57
C ALA H 333 44.99 -1.05 -23.72
N TYR H 334 44.70 0.24 -23.95
CA TYR H 334 43.86 0.60 -25.08
C TYR H 334 44.61 0.52 -26.40
N ALA H 335 45.94 0.39 -26.37
CA ALA H 335 46.68 0.23 -27.61
C ALA H 335 46.76 -1.22 -28.02
N LEU H 336 46.88 -2.13 -27.04
CA LEU H 336 46.84 -3.55 -27.35
C LEU H 336 45.44 -3.97 -27.80
N GLY H 337 44.40 -3.30 -27.30
CA GLY H 337 43.05 -3.63 -27.70
C GLY H 337 42.59 -2.98 -28.98
N SER H 338 43.17 -1.84 -29.36
CA SER H 338 42.79 -1.14 -30.58
C SER H 338 43.52 -1.67 -31.80
N SER H 339 44.48 -2.55 -31.63
CA SER H 339 45.21 -3.17 -32.74
C SER H 339 45.64 -4.57 -32.31
N PRO H 340 44.69 -5.51 -32.29
CA PRO H 340 45.00 -6.84 -31.74
C PRO H 340 46.03 -7.58 -32.60
N ASP H 341 46.79 -8.45 -31.95
CA ASP H 341 47.82 -9.21 -32.64
C ASP H 341 47.17 -10.23 -33.58
N ILE H 342 46.70 -9.76 -34.73
CA ILE H 342 46.04 -10.57 -35.73
C ILE H 342 46.75 -10.34 -37.06
N GLU H 343 47.10 -11.43 -37.74
CA GLU H 343 47.73 -11.39 -39.05
C GLU H 343 47.63 -12.79 -39.63
N GLN H 344 47.43 -12.88 -40.94
CA GLN H 344 47.34 -14.20 -41.54
C GLN H 344 48.64 -14.95 -41.27
N GLN H 345 48.51 -16.24 -40.93
CA GLN H 345 49.70 -17.03 -40.63
C GLN H 345 49.85 -18.17 -41.63
N PHE H 346 49.03 -19.21 -41.57
CA PHE H 346 49.09 -20.25 -42.57
C PHE H 346 48.46 -19.74 -43.87
N SER H 347 48.51 -20.56 -44.91
CA SER H 347 47.92 -20.17 -46.17
C SER H 347 47.79 -21.39 -47.07
N THR H 348 46.72 -21.42 -47.86
CA THR H 348 46.50 -22.47 -48.84
C THR H 348 46.86 -22.03 -50.26
N GLY H 349 47.57 -20.92 -50.40
CA GLY H 349 47.86 -20.40 -51.73
C GLY H 349 47.34 -19.00 -52.03
N ASN H 350 46.91 -18.26 -51.01
CA ASN H 350 46.39 -16.90 -51.18
C ASN H 350 47.39 -15.85 -50.68
N THR H 351 47.05 -14.59 -50.95
CA THR H 351 47.99 -13.48 -50.86
C THR H 351 47.88 -12.76 -49.51
N TYR H 352 48.46 -11.56 -49.42
CA TYR H 352 48.73 -10.83 -48.18
C TYR H 352 47.94 -9.52 -48.12
N ARG H 353 48.30 -8.69 -47.13
CA ARG H 353 47.66 -7.43 -46.77
C ARG H 353 47.41 -6.42 -47.89
N LYS H 354 48.02 -6.61 -49.07
CA LYS H 354 47.81 -5.78 -50.27
C LYS H 354 47.60 -4.29 -49.98
N PRO H 355 48.62 -3.55 -49.55
CA PRO H 355 48.39 -2.14 -49.18
C PRO H 355 48.15 -1.28 -50.41
N PRO H 356 46.98 -0.60 -50.46
CA PRO H 356 46.70 0.29 -51.59
C PRO H 356 47.07 1.75 -51.42
N LYS H 357 48.20 2.07 -50.81
CA LYS H 357 48.64 3.46 -50.63
C LYS H 357 47.57 4.31 -49.91
N GLU H 358 47.38 4.01 -48.63
CA GLU H 358 46.39 4.76 -47.86
C GLU H 358 46.96 6.06 -47.33
N ALA H 359 48.05 5.96 -46.56
CA ALA H 359 48.84 7.07 -46.04
C ALA H 359 48.14 8.00 -45.05
N SER H 360 46.80 7.93 -44.93
CA SER H 360 46.10 8.75 -43.95
C SER H 360 44.60 8.47 -43.88
N TYR H 361 44.12 8.02 -42.71
CA TYR H 361 42.71 7.93 -42.39
C TYR H 361 42.36 8.93 -41.30
N LEU H 362 41.27 9.69 -41.50
CA LEU H 362 40.87 10.76 -40.57
C LEU H 362 39.81 10.28 -39.58
N VAL H 363 39.90 9.05 -39.08
CA VAL H 363 38.90 8.61 -38.10
C VAL H 363 39.24 9.12 -36.69
N SER H 364 40.39 8.71 -36.12
CA SER H 364 40.94 9.39 -34.95
C SER H 364 42.46 9.48 -35.03
N GLU H 365 43.02 9.50 -36.24
CA GLU H 365 44.45 9.26 -36.48
C GLU H 365 45.00 8.14 -35.60
N GLU H 366 44.19 7.16 -35.26
CA GLU H 366 44.65 6.02 -34.46
C GLU H 366 45.62 5.16 -35.25
N PRO H 367 46.84 4.94 -34.76
CA PRO H 367 47.76 4.06 -35.48
C PRO H 367 47.22 2.64 -35.54
N LYS H 368 47.46 1.97 -36.66
CA LYS H 368 46.98 0.61 -36.89
C LYS H 368 47.94 -0.45 -36.38
N ASN H 369 49.11 -0.07 -35.89
CA ASN H 369 50.12 -1.00 -35.40
C ASN H 369 50.33 -0.79 -33.91
N ARG H 370 51.21 -1.61 -33.32
CA ARG H 370 51.46 -1.58 -31.89
C ARG H 370 52.74 -0.84 -31.51
N SER H 371 53.38 -0.13 -32.44
CA SER H 371 54.59 0.60 -32.11
C SER H 371 54.29 1.70 -31.10
N VAL H 372 55.18 1.84 -30.10
CA VAL H 372 54.97 2.82 -29.04
C VAL H 372 55.04 4.24 -29.59
N VAL H 373 55.85 4.47 -30.62
CA VAL H 373 56.10 5.83 -31.08
C VAL H 373 54.84 6.45 -31.69
N GLU H 374 54.12 5.68 -32.50
CA GLU H 374 52.91 6.21 -33.11
C GLU H 374 51.80 6.44 -32.08
N TRP H 375 51.79 5.65 -31.01
CA TRP H 375 50.77 5.84 -29.98
C TRP H 375 51.09 7.02 -29.07
N ILE H 376 52.38 7.25 -28.78
CA ILE H 376 52.75 8.38 -27.95
C ILE H 376 52.43 9.70 -28.66
N ALA H 377 52.71 9.77 -29.96
CA ALA H 377 52.38 10.98 -30.71
C ALA H 377 50.88 11.16 -30.83
N TRP H 378 50.13 10.06 -30.97
CA TRP H 378 48.68 10.16 -31.03
C TRP H 378 48.10 10.56 -29.69
N TYR H 379 48.68 10.07 -28.59
CA TYR H 379 48.15 10.39 -27.27
C TYR H 379 48.38 11.84 -26.88
N SER H 380 49.43 12.47 -27.43
CA SER H 380 49.66 13.89 -27.19
C SER H 380 48.70 14.79 -27.96
N ASP H 381 48.12 14.31 -29.07
CA ASP H 381 47.17 15.12 -29.80
C ASP H 381 45.90 15.35 -28.99
N VAL H 382 45.64 14.49 -28.01
CA VAL H 382 44.52 14.67 -27.08
C VAL H 382 45.00 15.24 -25.76
N ASP H 383 46.19 15.89 -25.75
CA ASP H 383 46.75 16.56 -24.59
C ASP H 383 47.07 15.60 -23.44
N ASN H 384 47.45 14.36 -23.77
CA ASN H 384 47.89 13.38 -22.79
C ASN H 384 46.83 13.14 -21.71
N LYS H 385 45.57 13.24 -22.10
CA LYS H 385 44.45 12.91 -21.24
C LYS H 385 43.64 11.80 -21.88
N PRO H 386 43.21 10.80 -21.11
CA PRO H 386 42.53 9.65 -21.74
C PRO H 386 41.25 10.08 -22.44
N THR H 387 40.98 9.44 -23.57
CA THR H 387 39.82 9.77 -24.37
C THR H 387 38.58 9.07 -23.83
N ASP H 388 37.42 9.44 -24.38
CA ASP H 388 36.18 8.75 -24.08
C ASP H 388 36.34 7.26 -24.30
N ASP H 389 36.57 6.86 -25.55
CA ASP H 389 36.84 5.48 -25.96
C ASP H 389 37.63 4.65 -24.94
N MET H 390 38.64 5.23 -24.30
CA MET H 390 39.42 4.46 -23.33
C MET H 390 38.65 4.24 -22.03
N LEU H 391 38.05 5.29 -21.48
CA LEU H 391 37.32 5.12 -20.24
C LEU H 391 36.12 4.20 -20.40
N MET H 392 35.50 4.20 -21.59
CA MET H 392 34.40 3.27 -21.82
C MET H 392 34.92 1.83 -21.85
N MET H 393 36.10 1.62 -22.43
CA MET H 393 36.74 0.30 -22.31
C MET H 393 37.18 0.05 -20.87
N ALA H 394 37.65 1.10 -20.19
CA ALA H 394 38.10 0.92 -18.81
C ALA H 394 36.93 0.60 -17.89
N LYS H 395 35.77 1.22 -18.13
CA LYS H 395 34.57 0.83 -17.39
C LYS H 395 34.13 -0.57 -17.81
N ARG H 396 34.37 -0.95 -19.06
CA ARG H 396 34.04 -2.29 -19.51
C ARG H 396 34.90 -3.33 -18.80
N VAL H 397 36.20 -3.07 -18.65
CA VAL H 397 37.04 -3.96 -17.86
C VAL H 397 36.67 -3.86 -16.38
N ALA H 398 36.25 -2.69 -15.93
CA ALA H 398 35.87 -2.50 -14.53
C ALA H 398 34.60 -3.27 -14.20
N GLY H 399 33.73 -3.52 -15.18
CA GLY H 399 32.48 -4.21 -14.92
C GLY H 399 32.64 -5.69 -14.68
N THR H 400 33.78 -6.26 -15.07
CA THR H 400 34.06 -7.66 -14.83
C THR H 400 34.62 -7.92 -13.43
N ILE H 401 34.90 -6.88 -12.66
CA ILE H 401 35.51 -7.04 -11.33
C ILE H 401 34.34 -7.21 -10.36
N SER H 402 33.77 -8.42 -10.38
CA SER H 402 32.64 -8.75 -9.53
C SER H 402 32.87 -8.35 -8.07
N GLY H 403 34.06 -8.63 -7.55
CA GLY H 403 34.40 -8.25 -6.20
C GLY H 403 35.90 -8.07 -6.02
N PRO H 404 36.32 -6.83 -5.81
CA PRO H 404 37.75 -6.56 -5.59
C PRO H 404 38.23 -7.00 -4.22
N ARG H 405 39.53 -7.26 -4.13
CA ARG H 405 40.17 -7.31 -2.84
C ARG H 405 40.28 -5.90 -2.27
N ASP H 406 40.39 -5.81 -0.95
CA ASP H 406 40.18 -4.53 -0.27
C ASP H 406 41.28 -3.51 -0.58
N ASN H 407 42.49 -3.95 -0.93
CA ASN H 407 43.53 -2.99 -1.30
C ASN H 407 44.36 -3.51 -2.48
N SER H 408 43.70 -3.94 -3.54
CA SER H 408 44.38 -4.56 -4.67
C SER H 408 44.18 -3.76 -5.96
N VAL H 409 44.86 -4.20 -7.02
CA VAL H 409 44.76 -3.55 -8.32
C VAL H 409 43.35 -3.62 -8.86
N GLY H 410 42.61 -4.69 -8.53
CA GLY H 410 41.24 -4.79 -9.00
C GLY H 410 40.34 -3.72 -8.40
N LYS H 411 40.57 -3.37 -7.13
CA LYS H 411 39.88 -2.23 -6.55
C LYS H 411 40.31 -0.92 -7.17
N TRP H 412 41.57 -0.84 -7.63
CA TRP H 412 42.06 0.39 -8.24
C TRP H 412 41.31 0.70 -9.53
N ILE H 413 41.11 -0.32 -10.37
CA ILE H 413 40.39 -0.11 -11.63
C ILE H 413 38.95 0.27 -11.36
N LYS H 414 38.37 -0.22 -10.27
CA LYS H 414 36.98 0.09 -9.97
C LYS H 414 36.83 1.53 -9.47
N GLN H 415 37.77 2.00 -8.64
CA GLN H 415 37.63 3.33 -8.07
C GLN H 415 37.94 4.43 -9.09
N THR H 416 39.01 4.26 -9.86
CA THR H 416 39.42 5.30 -10.79
C THR H 416 38.60 5.26 -12.08
N TYR H 417 38.67 4.15 -12.80
CA TYR H 417 37.97 3.99 -14.08
C TYR H 417 36.64 3.27 -13.83
N GLY H 418 35.58 4.05 -13.65
CA GLY H 418 34.26 3.50 -13.44
C GLY H 418 33.29 4.48 -12.81
N SER I 2 51.21 -28.93 -54.93
CA SER I 2 50.43 -28.26 -53.87
C SER I 2 48.94 -28.45 -54.08
N VAL I 3 48.43 -29.61 -53.66
CA VAL I 3 47.02 -29.93 -53.83
C VAL I 3 46.21 -29.39 -52.67
N ILE I 4 46.47 -29.87 -51.45
CA ILE I 4 45.79 -29.39 -50.25
C ILE I 4 46.87 -29.05 -49.21
N ARG I 5 48.01 -28.59 -49.69
CA ARG I 5 49.16 -28.37 -48.82
C ARG I 5 49.05 -27.03 -48.09
N ILE I 6 49.58 -27.01 -46.87
CA ILE I 6 49.55 -25.85 -46.00
C ILE I 6 50.96 -25.36 -45.75
N LYS I 7 51.18 -24.06 -45.89
CA LYS I 7 52.47 -23.43 -45.65
C LYS I 7 52.33 -22.41 -44.53
N THR I 8 53.45 -21.77 -44.20
CA THR I 8 53.54 -20.80 -43.12
C THR I 8 54.53 -19.75 -43.58
N ASN I 9 55.26 -19.11 -42.67
CA ASN I 9 56.26 -18.15 -43.12
C ASN I 9 57.60 -18.81 -43.46
N ALA I 10 57.69 -20.14 -43.41
CA ALA I 10 58.91 -20.78 -43.89
C ALA I 10 58.69 -22.13 -44.57
N ALA I 11 57.70 -22.91 -44.14
CA ALA I 11 57.73 -24.33 -44.45
C ALA I 11 56.33 -24.95 -44.35
N VAL I 12 56.24 -26.19 -44.83
CA VAL I 12 55.00 -26.95 -44.86
C VAL I 12 54.66 -27.46 -43.46
N ALA I 13 53.38 -27.78 -43.25
CA ALA I 13 52.88 -28.24 -41.96
C ALA I 13 51.93 -29.42 -42.15
N ALA I 14 52.16 -30.50 -41.41
CA ALA I 14 51.32 -31.69 -41.49
C ALA I 14 49.89 -31.40 -41.05
N VAL I 15 48.93 -32.05 -41.72
CA VAL I 15 47.52 -31.70 -41.59
C VAL I 15 46.63 -32.89 -41.22
N LEU I 16 47.10 -33.77 -40.33
CA LEU I 16 46.34 -34.99 -40.06
C LEU I 16 46.03 -35.15 -38.57
N PRO I 17 44.74 -35.30 -38.20
CA PRO I 17 44.39 -35.66 -36.82
C PRO I 17 44.20 -37.15 -36.63
N ALA I 18 43.88 -37.55 -35.40
CA ALA I 18 43.56 -38.94 -35.11
C ALA I 18 42.27 -39.35 -35.84
N ASN I 19 42.17 -40.64 -36.17
CA ASN I 19 41.11 -41.11 -37.06
C ASN I 19 39.82 -41.36 -36.27
N GLU I 20 38.90 -42.13 -36.86
CA GLU I 20 37.61 -42.42 -36.24
C GLU I 20 37.10 -43.76 -36.75
N ASP I 21 35.92 -44.15 -36.29
CA ASP I 21 35.38 -45.48 -36.51
C ASP I 21 34.53 -45.53 -37.77
N GLN I 22 34.50 -46.71 -38.38
CA GLN I 22 33.78 -46.96 -39.62
C GLN I 22 32.42 -47.59 -39.30
N ALA I 23 31.73 -48.08 -40.33
CA ALA I 23 30.46 -48.76 -40.15
C ALA I 23 30.52 -50.13 -40.81
N ASP I 24 29.53 -50.96 -40.49
CA ASP I 24 29.39 -52.28 -41.07
C ASP I 24 28.19 -52.30 -42.00
N TYR I 25 28.14 -53.29 -42.88
CA TYR I 25 27.02 -53.35 -43.81
C TYR I 25 26.41 -54.74 -43.83
N PRO I 26 25.09 -54.83 -44.01
CA PRO I 26 24.46 -56.16 -44.18
C PRO I 26 25.02 -56.93 -45.36
N SER I 27 25.38 -56.23 -46.45
CA SER I 27 25.82 -56.92 -47.66
C SER I 27 27.16 -57.62 -47.46
N THR I 28 28.00 -57.11 -46.55
CA THR I 28 29.31 -57.74 -46.35
C THR I 28 29.15 -59.15 -45.80
N PHE I 29 28.07 -59.39 -45.05
CA PHE I 29 27.71 -60.73 -44.61
C PHE I 29 27.15 -61.52 -45.80
N PHE I 30 27.07 -62.84 -45.62
CA PHE I 30 26.60 -63.77 -46.66
C PHE I 30 27.50 -63.77 -47.89
N GLU I 31 28.72 -63.27 -47.78
CA GLU I 31 29.67 -63.29 -48.90
C GLU I 31 30.37 -64.65 -48.90
N GLY I 32 29.88 -65.56 -49.74
CA GLY I 32 30.50 -66.86 -49.90
C GLY I 32 29.92 -67.95 -49.03
N GLY I 33 29.12 -67.60 -48.02
CA GLY I 33 28.65 -68.52 -47.01
C GLY I 33 28.46 -67.77 -45.71
N ASN I 34 28.97 -68.33 -44.60
CA ASN I 34 28.96 -67.62 -43.32
C ASN I 34 27.55 -67.27 -42.85
N GLU I 35 26.78 -68.24 -42.37
CA GLU I 35 25.40 -67.99 -41.95
C GLU I 35 25.34 -67.78 -40.43
N ILE I 36 24.11 -67.59 -39.93
CA ILE I 36 23.89 -67.07 -38.58
C ILE I 36 24.34 -68.07 -37.50
N ARG I 37 23.70 -69.25 -37.46
CA ARG I 37 24.04 -70.29 -36.47
C ARG I 37 23.84 -69.92 -35.00
N LEU I 38 22.60 -69.93 -34.52
CA LEU I 38 22.36 -69.71 -33.09
C LEU I 38 22.68 -71.00 -32.32
N TYR I 39 23.73 -70.94 -31.51
CA TYR I 39 24.24 -72.06 -30.71
C TYR I 39 23.29 -72.36 -29.55
N VAL I 40 22.43 -73.35 -29.71
CA VAL I 40 21.51 -73.72 -28.64
C VAL I 40 21.77 -75.16 -28.20
N ASN I 41 21.56 -75.40 -26.91
CA ASN I 41 21.70 -76.72 -26.30
C ASN I 41 20.49 -77.59 -26.66
N ARG I 42 20.75 -78.71 -27.32
CA ARG I 42 19.71 -79.66 -27.71
C ARG I 42 19.91 -80.97 -26.96
N GLY I 43 19.01 -81.92 -27.23
CA GLY I 43 19.08 -83.24 -26.65
C GLY I 43 18.31 -83.43 -25.37
N GLU I 44 17.99 -82.35 -24.65
CA GLU I 44 17.17 -82.45 -23.47
C GLU I 44 15.69 -82.49 -23.83
N LYS I 45 14.92 -83.17 -22.97
CA LYS I 45 13.50 -83.35 -23.21
C LYS I 45 12.73 -82.04 -23.04
N LEU I 46 11.58 -81.95 -23.70
CA LEU I 46 10.80 -80.72 -23.66
C LEU I 46 10.33 -80.41 -22.25
N ASP I 47 9.78 -81.40 -21.55
CA ASP I 47 9.18 -81.15 -20.24
C ASP I 47 10.22 -80.72 -19.20
N VAL I 48 11.44 -81.24 -19.29
CA VAL I 48 12.46 -80.84 -18.31
C VAL I 48 12.87 -79.39 -18.49
N LEU I 49 12.79 -78.86 -19.72
CA LEU I 49 13.15 -77.46 -19.93
C LEU I 49 12.12 -76.54 -19.29
N ARG I 50 10.85 -76.93 -19.35
CA ARG I 50 9.79 -76.18 -18.71
C ARG I 50 9.93 -76.18 -17.19
N GLN I 51 10.60 -77.20 -16.65
CA GLN I 51 10.72 -77.32 -15.20
C GLN I 51 11.69 -76.31 -14.63
N TYR I 52 12.79 -76.05 -15.35
CA TYR I 52 13.74 -75.02 -14.93
C TYR I 52 13.17 -73.61 -15.05
N VAL I 53 12.29 -73.37 -16.01
CA VAL I 53 11.82 -72.00 -16.21
C VAL I 53 10.74 -71.61 -15.21
N TYR I 54 9.77 -72.48 -14.95
CA TYR I 54 8.69 -72.10 -14.05
C TYR I 54 9.19 -71.99 -12.61
N MET I 55 10.17 -72.82 -12.22
CA MET I 55 10.80 -72.72 -10.92
C MET I 55 11.98 -71.76 -10.91
N GLY I 56 12.13 -70.98 -11.97
CA GLY I 56 13.09 -69.89 -11.99
C GLY I 56 12.40 -68.56 -12.15
N LEU I 57 11.22 -68.57 -12.78
CA LEU I 57 10.48 -67.32 -12.98
C LEU I 57 9.93 -66.77 -11.66
N VAL I 58 9.47 -67.64 -10.76
CA VAL I 58 8.98 -67.17 -9.46
C VAL I 58 10.13 -66.63 -8.60
N GLU I 59 11.33 -67.17 -8.80
CA GLU I 59 12.53 -66.75 -8.10
C GLU I 59 13.26 -65.63 -8.83
N LYS I 60 13.74 -64.65 -8.07
CA LYS I 60 14.54 -63.56 -8.63
C LYS I 60 15.76 -64.05 -9.43
N ASN I 61 15.96 -65.37 -9.51
CA ASN I 61 17.08 -65.96 -10.26
C ASN I 61 16.50 -66.84 -11.35
N CYS I 62 16.13 -66.22 -12.47
CA CYS I 62 15.64 -66.89 -13.66
C CYS I 62 16.74 -66.83 -14.71
N ARG I 63 17.69 -67.77 -14.63
CA ARG I 63 18.81 -67.83 -15.57
C ARG I 63 18.34 -67.70 -17.02
N ILE I 64 19.27 -67.37 -17.92
CA ILE I 64 18.91 -67.09 -19.30
C ILE I 64 19.12 -68.31 -20.19
N GLN I 65 20.00 -69.23 -19.82
CA GLN I 65 20.19 -70.45 -20.61
C GLN I 65 18.94 -71.31 -20.61
N HIS I 66 18.12 -71.24 -19.55
CA HIS I 66 16.88 -71.99 -19.51
C HIS I 66 15.85 -71.42 -20.50
N VAL I 67 15.69 -70.10 -20.51
CA VAL I 67 14.68 -69.49 -21.38
C VAL I 67 15.02 -69.69 -22.85
N ASN I 68 16.31 -69.74 -23.19
CA ASN I 68 16.69 -69.98 -24.58
C ASN I 68 16.38 -71.40 -25.00
N ALA I 69 16.65 -72.37 -24.13
CA ALA I 69 16.38 -73.78 -24.46
C ALA I 69 14.88 -74.06 -24.59
N TYR I 70 14.04 -73.36 -23.81
CA TYR I 70 12.61 -73.64 -23.87
C TYR I 70 11.99 -73.07 -25.13
N LEU I 71 12.33 -71.83 -25.49
CA LEU I 71 11.73 -71.20 -26.66
C LEU I 71 12.12 -71.93 -27.94
N TYR I 72 13.31 -72.53 -27.97
CA TYR I 72 13.71 -73.34 -29.12
C TYR I 72 12.88 -74.61 -29.22
N ALA I 73 12.36 -75.10 -28.10
CA ALA I 73 11.64 -76.37 -28.13
C ALA I 73 10.20 -76.22 -28.60
N VAL I 74 9.48 -75.23 -28.04
CA VAL I 74 8.06 -75.07 -28.37
C VAL I 74 7.88 -74.56 -29.80
N LEU I 75 8.80 -73.76 -30.31
CA LEU I 75 8.63 -73.09 -31.59
C LEU I 75 9.31 -73.81 -32.74
N LYS I 76 9.78 -75.04 -32.53
CA LYS I 76 10.54 -75.79 -33.55
C LYS I 76 9.64 -76.84 -34.22
N GLY I 77 8.77 -76.34 -35.11
CA GLY I 77 7.85 -77.22 -35.81
C GLY I 77 6.48 -76.65 -36.14
N GLU I 78 6.26 -75.36 -35.83
CA GLU I 78 4.99 -74.69 -36.06
C GLU I 78 4.83 -74.28 -37.54
N ARG I 79 5.70 -74.79 -38.41
CA ARG I 79 5.72 -74.51 -39.85
C ARG I 79 4.32 -74.32 -40.42
N GLU I 80 4.24 -73.51 -41.49
CA GLU I 80 2.98 -73.03 -42.05
C GLU I 80 3.12 -72.82 -43.55
N LEU I 81 1.97 -72.72 -44.22
CA LEU I 81 1.89 -72.79 -45.68
C LEU I 81 2.41 -71.51 -46.35
N LEU I 82 3.52 -71.65 -47.08
CA LEU I 82 4.04 -70.59 -47.94
C LEU I 82 3.14 -70.42 -49.17
N GLU I 83 2.50 -69.26 -49.29
CA GLU I 83 1.65 -68.97 -50.44
C GLU I 83 2.41 -68.32 -51.59
N ALA I 84 3.75 -68.21 -51.48
CA ALA I 84 4.55 -67.46 -52.43
C ALA I 84 6.03 -67.60 -52.10
N ASP I 85 6.88 -67.78 -53.12
CA ASP I 85 8.32 -67.91 -52.97
C ASP I 85 8.89 -66.86 -52.01
N TRP I 86 9.92 -67.24 -51.25
CA TRP I 86 10.48 -66.39 -50.20
C TRP I 86 12.00 -66.44 -50.29
N ASP I 87 12.60 -65.39 -50.86
CA ASP I 87 14.04 -65.36 -51.13
C ASP I 87 14.61 -63.99 -50.77
N SER I 88 15.42 -63.93 -49.72
CA SER I 88 16.14 -62.71 -49.37
C SER I 88 17.65 -62.93 -49.42
N PHE I 89 18.38 -61.83 -49.60
CA PHE I 89 19.84 -61.76 -49.63
C PHE I 89 20.54 -62.88 -50.38
N GLY I 90 19.93 -63.39 -51.44
CA GLY I 90 20.57 -64.37 -52.31
C GLY I 90 20.55 -65.78 -51.76
N HIS I 91 20.42 -65.94 -50.45
CA HIS I 91 20.34 -67.25 -49.79
C HIS I 91 18.88 -67.63 -49.72
N LYS I 92 18.45 -68.52 -50.61
CA LYS I 92 17.05 -68.93 -50.62
C LYS I 92 16.71 -69.70 -49.34
N ILE I 93 15.55 -69.40 -48.78
CA ILE I 93 15.10 -70.01 -47.53
C ILE I 93 14.07 -71.11 -47.79
N GLY I 94 13.02 -70.78 -48.55
CA GLY I 94 11.99 -71.76 -48.84
C GLY I 94 11.25 -71.48 -50.14
N ILE I 95 10.94 -72.54 -50.88
CA ILE I 95 10.17 -72.44 -52.11
C ILE I 95 8.69 -72.42 -51.78
N GLN I 96 7.89 -71.90 -52.72
CA GLN I 96 6.46 -71.73 -52.51
C GLN I 96 5.76 -73.07 -52.28
N GLY I 97 4.76 -73.06 -51.40
CA GLY I 97 3.91 -74.19 -51.13
C GLY I 97 4.41 -75.16 -50.08
N ASP I 98 5.59 -74.90 -49.49
CA ASP I 98 6.12 -75.76 -48.45
C ASP I 98 5.74 -75.22 -47.07
N LYS I 99 5.66 -76.13 -46.10
CA LYS I 99 5.62 -75.73 -44.71
C LYS I 99 7.02 -75.31 -44.30
N ILE I 100 7.17 -74.10 -43.77
CA ILE I 100 8.50 -73.54 -43.57
C ILE I 100 9.01 -73.72 -42.14
N GLY I 101 8.56 -72.90 -41.20
CA GLY I 101 9.01 -72.98 -39.84
C GLY I 101 9.53 -71.64 -39.36
N PRO I 102 9.59 -71.44 -38.05
CA PRO I 102 10.19 -70.20 -37.54
C PRO I 102 11.70 -70.31 -37.37
N PHE I 103 12.22 -71.52 -37.30
CA PHE I 103 13.64 -71.74 -36.98
C PHE I 103 14.44 -72.35 -38.13
N ASN I 104 13.83 -72.64 -39.28
CA ASN I 104 14.57 -73.20 -40.41
C ASN I 104 15.28 -72.12 -41.22
N LEU I 105 15.11 -70.85 -40.85
CA LEU I 105 15.80 -69.73 -41.49
C LEU I 105 17.28 -69.67 -41.11
N VAL I 106 17.72 -70.48 -40.15
CA VAL I 106 19.06 -70.37 -39.59
C VAL I 106 19.62 -71.77 -39.31
N ARG I 107 20.94 -71.88 -39.46
CA ARG I 107 21.63 -73.11 -39.10
C ARG I 107 21.47 -73.35 -37.60
N VAL I 108 21.27 -74.61 -37.21
CA VAL I 108 20.91 -74.91 -35.83
C VAL I 108 22.13 -75.12 -34.92
N GLU I 109 23.00 -76.06 -35.26
CA GLU I 109 24.24 -76.29 -34.50
C GLU I 109 23.93 -76.67 -33.05
N ASP I 110 24.96 -76.96 -32.27
CA ASP I 110 24.79 -77.35 -30.88
C ASP I 110 25.81 -76.62 -30.02
N ILE I 111 25.38 -76.21 -28.83
CA ILE I 111 26.20 -75.43 -27.92
C ILE I 111 27.35 -76.33 -27.44
N PRO I 112 28.53 -75.78 -27.13
CA PRO I 112 29.51 -76.56 -26.38
C PRO I 112 28.94 -76.94 -25.02
N ASP I 113 29.30 -78.13 -24.55
CA ASP I 113 28.58 -78.71 -23.42
C ASP I 113 28.67 -77.79 -22.20
N GLY I 114 27.57 -77.09 -21.93
CA GLY I 114 27.46 -76.11 -20.86
C GLY I 114 26.08 -76.11 -20.26
N LEU I 115 25.45 -77.28 -20.16
CA LEU I 115 24.02 -77.33 -19.86
C LEU I 115 23.70 -76.67 -18.53
N PRO I 116 22.73 -75.75 -18.50
CA PRO I 116 22.41 -75.02 -17.28
C PRO I 116 21.83 -75.91 -16.18
N ASP I 117 22.15 -75.56 -14.94
CA ASP I 117 21.56 -76.21 -13.78
C ASP I 117 20.31 -75.43 -13.39
N GLY I 118 19.32 -76.12 -12.85
CA GLY I 118 18.14 -75.46 -12.31
C GLY I 118 17.47 -76.19 -11.15
N LYS I 119 16.15 -76.06 -11.07
CA LYS I 119 15.36 -76.62 -9.98
C LYS I 119 14.22 -77.48 -10.52
N LEU I 120 13.86 -78.50 -9.74
CA LEU I 120 12.81 -79.44 -10.08
C LEU I 120 11.43 -78.80 -10.08
N ASN I 121 10.59 -79.24 -11.02
CA ASN I 121 9.31 -78.60 -11.30
C ASN I 121 8.34 -78.60 -10.12
N ALA I 122 7.58 -77.52 -10.00
CA ALA I 122 6.46 -77.37 -9.10
C ALA I 122 5.24 -77.96 -9.77
N GLU I 123 4.04 -77.52 -9.39
CA GLU I 123 2.83 -78.07 -9.99
C GLU I 123 2.84 -77.87 -11.50
N VAL I 124 2.43 -78.92 -12.21
CA VAL I 124 2.58 -78.99 -13.66
C VAL I 124 1.43 -78.29 -14.36
N SER I 125 1.74 -77.61 -15.46
CA SER I 125 0.73 -77.03 -16.33
C SER I 125 0.73 -77.71 -17.70
N ALA I 126 1.85 -77.63 -18.42
CA ALA I 126 2.12 -78.32 -19.67
C ALA I 126 1.18 -77.97 -20.82
N GLU I 127 0.09 -77.24 -20.55
CA GLU I 127 -0.81 -76.77 -21.59
C GLU I 127 -0.78 -75.26 -21.76
N ASP I 128 -0.04 -74.54 -20.90
CA ASP I 128 -0.04 -73.09 -20.87
C ASP I 128 0.98 -72.48 -21.82
N ASP I 129 1.34 -73.18 -22.90
CA ASP I 129 2.23 -72.62 -23.90
C ASP I 129 1.55 -71.56 -24.76
N ALA I 130 0.24 -71.36 -24.60
CA ALA I 130 -0.43 -70.29 -25.32
C ALA I 130 0.08 -68.92 -24.89
N TRP I 131 0.56 -68.79 -23.65
CA TRP I 131 1.04 -67.51 -23.13
C TRP I 131 2.53 -67.48 -22.83
N LEU I 132 3.13 -68.62 -22.44
CA LEU I 132 4.50 -68.62 -21.96
C LEU I 132 5.50 -68.03 -22.96
N PRO I 133 5.51 -68.43 -24.24
CA PRO I 133 6.38 -67.71 -25.19
C PRO I 133 6.06 -66.24 -25.29
N LEU I 134 4.79 -65.84 -25.16
CA LEU I 134 4.44 -64.42 -25.26
C LEU I 134 5.02 -63.63 -24.09
N PHE I 135 5.13 -64.24 -22.91
CA PHE I 135 5.67 -63.51 -21.77
C PHE I 135 7.18 -63.34 -21.90
N LEU I 136 7.90 -64.42 -22.21
CA LEU I 136 9.35 -64.33 -22.32
C LEU I 136 9.76 -63.45 -23.50
N LEU I 137 9.01 -63.52 -24.61
CA LEU I 137 9.25 -62.58 -25.70
C LEU I 137 8.83 -61.17 -25.33
N GLY I 138 7.80 -61.03 -24.49
CA GLY I 138 7.38 -59.70 -24.07
C GLY I 138 8.28 -59.06 -23.05
N LEU I 139 9.04 -59.87 -22.30
CA LEU I 139 9.98 -59.34 -21.34
C LEU I 139 11.18 -58.69 -22.01
N TYR I 140 11.48 -59.06 -23.26
CA TYR I 140 12.55 -58.40 -24.00
C TYR I 140 12.20 -56.95 -24.29
N ARG I 141 10.93 -56.67 -24.61
CA ARG I 141 10.52 -55.29 -24.82
C ARG I 141 10.57 -54.50 -23.53
N VAL I 142 10.25 -55.15 -22.40
CA VAL I 142 10.34 -54.46 -21.11
C VAL I 142 11.78 -54.37 -20.63
N GLY I 143 12.71 -55.08 -21.28
CA GLY I 143 14.11 -54.93 -20.94
C GLY I 143 14.69 -53.61 -21.38
N ARG I 144 14.12 -53.01 -22.43
CA ARG I 144 14.67 -51.78 -23.00
C ARG I 144 14.32 -50.55 -22.18
N ALA I 145 13.05 -50.37 -21.87
CA ALA I 145 12.62 -49.17 -21.15
C ALA I 145 13.33 -49.05 -19.81
N SER I 146 13.76 -47.82 -19.51
CA SER I 146 14.42 -47.48 -18.26
C SER I 146 13.65 -46.46 -17.44
N GLU I 147 12.73 -45.74 -18.04
CA GLU I 147 11.95 -44.70 -17.38
C GLU I 147 10.63 -45.29 -16.87
N THR I 148 9.67 -44.43 -16.53
CA THR I 148 8.37 -44.88 -16.02
C THR I 148 7.61 -45.74 -17.02
N ALA I 149 8.00 -45.72 -18.30
CA ALA I 149 7.42 -46.63 -19.28
C ALA I 149 7.69 -48.08 -18.93
N TYR I 150 8.71 -48.35 -18.11
CA TYR I 150 8.94 -49.70 -17.58
C TYR I 150 7.72 -50.21 -16.81
N ARG I 151 6.98 -49.32 -16.16
CA ARG I 151 5.75 -49.73 -15.49
C ARG I 151 4.59 -49.90 -16.47
N THR I 152 4.49 -49.01 -17.46
CA THR I 152 3.40 -49.08 -18.42
C THR I 152 3.47 -50.34 -19.27
N LEU I 153 4.67 -50.80 -19.60
CA LEU I 153 4.80 -51.95 -20.49
C LEU I 153 4.36 -53.24 -19.80
N LEU I 154 4.66 -53.38 -18.50
CA LEU I 154 4.23 -54.59 -17.80
C LEU I 154 2.71 -54.69 -17.70
N MET I 155 2.02 -53.56 -17.58
CA MET I 155 0.57 -53.61 -17.56
C MET I 155 0.02 -54.06 -18.91
N GLU I 156 0.66 -53.64 -20.00
CA GLU I 156 0.27 -54.14 -21.32
C GLU I 156 0.62 -55.62 -21.46
N SER I 157 1.72 -56.05 -20.86
CA SER I 157 2.07 -57.47 -20.89
C SER I 157 1.15 -58.29 -19.99
N LEU I 158 0.77 -57.73 -18.84
CA LEU I 158 -0.10 -58.44 -17.91
C LEU I 158 -1.49 -58.65 -18.52
N ILE I 159 -2.00 -57.65 -19.25
CA ILE I 159 -3.31 -57.78 -19.87
C ILE I 159 -3.32 -58.86 -20.93
N LYS I 160 -2.21 -59.03 -21.66
CA LYS I 160 -2.19 -60.02 -22.74
C LYS I 160 -2.25 -61.45 -22.23
N GLN I 161 -1.80 -61.70 -21.00
CA GLN I 161 -1.79 -63.07 -20.49
C GLN I 161 -2.92 -63.37 -19.53
N CYS I 162 -3.49 -62.37 -18.85
CA CYS I 162 -4.74 -62.60 -18.14
C CYS I 162 -5.87 -62.93 -19.11
N LYS I 163 -5.80 -62.40 -20.33
CA LYS I 163 -6.71 -62.81 -21.39
C LYS I 163 -6.33 -64.16 -21.98
N ALA I 164 -5.12 -64.65 -21.71
CA ALA I 164 -4.65 -65.85 -22.38
C ALA I 164 -5.16 -67.13 -21.74
N ILE I 165 -5.21 -67.22 -20.41
CA ILE I 165 -5.54 -68.53 -19.84
C ILE I 165 -7.01 -68.61 -19.44
N LYS I 166 -7.38 -68.05 -18.28
CA LYS I 166 -8.80 -67.85 -18.01
C LYS I 166 -9.09 -66.48 -17.41
N SER I 167 -8.92 -66.38 -16.09
CA SER I 167 -8.87 -65.19 -15.25
C SER I 167 -7.67 -65.20 -14.30
N ASP I 168 -7.37 -66.35 -13.71
CA ASP I 168 -6.32 -66.42 -12.69
C ASP I 168 -4.94 -66.27 -13.33
N TRP I 169 -4.09 -65.50 -12.67
CA TRP I 169 -2.73 -65.29 -13.15
C TRP I 169 -1.90 -64.75 -12.00
N VAL I 170 -1.02 -65.59 -11.45
CA VAL I 170 -0.01 -65.08 -10.52
C VAL I 170 0.99 -64.25 -11.32
N SER I 171 1.57 -63.24 -10.66
CA SER I 171 2.48 -62.33 -11.35
C SER I 171 3.90 -62.53 -10.84
N PRO I 172 4.65 -63.47 -11.40
CA PRO I 172 6.06 -63.66 -10.98
C PRO I 172 6.91 -62.44 -11.20
N VAL I 173 6.59 -61.61 -12.20
CA VAL I 173 7.45 -60.48 -12.55
C VAL I 173 7.58 -59.54 -11.36
N THR I 174 8.82 -59.11 -11.12
CA THR I 174 9.12 -58.13 -10.08
C THR I 174 8.61 -56.74 -10.46
N ALA I 175 8.28 -55.95 -9.44
CA ALA I 175 7.77 -54.61 -9.67
C ALA I 175 8.83 -53.70 -10.29
N THR I 176 10.06 -53.73 -9.75
CA THR I 176 11.09 -52.82 -10.22
C THR I 176 12.47 -53.43 -10.41
N HIS I 177 12.71 -54.66 -9.98
CA HIS I 177 14.02 -55.27 -10.15
C HIS I 177 14.31 -55.51 -11.64
N LYS I 178 15.59 -55.38 -12.00
CA LYS I 178 16.00 -55.38 -13.40
C LYS I 178 16.82 -56.63 -13.74
N TYR I 179 16.40 -57.79 -13.23
CA TYR I 179 17.13 -59.01 -13.49
C TYR I 179 16.89 -59.57 -14.89
N PHE I 180 15.82 -59.16 -15.56
CA PHE I 180 15.58 -59.62 -16.92
C PHE I 180 16.20 -58.72 -17.99
N ASP I 181 16.84 -57.62 -17.58
CA ASP I 181 17.61 -56.83 -18.54
C ASP I 181 18.83 -57.58 -19.05
N VAL I 182 19.28 -58.61 -18.32
CA VAL I 182 20.40 -59.43 -18.77
C VAL I 182 20.10 -60.13 -20.08
N TRP I 183 18.81 -60.39 -20.36
CA TRP I 183 18.44 -61.19 -21.51
C TRP I 183 18.85 -60.53 -22.82
N GLY I 184 18.95 -59.21 -22.84
CA GLY I 184 19.32 -58.52 -24.07
C GLY I 184 20.78 -58.63 -24.43
N ASN I 185 21.63 -59.05 -23.49
CA ASN I 185 23.04 -59.27 -23.79
C ASN I 185 23.33 -60.65 -24.36
N ASP I 186 22.40 -61.58 -24.24
CA ASP I 186 22.59 -62.93 -24.78
C ASP I 186 22.41 -62.88 -26.29
N GLY I 187 23.42 -63.35 -27.03
CA GLY I 187 23.35 -63.29 -28.48
C GLY I 187 22.33 -64.23 -29.08
N ASN I 188 22.14 -65.40 -28.46
CA ASN I 188 21.15 -66.35 -28.97
C ASN I 188 19.74 -65.85 -28.71
N TYR I 189 19.48 -65.26 -27.54
CA TYR I 189 18.14 -64.75 -27.24
C TYR I 189 17.77 -63.60 -28.17
N LEU I 190 18.75 -62.77 -28.53
CA LEU I 190 18.48 -61.73 -29.53
C LEU I 190 18.21 -62.33 -30.90
N LYS I 191 18.83 -63.47 -31.21
CA LYS I 191 18.64 -64.08 -32.51
C LYS I 191 17.26 -64.73 -32.63
N ILE I 192 16.84 -65.46 -31.59
CA ILE I 192 15.53 -66.12 -31.63
C ILE I 192 14.40 -65.11 -31.58
N VAL I 193 14.59 -64.00 -30.85
CA VAL I 193 13.53 -63.00 -30.77
C VAL I 193 13.31 -62.33 -32.13
N ALA I 194 14.38 -62.19 -32.92
CA ALA I 194 14.22 -61.62 -34.26
C ALA I 194 13.51 -62.59 -35.19
N CYS I 195 13.71 -63.90 -34.98
CA CYS I 195 13.08 -64.90 -35.83
C CYS I 195 11.57 -64.89 -35.72
N VAL I 196 11.03 -64.55 -34.53
CA VAL I 196 9.59 -64.57 -34.34
C VAL I 196 8.91 -63.52 -35.23
N ASP I 197 9.55 -62.36 -35.40
CA ASP I 197 8.93 -61.31 -36.19
C ASP I 197 9.04 -61.59 -37.69
N MET I 198 10.22 -62.05 -38.13
CA MET I 198 10.42 -62.31 -39.56
C MET I 198 9.48 -63.41 -40.05
N PHE I 199 9.17 -64.38 -39.19
CA PHE I 199 8.23 -65.43 -39.57
C PHE I 199 6.82 -64.86 -39.68
N TYR I 200 6.40 -64.09 -38.68
CA TYR I 200 5.06 -63.53 -38.65
C TYR I 200 4.93 -62.18 -39.37
N ASN I 201 6.02 -61.54 -39.79
CA ASN I 201 5.86 -60.34 -40.61
C ASN I 201 5.25 -60.65 -41.96
N HIS I 202 5.60 -61.79 -42.56
CA HIS I 202 4.90 -62.22 -43.77
C HIS I 202 3.65 -63.01 -43.43
N PHE I 203 3.71 -63.83 -42.38
CA PHE I 203 2.54 -64.60 -41.94
C PHE I 203 1.87 -63.89 -40.76
N LYS I 204 1.37 -62.69 -41.04
CA LYS I 204 0.64 -61.92 -40.02
C LYS I 204 -0.71 -62.55 -39.69
N LYS I 205 -1.25 -63.37 -40.60
CA LYS I 205 -2.57 -63.96 -40.46
C LYS I 205 -2.60 -65.16 -39.53
N SER I 206 -1.46 -65.65 -39.08
CA SER I 206 -1.42 -66.81 -38.20
C SER I 206 -2.00 -66.48 -36.83
N ILE I 207 -2.63 -67.48 -36.20
CA ILE I 207 -3.26 -67.28 -34.90
C ILE I 207 -2.22 -66.96 -33.82
N LYS I 208 -1.01 -67.48 -33.96
CA LYS I 208 0.05 -67.26 -32.98
C LYS I 208 0.83 -65.97 -33.23
N ALA I 209 0.35 -65.12 -34.14
CA ALA I 209 0.97 -63.84 -34.38
C ALA I 209 0.83 -62.90 -33.18
N THR I 210 -0.01 -63.25 -32.20
CA THR I 210 -0.09 -62.47 -30.99
C THR I 210 1.22 -62.47 -30.22
N PHE I 211 2.08 -63.46 -30.46
CA PHE I 211 3.42 -63.44 -29.85
C PHE I 211 4.25 -62.27 -30.36
N ARG I 212 3.87 -61.68 -31.50
CA ARG I 212 4.63 -60.58 -32.08
C ARG I 212 4.72 -59.37 -31.17
N TRP I 213 3.75 -59.19 -30.26
CA TRP I 213 3.89 -58.14 -29.25
C TRP I 213 5.10 -58.41 -28.37
N GLY I 214 5.88 -57.35 -28.12
CA GLY I 214 7.07 -57.45 -27.32
C GLY I 214 8.33 -57.80 -28.09
N THR I 215 8.19 -58.34 -29.30
CA THR I 215 9.33 -58.58 -30.17
C THR I 215 9.35 -57.67 -31.38
N ILE I 216 8.32 -56.84 -31.58
CA ILE I 216 8.30 -55.88 -32.68
C ILE I 216 9.41 -54.86 -32.51
N VAL I 217 9.87 -54.64 -31.28
CA VAL I 217 10.96 -53.71 -31.02
C VAL I 217 12.24 -54.18 -31.70
N SER I 218 12.36 -55.48 -31.98
CA SER I 218 13.54 -55.98 -32.68
C SER I 218 13.60 -55.48 -34.12
N ARG I 219 12.47 -55.13 -34.71
CA ARG I 219 12.47 -54.64 -36.09
C ARG I 219 13.15 -53.29 -36.20
N PHE I 220 13.98 -53.14 -37.23
CA PHE I 220 14.68 -51.89 -37.54
C PHE I 220 15.33 -51.25 -36.32
N LYS I 221 16.04 -52.04 -35.52
CA LYS I 221 16.71 -51.45 -34.38
C LYS I 221 17.90 -50.62 -34.85
N ASP I 222 18.27 -49.62 -34.03
CA ASP I 222 19.30 -48.64 -34.37
C ASP I 222 19.36 -48.29 -35.86
N CYS I 223 18.22 -48.04 -36.47
CA CYS I 223 18.12 -47.58 -37.85
C CYS I 223 17.25 -46.33 -37.93
N ALA I 224 17.44 -45.43 -36.95
CA ALA I 224 16.61 -44.23 -36.87
C ALA I 224 16.87 -43.27 -38.02
N ALA I 225 18.03 -43.36 -38.67
CA ALA I 225 18.29 -42.48 -39.81
C ALA I 225 17.33 -42.78 -40.96
N LEU I 226 16.93 -44.04 -41.12
CA LEU I 226 15.87 -44.35 -42.08
C LEU I 226 14.53 -43.84 -41.57
N ALA I 227 14.27 -43.97 -40.27
CA ALA I 227 13.04 -43.42 -39.72
C ALA I 227 13.01 -41.91 -39.82
N THR I 228 14.18 -41.27 -39.71
CA THR I 228 14.23 -39.82 -39.91
C THR I 228 13.97 -39.44 -41.36
N LEU I 229 14.51 -40.23 -42.30
CA LEU I 229 14.27 -39.94 -43.71
C LEU I 229 12.81 -40.17 -44.08
N GLY I 230 12.18 -41.19 -43.50
CA GLY I 230 10.77 -41.38 -43.72
C GLY I 230 9.92 -40.35 -42.99
N HIS I 231 10.40 -39.89 -41.83
CA HIS I 231 9.66 -38.88 -41.08
C HIS I 231 9.61 -37.55 -41.82
N VAL I 232 10.71 -37.16 -42.46
CA VAL I 232 10.73 -35.88 -43.17
C VAL I 232 9.84 -35.92 -44.41
N VAL I 233 9.74 -37.07 -45.08
CA VAL I 233 8.94 -37.15 -46.30
C VAL I 233 7.47 -36.93 -46.01
N LYS I 234 6.99 -37.43 -44.87
CA LYS I 234 5.58 -37.28 -44.54
C LYS I 234 5.25 -35.88 -44.03
N ILE I 235 6.16 -35.28 -43.26
CA ILE I 235 5.85 -33.99 -42.64
C ILE I 235 6.08 -32.84 -43.61
N THR I 236 7.14 -32.90 -44.41
CA THR I 236 7.39 -31.83 -45.37
C THR I 236 6.42 -31.89 -46.54
N GLY I 237 5.89 -33.07 -46.85
CA GLY I 237 5.04 -33.26 -47.99
C GLY I 237 5.75 -33.44 -49.31
N LEU I 238 7.08 -33.37 -49.31
CA LEU I 238 7.86 -33.59 -50.51
C LEU I 238 8.01 -35.09 -50.80
N THR I 239 8.19 -35.41 -52.07
CA THR I 239 8.50 -36.78 -52.47
C THR I 239 9.91 -37.14 -52.01
N ILE I 240 10.14 -38.45 -51.85
CA ILE I 240 11.44 -38.91 -51.37
C ILE I 240 12.55 -38.44 -52.29
N GLU I 241 12.27 -38.32 -53.58
CA GLU I 241 13.26 -37.74 -54.50
C GLU I 241 13.43 -36.26 -54.24
N GLU I 242 12.34 -35.55 -53.94
CA GLU I 242 12.42 -34.11 -53.69
C GLU I 242 13.19 -33.79 -52.41
N VAL I 243 13.13 -34.67 -51.42
CA VAL I 243 13.84 -34.42 -50.17
C VAL I 243 15.35 -34.40 -50.39
N PHE I 244 15.84 -35.24 -51.30
CA PHE I 244 17.28 -35.28 -51.57
C PHE I 244 17.76 -33.98 -52.20
N THR I 245 16.94 -33.36 -53.03
CA THR I 245 17.33 -32.11 -53.68
C THR I 245 17.47 -30.96 -52.70
N TRP I 246 16.78 -31.03 -51.56
CA TRP I 246 16.84 -29.95 -50.59
C TRP I 246 18.05 -30.04 -49.67
N VAL I 247 18.88 -31.07 -49.82
CA VAL I 247 20.07 -31.19 -48.98
C VAL I 247 21.05 -30.12 -49.42
N LEU I 248 21.43 -29.24 -48.49
CA LEU I 248 22.31 -28.12 -48.80
C LEU I 248 23.69 -28.23 -48.15
N GLN I 249 23.91 -29.22 -47.29
CA GLN I 249 25.21 -29.43 -46.66
C GLN I 249 25.95 -30.55 -47.36
N THR I 250 27.26 -30.35 -47.55
CA THR I 250 28.08 -31.38 -48.19
C THR I 250 28.19 -32.63 -47.34
N GLU I 251 28.11 -32.49 -46.01
CA GLU I 251 28.24 -33.66 -45.14
C GLU I 251 26.94 -34.46 -45.08
N VAL I 252 25.79 -33.78 -45.10
CA VAL I 252 24.52 -34.52 -45.09
C VAL I 252 24.36 -35.33 -46.36
N ALA I 253 24.90 -34.83 -47.48
CA ALA I 253 24.88 -35.61 -48.71
C ALA I 253 25.76 -36.85 -48.61
N ASP I 254 26.92 -36.71 -47.96
CA ASP I 254 27.85 -37.84 -47.84
C ASP I 254 27.26 -38.95 -46.99
N GLU I 255 26.43 -38.62 -46.01
CA GLU I 255 25.80 -39.65 -45.18
C GLU I 255 24.63 -40.31 -45.89
N LEU I 256 23.85 -39.54 -46.65
CA LEU I 256 22.74 -40.11 -47.39
C LEU I 256 23.21 -41.06 -48.51
N VAL I 257 24.36 -40.78 -49.12
CA VAL I 257 24.88 -41.68 -50.14
C VAL I 257 25.28 -43.01 -49.52
N LYS I 258 26.02 -42.96 -48.40
CA LYS I 258 26.43 -44.19 -47.72
C LYS I 258 25.25 -44.91 -47.09
N MET I 259 24.16 -44.21 -46.79
CA MET I 259 22.96 -44.83 -46.26
C MET I 259 22.11 -45.51 -47.33
N MET I 260 22.33 -45.18 -48.60
CA MET I 260 21.51 -45.66 -49.70
C MET I 260 22.18 -46.73 -50.54
N LYS I 261 23.39 -47.17 -50.19
CA LYS I 261 24.14 -48.26 -50.82
C LYS I 261 23.19 -49.32 -51.37
N PRO I 262 23.23 -49.57 -52.68
CA PRO I 262 22.13 -50.31 -53.33
C PRO I 262 21.85 -51.69 -52.77
N GLY I 263 22.79 -52.62 -52.90
CA GLY I 263 22.53 -54.01 -52.57
C GLY I 263 22.33 -54.34 -51.11
N GLN I 264 21.54 -53.55 -50.38
CA GLN I 264 21.24 -53.85 -48.98
C GLN I 264 19.79 -54.24 -48.75
N GLU I 265 18.95 -54.18 -49.79
CA GLU I 265 17.53 -54.54 -49.71
C GLU I 265 16.82 -53.78 -48.58
N ILE I 266 17.18 -52.50 -48.41
CA ILE I 266 16.55 -51.68 -47.37
C ILE I 266 15.08 -51.45 -47.66
N ASP I 267 14.70 -51.38 -48.94
CA ASP I 267 13.31 -51.14 -49.30
C ASP I 267 12.44 -52.35 -48.98
N LYS I 268 12.92 -53.55 -49.28
CA LYS I 268 12.08 -54.75 -49.22
C LYS I 268 11.72 -55.07 -47.79
N SER I 269 10.43 -55.34 -47.57
CA SER I 269 9.94 -55.83 -46.27
C SER I 269 10.49 -57.21 -45.98
N THR I 270 10.11 -58.20 -46.79
CA THR I 270 10.56 -59.58 -46.61
C THR I 270 12.07 -59.68 -46.85
N SER I 271 12.86 -59.06 -45.99
CA SER I 271 14.31 -59.04 -46.11
C SER I 271 14.94 -59.12 -44.74
N TYR I 272 16.24 -59.45 -44.72
CA TYR I 272 17.02 -59.50 -43.50
C TYR I 272 17.47 -58.13 -43.02
N MET I 273 17.28 -57.08 -43.82
CA MET I 273 17.79 -55.75 -43.47
C MET I 273 17.33 -55.25 -42.11
N PRO I 274 16.05 -55.35 -41.72
CA PRO I 274 15.64 -54.75 -40.43
C PRO I 274 16.38 -55.28 -39.22
N TYR I 275 16.79 -56.54 -39.22
CA TYR I 275 17.39 -57.17 -38.05
C TYR I 275 18.91 -57.10 -38.05
N LEU I 276 19.45 -55.90 -38.24
CA LEU I 276 20.90 -55.75 -38.35
C LEU I 276 21.62 -56.17 -37.08
N ILE I 277 21.05 -55.87 -35.91
CA ILE I 277 21.77 -56.06 -34.66
C ILE I 277 21.47 -57.41 -34.03
N ASP I 278 20.18 -57.75 -33.90
CA ASP I 278 19.82 -58.96 -33.15
C ASP I 278 20.25 -60.24 -33.86
N MET I 279 20.32 -60.22 -35.20
CA MET I 279 20.79 -61.40 -35.94
C MET I 279 22.30 -61.49 -36.01
N GLY I 280 23.03 -60.44 -35.62
CA GLY I 280 24.47 -60.45 -35.76
C GLY I 280 25.00 -60.17 -37.15
N ILE I 281 24.15 -59.69 -38.06
CA ILE I 281 24.61 -59.44 -39.44
C ILE I 281 25.66 -58.34 -39.47
N SER I 282 25.60 -57.40 -38.53
CA SER I 282 26.58 -56.32 -38.47
C SER I 282 26.70 -55.85 -37.03
N ALA I 283 27.93 -55.56 -36.61
CA ALA I 283 28.19 -55.08 -35.26
C ALA I 283 28.06 -53.58 -35.11
N LYS I 284 27.86 -52.85 -36.21
CA LYS I 284 27.71 -51.39 -36.17
C LYS I 284 26.80 -51.01 -37.34
N SER I 285 25.52 -50.80 -37.06
CA SER I 285 24.57 -50.52 -38.12
C SER I 285 24.94 -49.21 -38.82
N PRO I 286 24.98 -49.19 -40.16
CA PRO I 286 25.24 -47.92 -40.87
C PRO I 286 24.12 -46.92 -40.77
N TYR I 287 22.92 -47.35 -40.36
CA TYR I 287 21.75 -46.51 -40.32
C TYR I 287 21.46 -45.94 -38.92
N SER I 288 22.37 -46.13 -37.98
CA SER I 288 22.17 -45.61 -36.64
C SER I 288 22.28 -44.09 -36.61
N THR I 289 21.60 -43.48 -35.64
CA THR I 289 21.66 -42.03 -35.49
C THR I 289 23.08 -41.56 -35.20
N ILE I 290 23.85 -42.35 -34.44
CA ILE I 290 25.21 -41.96 -34.13
C ILE I 290 26.09 -42.01 -35.37
N LYS I 291 25.82 -42.95 -36.28
CA LYS I 291 26.62 -43.08 -37.50
C LYS I 291 26.30 -41.98 -38.51
N ASN I 292 25.11 -41.39 -38.43
CA ASN I 292 24.68 -40.34 -39.35
C ASN I 292 24.12 -39.18 -38.52
N PRO I 293 24.99 -38.45 -37.82
CA PRO I 293 24.51 -37.33 -37.00
C PRO I 293 24.10 -36.11 -37.81
N SER I 294 24.93 -35.72 -38.79
CA SER I 294 24.64 -34.53 -39.57
C SER I 294 23.33 -34.66 -40.35
N PHE I 295 23.00 -35.89 -40.77
CA PHE I 295 21.70 -36.10 -41.40
C PHE I 295 20.59 -36.20 -40.36
N HIS I 296 20.88 -36.77 -39.18
CA HIS I 296 19.85 -36.88 -38.16
C HIS I 296 19.39 -35.51 -37.67
N PHE I 297 20.30 -34.53 -37.62
CA PHE I 297 19.89 -33.19 -37.21
C PHE I 297 19.15 -32.46 -38.32
N TRP I 298 19.66 -32.55 -39.55
CA TRP I 298 18.97 -32.00 -40.72
C TRP I 298 17.75 -32.87 -41.02
N GLY I 299 16.58 -32.37 -40.69
CA GLY I 299 15.35 -33.12 -40.88
C GLY I 299 14.57 -33.27 -39.60
N GLN I 300 15.21 -33.67 -38.50
CA GLN I 300 14.51 -33.62 -37.23
C GLN I 300 14.23 -32.18 -36.85
N LEU I 301 15.17 -31.28 -37.21
CA LEU I 301 14.94 -29.86 -37.03
C LEU I 301 13.95 -29.35 -38.07
N VAL I 302 14.06 -29.85 -39.30
CA VAL I 302 13.10 -29.47 -40.35
C VAL I 302 11.71 -29.98 -40.03
N ALA I 303 11.61 -31.19 -39.46
CA ALA I 303 10.29 -31.68 -39.06
C ALA I 303 9.73 -30.87 -37.90
N ALA I 304 10.59 -30.48 -36.97
CA ALA I 304 10.22 -29.61 -35.87
C ALA I 304 9.64 -28.31 -36.40
N LEU I 305 10.50 -27.49 -37.01
CA LEU I 305 10.12 -26.26 -37.71
C LEU I 305 8.85 -26.42 -38.55
N CYS I 306 8.57 -27.62 -39.02
CA CYS I 306 7.31 -27.92 -39.71
C CYS I 306 6.24 -28.41 -38.76
N ARG I 307 6.42 -28.14 -37.46
CA ARG I 307 5.42 -28.38 -36.41
C ARG I 307 5.07 -29.86 -36.26
N SER I 308 6.10 -30.70 -36.24
CA SER I 308 5.95 -32.09 -35.84
C SER I 308 6.17 -32.19 -34.33
N LYS I 309 5.47 -33.11 -33.69
CA LYS I 309 5.56 -33.24 -32.24
C LYS I 309 6.57 -34.28 -31.77
N ARG I 310 6.97 -35.22 -32.63
CA ARG I 310 7.96 -36.22 -32.22
C ARG I 310 9.39 -35.79 -32.50
N ALA I 311 9.63 -35.00 -33.56
CA ALA I 311 10.98 -34.56 -33.85
C ALA I 311 11.50 -33.58 -32.80
N LEU I 312 10.60 -32.95 -32.04
CA LEU I 312 11.03 -31.99 -31.02
C LEU I 312 11.84 -32.64 -29.91
N ASN I 313 11.66 -33.95 -29.69
CA ASN I 313 12.35 -34.69 -28.63
C ASN I 313 13.48 -35.55 -29.18
N ALA I 314 14.24 -35.00 -30.14
CA ALA I 314 15.31 -35.72 -30.83
C ALA I 314 16.66 -35.16 -30.38
N ARG I 315 17.34 -35.91 -29.50
CA ARG I 315 18.64 -35.51 -28.97
C ARG I 315 19.53 -34.91 -30.04
N GLN I 316 19.73 -33.60 -30.03
CA GLN I 316 20.60 -32.94 -31.00
C GLN I 316 22.03 -33.46 -30.90
N PRO I 317 22.58 -34.04 -31.97
CA PRO I 317 23.95 -34.58 -31.93
C PRO I 317 25.01 -33.49 -31.95
N ASP I 318 25.75 -33.36 -30.85
CA ASP I 318 26.90 -32.46 -30.80
C ASP I 318 27.94 -32.76 -31.88
N GLU I 319 28.94 -31.89 -31.99
CA GLU I 319 30.02 -32.00 -32.98
C GLU I 319 29.48 -32.11 -34.41
N ILE I 320 28.76 -31.07 -34.83
CA ILE I 320 28.29 -30.91 -36.20
C ILE I 320 28.23 -29.43 -36.52
N ASP I 321 27.95 -29.13 -37.78
CA ASP I 321 27.88 -27.77 -38.32
C ASP I 321 26.57 -27.09 -37.96
N SER I 322 25.99 -27.46 -36.81
CA SER I 322 24.68 -26.98 -36.34
C SER I 322 24.39 -25.54 -36.70
N MET I 323 25.39 -24.66 -36.67
CA MET I 323 25.16 -23.26 -37.04
C MET I 323 24.71 -23.14 -38.48
N SER I 324 25.28 -23.95 -39.37
CA SER I 324 24.93 -23.91 -40.78
C SER I 324 23.76 -24.83 -41.13
N ILE I 325 23.67 -25.99 -40.49
CA ILE I 325 22.58 -26.92 -40.78
C ILE I 325 21.24 -26.31 -40.38
N SER I 326 21.21 -25.57 -39.27
CA SER I 326 19.98 -24.92 -38.85
C SER I 326 19.55 -23.84 -39.83
N ASN I 327 20.51 -23.18 -40.49
CA ASN I 327 20.16 -22.15 -41.45
C ASN I 327 19.54 -22.76 -42.70
N ALA I 328 20.13 -23.85 -43.21
CA ALA I 328 19.55 -24.55 -44.35
C ALA I 328 18.21 -25.17 -43.99
N SER I 329 18.03 -25.58 -42.73
CA SER I 329 16.77 -26.16 -42.30
C SER I 329 15.67 -25.12 -42.25
N LEU I 330 15.98 -23.90 -41.78
CA LEU I 330 14.99 -22.83 -41.73
C LEU I 330 14.54 -22.44 -43.12
N LEU I 331 15.42 -22.56 -44.13
CA LEU I 331 15.02 -22.25 -45.49
C LEU I 331 13.93 -23.20 -45.97
N MET I 332 13.99 -24.46 -45.56
CA MET I 332 12.94 -25.41 -45.93
C MET I 332 11.64 -25.10 -45.21
N ALA I 333 11.71 -24.71 -43.93
CA ALA I 333 10.50 -24.43 -43.18
C ALA I 333 9.76 -23.22 -43.73
N TYR I 334 10.50 -22.17 -44.08
CA TYR I 334 9.84 -21.00 -44.67
C TYR I 334 9.47 -21.21 -46.13
N ALA I 335 9.97 -22.27 -46.77
CA ALA I 335 9.58 -22.50 -48.16
C ALA I 335 8.30 -23.35 -48.25
N LEU I 336 8.16 -24.33 -47.37
CA LEU I 336 6.92 -25.09 -47.34
C LEU I 336 5.74 -24.26 -46.84
N GLY I 337 6.02 -23.27 -45.99
CA GLY I 337 4.95 -22.42 -45.50
C GLY I 337 4.57 -21.30 -46.43
N SER I 338 5.51 -20.85 -47.27
CA SER I 338 5.25 -19.79 -48.24
C SER I 338 4.65 -20.30 -49.54
N SER I 339 4.58 -21.63 -49.73
CA SER I 339 3.97 -22.21 -50.92
C SER I 339 3.39 -23.57 -50.56
N PRO I 340 2.27 -23.59 -49.85
CA PRO I 340 1.70 -24.87 -49.38
C PRO I 340 1.21 -25.75 -50.50
N ASP I 341 1.21 -27.06 -50.25
CA ASP I 341 0.77 -28.07 -51.22
C ASP I 341 -0.75 -27.98 -51.42
N ILE I 342 -1.16 -27.04 -52.29
CA ILE I 342 -2.56 -26.73 -52.54
C ILE I 342 -2.78 -26.84 -54.05
N GLU I 343 -3.26 -28.00 -54.50
CA GLU I 343 -3.55 -28.23 -55.92
C GLU I 343 -4.97 -28.75 -56.06
N GLN I 344 -5.60 -28.43 -57.19
CA GLN I 344 -7.01 -28.73 -57.43
C GLN I 344 -7.33 -30.21 -57.26
N GLN I 345 -6.59 -31.08 -57.93
CA GLN I 345 -6.77 -32.53 -57.86
C GLN I 345 -8.16 -32.95 -58.34
N PHE I 346 -9.14 -33.01 -57.44
CA PHE I 346 -10.50 -33.37 -57.84
C PHE I 346 -11.12 -32.27 -58.70
N SER I 347 -12.26 -32.58 -59.31
CA SER I 347 -12.98 -31.62 -60.13
C SER I 347 -14.38 -32.15 -60.45
N THR I 348 -15.35 -31.23 -60.51
CA THR I 348 -16.69 -31.53 -60.98
C THR I 348 -16.89 -31.06 -62.42
N GLY I 349 -15.79 -30.73 -63.09
CA GLY I 349 -15.79 -30.13 -64.42
C GLY I 349 -15.18 -28.75 -64.45
N ASN I 350 -14.65 -28.27 -63.33
CA ASN I 350 -13.91 -27.01 -63.21
C ASN I 350 -12.45 -27.32 -62.88
N THR I 351 -11.59 -26.31 -62.99
CA THR I 351 -10.16 -26.57 -63.03
C THR I 351 -9.36 -25.42 -62.41
N TYR I 352 -8.07 -25.36 -62.78
CA TYR I 352 -6.96 -24.57 -62.26
C TYR I 352 -7.17 -23.06 -62.31
N ARG I 353 -6.18 -22.27 -61.87
CA ARG I 353 -6.28 -20.80 -61.88
C ARG I 353 -5.06 -20.16 -62.60
N LYS I 354 -5.12 -20.16 -63.94
CA LYS I 354 -4.23 -19.50 -64.92
C LYS I 354 -2.76 -19.37 -64.52
N PRO I 355 -2.00 -20.46 -64.38
CA PRO I 355 -0.59 -20.30 -64.00
C PRO I 355 0.26 -19.87 -65.19
N PRO I 356 0.92 -18.71 -65.09
CA PRO I 356 1.86 -18.31 -66.15
C PRO I 356 3.30 -18.66 -65.83
N LYS I 357 3.54 -19.02 -64.58
CA LYS I 357 4.86 -19.34 -64.04
C LYS I 357 5.84 -18.18 -64.26
N GLU I 358 5.58 -17.11 -63.52
CA GLU I 358 6.43 -15.92 -63.54
C GLU I 358 7.63 -16.14 -62.65
N ALA I 359 7.39 -16.64 -61.44
CA ALA I 359 8.44 -17.02 -60.49
C ALA I 359 9.12 -15.80 -59.85
N SER I 360 8.48 -14.62 -59.94
CA SER I 360 8.99 -13.44 -59.22
C SER I 360 7.98 -12.31 -59.06
N TYR I 361 7.61 -12.01 -57.81
CA TYR I 361 6.86 -10.83 -57.44
C TYR I 361 7.79 -9.86 -56.72
N LEU I 362 7.35 -8.62 -56.56
CA LEU I 362 8.19 -7.64 -55.87
C LEU I 362 7.82 -7.51 -54.40
N VAL I 363 7.36 -8.59 -53.77
CA VAL I 363 7.13 -8.56 -52.33
C VAL I 363 8.43 -8.88 -51.61
N SER I 364 8.97 -10.08 -51.83
CA SER I 364 10.35 -10.43 -51.51
C SER I 364 10.95 -11.31 -52.60
N GLU I 365 10.49 -11.17 -53.85
CA GLU I 365 10.69 -12.15 -54.90
C GLU I 365 10.57 -13.59 -54.40
N GLU I 366 9.65 -13.82 -53.47
CA GLU I 366 9.40 -15.15 -52.93
C GLU I 366 8.97 -16.11 -54.04
N PRO I 367 9.68 -17.22 -54.24
CA PRO I 367 9.23 -18.19 -55.26
C PRO I 367 7.87 -18.78 -54.88
N LYS I 368 7.05 -19.01 -55.90
CA LYS I 368 5.72 -19.55 -55.68
C LYS I 368 5.67 -21.07 -55.62
N ASN I 369 6.78 -21.75 -55.92
CA ASN I 369 6.85 -23.20 -55.93
C ASN I 369 7.87 -23.69 -54.91
N ARG I 370 8.02 -25.01 -54.82
CA ARG I 370 8.91 -25.64 -53.87
C ARG I 370 10.23 -26.10 -54.48
N SER I 371 10.53 -25.69 -55.71
CA SER I 371 11.79 -26.10 -56.33
C SER I 371 12.98 -25.55 -55.56
N VAL I 372 13.99 -26.39 -55.37
CA VAL I 372 15.17 -25.99 -54.61
C VAL I 372 15.92 -24.87 -55.30
N VAL I 373 15.91 -24.87 -56.65
CA VAL I 373 16.74 -23.92 -57.38
C VAL I 373 16.22 -22.50 -57.21
N GLU I 374 14.90 -22.32 -57.28
CA GLU I 374 14.33 -20.98 -57.13
C GLU I 374 14.50 -20.44 -55.71
N TRP I 375 14.51 -21.33 -54.71
CA TRP I 375 14.68 -20.88 -53.34
C TRP I 375 16.14 -20.60 -53.01
N ILE I 376 17.06 -21.39 -53.57
CA ILE I 376 18.47 -21.14 -53.31
C ILE I 376 18.89 -19.80 -53.92
N ALA I 377 18.41 -19.49 -55.12
CA ALA I 377 18.71 -18.20 -55.72
C ALA I 377 18.05 -17.06 -54.95
N TRP I 378 16.86 -17.29 -54.41
CA TRP I 378 16.19 -16.26 -53.61
C TRP I 378 16.92 -16.03 -52.30
N TYR I 379 17.41 -17.10 -51.67
CA TYR I 379 18.14 -16.92 -50.41
C TYR I 379 19.50 -16.28 -50.63
N SER I 380 20.08 -16.47 -51.82
CA SER I 380 21.34 -15.81 -52.15
C SER I 380 21.15 -14.32 -52.41
N ASP I 381 19.94 -13.90 -52.78
CA ASP I 381 19.68 -12.47 -52.98
C ASP I 381 19.70 -11.70 -51.67
N VAL I 382 19.49 -12.38 -50.54
CA VAL I 382 19.56 -11.75 -49.24
C VAL I 382 20.88 -12.09 -48.53
N ASP I 383 21.89 -12.49 -49.29
CA ASP I 383 23.23 -12.81 -48.78
C ASP I 383 23.21 -14.00 -47.82
N ASN I 384 22.28 -14.93 -48.05
CA ASN I 384 22.23 -16.21 -47.32
C ASN I 384 22.14 -16.01 -45.80
N LYS I 385 21.46 -14.95 -45.36
CA LYS I 385 21.17 -14.77 -43.95
C LYS I 385 19.66 -14.68 -43.77
N PRO I 386 19.10 -15.32 -42.75
CA PRO I 386 17.63 -15.37 -42.62
C PRO I 386 17.04 -13.97 -42.46
N THR I 387 15.91 -13.76 -43.12
CA THR I 387 15.21 -12.48 -43.11
C THR I 387 14.24 -12.36 -41.95
N ASP I 388 13.76 -11.15 -41.73
CA ASP I 388 12.54 -10.97 -40.96
C ASP I 388 11.41 -11.67 -41.71
N ASP I 389 10.40 -12.10 -40.94
CA ASP I 389 9.23 -12.86 -41.40
C ASP I 389 9.65 -14.32 -41.56
N MET I 390 10.94 -14.56 -41.79
CA MET I 390 11.45 -15.91 -41.75
C MET I 390 11.72 -16.32 -40.30
N LEU I 391 12.41 -15.45 -39.56
CA LEU I 391 12.60 -15.65 -38.13
C LEU I 391 11.29 -15.52 -37.37
N MET I 392 10.36 -14.71 -37.89
CA MET I 392 9.05 -14.58 -37.27
C MET I 392 8.29 -15.89 -37.32
N MET I 393 8.44 -16.66 -38.39
CA MET I 393 7.90 -18.01 -38.39
C MET I 393 8.62 -18.87 -37.36
N ALA I 394 9.91 -18.65 -37.17
CA ALA I 394 10.67 -19.43 -36.20
C ALA I 394 10.20 -19.13 -34.78
N LYS I 395 9.87 -17.88 -34.49
CA LYS I 395 9.29 -17.57 -33.18
C LYS I 395 7.91 -18.18 -33.03
N ARG I 396 7.16 -18.31 -34.14
CA ARG I 396 5.86 -18.98 -34.06
C ARG I 396 6.05 -20.46 -33.74
N VAL I 397 7.05 -21.10 -34.36
CA VAL I 397 7.38 -22.47 -34.02
C VAL I 397 7.96 -22.55 -32.62
N ALA I 398 8.68 -21.50 -32.20
CA ALA I 398 9.25 -21.49 -30.85
C ALA I 398 8.17 -21.42 -29.78
N GLY I 399 7.02 -20.81 -30.09
CA GLY I 399 5.97 -20.70 -29.10
C GLY I 399 5.21 -21.98 -28.86
N THR I 400 5.30 -22.93 -29.78
CA THR I 400 4.67 -24.24 -29.63
C THR I 400 5.52 -25.23 -28.85
N ILE I 401 6.77 -24.88 -28.54
CA ILE I 401 7.69 -25.80 -27.86
C ILE I 401 7.51 -25.59 -26.37
N SER I 402 6.42 -26.17 -25.85
CA SER I 402 6.08 -26.05 -24.42
C SER I 402 7.27 -26.25 -23.51
N GLY I 403 7.90 -27.43 -23.57
CA GLY I 403 9.05 -27.70 -22.74
C GLY I 403 10.05 -28.66 -23.35
N PRO I 404 11.20 -28.13 -23.73
CA PRO I 404 12.27 -28.95 -24.31
C PRO I 404 13.04 -29.77 -23.28
N ARG I 405 13.65 -30.84 -23.77
CA ARG I 405 14.73 -31.50 -23.05
C ARG I 405 15.97 -30.62 -23.10
N ASP I 406 16.89 -30.84 -22.13
CA ASP I 406 17.95 -29.88 -21.89
C ASP I 406 18.93 -29.75 -23.05
N ASN I 407 19.05 -30.77 -23.90
CA ASN I 407 19.89 -30.69 -25.09
C ASN I 407 19.13 -31.25 -26.30
N SER I 408 17.91 -30.76 -26.54
CA SER I 408 17.06 -31.32 -27.58
C SER I 408 16.83 -30.29 -28.68
N VAL I 409 16.19 -30.75 -29.77
CA VAL I 409 15.90 -29.88 -30.90
C VAL I 409 14.96 -28.76 -30.47
N GLY I 410 14.05 -29.03 -29.54
CA GLY I 410 13.16 -28.00 -29.07
C GLY I 410 13.86 -26.89 -28.30
N LYS I 411 14.87 -27.26 -27.51
CA LYS I 411 15.68 -26.24 -26.84
C LYS I 411 16.50 -25.44 -27.83
N TRP I 412 16.93 -26.06 -28.92
CA TRP I 412 17.71 -25.33 -29.92
C TRP I 412 16.86 -24.27 -30.60
N ILE I 413 15.64 -24.64 -31.00
CA ILE I 413 14.77 -23.66 -31.65
C ILE I 413 14.38 -22.55 -30.68
N LYS I 414 14.21 -22.86 -29.40
CA LYS I 414 13.84 -21.83 -28.45
C LYS I 414 15.02 -20.93 -28.10
N GLN I 415 16.21 -21.50 -27.94
CA GLN I 415 17.37 -20.71 -27.56
C GLN I 415 17.85 -19.84 -28.72
N THR I 416 17.94 -20.44 -29.91
CA THR I 416 18.42 -19.70 -31.08
C THR I 416 17.33 -18.83 -31.68
N TYR I 417 16.22 -19.44 -32.11
CA TYR I 417 15.13 -18.72 -32.76
C TYR I 417 14.07 -18.39 -31.72
N GLY I 418 14.18 -17.22 -31.10
CA GLY I 418 13.19 -16.81 -30.11
C GLY I 418 13.66 -15.74 -29.16
N SER J 2 31.51 70.46 25.34
CA SER J 2 30.10 70.27 25.05
C SER J 2 29.86 69.00 24.26
N VAL J 3 29.13 68.07 24.87
CA VAL J 3 28.77 66.78 24.30
C VAL J 3 27.50 66.93 23.48
N ILE J 4 27.33 66.06 22.49
CA ILE J 4 26.14 66.03 21.63
C ILE J 4 24.88 66.15 22.48
N ARG J 5 24.10 67.20 22.22
CA ARG J 5 22.91 67.52 22.99
C ARG J 5 21.70 66.78 22.42
N ILE J 6 20.77 66.45 23.31
CA ILE J 6 19.54 65.77 22.94
C ILE J 6 18.37 66.70 23.26
N LYS J 7 17.52 66.93 22.29
CA LYS J 7 16.35 67.78 22.41
C LYS J 7 15.10 66.97 22.11
N THR J 8 13.96 67.63 22.16
CA THR J 8 12.66 67.05 21.90
C THR J 8 11.87 68.16 21.22
N ASN J 9 10.56 68.21 21.37
CA ASN J 9 9.83 69.33 20.79
C ASN J 9 9.80 70.53 21.74
N ALA J 10 10.52 70.48 22.86
CA ALA J 10 10.64 71.66 23.70
C ALA J 10 11.98 71.85 24.37
N ALA J 11 12.67 70.78 24.76
CA ALA J 11 13.73 70.95 25.76
C ALA J 11 14.75 69.81 25.70
N VAL J 12 15.87 70.04 26.40
CA VAL J 12 17.00 69.11 26.46
C VAL J 12 16.69 67.95 27.41
N ALA J 13 17.39 66.83 27.21
CA ALA J 13 17.20 65.61 27.99
C ALA J 13 18.55 64.97 28.31
N ALA J 14 18.78 64.65 29.59
CA ALA J 14 20.01 64.00 30.02
C ALA J 14 20.15 62.60 29.43
N VAL J 15 21.39 62.22 29.11
CA VAL J 15 21.65 61.04 28.29
C VAL J 15 22.62 60.02 28.90
N LEU J 16 22.52 59.75 30.20
CA LEU J 16 23.50 58.85 30.81
C LEU J 16 22.84 57.68 31.52
N PRO J 17 23.24 56.43 31.20
CA PRO J 17 22.75 55.26 31.94
C PRO J 17 23.66 54.87 33.11
N ALA J 18 23.30 53.78 33.79
CA ALA J 18 24.13 53.26 34.87
C ALA J 18 25.49 52.81 34.35
N ASN J 19 26.49 52.89 35.21
CA ASN J 19 27.89 52.76 34.79
C ASN J 19 28.26 51.27 34.73
N GLU J 20 29.56 50.99 34.65
CA GLU J 20 30.09 49.63 34.58
C GLU J 20 31.50 49.62 35.16
N ASP J 21 32.05 48.42 35.34
CA ASP J 21 33.32 48.24 36.03
C ASP J 21 34.46 48.01 35.05
N GLN J 22 35.66 48.43 35.44
CA GLN J 22 36.86 48.28 34.64
C GLN J 22 37.70 47.10 35.15
N ALA J 23 38.92 46.98 34.61
CA ALA J 23 39.87 45.96 35.02
C ALA J 23 41.19 46.63 35.39
N ASP J 24 42.12 45.86 35.95
CA ASP J 24 43.44 46.34 36.32
C ASP J 24 44.50 45.76 35.38
N TYR J 25 45.76 46.09 35.63
CA TYR J 25 46.88 45.69 34.79
C TYR J 25 47.98 45.03 35.61
N PRO J 26 48.69 44.05 35.02
CA PRO J 26 49.83 43.45 35.73
C PRO J 26 50.93 44.43 36.12
N SER J 27 51.23 45.42 35.28
CA SER J 27 52.35 46.30 35.57
C SER J 27 52.05 47.23 36.75
N THR J 28 50.77 47.56 36.96
CA THR J 28 50.42 48.50 38.01
C THR J 28 50.69 47.95 39.40
N PHE J 29 50.64 46.62 39.58
CA PHE J 29 50.93 46.05 40.89
C PHE J 29 52.40 46.21 41.26
N PHE J 30 53.30 46.10 40.27
CA PHE J 30 54.74 46.23 40.49
C PHE J 30 55.22 47.66 40.27
N GLU J 31 54.30 48.63 40.24
CA GLU J 31 54.65 50.02 40.08
C GLU J 31 55.15 50.64 41.37
N GLY J 32 54.68 50.12 42.51
CA GLY J 32 55.13 50.49 43.84
C GLY J 32 56.38 49.78 44.30
N GLY J 33 56.84 48.78 43.55
CA GLY J 33 57.86 47.84 43.98
C GLY J 33 57.34 46.70 44.83
N ASN J 34 56.04 46.65 45.06
CA ASN J 34 55.35 45.56 45.77
C ASN J 34 55.83 44.18 45.34
N GLU J 35 56.08 43.33 46.34
CA GLU J 35 56.50 41.94 46.18
C GLU J 35 55.30 41.02 46.41
N ILE J 36 55.32 39.87 45.72
CA ILE J 36 54.14 39.00 45.64
C ILE J 36 53.72 38.42 47.00
N ARG J 37 54.67 38.18 47.92
CA ARG J 37 54.32 37.70 49.27
C ARG J 37 53.51 36.40 49.33
N LEU J 38 54.20 35.26 49.34
CA LEU J 38 53.53 33.97 49.29
C LEU J 38 52.77 33.60 50.57
N TYR J 39 53.23 34.04 51.74
CA TYR J 39 52.60 33.69 53.02
C TYR J 39 52.38 32.18 53.15
N VAL J 40 53.46 31.44 53.40
CA VAL J 40 53.33 29.99 53.55
C VAL J 40 53.81 29.57 54.93
N ASN J 41 53.13 28.55 55.48
CA ASN J 41 53.44 27.97 56.79
C ASN J 41 54.61 27.00 56.70
N ARG J 42 55.75 27.40 57.24
CA ARG J 42 56.89 26.50 57.38
C ARG J 42 57.33 26.50 58.84
N GLY J 43 57.63 25.32 59.36
CA GLY J 43 58.16 25.23 60.71
C GLY J 43 58.07 23.82 61.25
N GLU J 44 57.11 23.09 60.72
CA GLU J 44 56.96 21.67 60.99
C GLU J 44 57.90 20.88 60.09
N LYS J 45 58.27 19.69 60.57
CA LYS J 45 59.24 18.90 59.83
C LYS J 45 58.63 18.40 58.52
N LEU J 46 59.50 18.16 57.54
CA LEU J 46 59.02 17.73 56.24
C LEU J 46 58.34 16.39 56.33
N ASP J 47 58.98 15.42 56.98
CA ASP J 47 58.43 14.07 57.00
C ASP J 47 57.12 13.99 57.77
N VAL J 48 56.98 14.77 58.85
CA VAL J 48 55.73 14.74 59.60
C VAL J 48 54.61 15.34 58.77
N LEU J 49 54.92 16.32 57.91
CA LEU J 49 53.89 16.88 57.04
C LEU J 49 53.46 15.88 55.98
N ARG J 50 54.39 15.04 55.54
CA ARG J 50 54.07 14.04 54.52
C ARG J 50 53.04 13.04 55.03
N GLN J 51 53.07 12.72 56.32
CA GLN J 51 52.01 11.89 56.88
C GLN J 51 50.77 12.70 57.20
N TYR J 52 50.93 14.00 57.47
CA TYR J 52 49.77 14.86 57.66
C TYR J 52 48.91 14.92 56.41
N VAL J 53 49.54 14.85 55.24
CA VAL J 53 48.79 14.90 53.99
C VAL J 53 48.23 13.54 53.63
N TYR J 54 49.02 12.47 53.80
CA TYR J 54 48.57 11.14 53.41
C TYR J 54 47.42 10.63 54.28
N MET J 55 47.39 11.01 55.55
CA MET J 55 46.27 10.67 56.42
C MET J 55 45.16 11.71 56.36
N GLY J 56 45.21 12.60 55.38
CA GLY J 56 44.10 13.47 55.07
C GLY J 56 43.61 13.12 53.68
N LEU J 57 44.53 12.61 52.85
CA LEU J 57 44.17 12.17 51.51
C LEU J 57 43.35 10.87 51.55
N VAL J 58 43.67 9.97 52.48
CA VAL J 58 42.93 8.72 52.58
C VAL J 58 41.50 8.98 53.04
N GLU J 59 41.30 10.02 53.83
CA GLU J 59 39.99 10.44 54.29
C GLU J 59 39.39 11.48 53.35
N LYS J 60 38.10 11.35 53.10
CA LYS J 60 37.39 12.37 52.33
C LYS J 60 37.58 13.79 52.89
N ASN J 61 38.34 13.99 53.97
CA ASN J 61 38.58 15.29 54.58
C ASN J 61 40.08 15.57 54.48
N CYS J 62 40.49 16.13 53.34
CA CYS J 62 41.88 16.48 53.05
C CYS J 62 42.03 18.00 53.12
N ARG J 63 42.17 18.53 54.32
CA ARG J 63 42.36 19.97 54.52
C ARG J 63 43.42 20.52 53.56
N ILE J 64 43.43 21.84 53.38
CA ILE J 64 44.30 22.47 52.38
C ILE J 64 45.55 23.06 53.01
N GLN J 65 45.52 23.41 54.29
CA GLN J 65 46.71 23.95 54.95
C GLN J 65 47.85 22.94 54.98
N HIS J 66 47.53 21.65 55.00
CA HIS J 66 48.57 20.63 54.92
C HIS J 66 49.24 20.62 53.54
N VAL J 67 48.43 20.70 52.49
CA VAL J 67 48.97 20.62 51.13
C VAL J 67 49.88 21.79 50.83
N ASN J 68 49.57 22.98 51.36
CA ASN J 68 50.45 24.13 51.13
C ASN J 68 51.77 23.98 51.88
N ALA J 69 51.72 23.56 53.14
CA ALA J 69 52.95 23.37 53.90
C ALA J 69 53.80 22.24 53.35
N TYR J 70 53.17 21.20 52.81
CA TYR J 70 53.94 20.08 52.27
C TYR J 70 54.58 20.44 50.94
N LEU J 71 53.82 21.08 50.04
CA LEU J 71 54.35 21.41 48.74
C LEU J 71 55.50 22.41 48.84
N TYR J 72 55.46 23.28 49.85
CA TYR J 72 56.59 24.15 50.11
C TYR J 72 57.79 23.37 50.62
N ALA J 73 57.58 22.21 51.25
CA ALA J 73 58.71 21.50 51.83
C ALA J 73 59.47 20.71 50.77
N VAL J 74 58.76 19.96 49.92
CA VAL J 74 59.44 19.15 48.92
C VAL J 74 60.00 20.01 47.80
N LEU J 75 59.33 21.10 47.44
CA LEU J 75 59.70 21.87 46.27
C LEU J 75 60.55 23.10 46.59
N LYS J 76 61.00 23.26 47.83
CA LYS J 76 61.86 24.38 48.19
C LYS J 76 63.26 23.78 48.30
N GLY J 77 64.16 24.23 47.43
CA GLY J 77 65.50 23.67 47.40
C GLY J 77 65.80 22.79 46.21
N GLU J 78 64.88 22.69 45.24
CA GLU J 78 65.15 21.83 44.10
C GLU J 78 66.25 22.46 43.24
N ARG J 79 66.14 23.77 42.99
CA ARG J 79 67.10 24.63 42.30
C ARG J 79 67.62 24.10 40.96
N GLU J 80 67.94 25.02 40.05
CA GLU J 80 68.38 24.64 38.71
C GLU J 80 69.27 25.73 38.17
N LEU J 81 70.10 25.36 37.20
CA LEU J 81 71.18 26.22 36.70
C LEU J 81 70.63 27.25 35.71
N LEU J 82 70.62 28.52 36.11
CA LEU J 82 70.28 29.61 35.20
C LEU J 82 71.39 29.79 34.18
N GLU J 83 71.09 29.53 32.91
CA GLU J 83 72.06 29.73 31.83
C GLU J 83 72.00 31.13 31.24
N ALA J 84 71.20 32.01 31.84
CA ALA J 84 70.91 33.35 31.32
C ALA J 84 70.02 34.10 32.30
N ASP J 85 70.32 35.39 32.52
CA ASP J 85 69.54 36.24 33.40
C ASP J 85 68.04 36.08 33.20
N TRP J 86 67.25 36.21 34.27
CA TRP J 86 65.82 35.96 34.25
C TRP J 86 65.17 37.12 34.99
N ASP J 87 64.72 38.14 34.25
CA ASP J 87 64.27 39.41 34.83
C ASP J 87 63.02 39.91 34.13
N SER J 88 61.89 39.91 34.83
CA SER J 88 60.69 40.57 34.33
C SER J 88 60.25 41.69 35.27
N PHE J 89 59.50 42.64 34.70
CA PHE J 89 58.92 43.78 35.41
C PHE J 89 59.82 44.47 36.43
N GLY J 90 61.12 44.52 36.20
CA GLY J 90 62.03 45.26 37.06
C GLY J 90 62.44 44.54 38.33
N HIS J 91 61.70 43.50 38.72
CA HIS J 91 61.98 42.73 39.93
C HIS J 91 62.93 41.61 39.54
N LYS J 92 64.22 41.77 39.86
CA LYS J 92 65.19 40.77 39.50
C LYS J 92 64.91 39.47 40.24
N ILE J 93 64.98 38.36 39.50
CA ILE J 93 64.72 37.03 40.04
C ILE J 93 66.00 36.23 40.19
N GLY J 94 66.79 36.13 39.12
CA GLY J 94 68.03 35.38 39.18
C GLY J 94 69.11 35.80 38.21
N ILE J 95 70.35 35.78 38.69
CA ILE J 95 71.52 36.09 37.88
C ILE J 95 72.00 34.83 37.16
N GLN J 96 72.73 35.03 36.06
CA GLN J 96 73.20 33.91 35.26
C GLN J 96 74.15 33.03 36.07
N GLY J 97 74.03 31.71 35.87
CA GLY J 97 74.95 30.77 36.47
C GLY J 97 74.65 30.38 37.90
N ASP J 98 73.60 30.94 38.50
CA ASP J 98 73.25 30.64 39.88
C ASP J 98 72.21 29.54 39.93
N LYS J 99 72.22 28.78 41.03
CA LYS J 99 71.10 27.91 41.36
C LYS J 99 69.96 28.78 41.89
N ILE J 100 68.78 28.65 41.29
CA ILE J 100 67.71 29.59 41.57
C ILE J 100 66.73 29.08 42.64
N GLY J 101 65.83 28.19 42.26
CA GLY J 101 64.84 27.67 43.18
C GLY J 101 63.44 27.88 42.63
N PRO J 102 62.48 27.11 43.11
CA PRO J 102 61.09 27.33 42.66
C PRO J 102 60.35 28.38 43.48
N PHE J 103 60.86 28.73 44.65
CA PHE J 103 60.15 29.63 45.56
C PHE J 103 60.84 30.97 45.78
N ASN J 104 61.98 31.23 45.16
CA ASN J 104 62.63 32.52 45.34
C ASN J 104 62.05 33.60 44.44
N LEU J 105 61.06 33.27 43.61
CA LEU J 105 60.38 34.26 42.80
C LEU J 105 59.49 35.15 43.66
N VAL J 106 59.28 34.78 44.92
CA VAL J 106 58.37 35.47 45.82
C VAL J 106 58.96 35.39 47.22
N ARG J 107 58.75 36.45 48.00
CA ARG J 107 59.17 36.44 49.40
C ARG J 107 58.37 35.39 50.16
N VAL J 108 59.05 34.71 51.09
CA VAL J 108 58.41 33.58 51.76
C VAL J 108 57.43 34.07 52.83
N GLU J 109 57.78 35.12 53.58
CA GLU J 109 56.84 35.79 54.46
C GLU J 109 56.03 34.84 55.33
N ASP J 110 56.64 34.34 56.40
CA ASP J 110 56.03 33.30 57.21
C ASP J 110 54.64 33.72 57.67
N ILE J 111 53.73 32.74 57.65
CA ILE J 111 52.31 32.91 57.91
C ILE J 111 52.10 33.30 59.37
N PRO J 112 51.07 34.06 59.69
CA PRO J 112 50.65 34.15 61.09
C PRO J 112 50.24 32.78 61.62
N ASP J 113 50.52 32.55 62.89
CA ASP J 113 50.47 31.19 63.45
C ASP J 113 49.13 30.52 63.19
N GLY J 114 49.14 29.55 62.27
CA GLY J 114 47.97 28.81 61.82
C GLY J 114 48.27 27.34 61.64
N LEU J 115 49.13 26.77 62.49
CA LEU J 115 49.66 25.44 62.26
C LEU J 115 48.54 24.40 62.22
N PRO J 116 48.50 23.53 61.20
CA PRO J 116 47.39 22.56 61.09
C PRO J 116 47.41 21.57 62.25
N ASP J 117 46.22 21.17 62.67
CA ASP J 117 46.05 20.21 63.75
C ASP J 117 45.83 18.78 63.24
N GLY J 118 46.38 17.82 63.98
CA GLY J 118 45.99 16.43 63.83
C GLY J 118 46.70 15.65 62.74
N LYS J 119 45.98 14.66 62.21
CA LYS J 119 46.40 13.79 61.09
C LYS J 119 47.74 13.11 61.36
N LEU J 120 47.70 12.11 62.25
CA LEU J 120 48.89 11.37 62.68
C LEU J 120 49.46 10.50 61.55
N ASN J 121 50.62 9.91 61.84
CA ASN J 121 51.46 9.20 60.86
C ASN J 121 50.77 7.98 60.26
N ALA J 122 50.95 7.80 58.93
CA ALA J 122 50.49 6.60 58.25
C ALA J 122 51.58 5.53 58.25
N GLU J 123 51.40 4.47 57.44
CA GLU J 123 52.40 3.40 57.34
C GLU J 123 53.52 3.74 56.36
N VAL J 124 53.19 3.80 55.06
CA VAL J 124 54.18 3.94 54.00
C VAL J 124 54.50 5.42 53.82
N SER J 125 55.80 5.73 53.81
CA SER J 125 56.27 7.11 53.89
C SER J 125 57.50 7.35 53.01
N ALA J 126 58.40 8.20 53.50
CA ALA J 126 59.20 9.19 52.78
C ALA J 126 59.66 8.87 51.36
N GLU J 127 59.56 7.64 50.87
CA GLU J 127 59.96 7.43 49.50
C GLU J 127 58.84 7.58 48.48
N ASP J 128 57.58 7.69 48.92
CA ASP J 128 56.46 7.80 47.99
C ASP J 128 56.12 9.25 47.67
N ASP J 129 57.03 10.19 47.93
CA ASP J 129 56.87 11.59 47.55
C ASP J 129 57.16 11.84 46.08
N ALA J 130 57.57 10.81 45.33
CA ALA J 130 57.79 10.96 43.90
C ALA J 130 56.53 11.34 43.15
N TRP J 131 55.35 11.01 43.69
CA TRP J 131 54.09 11.29 43.03
C TRP J 131 53.26 12.36 43.73
N LEU J 132 53.39 12.50 45.05
CA LEU J 132 52.50 13.38 45.80
C LEU J 132 52.50 14.81 45.31
N PRO J 133 53.64 15.49 45.09
CA PRO J 133 53.55 16.81 44.45
C PRO J 133 52.89 16.78 43.09
N LEU J 134 53.09 15.72 42.30
CA LEU J 134 52.40 15.62 41.02
C LEU J 134 50.90 15.44 41.23
N PHE J 135 50.52 14.76 42.32
CA PHE J 135 49.11 14.55 42.61
C PHE J 135 48.46 15.83 43.10
N LEU J 136 49.09 16.50 44.07
CA LEU J 136 48.49 17.70 44.64
C LEU J 136 48.45 18.83 43.62
N LEU J 137 49.49 18.97 42.79
CA LEU J 137 49.44 19.93 41.70
C LEU J 137 48.49 19.48 40.59
N GLY J 138 48.32 18.17 40.40
CA GLY J 138 47.45 17.68 39.36
C GLY J 138 45.98 17.82 39.67
N LEU J 139 45.61 17.90 40.95
CA LEU J 139 44.21 18.07 41.31
C LEU J 139 43.69 19.47 40.99
N TYR J 140 44.58 20.45 40.84
CA TYR J 140 44.14 21.78 40.43
C TYR J 140 43.54 21.74 39.03
N ARG J 141 44.12 20.94 38.14
CA ARG J 141 43.53 20.77 36.81
C ARG J 141 42.21 20.01 36.87
N VAL J 142 42.12 19.02 37.77
CA VAL J 142 40.89 18.23 37.87
C VAL J 142 39.76 18.95 38.60
N GLY J 143 40.05 20.07 39.28
CA GLY J 143 38.96 20.82 39.88
C GLY J 143 38.01 21.41 38.86
N ARG J 144 38.52 21.76 37.69
CA ARG J 144 37.75 22.41 36.65
C ARG J 144 36.97 21.38 35.82
N ALA J 145 35.90 21.88 35.18
CA ALA J 145 35.01 21.10 34.33
C ALA J 145 34.16 20.12 35.13
N SER J 146 32.90 19.98 34.75
CA SER J 146 31.97 19.07 35.39
C SER J 146 31.53 17.92 34.48
N GLU J 147 31.92 17.95 33.20
CA GLU J 147 31.50 16.94 32.24
C GLU J 147 32.43 15.74 32.32
N THR J 148 32.39 14.88 31.30
CA THR J 148 33.22 13.68 31.32
C THR J 148 34.71 14.00 31.37
N ALA J 149 35.10 15.24 31.06
CA ALA J 149 36.50 15.64 31.25
C ALA J 149 36.90 15.57 32.71
N TYR J 150 35.94 15.70 33.64
CA TYR J 150 36.23 15.44 35.04
C TYR J 150 36.68 14.00 35.25
N ARG J 151 36.15 13.07 34.45
CA ARG J 151 36.58 11.68 34.50
C ARG J 151 37.88 11.48 33.72
N THR J 152 38.01 12.15 32.58
CA THR J 152 39.20 11.99 31.76
C THR J 152 40.46 12.49 32.45
N LEU J 153 40.34 13.55 33.25
CA LEU J 153 41.52 14.12 33.89
C LEU J 153 42.09 13.19 34.95
N LEU J 154 41.22 12.53 35.72
CA LEU J 154 41.71 11.56 36.68
C LEU J 154 42.35 10.36 35.99
N MET J 155 41.82 9.96 34.83
CA MET J 155 42.42 8.85 34.11
C MET J 155 43.82 9.21 33.61
N GLU J 156 44.00 10.45 33.15
CA GLU J 156 45.35 10.90 32.81
C GLU J 156 46.23 11.05 34.04
N SER J 157 45.64 11.46 35.16
CA SER J 157 46.44 11.62 36.38
C SER J 157 46.83 10.29 36.98
N LEU J 158 45.92 9.30 36.97
CA LEU J 158 46.25 8.01 37.58
C LEU J 158 47.32 7.26 36.79
N ILE J 159 47.24 7.28 35.46
CA ILE J 159 48.26 6.60 34.67
C ILE J 159 49.62 7.27 34.80
N LYS J 160 49.65 8.60 34.95
CA LYS J 160 50.93 9.28 35.04
C LYS J 160 51.66 8.96 36.34
N GLN J 161 50.93 8.64 37.40
CA GLN J 161 51.55 8.34 38.68
C GLN J 161 51.57 6.85 39.02
N CYS J 162 50.64 6.06 38.49
CA CYS J 162 50.79 4.61 38.60
C CYS J 162 52.01 4.13 37.82
N LYS J 163 52.34 4.82 36.73
CA LYS J 163 53.59 4.59 36.03
C LYS J 163 54.78 5.22 36.76
N ALA J 164 54.53 6.12 37.71
CA ALA J 164 55.64 6.84 38.31
C ALA J 164 56.33 6.04 39.41
N ILE J 165 55.57 5.32 40.24
CA ILE J 165 56.23 4.70 41.39
C ILE J 165 56.50 3.21 41.21
N LYS J 166 55.49 2.37 41.37
CA LYS J 166 55.60 0.92 41.13
C LYS J 166 54.31 0.43 40.49
N SER J 167 54.14 -0.90 40.48
CA SER J 167 52.87 -1.49 40.08
C SER J 167 51.76 -1.14 41.09
N ASP J 168 52.05 -1.22 42.38
CA ASP J 168 51.02 -0.96 43.38
C ASP J 168 50.71 0.53 43.44
N TRP J 169 49.43 0.87 43.49
CA TRP J 169 49.03 2.27 43.60
C TRP J 169 47.58 2.33 44.06
N VAL J 170 47.35 2.75 45.31
CA VAL J 170 46.01 3.06 45.75
C VAL J 170 45.54 4.37 45.10
N SER J 171 44.23 4.47 44.88
CA SER J 171 43.71 5.67 44.27
C SER J 171 42.85 6.38 45.30
N PRO J 172 43.45 7.21 46.16
CA PRO J 172 42.65 7.94 47.16
C PRO J 172 41.61 8.85 46.55
N VAL J 173 41.88 9.41 45.36
CA VAL J 173 40.95 10.38 44.78
C VAL J 173 39.60 9.73 44.51
N THR J 174 38.55 10.46 44.86
CA THR J 174 37.19 10.04 44.56
C THR J 174 36.91 10.16 43.06
N ALA J 175 36.01 9.30 42.58
CA ALA J 175 35.69 9.30 41.16
C ALA J 175 35.00 10.60 40.75
N THR J 176 34.03 11.07 41.54
CA THR J 176 33.27 12.25 41.16
C THR J 176 33.00 13.24 42.28
N HIS J 177 33.28 12.92 43.54
CA HIS J 177 33.01 13.85 44.62
C HIS J 177 33.92 15.08 44.49
N LYS J 178 33.39 16.24 44.86
CA LYS J 178 34.05 17.51 44.58
C LYS J 178 34.47 18.24 45.87
N TYR J 179 34.97 17.50 46.86
CA TYR J 179 35.40 18.14 48.10
C TYR J 179 36.76 18.83 47.96
N PHE J 180 37.55 18.49 46.94
CA PHE J 180 38.84 19.12 46.71
C PHE J 180 38.78 20.30 45.76
N ASP J 181 37.59 20.66 45.26
CA ASP J 181 37.44 21.89 44.49
C ASP J 181 37.71 23.13 45.35
N VAL J 182 37.66 22.99 46.67
CA VAL J 182 37.95 24.11 47.56
C VAL J 182 39.37 24.63 47.35
N TRP J 183 40.27 23.77 46.86
CA TRP J 183 41.68 24.13 46.79
C TRP J 183 41.93 25.32 45.87
N GLY J 184 41.06 25.51 44.87
CA GLY J 184 41.26 26.62 43.96
C GLY J 184 40.92 27.98 44.50
N ASN J 185 40.19 28.05 45.62
CA ASN J 185 39.88 29.34 46.24
C ASN J 185 40.97 29.83 47.18
N ASP J 186 41.88 28.96 47.61
CA ASP J 186 42.97 29.37 48.50
C ASP J 186 44.03 30.09 47.68
N GLY J 187 44.37 31.31 48.08
CA GLY J 187 45.33 32.09 47.32
C GLY J 187 46.75 31.58 47.40
N ASN J 188 47.13 31.00 48.55
CA ASN J 188 48.48 30.48 48.69
C ASN J 188 48.69 29.23 47.83
N TYR J 189 47.68 28.36 47.76
CA TYR J 189 47.82 27.18 46.90
C TYR J 189 47.92 27.57 45.44
N LEU J 190 47.21 28.63 45.04
CA LEU J 190 47.33 29.13 43.67
C LEU J 190 48.72 29.72 43.42
N LYS J 191 49.34 30.30 44.45
CA LYS J 191 50.65 30.91 44.26
C LYS J 191 51.74 29.85 44.12
N ILE J 192 51.71 28.81 44.96
CA ILE J 192 52.74 27.77 44.88
C ILE J 192 52.58 26.97 43.59
N VAL J 193 51.34 26.72 43.16
CA VAL J 193 51.16 26.00 41.90
C VAL J 193 51.60 26.87 40.73
N ALA J 194 51.44 28.19 40.83
CA ALA J 194 51.92 29.07 39.78
C ALA J 194 53.44 29.16 39.77
N CYS J 195 54.06 29.09 40.95
CA CYS J 195 55.52 29.10 41.00
C CYS J 195 56.10 27.85 40.37
N VAL J 196 55.41 26.71 40.50
CA VAL J 196 55.91 25.47 39.90
C VAL J 196 55.87 25.56 38.38
N ASP J 197 54.84 26.20 37.83
CA ASP J 197 54.74 26.26 36.38
C ASP J 197 55.70 27.29 35.80
N MET J 198 55.78 28.48 36.41
CA MET J 198 56.70 29.49 35.91
C MET J 198 58.14 29.03 36.06
N PHE J 199 58.43 28.24 37.10
CA PHE J 199 59.77 27.70 37.27
C PHE J 199 60.09 26.67 36.20
N TYR J 200 59.20 25.71 35.99
CA TYR J 200 59.49 24.64 35.04
C TYR J 200 59.15 25.01 33.60
N ASN J 201 58.46 26.13 33.36
CA ASN J 201 58.34 26.62 31.99
C ASN J 201 59.68 27.08 31.45
N HIS J 202 60.56 27.60 32.31
CA HIS J 202 61.90 27.97 31.89
C HIS J 202 62.84 26.77 31.85
N PHE J 203 62.80 25.91 32.88
CA PHE J 203 63.64 24.72 32.92
C PHE J 203 62.83 23.51 32.48
N LYS J 204 62.46 23.51 31.20
CA LYS J 204 61.72 22.40 30.63
C LYS J 204 62.56 21.13 30.58
N LYS J 205 63.88 21.26 30.58
CA LYS J 205 64.77 20.11 30.51
C LYS J 205 64.93 19.41 31.86
N SER J 206 64.41 20.01 32.94
CA SER J 206 64.54 19.42 34.26
C SER J 206 63.69 18.15 34.37
N ILE J 207 64.18 17.20 35.19
CA ILE J 207 63.48 15.94 35.35
C ILE J 207 62.12 16.13 36.00
N LYS J 208 61.97 17.15 36.84
CA LYS J 208 60.74 17.42 37.56
C LYS J 208 59.73 18.22 36.74
N ALA J 209 59.99 18.40 35.44
CA ALA J 209 59.04 19.09 34.58
C ALA J 209 57.74 18.30 34.40
N THR J 210 57.72 17.03 34.80
CA THR J 210 56.49 16.25 34.79
C THR J 210 55.46 16.85 35.74
N PHE J 211 55.91 17.65 36.71
CA PHE J 211 54.99 18.38 37.58
C PHE J 211 54.14 19.37 36.81
N ARG J 212 54.57 19.74 35.59
CA ARG J 212 53.82 20.72 34.81
C ARG J 212 52.41 20.24 34.51
N TRP J 213 52.20 18.92 34.49
CA TRP J 213 50.83 18.41 34.37
C TRP J 213 50.02 18.87 35.57
N GLY J 214 48.84 19.40 35.31
CA GLY J 214 47.96 19.92 36.34
C GLY J 214 48.19 21.38 36.68
N THR J 215 49.35 21.96 36.33
CA THR J 215 49.59 23.38 36.51
C THR J 215 49.69 24.16 35.22
N ILE J 216 49.68 23.50 34.05
CA ILE J 216 49.70 24.23 32.78
C ILE J 216 48.42 25.04 32.63
N VAL J 217 47.34 24.64 33.30
CA VAL J 217 46.10 25.39 33.24
C VAL J 217 46.30 26.79 33.84
N SER J 218 47.28 26.94 34.74
CA SER J 218 47.57 28.24 35.31
C SER J 218 48.17 29.20 34.28
N ARG J 219 48.81 28.69 33.23
CA ARG J 219 49.40 29.56 32.23
C ARG J 219 48.32 30.30 31.45
N PHE J 220 48.61 31.55 31.11
CA PHE J 220 47.71 32.45 30.39
C PHE J 220 46.25 32.22 30.73
N LYS J 221 45.94 32.11 32.02
CA LYS J 221 44.56 31.93 32.42
C LYS J 221 43.81 33.23 32.22
N ASP J 222 42.48 33.13 32.06
CA ASP J 222 41.63 34.26 31.72
C ASP J 222 42.32 35.23 30.76
N CYS J 223 43.02 34.70 29.75
CA CYS J 223 43.65 35.49 28.70
C CYS J 223 43.28 34.95 27.34
N ALA J 224 42.02 34.52 27.18
CA ALA J 224 41.60 33.92 25.92
C ALA J 224 41.55 34.93 24.80
N ALA J 225 41.42 36.22 25.10
CA ALA J 225 41.39 37.23 24.04
C ALA J 225 42.70 37.28 23.27
N LEU J 226 43.83 37.02 23.95
CA LEU J 226 45.09 36.87 23.22
C LEU J 226 45.10 35.56 22.44
N ALA J 227 44.55 34.49 23.02
CA ALA J 227 44.46 33.24 22.29
C ALA J 227 43.55 33.39 21.08
N THR J 228 42.50 34.22 21.20
CA THR J 228 41.66 34.50 20.03
C THR J 228 42.43 35.32 19.00
N LEU J 229 43.19 36.32 19.45
CA LEU J 229 43.98 37.12 18.51
C LEU J 229 45.09 36.30 17.90
N GLY J 230 45.70 35.41 18.69
CA GLY J 230 46.71 34.53 18.14
C GLY J 230 46.13 33.46 17.25
N HIS J 231 44.92 33.01 17.55
CA HIS J 231 44.28 32.01 16.71
C HIS J 231 43.99 32.57 15.32
N VAL J 232 43.61 33.84 15.24
CA VAL J 232 43.28 34.46 13.96
C VAL J 232 44.53 34.58 13.08
N VAL J 233 45.71 34.80 13.68
CA VAL J 233 46.90 34.99 12.88
C VAL J 233 47.28 33.72 12.13
N LYS J 234 47.11 32.56 12.76
CA LYS J 234 47.47 31.32 12.08
C LYS J 234 46.41 30.85 11.10
N ILE J 235 45.13 31.03 11.43
CA ILE J 235 44.07 30.46 10.60
C ILE J 235 43.83 31.31 9.35
N THR J 236 43.85 32.64 9.51
CA THR J 236 43.64 33.52 8.37
C THR J 236 44.86 33.62 7.46
N GLY J 237 46.06 33.50 8.03
CA GLY J 237 47.31 33.57 7.30
C GLY J 237 47.86 34.96 7.01
N LEU J 238 47.13 36.03 7.32
CA LEU J 238 47.70 37.36 7.16
C LEU J 238 48.57 37.70 8.38
N THR J 239 49.51 38.63 8.17
CA THR J 239 50.40 39.05 9.24
C THR J 239 49.64 39.77 10.35
N ILE J 240 50.21 39.73 11.55
CA ILE J 240 49.56 40.28 12.75
C ILE J 240 49.27 41.76 12.60
N GLU J 241 50.15 42.51 11.93
CA GLU J 241 49.85 43.91 11.68
C GLU J 241 48.71 44.06 10.69
N GLU J 242 48.68 43.21 9.66
CA GLU J 242 47.62 43.26 8.66
C GLU J 242 46.28 42.86 9.26
N VAL J 243 46.27 42.02 10.30
CA VAL J 243 45.02 41.62 10.92
C VAL J 243 44.33 42.83 11.54
N PHE J 244 45.12 43.76 12.08
CA PHE J 244 44.54 44.96 12.69
C PHE J 244 43.85 45.83 11.67
N THR J 245 44.36 45.88 10.43
CA THR J 245 43.75 46.71 9.40
C THR J 245 42.35 46.23 9.03
N TRP J 246 42.05 44.97 9.24
CA TRP J 246 40.75 44.40 8.89
C TRP J 246 39.70 44.64 9.97
N VAL J 247 40.05 45.31 11.06
CA VAL J 247 39.15 45.54 12.18
C VAL J 247 38.14 46.62 11.77
N LEU J 248 37.06 46.20 11.11
CA LEU J 248 36.04 47.09 10.58
C LEU J 248 35.12 47.71 11.62
N GLN J 249 35.12 47.25 12.87
CA GLN J 249 34.25 47.83 13.90
C GLN J 249 35.04 48.71 14.86
N THR J 250 34.42 49.84 15.24
CA THR J 250 35.05 50.76 16.18
C THR J 250 35.19 50.17 17.58
N GLU J 251 34.29 49.26 17.98
CA GLU J 251 34.40 48.72 19.34
C GLU J 251 35.48 47.65 19.46
N VAL J 252 35.61 46.79 18.45
CA VAL J 252 36.68 45.80 18.50
C VAL J 252 38.05 46.45 18.43
N ALA J 253 38.16 47.59 17.72
CA ALA J 253 39.42 48.32 17.68
C ALA J 253 39.79 48.90 19.04
N ASP J 254 38.82 49.44 19.76
CA ASP J 254 39.11 50.04 21.06
C ASP J 254 39.57 49.02 22.09
N GLU J 255 39.10 47.77 21.97
CA GLU J 255 39.52 46.74 22.91
C GLU J 255 40.92 46.22 22.61
N LEU J 256 41.29 46.14 21.33
CA LEU J 256 42.63 45.69 21.00
C LEU J 256 43.69 46.66 21.50
N VAL J 257 43.37 47.96 21.51
CA VAL J 257 44.33 48.90 22.07
C VAL J 257 44.48 48.67 23.58
N LYS J 258 43.41 48.27 24.25
CA LYS J 258 43.51 48.00 25.68
C LYS J 258 44.29 46.72 25.95
N MET J 259 44.32 45.79 24.98
CA MET J 259 45.13 44.60 25.09
C MET J 259 46.59 44.83 24.72
N MET J 260 46.90 45.94 24.05
CA MET J 260 48.24 46.21 23.53
C MET J 260 49.02 47.22 24.37
N LYS J 261 48.41 47.76 25.43
CA LYS J 261 49.06 48.62 26.42
C LYS J 261 50.51 48.18 26.58
N PRO J 262 51.49 49.03 26.26
CA PRO J 262 52.87 48.57 26.07
C PRO J 262 53.49 47.84 27.25
N GLY J 263 53.69 48.53 28.37
CA GLY J 263 54.46 47.96 29.46
C GLY J 263 53.84 46.80 30.21
N GLN J 264 53.26 45.84 29.49
CA GLN J 264 52.71 44.64 30.10
C GLN J 264 53.47 43.37 29.75
N GLU J 265 54.49 43.47 28.89
CA GLU J 265 55.30 42.32 28.49
C GLU J 265 54.44 41.20 27.92
N ILE J 266 53.44 41.58 27.12
CA ILE J 266 52.54 40.60 26.52
C ILE J 266 53.28 39.68 25.56
N ASP J 267 54.30 40.20 24.87
CA ASP J 267 55.08 39.38 23.95
C ASP J 267 55.97 38.39 24.70
N LYS J 268 56.67 38.86 25.74
CA LYS J 268 57.71 38.06 26.37
C LYS J 268 57.12 36.89 27.14
N SER J 269 57.67 35.70 26.89
CA SER J 269 57.33 34.52 27.68
C SER J 269 57.82 34.64 29.11
N THR J 270 59.11 34.90 29.29
CA THR J 270 59.74 35.03 30.60
C THR J 270 59.20 36.27 31.32
N SER J 271 57.91 36.23 31.67
CA SER J 271 57.26 37.34 32.33
C SER J 271 56.26 36.81 33.34
N TYR J 272 55.81 37.71 34.23
CA TYR J 272 54.76 37.38 35.19
C TYR J 272 53.38 37.40 34.56
N MET J 273 53.24 37.90 33.33
CA MET J 273 51.92 38.05 32.72
C MET J 273 51.10 36.76 32.65
N PRO J 274 51.63 35.61 32.21
CA PRO J 274 50.74 34.44 32.06
C PRO J 274 50.04 34.06 33.35
N TYR J 275 50.68 34.26 34.49
CA TYR J 275 50.11 33.93 35.80
C TYR J 275 49.47 35.16 36.43
N LEU J 276 48.57 35.83 35.70
CA LEU J 276 47.96 37.06 36.19
C LEU J 276 47.12 36.82 37.45
N ILE J 277 46.42 35.71 37.50
CA ILE J 277 45.43 35.49 38.55
C ILE J 277 46.03 34.76 39.74
N ASP J 278 46.79 33.70 39.49
CA ASP J 278 47.28 32.86 40.58
C ASP J 278 48.29 33.60 41.47
N MET J 279 49.04 34.55 40.90
CA MET J 279 49.97 35.33 41.69
C MET J 279 49.32 36.49 42.42
N GLY J 280 48.06 36.82 42.11
CA GLY J 280 47.44 37.98 42.74
C GLY J 280 47.84 39.30 42.14
N ILE J 281 48.53 39.30 41.00
CA ILE J 281 49.02 40.54 40.41
C ILE J 281 47.86 41.44 39.99
N SER J 282 46.73 40.86 39.63
CA SER J 282 45.56 41.63 39.24
C SER J 282 44.30 40.84 39.57
N ALA J 283 43.29 41.51 40.11
CA ALA J 283 42.05 40.84 40.48
C ALA J 283 40.99 40.85 39.39
N LYS J 284 41.36 41.14 38.14
CA LYS J 284 40.41 41.20 37.03
C LYS J 284 41.25 41.36 35.78
N SER J 285 41.48 40.24 35.11
CA SER J 285 42.36 40.22 33.97
C SER J 285 41.79 41.09 32.86
N PRO J 286 42.59 42.01 32.30
CA PRO J 286 42.12 42.78 31.14
C PRO J 286 42.03 41.97 29.87
N TYR J 287 42.66 40.79 29.82
CA TYR J 287 42.73 39.98 28.61
C TYR J 287 41.70 38.85 28.59
N SER J 288 40.77 38.82 29.54
CA SER J 288 39.75 37.78 29.59
C SER J 288 38.73 37.96 28.47
N THR J 289 38.11 36.84 28.07
CA THR J 289 37.07 36.91 27.06
C THR J 289 35.90 37.77 27.50
N ILE J 290 35.58 37.74 28.80
CA ILE J 290 34.48 38.55 29.30
C ILE J 290 34.83 40.04 29.22
N LYS J 291 36.12 40.38 29.39
CA LYS J 291 36.56 41.76 29.34
C LYS J 291 36.65 42.31 27.93
N ASN J 292 36.72 41.45 26.92
CA ASN J 292 36.84 41.91 25.53
C ASN J 292 35.77 41.26 24.66
N PRO J 293 34.51 41.64 24.85
CA PRO J 293 33.44 41.13 23.99
C PRO J 293 33.45 41.83 22.64
N SER J 294 32.75 41.20 21.69
CA SER J 294 32.62 41.63 20.30
C SER J 294 33.92 41.39 19.53
N PHE J 295 35.05 41.37 20.22
CA PHE J 295 36.27 40.92 19.57
C PHE J 295 36.36 39.41 19.62
N HIS J 296 35.87 38.82 20.71
CA HIS J 296 35.81 37.37 20.81
C HIS J 296 34.85 36.79 19.78
N PHE J 297 33.78 37.52 19.47
CA PHE J 297 32.86 37.07 18.42
C PHE J 297 33.49 37.29 17.05
N TRP J 298 34.16 38.43 16.88
CA TRP J 298 34.98 38.69 15.70
C TRP J 298 36.20 37.77 15.71
N GLY J 299 36.76 37.53 14.54
CA GLY J 299 37.91 36.65 14.47
C GLY J 299 37.56 35.20 14.69
N GLN J 300 36.91 34.88 15.81
CA GLN J 300 36.46 33.50 16.01
C GLN J 300 35.43 33.15 14.95
N LEU J 301 34.59 34.12 14.57
CA LEU J 301 33.68 33.89 13.44
C LEU J 301 34.48 33.90 12.14
N VAL J 302 35.49 34.76 12.06
CA VAL J 302 36.36 34.76 10.89
C VAL J 302 37.17 33.47 10.83
N ALA J 303 37.60 32.97 11.98
CA ALA J 303 38.28 31.68 12.00
C ALA J 303 37.33 30.55 11.64
N ALA J 304 36.09 30.63 12.14
CA ALA J 304 35.05 29.67 11.80
C ALA J 304 34.82 29.64 10.30
N LEU J 305 34.29 30.73 9.74
CA LEU J 305 34.13 30.91 8.30
C LEU J 305 35.33 30.42 7.49
N CYS J 306 36.53 30.44 8.07
CA CYS J 306 37.71 29.86 7.46
C CYS J 306 37.93 28.41 7.89
N ARG J 307 36.89 27.75 8.40
CA ARG J 307 36.89 26.33 8.74
C ARG J 307 37.90 26.00 9.84
N SER J 308 37.87 26.81 10.90
CA SER J 308 38.60 26.51 12.12
C SER J 308 37.67 25.70 13.03
N LYS J 309 38.02 24.44 13.25
CA LYS J 309 37.16 23.55 14.05
C LYS J 309 37.14 23.94 15.52
N ARG J 310 38.09 24.76 15.98
CA ARG J 310 38.09 25.17 17.38
C ARG J 310 37.16 26.35 17.62
N ALA J 311 37.00 27.21 16.61
CA ALA J 311 36.10 28.36 16.73
C ALA J 311 34.64 27.96 16.78
N LEU J 312 34.30 26.75 16.33
CA LEU J 312 32.90 26.33 16.30
C LEU J 312 32.30 26.22 17.69
N ASN J 313 33.13 26.01 18.72
CA ASN J 313 32.67 25.87 20.10
C ASN J 313 32.95 27.13 20.90
N ALA J 314 32.72 28.28 20.29
CA ALA J 314 32.99 29.60 20.87
C ALA J 314 31.65 30.25 21.22
N ARG J 315 31.34 30.29 22.51
CA ARG J 315 30.06 30.83 22.95
C ARG J 315 29.90 32.26 22.44
N GLN J 316 29.13 32.43 21.35
CA GLN J 316 28.87 33.75 20.81
C GLN J 316 28.26 34.65 21.87
N PRO J 317 28.96 35.71 22.26
CA PRO J 317 28.44 36.58 23.32
C PRO J 317 27.20 37.34 22.85
N ASP J 318 26.30 37.59 23.80
CA ASP J 318 25.15 38.44 23.52
C ASP J 318 25.57 39.89 23.81
N GLU J 319 24.58 40.78 23.88
CA GLU J 319 24.79 42.21 24.09
C GLU J 319 26.00 42.72 23.32
N ILE J 320 25.96 42.52 22.00
CA ILE J 320 26.96 43.01 21.06
C ILE J 320 26.25 43.32 19.75
N ASP J 321 26.97 44.02 18.85
CA ASP J 321 26.39 44.38 17.55
C ASP J 321 26.44 43.19 16.59
N SER J 322 25.98 42.02 17.05
CA SER J 322 25.99 40.78 16.29
C SER J 322 25.66 40.94 14.80
N MET J 323 24.72 41.83 14.47
CA MET J 323 24.33 42.01 13.07
C MET J 323 25.46 42.58 12.22
N SER J 324 26.23 43.53 12.76
CA SER J 324 27.27 44.14 11.96
C SER J 324 28.60 43.37 12.02
N ILE J 325 28.92 42.79 13.17
CA ILE J 325 30.17 42.05 13.30
C ILE J 325 30.16 40.83 12.38
N SER J 326 29.01 40.18 12.26
CA SER J 326 28.92 39.03 11.37
C SER J 326 29.07 39.44 9.90
N ASN J 327 28.63 40.65 9.55
CA ASN J 327 28.77 41.10 8.16
C ASN J 327 30.22 41.42 7.83
N ALA J 328 30.91 42.14 8.72
CA ALA J 328 32.32 42.41 8.50
C ALA J 328 33.16 41.15 8.54
N SER J 329 32.74 40.17 9.33
CA SER J 329 33.48 38.91 9.39
C SER J 329 33.33 38.13 8.08
N LEU J 330 32.11 38.11 7.51
CA LEU J 330 31.91 37.43 6.24
C LEU J 330 32.68 38.10 5.11
N LEU J 331 32.80 39.43 5.15
CA LEU J 331 33.58 40.13 4.14
C LEU J 331 35.06 39.77 4.22
N MET J 332 35.58 39.61 5.45
CA MET J 332 36.98 39.23 5.60
C MET J 332 37.20 37.78 5.17
N ALA J 333 36.26 36.90 5.48
CA ALA J 333 36.40 35.50 5.10
C ALA J 333 36.33 35.32 3.59
N TYR J 334 35.44 36.05 2.92
CA TYR J 334 35.37 35.95 1.47
C TYR J 334 36.50 36.67 0.77
N ALA J 335 37.27 37.49 1.49
CA ALA J 335 38.43 38.12 0.87
C ALA J 335 39.63 37.19 0.92
N LEU J 336 39.76 36.44 2.01
CA LEU J 336 40.83 35.45 2.09
C LEU J 336 40.59 34.30 1.11
N GLY J 337 39.32 34.00 0.81
CA GLY J 337 39.03 32.95 -0.15
C GLY J 337 39.08 33.40 -1.60
N SER J 338 38.83 34.68 -1.86
CA SER J 338 38.88 35.20 -3.21
C SER J 338 40.29 35.60 -3.64
N SER J 339 41.24 35.59 -2.70
CA SER J 339 42.64 35.86 -3.00
C SER J 339 43.50 35.09 -2.00
N PRO J 340 43.62 33.78 -2.17
CA PRO J 340 44.32 32.96 -1.18
C PRO J 340 45.81 33.26 -1.16
N ASP J 341 46.45 32.87 -0.06
CA ASP J 341 47.89 33.08 0.06
C ASP J 341 48.59 32.16 -0.94
N ILE J 342 48.64 32.62 -2.19
CA ILE J 342 49.17 31.82 -3.30
C ILE J 342 50.27 32.66 -3.96
N GLU J 343 51.49 32.52 -3.45
CA GLU J 343 52.65 33.16 -4.05
C GLU J 343 53.81 32.19 -4.02
N GLN J 344 54.57 32.11 -5.10
CA GLN J 344 55.69 31.18 -5.13
C GLN J 344 56.72 31.59 -4.09
N GLN J 345 57.44 30.59 -3.54
CA GLN J 345 58.48 30.86 -2.57
C GLN J 345 59.85 30.41 -3.07
N PHE J 346 60.11 29.10 -3.11
CA PHE J 346 61.37 28.59 -3.62
C PHE J 346 61.46 28.84 -5.14
N SER J 347 62.58 28.42 -5.71
CA SER J 347 62.79 28.57 -7.15
C SER J 347 63.94 27.66 -7.56
N THR J 348 63.84 27.11 -8.77
CA THR J 348 64.89 26.29 -9.35
C THR J 348 65.74 27.07 -10.35
N GLY J 349 65.60 28.39 -10.40
CA GLY J 349 66.29 29.20 -11.38
C GLY J 349 65.30 29.87 -12.32
N ASN J 350 64.02 29.76 -12.00
CA ASN J 350 62.94 30.33 -12.79
C ASN J 350 62.29 31.50 -12.05
N THR J 351 61.43 32.21 -12.77
CA THR J 351 60.88 33.48 -12.36
C THR J 351 59.49 33.30 -11.75
N TYR J 352 58.76 34.40 -11.60
CA TYR J 352 57.50 34.47 -10.88
C TYR J 352 56.42 34.87 -11.87
N ARG J 353 55.16 34.86 -11.41
CA ARG J 353 54.05 35.22 -12.29
C ARG J 353 54.19 36.60 -12.94
N LYS J 354 55.23 37.39 -12.57
CA LYS J 354 55.58 38.71 -13.09
C LYS J 354 54.34 39.57 -13.37
N PRO J 355 53.62 39.99 -12.34
CA PRO J 355 52.40 40.76 -12.56
C PRO J 355 52.68 42.16 -13.08
N PRO J 356 51.76 42.74 -13.86
CA PRO J 356 51.92 44.13 -14.30
C PRO J 356 51.34 45.07 -13.27
N LYS J 357 51.21 46.38 -13.59
CA LYS J 357 50.74 47.34 -12.60
C LYS J 357 49.37 47.01 -12.01
N GLU J 358 48.28 47.34 -12.72
CA GLU J 358 46.96 46.99 -12.22
C GLU J 358 46.00 46.63 -13.35
N ALA J 359 45.99 47.47 -14.39
CA ALA J 359 45.10 47.33 -15.54
C ALA J 359 43.66 47.23 -15.05
N SER J 360 43.02 46.09 -15.31
CA SER J 360 41.65 45.84 -14.87
C SER J 360 41.26 44.41 -15.20
N TYR J 361 40.82 43.66 -14.20
CA TYR J 361 40.25 42.33 -14.41
C TYR J 361 38.74 42.48 -14.34
N LEU J 362 38.05 41.93 -15.34
CA LEU J 362 36.68 42.34 -15.67
C LEU J 362 35.68 42.28 -14.53
N VAL J 363 35.30 41.05 -14.13
CA VAL J 363 34.35 40.73 -13.05
C VAL J 363 33.58 41.96 -12.57
N SER J 364 33.61 42.27 -11.28
CA SER J 364 33.23 43.57 -10.75
C SER J 364 34.28 43.93 -9.71
N GLU J 365 35.13 44.91 -10.01
CA GLU J 365 36.39 45.13 -9.31
C GLU J 365 37.00 43.83 -8.77
N GLU J 366 36.56 43.37 -7.59
CA GLU J 366 37.05 42.12 -7.01
C GLU J 366 38.58 42.09 -6.96
N PRO J 367 39.18 42.76 -5.99
CA PRO J 367 40.65 42.81 -5.93
C PRO J 367 41.27 41.42 -5.76
N LYS J 368 42.41 41.25 -6.41
CA LYS J 368 43.15 39.99 -6.43
C LYS J 368 44.08 39.85 -5.22
N ASN J 369 44.19 40.87 -4.38
CA ASN J 369 45.06 40.86 -3.22
C ASN J 369 44.21 40.91 -1.95
N ARG J 370 44.90 40.90 -0.81
CA ARG J 370 44.25 40.89 0.49
C ARG J 370 44.23 42.25 1.15
N SER J 371 44.57 43.31 0.42
CA SER J 371 44.57 44.65 1.00
C SER J 371 43.16 45.04 1.43
N VAL J 372 43.06 45.60 2.64
CA VAL J 372 41.76 45.99 3.17
C VAL J 372 41.15 47.12 2.36
N VAL J 373 41.98 48.02 1.83
CA VAL J 373 41.45 49.22 1.19
C VAL J 373 40.71 48.88 -0.09
N GLU J 374 41.27 47.98 -0.91
CA GLU J 374 40.61 47.61 -2.14
C GLU J 374 39.33 46.83 -1.91
N TRP J 375 39.25 46.07 -0.81
CA TRP J 375 38.03 45.31 -0.54
C TRP J 375 36.93 46.18 0.08
N ILE J 376 37.29 47.10 0.97
CA ILE J 376 36.28 47.98 1.54
C ILE J 376 35.71 48.91 0.46
N ALA J 377 36.56 49.38 -0.45
CA ALA J 377 36.08 50.20 -1.56
C ALA J 377 35.20 49.37 -2.49
N TRP J 378 35.53 48.09 -2.66
CA TRP J 378 34.69 47.20 -3.47
C TRP J 378 33.34 46.96 -2.81
N TYR J 379 33.33 46.88 -1.48
CA TYR J 379 32.09 46.63 -0.75
C TYR J 379 31.15 47.83 -0.78
N SER J 380 31.68 49.04 -0.96
CA SER J 380 30.83 50.21 -1.05
C SER J 380 30.05 50.25 -2.36
N ASP J 381 30.57 49.60 -3.41
CA ASP J 381 29.83 49.53 -4.67
C ASP J 381 28.61 48.64 -4.57
N VAL J 382 28.56 47.73 -3.60
CA VAL J 382 27.42 46.86 -3.41
C VAL J 382 26.54 47.35 -2.25
N ASP J 383 26.70 48.63 -1.87
CA ASP J 383 25.87 49.27 -0.84
C ASP J 383 25.98 48.57 0.50
N ASN J 384 27.15 48.01 0.80
CA ASN J 384 27.44 47.36 2.09
C ASN J 384 26.45 46.25 2.39
N LYS J 385 25.99 45.55 1.35
CA LYS J 385 25.15 44.38 1.52
C LYS J 385 25.82 43.16 0.91
N PRO J 386 25.80 42.02 1.59
CA PRO J 386 26.51 40.84 1.08
C PRO J 386 25.95 40.37 -0.26
N THR J 387 26.84 39.89 -1.12
CA THR J 387 26.45 39.43 -2.44
C THR J 387 25.94 38.00 -2.37
N ASP J 388 25.39 37.54 -3.49
CA ASP J 388 24.99 36.14 -3.65
C ASP J 388 26.17 35.23 -3.35
N ASP J 389 27.18 35.27 -4.22
CA ASP J 389 28.46 34.55 -4.06
C ASP J 389 28.92 34.44 -2.61
N MET J 390 28.73 35.51 -1.82
CA MET J 390 29.17 35.47 -0.42
C MET J 390 28.27 34.55 0.41
N LEU J 391 26.95 34.69 0.27
CA LEU J 391 26.05 33.80 0.99
C LEU J 391 26.19 32.37 0.50
N MET J 392 26.53 32.17 -0.77
CA MET J 392 26.71 30.83 -1.30
C MET J 392 27.90 30.13 -0.66
N MET J 393 28.99 30.87 -0.42
CA MET J 393 30.10 30.30 0.34
C MET J 393 29.72 30.08 1.79
N ALA J 394 28.93 30.98 2.36
CA ALA J 394 28.56 30.87 3.77
C ALA J 394 27.69 29.65 4.03
N LYS J 395 26.81 29.31 3.10
CA LYS J 395 26.02 28.09 3.25
C LYS J 395 26.90 26.84 3.17
N ARG J 396 27.98 26.90 2.38
CA ARG J 396 28.90 25.76 2.33
C ARG J 396 29.60 25.56 3.67
N VAL J 397 30.01 26.67 4.31
CA VAL J 397 30.60 26.58 5.65
C VAL J 397 29.55 26.13 6.66
N ALA J 398 28.29 26.50 6.46
CA ALA J 398 27.23 26.12 7.39
C ALA J 398 26.99 24.60 7.37
N GLY J 399 27.25 23.95 6.24
CA GLY J 399 27.04 22.52 6.14
C GLY J 399 28.09 21.69 6.85
N THR J 400 29.23 22.30 7.17
CA THR J 400 30.33 21.67 7.87
C THR J 400 30.15 21.68 9.39
N ILE J 401 29.10 22.30 9.90
CA ILE J 401 28.95 22.43 11.35
C ILE J 401 28.34 21.14 11.88
N SER J 402 27.10 20.86 11.49
CA SER J 402 26.40 19.61 11.80
C SER J 402 26.55 19.21 13.28
N GLY J 403 25.91 19.99 14.14
CA GLY J 403 25.96 19.69 15.57
C GLY J 403 26.53 20.76 16.48
N PRO J 404 26.23 22.03 16.24
CA PRO J 404 26.76 23.09 17.10
C PRO J 404 26.11 23.08 18.48
N ARG J 405 26.83 23.64 19.44
CA ARG J 405 26.21 23.92 20.73
C ARG J 405 25.17 25.02 20.59
N ASP J 406 24.17 24.99 21.47
CA ASP J 406 23.01 25.85 21.27
C ASP J 406 23.26 27.33 21.58
N ASN J 407 24.50 27.75 21.86
CA ASN J 407 24.81 29.16 22.08
C ASN J 407 26.19 29.51 21.54
N SER J 408 26.61 28.87 20.46
CA SER J 408 27.97 29.01 19.96
C SER J 408 27.97 29.61 18.56
N VAL J 409 29.18 29.87 18.06
CA VAL J 409 29.35 30.44 16.73
C VAL J 409 28.84 29.48 15.66
N GLY J 410 28.92 28.18 15.91
CA GLY J 410 28.44 27.22 14.92
C GLY J 410 26.94 27.26 14.74
N LYS J 411 26.19 27.48 15.83
CA LYS J 411 24.75 27.68 15.69
C LYS J 411 24.44 28.99 14.99
N TRP J 412 25.28 30.00 15.18
CA TRP J 412 25.05 31.29 14.52
C TRP J 412 25.21 31.16 13.01
N ILE J 413 26.26 30.47 12.56
CA ILE J 413 26.48 30.33 11.13
C ILE J 413 25.35 29.54 10.48
N LYS J 414 24.79 28.56 11.20
CA LYS J 414 23.69 27.78 10.63
C LYS J 414 22.40 28.58 10.62
N GLN J 415 22.15 29.35 11.68
CA GLN J 415 20.89 30.10 11.78
C GLN J 415 20.87 31.27 10.81
N THR J 416 21.97 32.03 10.73
CA THR J 416 21.99 33.21 9.88
C THR J 416 22.23 32.85 8.42
N TYR J 417 23.38 32.25 8.12
CA TYR J 417 23.74 31.88 6.76
C TYR J 417 23.41 30.39 6.56
N GLY J 418 22.21 30.13 6.08
CA GLY J 418 21.80 28.76 5.82
C GLY J 418 20.30 28.58 5.74
N SER K 2 61.55 51.62 10.63
CA SER K 2 60.26 51.01 10.92
C SER K 2 59.36 51.05 9.69
N VAL K 3 59.33 49.95 8.93
CA VAL K 3 58.52 49.89 7.72
C VAL K 3 57.08 49.46 8.01
N ILE K 4 56.85 48.74 9.12
CA ILE K 4 55.51 48.30 9.50
C ILE K 4 55.09 49.00 10.79
N ARG K 5 54.02 49.77 10.72
CA ARG K 5 53.50 50.52 11.85
C ARG K 5 51.98 50.55 11.72
N ILE K 6 51.30 50.60 12.87
CA ILE K 6 49.85 50.60 12.92
C ILE K 6 49.38 51.92 13.49
N LYS K 7 48.43 52.54 12.81
CA LYS K 7 47.83 53.81 13.21
C LYS K 7 46.34 53.57 13.43
N THR K 8 45.65 54.61 13.89
CA THR K 8 44.23 54.56 14.20
C THR K 8 43.70 55.95 13.84
N ASN K 9 42.69 56.44 14.52
CA ASN K 9 42.27 57.80 14.23
C ASN K 9 43.08 58.83 15.02
N ALA K 10 44.10 58.41 15.78
CA ALA K 10 44.98 59.39 16.39
C ALA K 10 46.44 58.97 16.55
N ALA K 11 46.72 57.68 16.77
CA ALA K 11 48.00 57.33 17.36
C ALA K 11 48.40 55.89 17.07
N VAL K 12 49.66 55.58 17.40
CA VAL K 12 50.24 54.26 17.15
C VAL K 12 49.72 53.23 18.15
N ALA K 13 49.82 51.96 17.77
CA ALA K 13 49.33 50.83 18.56
C ALA K 13 50.32 49.67 18.51
N ALA K 14 50.66 49.11 19.67
CA ALA K 14 51.57 47.98 19.74
C ALA K 14 50.99 46.75 19.04
N VAL K 15 51.86 45.97 18.41
CA VAL K 15 51.43 44.93 17.47
C VAL K 15 51.97 43.53 17.78
N LEU K 16 52.06 43.16 19.06
CA LEU K 16 52.67 41.88 19.39
C LEU K 16 51.77 41.00 20.24
N PRO K 17 51.52 39.74 19.83
CA PRO K 17 50.82 38.80 20.71
C PRO K 17 51.79 37.98 21.55
N ALA K 18 51.27 37.07 22.38
CA ALA K 18 52.15 36.20 23.16
C ALA K 18 52.95 35.29 22.24
N ASN K 19 54.17 34.97 22.66
CA ASN K 19 55.13 34.30 21.78
C ASN K 19 54.93 32.78 21.87
N GLU K 20 55.91 32.02 21.39
CA GLU K 20 55.91 30.57 21.47
C GLU K 20 57.36 30.10 21.43
N ASP K 21 57.57 28.81 21.70
CA ASP K 21 58.91 28.28 21.88
C ASP K 21 59.37 27.51 20.64
N GLN K 22 60.70 27.42 20.50
CA GLN K 22 61.35 26.78 19.36
C GLN K 22 61.64 25.32 19.69
N ALA K 23 62.44 24.68 18.84
CA ALA K 23 62.83 23.27 18.98
C ALA K 23 64.34 23.16 19.05
N ASP K 24 64.83 21.95 19.28
CA ASP K 24 66.26 21.72 19.39
C ASP K 24 66.79 21.06 18.12
N TYR K 25 68.11 20.92 18.05
CA TYR K 25 68.76 20.30 16.90
C TYR K 25 69.77 19.27 17.36
N PRO K 26 69.94 18.18 16.60
CA PRO K 26 70.98 17.20 16.98
C PRO K 26 72.39 17.76 17.01
N SER K 27 72.73 18.68 16.09
CA SER K 27 74.10 19.18 16.04
C SER K 27 74.40 20.12 17.21
N THR K 28 73.39 20.82 17.72
CA THR K 28 73.62 21.78 18.77
C THR K 28 74.04 21.10 20.07
N PHE K 29 73.62 19.85 20.27
CA PHE K 29 74.07 19.11 21.44
C PHE K 29 75.53 18.71 21.29
N PHE K 30 76.04 18.60 20.07
CA PHE K 30 77.40 18.17 19.83
C PHE K 30 78.35 19.30 19.48
N GLU K 31 77.95 20.56 19.67
CA GLU K 31 78.90 21.65 19.43
C GLU K 31 79.77 21.93 20.65
N GLY K 32 79.52 21.24 21.76
CA GLY K 32 80.30 21.32 22.97
C GLY K 32 81.29 20.20 23.12
N GLY K 33 81.20 19.18 22.28
CA GLY K 33 81.93 17.94 22.46
C GLY K 33 81.29 16.99 23.45
N ASN K 34 80.14 17.35 24.01
CA ASN K 34 79.43 16.50 24.96
C ASN K 34 79.14 15.11 24.37
N GLU K 35 79.43 14.09 25.17
CA GLU K 35 79.20 12.71 24.80
C GLU K 35 77.97 12.19 25.51
N ILE K 36 77.19 11.36 24.82
CA ILE K 36 75.98 10.81 25.43
C ILE K 36 76.40 9.89 26.57
N ARG K 37 75.65 9.93 27.67
CA ARG K 37 76.03 9.21 28.89
C ARG K 37 74.89 8.34 29.43
N LEU K 38 75.02 7.02 29.22
CA LEU K 38 74.08 6.08 29.80
C LEU K 38 74.45 5.85 31.27
N TYR K 39 73.42 5.59 32.09
CA TYR K 39 73.55 5.37 33.53
C TYR K 39 72.92 4.01 33.85
N VAL K 40 73.74 2.96 33.84
CA VAL K 40 73.28 1.59 34.09
C VAL K 40 73.96 1.02 35.31
N ASN K 41 73.24 0.14 36.01
CA ASN K 41 73.73 -0.55 37.19
C ASN K 41 74.71 -1.63 36.79
N ARG K 42 75.99 -1.43 37.09
CA ARG K 42 77.00 -2.46 36.91
C ARG K 42 77.68 -2.76 38.23
N GLY K 43 77.71 -4.03 38.60
CA GLY K 43 78.42 -4.46 39.80
C GLY K 43 77.97 -5.82 40.28
N GLU K 44 76.72 -6.16 40.01
CA GLU K 44 76.21 -7.50 40.24
C GLU K 44 76.53 -8.37 39.03
N LYS K 45 76.67 -9.67 39.29
CA LYS K 45 77.07 -10.57 38.22
C LYS K 45 75.92 -10.77 37.24
N LEU K 46 76.29 -11.11 36.00
CA LEU K 46 75.31 -11.29 34.94
C LEU K 46 74.32 -12.42 35.26
N ASP K 47 74.85 -13.55 35.72
CA ASP K 47 73.99 -14.74 35.88
C ASP K 47 72.89 -14.51 36.90
N VAL K 48 73.19 -13.79 37.99
CA VAL K 48 72.14 -13.50 38.97
C VAL K 48 71.12 -12.53 38.40
N LEU K 49 71.52 -11.66 37.47
CA LEU K 49 70.61 -10.66 36.93
C LEU K 49 69.54 -11.27 36.04
N ARG K 50 69.87 -12.31 35.28
CA ARG K 50 68.88 -12.89 34.38
C ARG K 50 67.70 -13.51 35.13
N GLN K 51 67.94 -14.05 36.33
CA GLN K 51 66.83 -14.57 37.12
C GLN K 51 66.07 -13.47 37.83
N TYR K 52 66.71 -12.32 38.09
CA TYR K 52 65.97 -11.20 38.64
C TYR K 52 64.87 -10.76 37.70
N VAL K 53 65.10 -10.89 36.39
CA VAL K 53 64.09 -10.54 35.41
C VAL K 53 63.09 -11.68 35.25
N TYR K 54 63.58 -12.92 35.22
CA TYR K 54 62.69 -14.06 35.00
C TYR K 54 61.74 -14.27 36.18
N MET K 55 62.20 -13.99 37.40
CA MET K 55 61.33 -14.01 38.57
C MET K 55 60.65 -12.67 38.81
N GLY K 56 60.72 -11.76 37.84
CA GLY K 56 59.93 -10.55 37.88
C GLY K 56 59.01 -10.49 36.68
N LEU K 57 59.42 -11.15 35.59
CA LEU K 57 58.61 -11.18 34.38
C LEU K 57 57.33 -11.99 34.55
N VAL K 58 57.40 -13.09 35.31
CA VAL K 58 56.19 -13.89 35.52
C VAL K 58 55.18 -13.13 36.38
N GLU K 59 55.65 -12.26 37.27
CA GLU K 59 54.77 -11.40 38.05
C GLU K 59 54.55 -10.07 37.34
N LYS K 60 53.68 -9.24 37.91
CA LYS K 60 53.38 -7.91 37.39
C LYS K 60 54.45 -6.89 37.74
N ASN K 61 55.48 -7.29 38.49
CA ASN K 61 56.57 -6.41 38.92
C ASN K 61 57.88 -6.95 38.38
N CYS K 62 58.23 -6.55 37.15
CA CYS K 62 59.50 -6.95 36.54
C CYS K 62 60.57 -5.87 36.65
N ARG K 63 60.19 -4.66 37.11
CA ARG K 63 61.09 -3.53 37.30
C ARG K 63 61.75 -3.07 36.01
N ILE K 64 62.30 -1.86 36.01
CA ILE K 64 63.02 -1.35 34.86
C ILE K 64 64.53 -1.36 35.09
N GLN K 65 64.97 -1.23 36.35
CA GLN K 65 66.39 -1.31 36.67
C GLN K 65 66.93 -2.71 36.44
N HIS K 66 66.09 -3.75 36.59
CA HIS K 66 66.51 -5.10 36.27
C HIS K 66 66.71 -5.26 34.78
N VAL K 67 65.75 -4.78 33.99
CA VAL K 67 65.86 -4.88 32.54
C VAL K 67 67.03 -4.05 32.03
N ASN K 68 67.31 -2.93 32.67
CA ASN K 68 68.45 -2.10 32.27
C ASN K 68 69.76 -2.77 32.63
N ALA K 69 69.87 -3.28 33.87
CA ALA K 69 71.10 -3.94 34.29
C ALA K 69 71.36 -5.23 33.52
N TYR K 70 70.30 -5.96 33.15
CA TYR K 70 70.50 -7.20 32.42
C TYR K 70 70.87 -6.95 30.97
N LEU K 71 70.17 -6.02 30.31
CA LEU K 71 70.43 -5.77 28.90
C LEU K 71 71.83 -5.21 28.68
N TYR K 72 72.35 -4.43 29.63
CA TYR K 72 73.73 -3.99 29.52
C TYR K 72 74.72 -5.14 29.70
N ALA K 73 74.35 -6.16 30.47
CA ALA K 73 75.30 -7.24 30.74
C ALA K 73 75.29 -8.29 29.64
N VAL K 74 74.11 -8.74 29.23
CA VAL K 74 74.02 -9.81 28.24
C VAL K 74 74.43 -9.31 26.86
N LEU K 75 74.19 -8.04 26.55
CA LEU K 75 74.38 -7.53 25.20
C LEU K 75 75.73 -6.88 24.98
N LYS K 76 76.66 -6.98 25.93
CA LYS K 76 77.96 -6.37 25.75
C LYS K 76 78.95 -7.44 25.34
N GLY K 77 79.97 -7.04 24.58
CA GLY K 77 80.97 -7.96 24.07
C GLY K 77 80.59 -8.62 22.76
N GLU K 78 79.46 -8.25 22.17
CA GLU K 78 78.93 -8.78 20.92
C GLU K 78 79.60 -8.18 19.69
N ARG K 79 80.76 -7.56 19.89
CA ARG K 79 81.58 -6.87 18.90
C ARG K 79 81.56 -7.52 17.52
N GLU K 80 81.84 -6.71 16.50
CA GLU K 80 81.74 -7.08 15.10
C GLU K 80 82.75 -6.25 14.31
N LEU K 81 83.11 -6.73 13.13
CA LEU K 81 84.21 -6.17 12.35
C LEU K 81 83.80 -4.89 11.62
N LEU K 82 84.42 -3.76 11.98
CA LEU K 82 84.27 -2.52 11.24
C LEU K 82 85.04 -2.61 9.93
N GLU K 83 84.33 -2.59 8.80
CA GLU K 83 84.96 -2.61 7.49
C GLU K 83 85.25 -1.22 6.95
N ALA K 84 85.04 -0.18 7.76
CA ALA K 84 85.12 1.22 7.35
C ALA K 84 84.85 2.13 8.54
N ASP K 85 85.53 3.27 8.61
CA ASP K 85 85.34 4.25 9.67
C ASP K 85 83.87 4.49 9.94
N TRP K 86 83.51 4.73 11.20
CA TRP K 86 82.11 4.88 11.61
C TRP K 86 82.06 6.10 12.52
N ASP K 87 81.69 7.25 11.94
CA ASP K 87 81.77 8.55 12.62
C ASP K 87 80.55 9.41 12.30
N SER K 88 79.74 9.71 13.31
CA SER K 88 78.68 10.69 13.13
C SER K 88 78.94 11.90 14.03
N PHE K 89 78.41 13.05 13.60
CA PHE K 89 78.45 14.33 14.31
C PHE K 89 79.77 14.66 15.00
N GLY K 90 80.91 14.27 14.41
CA GLY K 90 82.21 14.65 14.92
C GLY K 90 82.75 13.79 16.04
N HIS K 91 81.90 13.04 16.73
CA HIS K 91 82.33 12.17 17.83
C HIS K 91 82.67 10.81 17.21
N LYS K 92 83.96 10.54 17.02
CA LYS K 92 84.35 9.27 16.43
C LYS K 92 84.00 8.11 17.34
N ILE K 93 83.47 7.05 16.74
CA ILE K 93 83.04 5.87 17.48
C ILE K 93 84.02 4.73 17.31
N GLY K 94 84.36 4.39 16.07
CA GLY K 94 85.33 3.34 15.81
C GLY K 94 86.03 3.49 14.49
N ILE K 95 87.33 3.20 14.48
CA ILE K 95 88.13 3.24 13.26
C ILE K 95 88.05 1.90 12.53
N GLN K 96 88.39 1.93 11.25
CA GLN K 96 88.26 0.75 10.38
C GLN K 96 89.12 -0.41 10.87
N GLY K 97 88.58 -1.62 10.73
CA GLY K 97 89.29 -2.86 11.00
C GLY K 97 89.28 -3.33 12.44
N ASP K 98 88.68 -2.59 13.35
CA ASP K 98 88.61 -2.97 14.76
C ASP K 98 87.29 -3.67 15.08
N LYS K 99 87.34 -4.50 16.11
CA LYS K 99 86.10 -4.97 16.73
C LYS K 99 85.52 -3.82 17.54
N ILE K 100 84.25 -3.48 17.28
CA ILE K 100 83.71 -2.25 17.85
C ILE K 100 82.92 -2.49 19.14
N GLY K 101 81.69 -2.97 19.03
CA GLY K 101 80.87 -3.20 20.19
C GLY K 101 79.52 -2.52 20.05
N PRO K 102 78.52 -2.98 20.81
CA PRO K 102 77.22 -2.32 20.79
C PRO K 102 77.07 -1.20 21.81
N PHE K 103 77.96 -1.14 22.81
CA PHE K 103 77.81 -0.20 23.90
C PHE K 103 78.88 0.89 23.96
N ASN K 104 79.82 0.91 23.01
CA ASN K 104 80.84 1.95 23.01
C ASN K 104 80.35 3.23 22.36
N LEU K 105 79.13 3.25 21.83
CA LEU K 105 78.53 4.47 21.30
C LEU K 105 78.13 5.45 22.39
N VAL K 106 78.15 5.04 23.66
CA VAL K 106 77.65 5.86 24.75
C VAL K 106 78.54 5.69 25.96
N ARG K 107 78.70 6.76 26.73
CA ARG K 107 79.51 6.70 27.95
C ARG K 107 78.88 5.78 28.99
N VAL K 108 79.72 4.96 29.61
CA VAL K 108 79.28 3.91 30.53
C VAL K 108 79.33 4.38 32.00
N GLU K 109 79.35 5.69 32.24
CA GLU K 109 79.32 6.23 33.60
C GLU K 109 78.27 5.58 34.49
N ASP K 110 78.73 5.08 35.65
CA ASP K 110 77.87 4.38 36.59
C ASP K 110 76.78 5.29 37.13
N ILE K 111 75.60 4.70 37.32
CA ILE K 111 74.41 5.39 37.79
C ILE K 111 74.63 5.81 39.25
N PRO K 112 73.98 6.86 39.74
CA PRO K 112 73.91 7.05 41.19
C PRO K 112 73.22 5.84 41.80
N ASP K 113 73.64 5.51 43.04
CA ASP K 113 73.63 4.15 43.57
C ASP K 113 72.47 3.29 43.09
N GLY K 114 71.24 3.64 43.45
CA GLY K 114 70.06 2.92 43.00
C GLY K 114 70.11 1.41 42.83
N LEU K 115 70.83 0.69 43.69
CA LEU K 115 70.99 -0.75 43.49
C LEU K 115 69.63 -1.44 43.57
N PRO K 116 69.29 -2.33 42.64
CA PRO K 116 67.94 -2.92 42.63
C PRO K 116 67.68 -3.74 43.89
N ASP K 117 66.43 -3.66 44.37
CA ASP K 117 65.99 -4.40 45.52
C ASP K 117 65.24 -5.67 45.14
N GLY K 118 65.38 -6.70 45.98
CA GLY K 118 64.51 -7.87 45.95
C GLY K 118 64.66 -8.77 44.73
N LYS K 119 63.53 -9.37 44.35
CA LYS K 119 63.39 -10.30 43.22
C LYS K 119 64.50 -11.36 43.21
N LEU K 120 64.38 -12.25 44.18
CA LEU K 120 65.34 -13.34 44.36
C LEU K 120 65.27 -14.34 43.22
N ASN K 121 66.45 -14.86 42.85
CA ASN K 121 66.60 -15.67 41.65
C ASN K 121 65.78 -16.96 41.68
N ALA K 122 65.17 -17.27 40.54
CA ALA K 122 64.44 -18.51 40.30
C ALA K 122 65.41 -19.57 39.79
N GLU K 123 64.92 -20.61 39.12
CA GLU K 123 65.81 -21.62 38.60
C GLU K 123 66.62 -21.07 37.43
N VAL K 124 67.84 -21.59 37.29
CA VAL K 124 68.84 -21.02 36.39
C VAL K 124 68.67 -21.55 34.97
N SER K 125 68.45 -20.64 34.03
CA SER K 125 68.42 -20.95 32.60
C SER K 125 69.61 -20.22 32.01
N ALA K 126 70.77 -20.88 32.01
CA ALA K 126 72.01 -20.31 31.51
C ALA K 126 72.10 -20.22 30.00
N GLU K 127 71.19 -20.86 29.27
CA GLU K 127 71.17 -20.80 27.82
C GLU K 127 70.03 -19.94 27.29
N ASP K 128 69.22 -19.35 28.17
CA ASP K 128 68.00 -18.66 27.78
C ASP K 128 68.24 -17.20 27.39
N ASP K 129 69.48 -16.82 27.08
CA ASP K 129 69.78 -15.48 26.60
C ASP K 129 69.41 -15.27 25.13
N ALA K 130 68.99 -16.32 24.42
CA ALA K 130 68.61 -16.15 23.02
C ALA K 130 67.39 -15.26 22.83
N TRP K 131 66.47 -15.21 23.80
CA TRP K 131 65.28 -14.39 23.65
C TRP K 131 65.15 -13.24 24.63
N LEU K 132 65.74 -13.34 25.83
CA LEU K 132 65.50 -12.30 26.83
C LEU K 132 65.85 -10.90 26.33
N PRO K 133 67.03 -10.64 25.76
CA PRO K 133 67.23 -9.33 25.13
C PRO K 133 66.22 -9.02 24.03
N LEU K 134 65.83 -10.02 23.24
CA LEU K 134 64.85 -9.77 22.20
C LEU K 134 63.47 -9.46 22.78
N PHE K 135 63.13 -10.08 23.91
CA PHE K 135 61.84 -9.83 24.54
C PHE K 135 61.82 -8.46 25.21
N LEU K 136 62.83 -8.17 26.02
CA LEU K 136 62.84 -6.90 26.75
C LEU K 136 62.96 -5.72 25.80
N LEU K 137 63.75 -5.86 24.73
CA LEU K 137 63.77 -4.83 23.69
C LEU K 137 62.48 -4.83 22.88
N GLY K 138 61.84 -6.00 22.74
CA GLY K 138 60.61 -6.06 21.97
C GLY K 138 59.41 -5.48 22.68
N LEU K 139 59.47 -5.42 24.01
CA LEU K 139 58.37 -4.81 24.77
C LEU K 139 58.32 -3.30 24.58
N TYR K 140 59.43 -2.68 24.17
CA TYR K 140 59.41 -1.25 23.88
C TYR K 140 58.49 -0.92 22.72
N ARG K 141 58.44 -1.79 21.71
CA ARG K 141 57.51 -1.59 20.61
C ARG K 141 56.07 -1.75 21.05
N VAL K 142 55.81 -2.69 21.97
CA VAL K 142 54.47 -2.87 22.49
C VAL K 142 54.10 -1.86 23.57
N GLY K 143 55.07 -1.06 24.04
CA GLY K 143 54.76 -0.03 25.01
C GLY K 143 53.97 1.14 24.46
N ARG K 144 54.15 1.45 23.18
CA ARG K 144 53.51 2.63 22.59
C ARG K 144 52.06 2.33 22.20
N ALA K 145 51.85 1.31 21.37
CA ALA K 145 50.51 1.01 20.89
C ALA K 145 49.54 0.77 22.04
N SER K 146 48.33 1.32 21.89
CA SER K 146 47.27 1.18 22.87
C SER K 146 46.04 0.45 22.35
N GLU K 147 45.90 0.31 21.04
CA GLU K 147 44.77 -0.34 20.39
C GLU K 147 45.08 -1.82 20.18
N THR K 148 44.32 -2.48 19.29
CA THR K 148 44.49 -3.91 19.06
C THR K 148 45.87 -4.26 18.53
N ALA K 149 46.64 -3.28 18.04
CA ALA K 149 48.04 -3.55 17.70
C ALA K 149 48.83 -4.01 18.92
N TYR K 150 48.37 -3.68 20.12
CA TYR K 150 48.93 -4.25 21.34
C TYR K 150 48.80 -5.77 21.34
N ARG K 151 47.74 -6.30 20.74
CA ARG K 151 47.57 -7.74 20.61
C ARG K 151 48.41 -8.31 19.47
N THR K 152 48.46 -7.61 18.33
CA THR K 152 49.18 -8.12 17.18
C THR K 152 50.69 -8.19 17.43
N LEU K 153 51.23 -7.22 18.16
CA LEU K 153 52.68 -7.19 18.36
C LEU K 153 53.15 -8.31 19.29
N LEU K 154 52.38 -8.61 20.33
CA LEU K 154 52.76 -9.72 21.19
C LEU K 154 52.70 -11.06 20.45
N MET K 155 51.76 -11.21 19.52
CA MET K 155 51.74 -12.44 18.73
C MET K 155 52.96 -12.52 17.82
N GLU K 156 53.39 -11.38 17.27
CA GLU K 156 54.64 -11.38 16.52
C GLU K 156 55.83 -11.55 17.45
N SER K 157 55.76 -10.99 18.66
CA SER K 157 56.86 -11.14 19.59
C SER K 157 56.93 -12.56 20.16
N LEU K 158 55.78 -13.15 20.49
CA LEU K 158 55.80 -14.50 21.03
C LEU K 158 56.25 -15.51 19.98
N ILE K 159 55.80 -15.34 18.74
CA ILE K 159 56.23 -16.23 17.66
C ILE K 159 57.71 -16.02 17.34
N LYS K 160 58.21 -14.78 17.45
CA LYS K 160 59.59 -14.52 17.08
C LYS K 160 60.58 -15.17 18.04
N GLN K 161 60.19 -15.36 19.30
CA GLN K 161 61.08 -15.96 20.28
C GLN K 161 60.77 -17.43 20.56
N CYS K 162 59.53 -17.88 20.30
CA CYS K 162 59.27 -19.31 20.30
C CYS K 162 60.08 -19.99 19.20
N LYS K 163 60.37 -19.27 18.11
CA LYS K 163 61.30 -19.71 17.09
C LYS K 163 62.75 -19.59 17.54
N ALA K 164 63.01 -18.87 18.63
CA ALA K 164 64.39 -18.60 19.01
C ALA K 164 65.04 -19.77 19.74
N ILE K 165 64.31 -20.50 20.58
CA ILE K 165 65.01 -21.50 21.38
C ILE K 165 64.91 -22.88 20.74
N LYS K 166 63.79 -23.58 20.94
CA LYS K 166 63.53 -24.74 20.09
C LYS K 166 62.08 -24.85 19.60
N SER K 167 61.20 -25.38 20.47
CA SER K 167 59.73 -25.41 20.40
C SER K 167 59.08 -24.85 21.65
N ASP K 168 59.60 -25.20 22.83
CA ASP K 168 58.96 -24.79 24.08
C ASP K 168 59.15 -23.31 24.32
N TRP K 169 58.09 -22.66 24.82
CA TRP K 169 58.16 -21.24 25.10
C TRP K 169 57.04 -20.89 26.08
N VAL K 170 57.41 -20.65 27.34
CA VAL K 170 56.46 -20.10 28.30
C VAL K 170 56.18 -18.64 27.95
N SER K 171 54.97 -18.18 28.28
CA SER K 171 54.66 -16.81 27.95
C SER K 171 54.43 -16.02 29.23
N PRO K 172 55.51 -15.53 29.86
CA PRO K 172 55.34 -14.71 31.07
C PRO K 172 54.52 -13.45 30.82
N VAL K 173 54.59 -12.89 29.62
CA VAL K 173 53.93 -11.62 29.35
C VAL K 173 52.42 -11.74 29.57
N THR K 174 51.86 -10.74 30.23
CA THR K 174 50.42 -10.65 30.42
C THR K 174 49.74 -10.31 29.10
N ALA K 175 48.50 -10.77 28.95
CA ALA K 175 47.76 -10.53 27.72
C ALA K 175 47.50 -9.03 27.52
N THR K 176 47.09 -8.34 28.58
CA THR K 176 46.72 -6.93 28.46
C THR K 176 47.24 -6.03 29.58
N HIS K 177 47.83 -6.59 30.64
CA HIS K 177 48.30 -5.74 31.74
C HIS K 177 49.43 -4.83 31.24
N LYS K 178 49.45 -3.60 31.76
CA LYS K 178 50.30 -2.55 31.24
C LYS K 178 51.38 -2.10 32.24
N TYR K 179 51.98 -3.06 32.95
CA TYR K 179 53.02 -2.70 33.90
C TYR K 179 54.35 -2.41 33.23
N PHE K 180 54.56 -2.89 32.00
CA PHE K 180 55.80 -2.65 31.26
C PHE K 180 55.74 -1.42 30.37
N ASP K 181 54.61 -0.72 30.29
CA ASP K 181 54.59 0.56 29.60
C ASP K 181 55.45 1.60 30.33
N VAL K 182 55.74 1.37 31.61
CA VAL K 182 56.62 2.25 32.38
C VAL K 182 58.01 2.31 31.76
N TRP K 183 58.41 1.26 31.04
CA TRP K 183 59.78 1.15 30.57
C TRP K 183 60.12 2.28 29.59
N GLY K 184 59.13 2.81 28.89
CA GLY K 184 59.40 3.89 27.95
C GLY K 184 59.67 5.22 28.60
N ASN K 185 59.33 5.37 29.89
CA ASN K 185 59.63 6.60 30.60
C ASN K 185 61.04 6.63 31.18
N ASP K 186 61.70 5.48 31.30
CA ASP K 186 63.07 5.44 31.80
C ASP K 186 64.02 5.89 30.70
N GLY K 187 64.84 6.90 31.00
CA GLY K 187 65.73 7.42 29.99
C GLY K 187 66.86 6.48 29.63
N ASN K 188 67.34 5.69 30.60
CA ASN K 188 68.41 4.75 30.32
C ASN K 188 67.93 3.59 29.45
N TYR K 189 66.70 3.12 29.67
CA TYR K 189 66.17 2.04 28.84
C TYR K 189 66.00 2.49 27.40
N LEU K 190 65.65 3.76 27.18
CA LEU K 190 65.58 4.28 25.82
C LEU K 190 66.96 4.34 25.18
N LYS K 191 68.01 4.56 25.97
CA LYS K 191 69.35 4.65 25.40
C LYS K 191 69.88 3.27 25.00
N ILE K 192 69.69 2.26 25.85
CA ILE K 192 70.17 0.93 25.51
C ILE K 192 69.39 0.35 24.33
N VAL K 193 68.08 0.60 24.27
CA VAL K 193 67.30 0.11 23.14
C VAL K 193 67.68 0.84 21.86
N ALA K 194 68.05 2.12 21.96
CA ALA K 194 68.47 2.86 20.78
C ALA K 194 69.84 2.41 20.29
N CYS K 195 70.74 2.05 21.22
CA CYS K 195 72.05 1.58 20.81
C CYS K 195 71.96 0.27 20.05
N VAL K 196 71.00 -0.59 20.41
CA VAL K 196 70.84 -1.87 19.73
C VAL K 196 70.41 -1.66 18.28
N ASP K 197 69.57 -0.66 18.03
CA ASP K 197 69.09 -0.44 16.67
C ASP K 197 70.15 0.19 15.80
N MET K 198 70.84 1.21 16.32
CA MET K 198 71.89 1.86 15.54
C MET K 198 73.06 0.92 15.29
N PHE K 199 73.34 0.02 16.24
CA PHE K 199 74.45 -0.92 16.06
C PHE K 199 74.13 -1.95 14.99
N TYR K 200 72.94 -2.55 15.06
CA TYR K 200 72.58 -3.60 14.11
C TYR K 200 72.02 -3.08 12.80
N ASN K 201 71.71 -1.78 12.72
CA ASN K 201 71.39 -1.21 11.40
C ASN K 201 72.62 -1.21 10.49
N HIS K 202 73.80 -1.06 11.08
CA HIS K 202 75.04 -1.16 10.30
C HIS K 202 75.42 -2.61 10.06
N PHE K 203 75.29 -3.46 11.08
CA PHE K 203 75.63 -4.87 10.97
C PHE K 203 74.35 -5.69 10.74
N LYS K 204 73.76 -5.47 9.56
CA LYS K 204 72.56 -6.20 9.18
C LYS K 204 72.81 -7.69 9.01
N LYS K 205 74.04 -8.08 8.72
CA LYS K 205 74.38 -9.48 8.47
C LYS K 205 74.56 -10.28 9.76
N SER K 206 74.59 -9.63 10.91
CA SER K 206 74.80 -10.33 12.17
C SER K 206 73.61 -11.20 12.53
N ILE K 207 73.89 -12.32 13.21
CA ILE K 207 72.83 -13.24 13.61
C ILE K 207 71.92 -12.58 14.64
N LYS K 208 72.44 -11.64 15.41
CA LYS K 208 71.69 -10.96 16.46
C LYS K 208 70.89 -9.77 15.94
N ALA K 209 70.80 -9.62 14.62
CA ALA K 209 70.00 -8.56 14.02
C ALA K 209 68.50 -8.75 14.26
N THR K 210 68.08 -9.94 14.70
CA THR K 210 66.69 -10.14 15.07
C THR K 210 66.28 -9.26 16.24
N PHE K 211 67.25 -8.78 17.03
CA PHE K 211 66.95 -7.84 18.10
C PHE K 211 66.41 -6.52 17.56
N ARG K 212 66.60 -6.25 16.26
CA ARG K 212 66.12 -5.00 15.68
C ARG K 212 64.61 -4.91 15.80
N TRP K 213 63.92 -6.04 15.88
CA TRP K 213 62.50 -6.03 16.19
C TRP K 213 62.28 -5.45 17.57
N GLY K 214 61.32 -4.53 17.67
CA GLY K 214 61.00 -3.85 18.91
C GLY K 214 61.82 -2.61 19.17
N THR K 215 62.96 -2.46 18.50
CA THR K 215 63.74 -1.23 18.55
C THR K 215 63.77 -0.50 17.21
N ILE K 216 63.24 -1.10 16.15
CA ILE K 216 63.18 -0.43 14.85
C ILE K 216 62.26 0.77 14.92
N VAL K 217 61.27 0.73 15.82
CA VAL K 217 60.39 1.88 15.99
C VAL K 217 61.15 3.08 16.52
N SER K 218 62.27 2.86 17.21
CA SER K 218 63.07 3.98 17.70
C SER K 218 63.75 4.74 16.57
N ARG K 219 63.98 4.10 15.43
CA ARG K 219 64.62 4.78 14.32
C ARG K 219 63.69 5.84 13.75
N PHE K 220 64.26 7.00 13.41
CA PHE K 220 63.50 8.14 12.87
C PHE K 220 62.25 8.42 13.70
N LYS K 221 62.40 8.40 15.02
CA LYS K 221 61.27 8.69 15.87
C LYS K 221 60.95 10.19 15.81
N ASP K 222 59.68 10.53 16.09
CA ASP K 222 59.16 11.88 15.97
C ASP K 222 59.78 12.64 14.79
N CYS K 223 59.92 11.98 13.64
CA CYS K 223 60.42 12.60 12.43
C CYS K 223 59.48 12.33 11.27
N ALA K 224 58.18 12.37 11.54
CA ALA K 224 57.21 12.05 10.50
C ALA K 224 57.17 13.11 9.41
N ALA K 225 57.58 14.35 9.71
CA ALA K 225 57.58 15.39 8.68
C ALA K 225 58.57 15.06 7.57
N LEU K 226 59.69 14.41 7.91
CA LEU K 226 60.59 13.93 6.87
C LEU K 226 59.96 12.77 6.11
N ALA K 227 59.22 11.91 6.80
CA ALA K 227 58.51 10.85 6.11
C ALA K 227 57.47 11.41 5.15
N THR K 228 56.86 12.54 5.52
CA THR K 228 55.95 13.21 4.59
C THR K 228 56.69 13.79 3.40
N LEU K 229 57.88 14.36 3.62
CA LEU K 229 58.63 14.92 2.51
C LEU K 229 59.10 13.82 1.56
N GLY K 230 59.49 12.66 2.09
CA GLY K 230 59.80 11.54 1.23
C GLY K 230 58.56 10.93 0.61
N HIS K 231 57.44 10.98 1.33
CA HIS K 231 56.19 10.47 0.78
C HIS K 231 55.71 11.33 -0.38
N VAL K 232 55.91 12.66 -0.30
CA VAL K 232 55.42 13.54 -1.35
C VAL K 232 56.20 13.34 -2.64
N VAL K 233 57.51 13.12 -2.54
CA VAL K 233 58.31 12.93 -3.76
C VAL K 233 57.94 11.62 -4.44
N LYS K 234 57.59 10.59 -3.66
CA LYS K 234 57.28 9.29 -4.23
C LYS K 234 55.90 9.27 -4.89
N ILE K 235 54.92 9.97 -4.28
CA ILE K 235 53.56 9.90 -4.78
C ILE K 235 53.38 10.85 -5.96
N THR K 236 53.96 12.04 -5.89
CA THR K 236 53.81 13.01 -6.97
C THR K 236 54.64 12.60 -8.20
N GLY K 237 55.73 11.86 -7.98
CA GLY K 237 56.65 11.50 -9.03
C GLY K 237 57.66 12.57 -9.37
N LEU K 238 57.57 13.73 -8.76
CA LEU K 238 58.54 14.80 -8.94
C LEU K 238 59.78 14.55 -8.09
N THR K 239 60.91 15.08 -8.56
CA THR K 239 62.11 15.08 -7.74
C THR K 239 61.94 16.04 -6.56
N ILE K 240 62.70 15.78 -5.50
CA ILE K 240 62.58 16.60 -4.30
C ILE K 240 62.86 18.07 -4.61
N GLU K 241 63.72 18.34 -5.58
CA GLU K 241 63.95 19.73 -5.98
C GLU K 241 62.70 20.32 -6.61
N GLU K 242 61.97 19.55 -7.41
CA GLU K 242 60.74 20.06 -8.01
C GLU K 242 59.66 20.30 -6.96
N VAL K 243 59.66 19.51 -5.89
CA VAL K 243 58.65 19.68 -4.84
C VAL K 243 58.81 21.01 -4.13
N PHE K 244 60.05 21.45 -3.92
CA PHE K 244 60.27 22.73 -3.24
C PHE K 244 59.76 23.90 -4.06
N THR K 245 59.87 23.82 -5.38
CA THR K 245 59.39 24.90 -6.24
C THR K 245 57.88 25.05 -6.18
N TRP K 246 57.16 23.98 -5.81
CA TRP K 246 55.71 23.99 -5.73
C TRP K 246 55.18 24.54 -4.42
N VAL K 247 56.06 24.94 -3.49
CA VAL K 247 55.63 25.43 -2.18
C VAL K 247 55.06 26.83 -2.31
N LEU K 248 53.79 26.91 -2.66
CA LEU K 248 53.07 28.15 -2.91
C LEU K 248 52.76 28.97 -1.65
N GLN K 249 53.00 28.45 -0.45
CA GLN K 249 52.78 29.21 0.78
C GLN K 249 54.11 29.69 1.35
N THR K 250 54.14 30.94 1.81
CA THR K 250 55.34 31.49 2.44
C THR K 250 55.63 30.81 3.77
N GLU K 251 54.61 30.34 4.48
CA GLU K 251 54.84 29.69 5.77
C GLU K 251 55.30 28.25 5.59
N VAL K 252 54.76 27.55 4.58
CA VAL K 252 55.20 26.18 4.32
C VAL K 252 56.66 26.16 3.91
N ALA K 253 57.13 27.21 3.22
CA ALA K 253 58.54 27.29 2.88
C ALA K 253 59.40 27.50 4.12
N ASP K 254 58.93 28.32 5.06
CA ASP K 254 59.73 28.60 6.25
C ASP K 254 59.90 27.37 7.13
N GLU K 255 58.93 26.45 7.11
CA GLU K 255 59.09 25.22 7.88
C GLU K 255 60.04 24.25 7.20
N LEU K 256 59.99 24.20 5.86
CA LEU K 256 60.94 23.36 5.12
C LEU K 256 62.37 23.86 5.25
N VAL K 257 62.58 25.17 5.34
CA VAL K 257 63.93 25.69 5.50
C VAL K 257 64.52 25.30 6.85
N LYS K 258 63.70 25.32 7.90
CA LYS K 258 64.19 24.98 9.23
C LYS K 258 64.47 23.48 9.37
N MET K 259 63.86 22.64 8.55
CA MET K 259 64.13 21.20 8.58
C MET K 259 65.40 20.81 7.83
N MET K 260 65.93 21.68 6.97
CA MET K 260 67.04 21.34 6.10
C MET K 260 68.39 21.86 6.57
N LYS K 261 68.43 22.56 7.72
CA LYS K 261 69.66 23.01 8.38
C LYS K 261 70.79 22.01 8.15
N PRO K 262 71.89 22.45 7.52
CA PRO K 262 72.85 21.50 6.92
C PRO K 262 73.43 20.45 7.86
N GLY K 263 74.20 20.88 8.88
CA GLY K 263 74.96 19.94 9.67
C GLY K 263 74.16 18.97 10.53
N GLN K 264 73.12 18.36 9.97
CA GLN K 264 72.32 17.37 10.67
C GLN K 264 72.49 15.96 10.12
N GLU K 265 73.26 15.78 9.05
CA GLU K 265 73.49 14.46 8.45
C GLU K 265 72.18 13.75 8.11
N ILE K 266 71.22 14.52 7.59
CA ILE K 266 69.92 13.94 7.25
C ILE K 266 70.06 12.90 6.14
N ASP K 267 70.97 13.14 5.21
CA ASP K 267 71.18 12.18 4.14
C ASP K 267 71.86 10.91 4.64
N LYS K 268 72.70 11.04 5.67
CA LYS K 268 73.54 9.95 6.12
C LYS K 268 72.73 8.89 6.84
N SER K 269 72.89 7.63 6.42
CA SER K 269 72.32 6.51 7.17
C SER K 269 73.04 6.33 8.50
N THR K 270 74.33 6.03 8.44
CA THR K 270 75.17 5.83 9.62
C THR K 270 75.35 7.12 10.41
N SER K 271 74.28 7.60 11.05
CA SER K 271 74.30 8.84 11.79
C SER K 271 73.49 8.71 13.07
N TYR K 272 73.72 9.64 14.00
CA TYR K 272 72.97 9.71 15.24
C TYR K 272 71.58 10.34 15.06
N MET K 273 71.31 10.94 13.91
CA MET K 273 70.06 11.69 13.74
C MET K 273 68.79 10.88 13.95
N PRO K 274 68.62 9.66 13.41
CA PRO K 274 67.30 9.00 13.51
C PRO K 274 66.82 8.81 14.94
N TYR K 275 67.72 8.60 15.89
CA TYR K 275 67.36 8.36 17.29
C TYR K 275 67.43 9.65 18.11
N LEU K 276 66.75 10.70 17.64
CA LEU K 276 66.85 12.00 18.31
C LEU K 276 66.34 11.96 19.75
N ILE K 277 65.26 11.22 19.99
CA ILE K 277 64.59 11.29 21.29
C ILE K 277 65.13 10.23 22.24
N ASP K 278 65.24 8.98 21.79
CA ASP K 278 65.64 7.90 22.67
C ASP K 278 67.09 8.02 23.09
N MET K 279 67.94 8.66 22.28
CA MET K 279 69.33 8.87 22.65
C MET K 279 69.52 10.06 23.58
N GLY K 280 68.50 10.88 23.78
CA GLY K 280 68.64 12.09 24.57
C GLY K 280 69.31 13.24 23.83
N ILE K 281 69.51 13.10 22.52
CA ILE K 281 70.19 14.13 21.74
C ILE K 281 69.39 15.43 21.72
N SER K 282 68.06 15.34 21.78
CA SER K 282 67.21 16.53 21.75
C SER K 282 65.92 16.23 22.51
N ALA K 283 65.43 17.23 23.25
CA ALA K 283 64.21 17.04 24.01
C ALA K 283 62.95 17.39 23.23
N LYS K 284 63.05 17.66 21.93
CA LYS K 284 61.90 17.98 21.11
C LYS K 284 62.39 18.04 19.67
N SER K 285 62.11 17.00 18.91
CA SER K 285 62.60 16.90 17.55
C SER K 285 62.05 18.05 16.70
N PRO K 286 62.90 18.74 15.93
CA PRO K 286 62.39 19.75 15.00
C PRO K 286 61.61 19.17 13.84
N TYR K 287 61.73 17.87 13.59
CA TYR K 287 61.10 17.21 12.46
C TYR K 287 59.78 16.55 12.82
N SER K 288 59.29 16.77 14.03
CA SER K 288 57.98 16.24 14.40
C SER K 288 56.90 17.03 13.70
N THR K 289 55.76 16.38 13.46
CA THR K 289 54.65 17.05 12.78
C THR K 289 54.13 18.24 13.58
N ILE K 290 54.18 18.17 14.90
CA ILE K 290 53.66 19.27 15.72
C ILE K 290 54.50 20.53 15.59
N LYS K 291 55.82 20.40 15.39
CA LYS K 291 56.65 21.60 15.31
C LYS K 291 56.50 22.33 13.98
N ASN K 292 56.13 21.62 12.91
CA ASN K 292 55.93 22.23 11.60
C ASN K 292 54.60 21.73 11.01
N PRO K 293 53.48 22.19 11.55
CA PRO K 293 52.19 21.72 11.05
C PRO K 293 51.85 22.20 9.65
N SER K 294 51.83 23.52 9.43
CA SER K 294 51.49 24.12 8.14
C SER K 294 52.06 23.39 6.93
N PHE K 295 53.28 22.83 7.05
CA PHE K 295 53.82 22.02 5.97
C PHE K 295 53.25 20.60 5.99
N HIS K 296 52.99 20.06 7.18
CA HIS K 296 52.44 18.71 7.27
C HIS K 296 51.07 18.63 6.61
N PHE K 297 50.29 19.71 6.67
CA PHE K 297 49.02 19.73 5.97
C PHE K 297 49.21 19.87 4.47
N TRP K 298 50.14 20.72 4.04
CA TRP K 298 50.43 20.83 2.61
C TRP K 298 51.00 19.54 2.04
N GLY K 299 51.74 18.79 2.85
CA GLY K 299 52.34 17.57 2.35
C GLY K 299 51.36 16.42 2.20
N GLN K 300 50.65 16.12 3.29
CA GLN K 300 49.66 15.05 3.23
C GLN K 300 48.48 15.38 2.32
N LEU K 301 48.09 16.65 2.22
CA LEU K 301 46.98 16.99 1.33
C LEU K 301 47.41 16.87 -0.13
N VAL K 302 48.64 17.27 -0.45
CA VAL K 302 49.15 17.06 -1.81
C VAL K 302 49.32 15.58 -2.08
N ALA K 303 49.72 14.80 -1.06
CA ALA K 303 49.78 13.36 -1.25
C ALA K 303 48.37 12.81 -1.46
N ALA K 304 47.41 13.35 -0.73
CA ALA K 304 46.00 13.09 -1.00
C ALA K 304 45.66 13.63 -2.38
N LEU K 305 44.57 13.11 -2.94
CA LEU K 305 44.04 13.53 -4.24
C LEU K 305 44.91 12.94 -5.35
N CYS K 306 46.13 12.54 -5.00
CA CYS K 306 47.04 11.80 -5.86
C CYS K 306 47.00 10.30 -5.59
N ARG K 307 45.95 9.80 -4.93
CA ARG K 307 45.75 8.36 -4.71
C ARG K 307 46.86 7.80 -3.81
N SER K 308 47.04 8.44 -2.65
CA SER K 308 48.03 7.95 -1.68
C SER K 308 47.48 6.83 -0.81
N LYS K 309 46.22 6.95 -0.38
CA LYS K 309 45.52 6.01 0.50
C LYS K 309 46.04 6.03 1.94
N ARG K 310 47.24 6.56 2.15
CA ARG K 310 47.79 6.70 3.49
C ARG K 310 47.64 8.11 4.05
N ALA K 311 47.67 9.13 3.18
CA ALA K 311 47.53 10.51 3.60
C ALA K 311 46.13 10.83 4.11
N LEU K 312 45.15 9.99 3.77
CA LEU K 312 43.77 10.23 4.16
C LEU K 312 43.58 10.21 5.67
N ASN K 313 44.47 9.54 6.40
CA ASN K 313 44.39 9.42 7.87
C ASN K 313 45.39 10.33 8.57
N ALA K 314 45.55 11.56 8.08
CA ALA K 314 46.56 12.50 8.57
C ALA K 314 45.89 13.62 9.37
N ARG K 315 45.99 13.55 10.70
CA ARG K 315 45.39 14.52 11.62
C ARG K 315 45.57 15.94 11.13
N GLN K 316 44.51 16.58 10.64
CA GLN K 316 44.61 17.97 10.21
C GLN K 316 44.92 18.89 11.39
N PRO K 317 46.06 19.59 11.38
CA PRO K 317 46.45 20.48 12.50
C PRO K 317 45.70 21.80 12.50
N ASP K 318 44.90 22.05 13.53
CA ASP K 318 44.29 23.36 13.72
C ASP K 318 45.35 24.46 13.75
N GLU K 319 44.86 25.71 13.69
CA GLU K 319 45.69 26.93 13.69
C GLU K 319 46.74 26.92 12.57
N ILE K 320 46.25 26.86 11.33
CA ILE K 320 47.05 27.03 10.12
C ILE K 320 46.15 27.66 9.07
N ASP K 321 46.75 28.14 7.98
CA ASP K 321 45.98 28.78 6.91
C ASP K 321 45.30 27.69 6.08
N SER K 322 44.36 26.99 6.72
CA SER K 322 43.69 25.88 6.07
C SER K 322 42.92 26.32 4.83
N MET K 323 42.36 27.54 4.84
CA MET K 323 41.57 27.98 3.69
C MET K 323 42.44 28.17 2.44
N SER K 324 43.66 28.69 2.59
CA SER K 324 44.52 28.94 1.45
C SER K 324 45.40 27.73 1.10
N ILE K 325 45.86 26.99 2.10
CA ILE K 325 46.73 25.84 1.83
C ILE K 325 45.99 24.79 1.02
N SER K 326 44.69 24.63 1.26
CA SER K 326 43.91 23.69 0.47
C SER K 326 43.81 24.11 -0.98
N ASN K 327 43.83 25.42 -1.25
CA ASN K 327 43.79 25.91 -2.62
C ASN K 327 45.09 25.60 -3.36
N ALA K 328 46.24 25.80 -2.71
CA ALA K 328 47.51 25.49 -3.33
C ALA K 328 47.68 24.00 -3.58
N SER K 329 47.09 23.16 -2.73
CA SER K 329 47.23 21.72 -2.91
C SER K 329 46.48 21.24 -4.14
N LEU K 330 45.27 21.76 -4.37
CA LEU K 330 44.50 21.35 -5.54
C LEU K 330 45.18 21.76 -6.84
N LEU K 331 45.87 22.89 -6.86
CA LEU K 331 46.58 23.29 -8.07
C LEU K 331 47.70 22.33 -8.42
N MET K 332 48.41 21.81 -7.42
CA MET K 332 49.47 20.85 -7.68
C MET K 332 48.89 19.49 -8.08
N ALA K 333 47.81 19.07 -7.42
CA ALA K 333 47.20 17.78 -7.75
C ALA K 333 46.59 17.78 -9.15
N TYR K 334 45.96 18.89 -9.54
CA TYR K 334 45.38 18.97 -10.88
C TYR K 334 46.43 19.17 -11.97
N ALA K 335 47.67 19.47 -11.60
CA ALA K 335 48.73 19.59 -12.59
C ALA K 335 49.38 18.25 -12.88
N LEU K 336 49.52 17.41 -11.85
CA LEU K 336 50.08 16.08 -12.04
C LEU K 336 49.15 15.19 -12.87
N GLY K 337 47.84 15.41 -12.75
CA GLY K 337 46.90 14.63 -13.54
C GLY K 337 46.70 15.13 -14.94
N SER K 338 46.90 16.44 -15.16
CA SER K 338 46.75 17.04 -16.48
C SER K 338 48.00 16.92 -17.33
N SER K 339 49.11 16.44 -16.75
CA SER K 339 50.34 16.21 -17.51
C SER K 339 51.10 15.08 -16.82
N PRO K 340 50.63 13.85 -16.99
CA PRO K 340 51.24 12.71 -16.28
C PRO K 340 52.65 12.45 -16.78
N ASP K 341 53.48 11.89 -15.88
CA ASP K 341 54.86 11.59 -16.23
C ASP K 341 54.87 10.48 -17.28
N ILE K 342 54.68 10.88 -18.53
CA ILE K 342 54.57 9.96 -19.66
C ILE K 342 55.65 10.39 -20.63
N GLU K 343 56.83 9.81 -20.47
CA GLU K 343 57.97 10.03 -21.35
C GLU K 343 58.55 8.69 -21.73
N GLN K 344 58.91 8.51 -22.99
CA GLN K 344 59.47 7.24 -23.39
C GLN K 344 60.78 7.02 -22.64
N GLN K 345 61.07 5.77 -22.28
CA GLN K 345 62.31 5.46 -21.57
C GLN K 345 63.19 4.53 -22.40
N PHE K 346 62.83 3.26 -22.54
CA PHE K 346 63.58 2.35 -23.38
C PHE K 346 63.31 2.69 -24.85
N SER K 347 63.99 1.99 -25.74
CA SER K 347 63.80 2.17 -27.17
C SER K 347 64.41 0.98 -27.91
N THR K 348 63.77 0.58 -29.00
CA THR K 348 64.28 -0.48 -29.85
C THR K 348 64.98 0.08 -31.09
N GLY K 349 65.25 1.37 -31.11
CA GLY K 349 65.83 2.03 -32.27
C GLY K 349 64.93 3.11 -32.85
N ASN K 350 63.84 3.43 -32.16
CA ASN K 350 62.95 4.50 -32.58
C ASN K 350 63.03 5.68 -31.61
N THR K 351 62.50 6.82 -32.05
CA THR K 351 62.68 8.09 -31.38
C THR K 351 61.42 8.47 -30.60
N TYR K 352 61.37 9.71 -30.13
CA TYR K 352 60.31 10.21 -29.28
C TYR K 352 59.59 11.36 -29.98
N ARG K 353 58.42 11.73 -29.46
CA ARG K 353 57.60 12.75 -30.09
C ARG K 353 58.29 14.11 -30.23
N LYS K 354 59.36 14.35 -29.47
CA LYS K 354 60.17 15.59 -29.49
C LYS K 354 59.33 16.85 -29.64
N PRO K 355 58.57 17.26 -28.63
CA PRO K 355 57.72 18.45 -28.77
C PRO K 355 58.55 19.73 -28.80
N PRO K 356 58.46 20.50 -29.88
CA PRO K 356 59.19 21.77 -30.01
C PRO K 356 58.49 23.05 -29.60
N LYS K 357 57.76 23.10 -28.47
CA LYS K 357 57.07 24.32 -28.04
C LYS K 357 56.09 24.81 -29.12
N GLU K 358 54.97 24.09 -29.22
CA GLU K 358 53.94 24.39 -30.21
C GLU K 358 53.01 25.52 -29.74
N ALA K 359 53.61 26.70 -29.53
CA ALA K 359 52.87 27.90 -29.15
C ALA K 359 51.98 27.66 -27.94
N SER K 360 50.77 27.12 -28.19
CA SER K 360 49.81 26.80 -27.13
C SER K 360 48.53 26.20 -27.72
N TYR K 361 47.87 25.36 -26.92
CA TYR K 361 46.56 24.80 -27.23
C TYR K 361 45.47 25.50 -26.44
N LEU K 362 44.35 25.80 -27.10
CA LEU K 362 43.26 26.57 -26.52
C LEU K 362 42.16 25.68 -25.96
N VAL K 363 42.52 24.57 -25.31
CA VAL K 363 41.51 23.75 -24.64
C VAL K 363 41.10 24.39 -23.31
N SER K 364 42.07 24.60 -22.42
CA SER K 364 41.93 25.51 -21.29
C SER K 364 43.19 26.33 -21.10
N GLU K 365 43.93 26.57 -22.20
CA GLU K 365 45.31 27.03 -22.18
C GLU K 365 46.11 26.36 -21.08
N GLU K 366 45.79 25.10 -20.79
CA GLU K 366 46.50 24.31 -19.79
C GLU K 366 47.96 24.09 -20.20
N PRO K 367 48.93 24.46 -19.37
CA PRO K 367 50.33 24.17 -19.71
C PRO K 367 50.59 22.68 -19.78
N LYS K 368 51.45 22.28 -20.71
CA LYS K 368 51.77 20.89 -20.96
C LYS K 368 52.86 20.32 -20.07
N ASN K 369 53.48 21.14 -19.22
CA ASN K 369 54.56 20.70 -18.37
C ASN K 369 54.16 20.77 -16.90
N ARG K 370 55.06 20.31 -16.03
CA ARG K 370 54.84 20.32 -14.59
C ARG K 370 55.56 21.48 -13.92
N SER K 371 56.14 22.39 -14.69
CA SER K 371 56.82 23.54 -14.13
C SER K 371 55.84 24.45 -13.40
N VAL K 372 56.24 24.93 -12.22
CA VAL K 372 55.35 25.77 -11.43
C VAL K 372 55.07 27.09 -12.13
N VAL K 373 56.03 27.61 -12.91
CA VAL K 373 55.87 28.94 -13.46
C VAL K 373 54.74 28.99 -14.48
N GLU K 374 54.65 28.00 -15.36
CA GLU K 374 53.58 27.96 -16.34
C GLU K 374 52.22 27.71 -15.69
N TRP K 375 52.19 26.98 -14.58
CA TRP K 375 50.90 26.67 -13.95
C TRP K 375 50.38 27.85 -13.13
N ILE K 376 51.25 28.58 -12.44
CA ILE K 376 50.79 29.76 -11.70
C ILE K 376 50.31 30.84 -12.65
N ALA K 377 50.96 30.99 -13.81
CA ALA K 377 50.49 31.95 -14.79
C ALA K 377 49.14 31.56 -15.35
N TRP K 378 48.90 30.25 -15.55
CA TRP K 378 47.59 29.80 -15.98
C TRP K 378 46.55 29.97 -14.88
N TYR K 379 46.94 29.71 -13.64
CA TYR K 379 46.00 29.85 -12.53
C TYR K 379 45.69 31.32 -12.24
N SER K 380 46.60 32.22 -12.58
CA SER K 380 46.33 33.65 -12.44
C SER K 380 45.31 34.14 -13.46
N ASP K 381 45.17 33.45 -14.59
CA ASP K 381 44.17 33.82 -15.58
C ASP K 381 42.75 33.57 -15.08
N VAL K 382 42.58 32.70 -14.08
CA VAL K 382 41.29 32.42 -13.50
C VAL K 382 41.12 33.16 -12.17
N ASP K 383 41.91 34.21 -11.95
CA ASP K 383 41.84 35.06 -10.76
C ASP K 383 42.14 34.27 -9.48
N ASN K 384 43.01 33.28 -9.60
CA ASN K 384 43.50 32.48 -8.46
C ASN K 384 42.36 31.84 -7.68
N LYS K 385 41.28 31.47 -8.38
CA LYS K 385 40.20 30.69 -7.82
C LYS K 385 40.05 29.41 -8.63
N PRO K 386 39.83 28.26 -7.98
CA PRO K 386 39.82 27.00 -8.73
C PRO K 386 38.70 26.98 -9.77
N THR K 387 39.00 26.37 -10.91
CA THR K 387 38.06 26.27 -12.00
C THR K 387 37.14 25.07 -11.80
N ASP K 388 36.15 24.96 -12.66
CA ASP K 388 35.26 23.81 -12.68
C ASP K 388 36.06 22.51 -12.78
N ASP K 389 36.74 22.30 -13.91
CA ASP K 389 37.63 21.15 -14.14
C ASP K 389 38.38 20.68 -12.89
N MET K 390 38.89 21.59 -12.07
CA MET K 390 39.60 21.16 -10.86
C MET K 390 38.62 20.63 -9.81
N LEU K 391 37.54 21.38 -9.55
CA LEU K 391 36.57 20.94 -8.57
C LEU K 391 35.88 19.66 -9.00
N MET K 392 35.71 19.46 -10.32
CA MET K 392 35.14 18.21 -10.80
C MET K 392 36.07 17.04 -10.54
N MET K 393 37.39 17.27 -10.68
CA MET K 393 38.36 16.25 -10.30
C MET K 393 38.39 16.06 -8.78
N ALA K 394 38.22 17.14 -8.02
CA ALA K 394 38.28 17.03 -6.57
C ALA K 394 37.10 16.22 -6.03
N LYS K 395 35.92 16.39 -6.62
CA LYS K 395 34.79 15.57 -6.25
C LYS K 395 34.99 14.12 -6.67
N ARG K 396 35.72 13.89 -7.76
CA ARG K 396 36.01 12.52 -8.19
C ARG K 396 36.90 11.81 -7.18
N VAL K 397 37.91 12.50 -6.64
CA VAL K 397 38.72 11.93 -5.57
C VAL K 397 37.91 11.78 -4.30
N ALA K 398 36.90 12.64 -4.09
CA ALA K 398 36.07 12.56 -2.90
C ALA K 398 35.26 11.27 -2.84
N GLY K 399 34.98 10.65 -3.99
CA GLY K 399 34.19 9.44 -4.00
C GLY K 399 34.92 8.23 -3.50
N THR K 400 36.26 8.31 -3.39
CA THR K 400 37.06 7.23 -2.86
C THR K 400 37.11 7.24 -1.33
N ILE K 401 36.57 8.28 -0.70
CA ILE K 401 36.65 8.42 0.77
C ILE K 401 35.43 7.69 1.32
N SER K 402 35.52 6.35 1.35
CA SER K 402 34.43 5.53 1.85
C SER K 402 33.95 5.99 3.22
N GLY K 403 34.88 6.15 4.17
CA GLY K 403 34.56 6.67 5.47
C GLY K 403 35.79 7.25 6.13
N PRO K 404 35.82 8.57 6.28
CA PRO K 404 36.97 9.21 6.94
C PRO K 404 36.96 9.07 8.45
N ARG K 405 38.15 9.11 9.03
CA ARG K 405 38.28 9.40 10.46
C ARG K 405 38.07 10.89 10.70
N ASP K 406 37.62 11.22 11.90
CA ASP K 406 37.23 12.59 12.18
C ASP K 406 38.47 13.49 12.29
N ASN K 407 38.27 14.77 11.97
CA ASN K 407 39.32 15.80 12.09
C ASN K 407 40.56 15.45 11.29
N SER K 408 40.40 14.74 10.17
CA SER K 408 41.51 14.27 9.37
C SER K 408 41.42 14.84 7.95
N VAL K 409 42.45 14.58 7.15
CA VAL K 409 42.45 15.06 5.77
C VAL K 409 41.33 14.40 4.98
N GLY K 410 40.98 13.16 5.31
CA GLY K 410 39.91 12.49 4.58
C GLY K 410 38.55 13.11 4.82
N LYS K 411 38.29 13.55 6.05
CA LYS K 411 37.06 14.29 6.32
C LYS K 411 37.07 15.66 5.63
N TRP K 412 38.26 16.27 5.52
CA TRP K 412 38.36 17.57 4.88
C TRP K 412 38.05 17.51 3.40
N ILE K 413 38.63 16.54 2.70
CA ILE K 413 38.41 16.42 1.25
C ILE K 413 36.96 16.08 0.94
N LYS K 414 36.31 15.29 1.79
CA LYS K 414 34.94 14.90 1.51
C LYS K 414 33.96 16.03 1.78
N GLN K 415 34.13 16.75 2.89
CA GLN K 415 33.19 17.80 3.26
C GLN K 415 33.37 19.05 2.42
N THR K 416 34.61 19.47 2.17
CA THR K 416 34.84 20.70 1.42
C THR K 416 34.67 20.48 -0.07
N TYR K 417 35.47 19.59 -0.65
CA TYR K 417 35.42 19.32 -2.10
C TYR K 417 34.51 18.11 -2.30
N GLY K 418 33.23 18.37 -2.54
CA GLY K 418 32.29 17.30 -2.78
C GLY K 418 30.85 17.71 -2.55
N SER L 2 -7.98 73.42 28.72
CA SER L 2 -9.14 72.93 27.99
C SER L 2 -8.78 72.53 26.56
N VAL L 3 -9.03 71.26 26.25
CA VAL L 3 -8.77 70.67 24.94
C VAL L 3 -9.95 70.93 24.03
N ILE L 4 -9.69 70.98 22.72
CA ILE L 4 -10.70 71.18 21.68
C ILE L 4 -11.97 70.40 21.99
N ARG L 5 -13.09 71.10 22.05
CA ARG L 5 -14.36 70.52 22.44
C ARG L 5 -14.82 69.47 21.43
N ILE L 6 -15.55 68.47 21.93
CA ILE L 6 -16.07 67.38 21.12
C ILE L 6 -17.58 67.52 21.10
N LYS L 7 -18.16 67.51 19.91
CA LYS L 7 -19.60 67.68 19.75
C LYS L 7 -20.21 66.46 19.05
N THR L 8 -21.51 66.55 18.82
CA THR L 8 -22.33 65.51 18.23
C THR L 8 -23.34 66.25 17.36
N ASN L 9 -24.56 65.73 17.21
CA ASN L 9 -25.52 66.48 16.41
C ASN L 9 -26.25 67.55 17.21
N ALA L 10 -25.88 67.79 18.47
CA ALA L 10 -26.46 68.94 19.16
C ALA L 10 -25.51 69.66 20.11
N ALA L 11 -24.59 68.96 20.77
CA ALA L 11 -23.98 69.53 21.96
C ALA L 11 -22.64 68.87 22.27
N VAL L 12 -21.90 69.50 23.19
CA VAL L 12 -20.58 69.05 23.61
C VAL L 12 -20.70 67.85 24.56
N ALA L 13 -19.63 67.05 24.61
CA ALA L 13 -19.58 65.86 25.45
C ALA L 13 -18.21 65.74 26.10
N ALA L 14 -18.18 65.57 27.43
CA ALA L 14 -16.93 65.40 28.15
C ALA L 14 -16.22 64.11 27.75
N VAL L 15 -14.89 64.17 27.71
CA VAL L 15 -14.08 63.09 27.11
C VAL L 15 -12.99 62.56 28.04
N LEU L 16 -13.29 62.38 29.32
CA LEU L 16 -12.24 61.98 30.26
C LEU L 16 -12.60 60.70 31.00
N PRO L 17 -11.72 59.68 30.99
CA PRO L 17 -11.95 58.47 31.78
C PRO L 17 -11.27 58.51 33.15
N ALA L 18 -11.42 57.44 33.92
CA ALA L 18 -10.76 57.30 35.21
C ALA L 18 -9.24 57.24 35.03
N ASN L 19 -8.52 57.73 36.04
CA ASN L 19 -7.09 57.97 35.94
C ASN L 19 -6.31 56.68 36.28
N GLU L 20 -5.03 56.85 36.59
CA GLU L 20 -4.15 55.74 36.97
C GLU L 20 -3.05 56.30 37.86
N ASP L 21 -2.24 55.41 38.42
CA ASP L 21 -1.29 55.81 39.45
C ASP L 21 0.11 56.02 38.88
N GLN L 22 0.86 56.90 39.54
CA GLN L 22 2.21 57.27 39.17
C GLN L 22 3.21 56.45 39.98
N ALA L 23 4.48 56.85 39.94
CA ALA L 23 5.56 56.18 40.65
C ALA L 23 6.24 57.16 41.60
N ASP L 24 7.16 56.63 42.40
CA ASP L 24 7.88 57.44 43.37
C ASP L 24 9.29 57.73 42.85
N TYR L 25 10.04 58.53 43.59
CA TYR L 25 11.39 58.83 43.12
C TYR L 25 12.42 58.68 44.24
N PRO L 26 13.63 58.22 43.92
CA PRO L 26 14.67 58.14 44.96
C PRO L 26 15.06 59.48 45.57
N SER L 27 15.09 60.56 44.77
CA SER L 27 15.57 61.83 45.30
C SER L 27 14.58 62.49 46.24
N THR L 28 13.28 62.26 46.03
CA THR L 28 12.27 62.91 46.85
C THR L 28 12.31 62.43 48.29
N PHE L 29 12.77 61.20 48.54
CA PHE L 29 12.89 60.73 49.90
C PHE L 29 13.97 61.46 50.68
N PHE L 30 14.95 62.06 49.98
CA PHE L 30 16.05 62.79 50.60
C PHE L 30 15.94 64.30 50.37
N GLU L 31 14.77 64.77 49.94
CA GLU L 31 14.58 66.21 49.75
C GLU L 31 14.24 66.92 51.06
N GLY L 32 13.67 66.19 52.01
CA GLY L 32 13.38 66.65 53.35
C GLY L 32 14.56 66.60 54.29
N GLY L 33 15.67 65.99 53.87
CA GLY L 33 16.76 65.63 54.75
C GLY L 33 16.53 64.35 55.51
N ASN L 34 15.41 63.66 55.26
CA ASN L 34 15.06 62.37 55.85
C ASN L 34 16.20 61.39 55.93
N GLU L 35 16.16 60.53 56.95
CA GLU L 35 17.16 59.51 57.22
C GLU L 35 16.61 58.15 56.81
N ILE L 36 17.51 57.29 56.32
CA ILE L 36 17.07 56.00 55.78
C ILE L 36 16.44 55.14 56.87
N ARG L 37 16.83 55.33 58.13
CA ARG L 37 16.19 54.68 59.26
C ARG L 37 16.07 53.14 59.21
N LEU L 38 17.17 52.44 59.39
CA LEU L 38 17.10 50.98 59.51
C LEU L 38 16.56 50.65 60.90
N TYR L 39 15.84 49.53 61.00
CA TYR L 39 15.20 49.11 62.25
C TYR L 39 15.58 47.67 62.61
N VAL L 40 16.62 47.51 63.42
CA VAL L 40 17.04 46.19 63.87
C VAL L 40 16.92 46.13 65.39
N ASN L 41 16.52 44.98 65.90
CA ASN L 41 16.42 44.78 67.35
C ASN L 41 17.82 44.52 67.90
N ARG L 42 18.33 45.49 68.65
CA ARG L 42 19.63 45.36 69.30
C ARG L 42 19.48 45.51 70.81
N GLY L 43 20.43 44.96 71.53
CA GLY L 43 20.44 45.05 72.98
C GLY L 43 20.74 43.71 73.61
N GLU L 44 20.46 42.65 72.86
CA GLU L 44 20.80 41.30 73.30
C GLU L 44 22.27 41.00 72.97
N LYS L 45 22.86 40.12 73.77
CA LYS L 45 24.27 39.79 73.64
C LYS L 45 24.57 38.99 72.37
N LEU L 46 25.80 39.11 71.89
CA LEU L 46 26.21 38.46 70.65
C LEU L 46 26.16 36.94 70.73
N ASP L 47 26.76 36.37 71.78
CA ASP L 47 26.91 34.91 71.83
C ASP L 47 25.57 34.20 71.90
N VAL L 48 24.60 34.78 72.60
CA VAL L 48 23.28 34.15 72.67
C VAL L 48 22.58 34.20 71.32
N LEU L 49 22.87 35.22 70.50
CA LEU L 49 22.22 35.32 69.19
C LEU L 49 22.73 34.27 68.22
N ARG L 50 24.03 33.95 68.26
CA ARG L 50 24.56 32.97 67.32
C ARG L 50 23.97 31.58 67.57
N GLN L 51 23.63 31.29 68.83
CA GLN L 51 22.99 30.01 69.15
C GLN L 51 21.50 30.05 68.87
N TYR L 52 20.88 31.24 68.91
CA TYR L 52 19.47 31.35 68.57
C TYR L 52 19.21 30.95 67.11
N VAL L 53 20.14 31.30 66.22
CA VAL L 53 19.96 31.01 64.80
C VAL L 53 20.41 29.61 64.42
N TYR L 54 21.52 29.13 64.98
CA TYR L 54 22.08 27.86 64.52
C TYR L 54 21.17 26.67 64.85
N MET L 55 20.45 26.72 65.97
CA MET L 55 19.46 25.68 66.23
C MET L 55 18.10 26.02 65.64
N GLY L 56 17.83 27.31 65.40
CA GLY L 56 16.62 27.67 64.68
C GLY L 56 16.71 27.46 63.18
N LEU L 57 17.91 27.51 62.62
CA LEU L 57 18.05 27.29 61.18
C LEU L 57 17.82 25.81 60.82
N VAL L 58 18.25 24.89 61.68
CA VAL L 58 18.06 23.47 61.38
C VAL L 58 16.57 23.10 61.44
N GLU L 59 15.79 23.79 62.25
CA GLU L 59 14.34 23.58 62.32
C GLU L 59 13.62 24.50 61.35
N LYS L 60 12.58 23.97 60.70
CA LYS L 60 11.77 24.69 59.73
C LYS L 60 11.20 26.02 60.23
N ASN L 61 11.43 26.39 61.50
CA ASN L 61 10.93 27.65 62.04
C ASN L 61 12.11 28.50 62.47
N CYS L 62 12.70 29.19 61.50
CA CYS L 62 13.78 30.15 61.70
C CYS L 62 13.24 31.55 61.45
N ARG L 63 12.61 32.13 62.47
CA ARG L 63 12.05 33.48 62.36
C ARG L 63 13.07 34.45 61.78
N ILE L 64 12.62 35.62 61.32
CA ILE L 64 13.49 36.56 60.66
C ILE L 64 14.00 37.65 61.61
N GLN L 65 13.30 37.90 62.71
CA GLN L 65 13.81 38.84 63.69
C GLN L 65 15.10 38.32 64.31
N HIS L 66 15.27 37.00 64.36
CA HIS L 66 16.52 36.42 64.86
C HIS L 66 17.67 36.67 63.90
N VAL L 67 17.47 36.37 62.61
CA VAL L 67 18.55 36.53 61.63
C VAL L 67 18.89 38.00 61.44
N ASN L 68 17.92 38.90 61.59
CA ASN L 68 18.21 40.33 61.43
C ASN L 68 19.09 40.83 62.56
N ALA L 69 18.83 40.40 63.79
CA ALA L 69 19.65 40.81 64.92
C ALA L 69 21.07 40.28 64.80
N TYR L 70 21.25 39.10 64.19
CA TYR L 70 22.57 38.52 64.06
C TYR L 70 23.40 39.26 63.00
N LEU L 71 22.79 39.56 61.85
CA LEU L 71 23.55 40.21 60.78
C LEU L 71 24.06 41.58 61.20
N TYR L 72 23.33 42.27 62.07
CA TYR L 72 23.83 43.53 62.61
C TYR L 72 25.02 43.32 63.53
N ALA L 73 25.13 42.15 64.16
CA ALA L 73 26.19 41.93 65.13
C ALA L 73 27.52 41.58 64.47
N VAL L 74 27.50 40.63 63.53
CA VAL L 74 28.75 40.20 62.90
C VAL L 74 29.29 41.28 61.97
N LEU L 75 28.42 42.04 61.31
CA LEU L 75 28.86 43.06 60.36
C LEU L 75 28.87 44.44 61.00
N LYS L 76 29.57 44.59 62.14
CA LYS L 76 29.61 45.87 62.85
C LYS L 76 31.05 46.11 63.30
N GLY L 77 31.85 46.73 62.42
CA GLY L 77 33.22 47.04 62.76
C GLY L 77 34.24 46.76 61.68
N GLU L 78 33.78 46.31 60.52
CA GLU L 78 34.65 45.92 59.42
C GLU L 78 35.06 47.14 58.59
N ARG L 79 35.10 48.30 59.24
CA ARG L 79 35.52 49.59 58.67
C ARG L 79 36.68 49.45 57.69
N GLU L 80 36.83 50.47 56.83
CA GLU L 80 37.76 50.45 55.71
C GLU L 80 38.28 51.86 55.48
N LEU L 81 39.39 51.97 54.77
CA LEU L 81 40.08 53.26 54.67
C LEU L 81 39.34 54.25 53.78
N LEU L 82 38.42 53.76 52.95
CA LEU L 82 37.50 54.61 52.17
C LEU L 82 38.24 55.54 51.21
N GLU L 83 38.75 56.65 51.76
CA GLU L 83 39.45 57.75 51.08
C GLU L 83 38.71 58.31 49.87
N ALA L 84 39.14 59.47 49.40
CA ALA L 84 38.53 60.23 48.30
C ALA L 84 37.05 60.59 48.53
N ASP L 85 36.58 60.57 49.78
CA ASP L 85 35.22 60.98 50.13
C ASP L 85 34.12 60.09 49.55
N TRP L 86 33.00 59.97 50.28
CA TRP L 86 31.89 59.09 49.88
C TRP L 86 30.59 59.85 50.11
N ASP L 87 30.01 60.41 49.05
CA ASP L 87 28.83 61.28 49.18
C ASP L 87 27.81 60.98 48.10
N SER L 88 26.67 60.40 48.47
CA SER L 88 25.54 60.24 47.56
C SER L 88 24.30 60.93 48.10
N PHE L 89 23.40 61.31 47.18
CA PHE L 89 22.09 61.89 47.45
C PHE L 89 22.05 62.91 48.60
N GLY L 90 23.10 63.69 48.78
CA GLY L 90 23.12 64.74 49.78
C GLY L 90 23.44 64.28 51.18
N HIS L 91 23.24 63.00 51.49
CA HIS L 91 23.56 62.46 52.80
C HIS L 91 25.01 61.96 52.74
N LYS L 92 25.94 62.78 53.22
CA LYS L 92 27.33 62.38 53.20
C LYS L 92 27.57 61.24 54.19
N ILE L 93 28.38 60.28 53.78
CA ILE L 93 28.66 59.11 54.60
C ILE L 93 30.02 59.22 55.29
N GLY L 94 31.08 59.50 54.52
CA GLY L 94 32.39 59.62 55.12
C GLY L 94 33.36 60.51 54.37
N ILE L 95 34.16 61.26 55.13
CA ILE L 95 35.20 62.13 54.59
C ILE L 95 36.46 61.31 54.36
N GLN L 96 37.35 61.85 53.51
CA GLN L 96 38.57 61.15 53.13
C GLN L 96 39.45 60.85 54.35
N GLY L 97 40.07 59.68 54.35
CA GLY L 97 41.02 59.29 55.36
C GLY L 97 40.40 58.68 56.61
N ASP L 98 39.08 58.58 56.68
CA ASP L 98 38.42 58.02 57.85
C ASP L 98 38.13 56.53 57.66
N LYS L 99 38.09 55.81 58.77
CA LYS L 99 37.53 54.47 58.78
C LYS L 99 36.01 54.58 58.74
N ILE L 100 35.38 53.89 57.81
CA ILE L 100 33.96 54.14 57.55
C ILE L 100 33.01 53.16 58.25
N GLY L 101 32.87 51.94 57.73
CA GLY L 101 31.96 50.98 58.30
C GLY L 101 31.00 50.43 57.27
N PRO L 102 30.40 49.27 57.53
CA PRO L 102 29.40 48.75 56.60
C PRO L 102 27.98 49.21 56.87
N PHE L 103 27.70 49.68 58.09
CA PHE L 103 26.34 50.03 58.50
C PHE L 103 26.12 51.50 58.81
N ASN L 104 27.13 52.36 58.63
CA ASN L 104 26.95 53.78 58.92
C ASN L 104 26.22 54.53 57.81
N LEU L 105 25.88 53.85 56.71
CA LEU L 105 25.10 54.47 55.66
C LEU L 105 23.65 54.71 56.07
N VAL L 106 23.22 54.14 57.20
CA VAL L 106 21.81 54.19 57.59
C VAL L 106 21.72 54.31 59.10
N ARG L 107 20.68 55.02 59.56
CA ARG L 107 20.41 55.14 60.98
C ARG L 107 20.04 53.79 61.58
N VAL L 108 20.49 53.56 62.82
CA VAL L 108 20.29 52.25 63.43
C VAL L 108 18.89 52.13 64.04
N GLU L 109 18.38 53.20 64.66
CA GLU L 109 16.96 53.30 65.03
C GLU L 109 16.37 52.04 65.64
N ASP L 110 16.71 51.74 66.90
CA ASP L 110 16.25 50.50 67.51
C ASP L 110 14.72 50.42 67.50
N ILE L 111 14.23 49.21 67.25
CA ILE L 111 12.81 48.92 67.06
C ILE L 111 12.08 49.14 68.39
N PRO L 112 10.78 49.43 68.36
CA PRO L 112 9.99 49.34 69.58
C PRO L 112 10.05 47.91 70.11
N ASP L 113 10.04 47.78 71.43
CA ASP L 113 10.47 46.54 72.08
C ASP L 113 9.75 45.32 71.53
N GLY L 114 10.52 44.51 70.76
CA GLY L 114 10.05 43.33 70.08
C GLY L 114 11.06 42.19 70.13
N LEU L 115 11.81 42.08 71.22
CA LEU L 115 12.93 41.15 71.26
C LEU L 115 12.47 39.71 71.05
N PRO L 116 13.14 38.95 70.19
CA PRO L 116 12.65 37.61 69.83
C PRO L 116 12.61 36.66 71.03
N ASP L 117 11.60 35.81 71.03
CA ASP L 117 11.41 34.78 72.06
C ASP L 117 12.02 33.45 71.65
N GLY L 118 12.49 32.69 72.63
CA GLY L 118 12.81 31.29 72.41
C GLY L 118 14.21 30.96 71.93
N LYS L 119 14.30 29.92 71.09
CA LYS L 119 15.53 29.45 70.46
C LYS L 119 16.59 28.93 71.44
N LEU L 120 16.40 27.72 71.94
CA LEU L 120 17.34 27.10 72.87
C LEU L 120 18.68 26.83 72.20
N ASN L 121 19.76 27.07 72.94
CA ASN L 121 21.11 27.05 72.39
C ASN L 121 21.50 25.66 71.86
N ALA L 122 22.10 25.62 70.67
CA ALA L 122 22.68 24.42 70.11
C ALA L 122 24.16 24.35 70.50
N GLU L 123 24.95 23.54 69.79
CA GLU L 123 26.37 23.47 70.06
C GLU L 123 27.10 24.71 69.53
N VAL L 124 28.13 25.12 70.27
CA VAL L 124 28.86 26.36 69.99
C VAL L 124 29.98 26.09 69.00
N SER L 125 30.03 26.88 67.92
CA SER L 125 31.15 26.78 67.00
C SER L 125 32.05 28.00 67.01
N ALA L 126 31.48 29.19 67.22
CA ALA L 126 32.21 30.45 67.44
C ALA L 126 33.09 30.87 66.27
N GLU L 127 33.27 30.00 65.28
CA GLU L 127 34.07 30.29 64.09
C GLU L 127 33.24 30.41 62.83
N ASP L 128 31.93 30.22 62.90
CA ASP L 128 31.13 30.12 61.68
C ASP L 128 30.71 31.46 61.12
N ASP L 129 31.39 32.56 61.45
CA ASP L 129 31.08 33.80 60.76
C ASP L 129 31.66 33.80 59.35
N ALA L 130 32.54 32.85 59.03
CA ALA L 130 32.98 32.69 57.65
C ALA L 130 31.84 32.20 56.76
N TRP L 131 30.88 31.47 57.34
CA TRP L 131 29.77 30.89 56.60
C TRP L 131 28.40 31.44 56.96
N LEU L 132 28.12 31.68 58.25
CA LEU L 132 26.74 32.00 58.63
C LEU L 132 26.21 33.27 57.99
N PRO L 133 26.89 34.42 58.02
CA PRO L 133 26.39 35.57 57.25
C PRO L 133 26.30 35.33 55.76
N LEU L 134 27.24 34.56 55.19
CA LEU L 134 27.20 34.31 53.75
C LEU L 134 25.99 33.46 53.35
N PHE L 135 25.58 32.54 54.21
CA PHE L 135 24.43 31.70 53.88
C PHE L 135 23.13 32.48 54.00
N LEU L 136 22.97 33.24 55.09
CA LEU L 136 21.73 33.97 55.31
C LEU L 136 21.53 35.04 54.24
N LEU L 137 22.61 35.67 53.78
CA LEU L 137 22.51 36.59 52.66
C LEU L 137 22.24 35.84 51.35
N GLY L 138 22.74 34.60 51.23
CA GLY L 138 22.55 33.85 50.01
C GLY L 138 21.16 33.28 49.84
N LEU L 139 20.42 33.12 50.93
CA LEU L 139 19.06 32.59 50.84
C LEU L 139 18.09 33.59 50.23
N TYR L 140 18.42 34.89 50.24
CA TYR L 140 17.58 35.87 49.59
C TYR L 140 17.56 35.67 48.08
N ARG L 141 18.69 35.27 47.50
CA ARG L 141 18.72 35.01 46.06
C ARG L 141 17.86 33.81 45.69
N VAL L 142 17.82 32.80 46.56
CA VAL L 142 16.98 31.64 46.27
C VAL L 142 15.51 31.93 46.56
N GLY L 143 15.22 33.03 47.27
CA GLY L 143 13.84 33.42 47.49
C GLY L 143 13.11 33.83 46.23
N ARG L 144 13.83 34.34 45.24
CA ARG L 144 13.21 34.88 44.03
C ARG L 144 12.79 33.77 43.08
N ALA L 145 13.71 32.89 42.70
CA ALA L 145 13.39 31.83 41.76
C ALA L 145 12.26 30.96 42.26
N SER L 146 11.35 30.62 41.33
CA SER L 146 10.22 29.75 41.62
C SER L 146 10.27 28.44 40.85
N GLU L 147 11.07 28.36 39.80
CA GLU L 147 11.22 27.17 38.96
C GLU L 147 12.41 26.36 39.48
N THR L 148 12.91 25.44 38.65
CA THR L 148 14.04 24.57 39.00
C THR L 148 15.31 25.33 39.32
N ALA L 149 15.39 26.63 38.99
CA ALA L 149 16.53 27.45 39.41
C ALA L 149 16.64 27.53 40.92
N TYR L 150 15.55 27.24 41.64
CA TYR L 150 15.60 27.12 43.10
C TYR L 150 16.61 26.07 43.55
N ARG L 151 16.79 25.01 42.76
CA ARG L 151 17.80 23.99 43.08
C ARG L 151 19.20 24.43 42.64
N THR L 152 19.31 25.05 41.47
CA THR L 152 20.63 25.44 40.96
C THR L 152 21.28 26.50 41.83
N LEU L 153 20.48 27.41 42.40
CA LEU L 153 21.07 28.50 43.18
C LEU L 153 21.64 27.98 44.51
N LEU L 154 20.93 27.04 45.14
CA LEU L 154 21.44 26.45 46.38
C LEU L 154 22.69 25.62 46.13
N MET L 155 22.78 24.98 44.97
CA MET L 155 23.99 24.21 44.68
C MET L 155 25.21 25.12 44.55
N GLU L 156 25.04 26.30 43.95
CA GLU L 156 26.13 27.27 43.98
C GLU L 156 26.32 27.82 45.38
N SER L 157 25.23 27.99 46.14
CA SER L 157 25.35 28.47 47.51
C SER L 157 25.95 27.40 48.42
N LEU L 158 25.55 26.14 48.24
CA LEU L 158 26.09 25.08 49.07
C LEU L 158 27.58 24.86 48.79
N ILE L 159 27.96 24.90 47.51
CA ILE L 159 29.38 24.77 47.18
C ILE L 159 30.15 25.99 47.66
N LYS L 160 29.54 27.16 47.61
CA LYS L 160 30.25 28.37 48.03
C LYS L 160 30.52 28.37 49.53
N GLN L 161 29.68 27.68 50.30
CA GLN L 161 29.85 27.62 51.74
C GLN L 161 30.47 26.32 52.21
N CYS L 162 30.36 25.23 51.45
CA CYS L 162 31.19 24.07 51.73
C CYS L 162 32.66 24.39 51.51
N LYS L 163 32.94 25.32 50.59
CA LYS L 163 34.26 25.90 50.42
C LYS L 163 34.59 26.93 51.50
N ALA L 164 33.60 27.36 52.29
CA ALA L 164 33.82 28.47 53.20
C ALA L 164 34.57 28.06 54.47
N ILE L 165 34.32 26.87 55.01
CA ILE L 165 34.93 26.60 56.32
C ILE L 165 36.24 25.85 56.16
N LYS L 166 36.21 24.54 55.94
CA LYS L 166 37.41 23.88 55.46
C LYS L 166 37.15 22.87 54.33
N SER L 167 36.71 21.66 54.70
CA SER L 167 36.16 20.62 53.84
C SER L 167 34.81 20.10 54.32
N ASP L 168 34.67 19.85 55.63
CA ASP L 168 33.43 19.28 56.15
C ASP L 168 32.33 20.32 56.14
N TRP L 169 31.13 19.91 55.75
CA TRP L 169 30.00 20.84 55.74
C TRP L 169 28.71 20.05 55.69
N VAL L 170 27.97 20.03 56.81
CA VAL L 170 26.60 19.52 56.78
C VAL L 170 25.72 20.53 56.05
N SER L 171 24.66 20.02 55.40
CA SER L 171 23.85 20.96 54.64
C SER L 171 22.47 21.09 55.28
N PRO L 172 22.32 21.99 56.25
CA PRO L 172 21.00 22.19 56.88
C PRO L 172 19.91 22.65 55.92
N VAL L 173 20.27 23.38 54.86
CA VAL L 173 19.26 24.00 54.00
C VAL L 173 18.34 22.95 53.40
N THR L 174 17.04 23.24 53.41
CA THR L 174 16.05 22.39 52.78
C THR L 174 16.14 22.46 51.27
N ALA L 175 15.81 21.34 50.61
CA ALA L 175 15.87 21.29 49.16
C ALA L 175 14.82 22.19 48.51
N THR L 176 13.59 22.15 49.01
CA THR L 176 12.50 22.88 48.35
C THR L 176 11.55 23.62 49.27
N HIS L 177 11.65 23.48 50.60
CA HIS L 177 10.71 24.16 51.48
C HIS L 177 10.90 25.67 51.38
N LYS L 178 9.79 26.41 51.47
CA LYS L 178 9.77 27.84 51.19
C LYS L 178 9.47 28.68 52.42
N TYR L 179 10.04 28.29 53.57
CA TYR L 179 9.81 29.05 54.79
C TYR L 179 10.64 30.32 54.87
N PHE L 180 11.73 30.43 54.10
CA PHE L 180 12.53 31.64 54.09
C PHE L 180 12.11 32.63 53.00
N ASP L 181 11.08 32.30 52.21
CA ASP L 181 10.53 33.29 51.27
C ASP L 181 9.92 34.47 52.01
N VAL L 182 9.58 34.30 53.29
CA VAL L 182 9.05 35.38 54.10
C VAL L 182 10.09 36.49 54.24
N TRP L 183 11.38 36.14 54.14
CA TRP L 183 12.44 37.10 54.44
C TRP L 183 12.44 38.30 53.50
N GLY L 184 11.93 38.14 52.28
CA GLY L 184 11.94 39.25 51.35
C GLY L 184 10.90 40.32 51.61
N ASN L 185 9.90 40.03 52.44
CA ASN L 185 8.89 41.03 52.76
C ASN L 185 9.27 41.95 53.92
N ASP L 186 10.25 41.56 54.72
CA ASP L 186 10.68 42.42 55.83
C ASP L 186 11.55 43.55 55.29
N GLY L 187 11.17 44.78 55.59
CA GLY L 187 11.89 45.92 55.06
C GLY L 187 13.28 46.09 55.65
N ASN L 188 13.44 45.75 56.92
CA ASN L 188 14.75 45.88 57.56
C ASN L 188 15.74 44.85 57.01
N TYR L 189 15.27 43.62 56.77
CA TYR L 189 16.15 42.61 56.20
C TYR L 189 16.62 42.98 54.80
N LEU L 190 15.75 43.64 54.03
CA LEU L 190 16.17 44.14 52.72
C LEU L 190 17.21 45.24 52.85
N LYS L 191 17.14 46.03 53.93
CA LYS L 191 18.12 47.09 54.13
C LYS L 191 19.48 46.53 54.51
N ILE L 192 19.50 45.50 55.37
CA ILE L 192 20.78 44.89 55.73
C ILE L 192 21.40 44.21 54.53
N VAL L 193 20.58 43.58 53.69
CA VAL L 193 21.08 42.98 52.47
C VAL L 193 21.55 44.06 51.49
N ALA L 194 20.88 45.21 51.49
CA ALA L 194 21.32 46.31 50.64
C ALA L 194 22.58 46.97 51.17
N CYS L 195 22.71 47.07 52.51
CA CYS L 195 23.91 47.66 53.07
C CYS L 195 25.14 46.80 52.80
N VAL L 196 24.96 45.47 52.80
CA VAL L 196 26.09 44.59 52.53
C VAL L 196 26.55 44.74 51.08
N ASP L 197 25.60 44.91 50.15
CA ASP L 197 25.97 45.00 48.74
C ASP L 197 26.54 46.37 48.40
N MET L 198 25.90 47.43 48.88
CA MET L 198 26.40 48.78 48.59
C MET L 198 27.75 49.04 49.24
N PHE L 199 28.02 48.45 50.41
CA PHE L 199 29.30 48.64 51.05
C PHE L 199 30.42 47.95 50.28
N TYR L 200 30.20 46.69 49.89
CA TYR L 200 31.21 45.93 49.18
C TYR L 200 31.21 46.18 47.68
N ASN L 201 30.20 46.90 47.17
CA ASN L 201 30.28 47.36 45.78
C ASN L 201 31.39 48.38 45.60
N HIS L 202 31.67 49.19 46.63
CA HIS L 202 32.78 50.12 46.57
C HIS L 202 34.09 49.45 46.96
N PHE L 203 34.07 48.62 48.00
CA PHE L 203 35.27 47.93 48.49
C PHE L 203 35.28 46.49 48.00
N LYS L 204 35.51 46.36 46.68
CA LYS L 204 35.61 45.03 46.09
C LYS L 204 36.81 44.25 46.59
N LYS L 205 37.84 44.95 47.09
CA LYS L 205 39.06 44.31 47.58
C LYS L 205 38.92 43.73 48.98
N SER L 206 37.84 44.01 49.68
CA SER L 206 37.69 43.51 51.05
C SER L 206 37.54 41.99 51.05
N ILE L 207 38.08 41.37 52.11
CA ILE L 207 38.03 39.92 52.21
C ILE L 207 36.61 39.42 52.42
N LYS L 208 35.75 40.23 53.04
CA LYS L 208 34.39 39.84 53.34
C LYS L 208 33.43 40.12 52.17
N ALA L 209 33.98 40.49 51.00
CA ALA L 209 33.18 40.69 49.80
C ALA L 209 32.61 39.38 49.27
N THR L 210 33.06 38.23 49.79
CA THR L 210 32.52 36.95 49.39
C THR L 210 31.03 36.84 49.71
N PHE L 211 30.53 37.66 50.64
CA PHE L 211 29.11 37.74 50.95
C PHE L 211 28.28 38.24 49.76
N ARG L 212 28.92 38.81 48.73
CA ARG L 212 28.17 39.40 47.62
C ARG L 212 27.27 38.40 46.91
N TRP L 213 27.57 37.11 46.97
CA TRP L 213 26.60 36.13 46.47
C TRP L 213 25.32 36.22 47.29
N GLY L 214 24.18 36.26 46.58
CA GLY L 214 22.89 36.36 47.23
C GLY L 214 22.42 37.77 47.50
N THR L 215 23.33 38.75 47.49
CA THR L 215 22.95 40.14 47.64
C THR L 215 23.15 40.97 46.36
N ILE L 216 23.79 40.42 45.33
CA ILE L 216 23.95 41.16 44.09
C ILE L 216 22.60 41.37 43.40
N VAL L 217 21.65 40.46 43.63
CA VAL L 217 20.32 40.63 43.05
C VAL L 217 19.62 41.84 43.64
N SER L 218 19.99 42.22 44.86
CA SER L 218 19.41 43.38 45.53
C SER L 218 19.83 44.70 44.89
N ARG L 219 20.92 44.72 44.11
CA ARG L 219 21.46 45.97 43.60
C ARG L 219 20.51 46.73 42.68
N PHE L 220 20.31 46.27 41.45
CA PHE L 220 19.37 46.94 40.53
C PHE L 220 18.03 46.21 40.46
N LYS L 221 17.41 45.93 41.62
CA LYS L 221 16.14 45.21 41.59
C LYS L 221 15.01 46.11 41.09
N ASP L 222 13.98 45.47 40.54
CA ASP L 222 12.79 46.07 39.93
C ASP L 222 13.03 47.41 39.23
N CYS L 223 14.13 47.54 38.52
CA CYS L 223 14.40 48.71 37.68
C CYS L 223 14.90 48.25 36.32
N ALA L 224 14.27 47.20 35.79
CA ALA L 224 14.72 46.55 34.57
C ALA L 224 14.58 47.42 33.33
N ALA L 225 13.72 48.45 33.35
CA ALA L 225 13.58 49.30 32.18
C ALA L 225 14.87 50.02 31.84
N LEU L 226 15.69 50.34 32.85
CA LEU L 226 17.01 50.89 32.56
C LEU L 226 17.93 49.86 31.92
N ALA L 227 17.82 48.60 32.34
CA ALA L 227 18.62 47.55 31.72
C ALA L 227 18.24 47.35 30.26
N THR L 228 16.96 47.54 29.92
CA THR L 228 16.57 47.46 28.52
C THR L 228 17.15 48.59 27.70
N LEU L 229 17.22 49.79 28.29
CA LEU L 229 17.78 50.93 27.56
C LEU L 229 19.26 50.75 27.28
N GLY L 230 20.00 50.17 28.23
CA GLY L 230 21.39 49.86 27.98
C GLY L 230 21.57 48.69 27.04
N HIS L 231 20.64 47.75 27.07
CA HIS L 231 20.72 46.58 26.19
C HIS L 231 20.57 46.97 24.72
N VAL L 232 19.71 47.95 24.43
CA VAL L 232 19.51 48.35 23.04
C VAL L 232 20.74 49.05 22.48
N VAL L 233 21.44 49.82 23.32
CA VAL L 233 22.61 50.55 22.85
C VAL L 233 23.72 49.58 22.45
N LYS L 234 23.86 48.49 23.20
CA LYS L 234 24.93 47.53 22.93
C LYS L 234 24.63 46.66 21.72
N ILE L 235 23.35 46.31 21.52
CA ILE L 235 23.00 45.40 20.44
C ILE L 235 22.93 46.15 19.11
N THR L 236 22.36 47.36 19.12
CA THR L 236 22.24 48.13 17.88
C THR L 236 23.57 48.70 17.42
N GLY L 237 24.48 48.99 18.35
CA GLY L 237 25.73 49.64 18.01
C GLY L 237 25.65 51.14 17.88
N LEU L 238 24.47 51.72 18.05
CA LEU L 238 24.29 53.17 18.00
C LEU L 238 24.73 53.83 19.30
N THR L 239 25.10 55.10 19.19
CA THR L 239 25.38 55.89 20.38
C THR L 239 24.08 56.16 21.13
N ILE L 240 24.22 56.41 22.45
CA ILE L 240 23.04 56.59 23.29
C ILE L 240 22.20 57.77 22.81
N GLU L 241 22.85 58.80 22.26
CA GLU L 241 22.10 59.90 21.69
C GLU L 241 21.38 59.49 20.41
N GLU L 242 22.04 58.67 19.57
CA GLU L 242 21.42 58.25 18.32
C GLU L 242 20.22 57.34 18.55
N VAL L 243 20.22 56.55 19.62
CA VAL L 243 19.07 55.70 19.91
C VAL L 243 17.86 56.56 20.25
N PHE L 244 18.09 57.69 20.93
CA PHE L 244 16.98 58.58 21.26
C PHE L 244 16.38 59.19 20.01
N THR L 245 17.20 59.45 18.99
CA THR L 245 16.70 59.99 17.75
C THR L 245 15.82 58.99 17.02
N TRP L 246 15.99 57.70 17.29
CA TRP L 246 15.19 56.66 16.66
C TRP L 246 13.87 56.44 17.37
N VAL L 247 13.59 57.20 18.43
CA VAL L 247 12.36 57.03 19.18
C VAL L 247 11.23 57.62 18.35
N LEU L 248 10.73 56.82 17.41
CA LEU L 248 9.70 57.24 16.48
C LEU L 248 8.31 57.36 17.11
N GLN L 249 8.13 56.91 18.34
CA GLN L 249 6.83 57.02 19.00
C GLN L 249 6.81 58.17 20.01
N THR L 250 5.71 58.92 20.01
CA THR L 250 5.55 59.98 21.00
C THR L 250 5.41 59.42 22.40
N GLU L 251 4.86 58.20 22.53
CA GLU L 251 4.68 57.60 23.84
C GLU L 251 5.98 57.01 24.36
N VAL L 252 6.79 56.42 23.47
CA VAL L 252 8.08 55.89 23.91
C VAL L 252 8.98 57.04 24.37
N ALA L 253 8.84 58.22 23.75
CA ALA L 253 9.58 59.39 24.22
C ALA L 253 9.09 59.84 25.58
N ASP L 254 7.77 59.78 25.81
CA ASP L 254 7.23 60.20 27.10
C ASP L 254 7.68 59.28 28.22
N GLU L 255 7.92 58.00 27.93
CA GLU L 255 8.43 57.11 28.96
C GLU L 255 9.93 57.32 29.17
N LEU L 256 10.69 57.58 28.11
CA LEU L 256 12.12 57.85 28.29
C LEU L 256 12.33 59.15 29.06
N VAL L 257 11.50 60.15 28.82
CA VAL L 257 11.53 61.32 29.69
C VAL L 257 10.92 60.92 31.03
N LYS L 258 11.33 61.64 32.08
CA LYS L 258 10.96 61.38 33.47
C LYS L 258 11.72 60.15 33.98
N MET L 259 12.24 59.35 33.05
CA MET L 259 13.19 58.30 33.42
C MET L 259 14.59 58.86 33.52
N MET L 260 14.82 60.04 32.95
CA MET L 260 16.12 60.70 32.86
C MET L 260 16.25 61.89 33.79
N LYS L 261 15.20 62.21 34.57
CA LYS L 261 15.20 63.26 35.59
C LYS L 261 16.58 63.41 36.22
N PRO L 262 17.18 64.59 36.12
CA PRO L 262 18.62 64.74 36.37
C PRO L 262 19.09 64.25 37.74
N GLY L 263 18.64 64.90 38.82
CA GLY L 263 19.18 64.63 40.13
C GLY L 263 18.89 63.27 40.73
N GLN L 264 19.03 62.20 39.94
CA GLN L 264 18.82 60.85 40.44
C GLN L 264 20.10 60.03 40.52
N GLU L 265 21.24 60.59 40.09
CA GLU L 265 22.53 59.90 40.14
C GLU L 265 22.49 58.54 39.44
N ILE L 266 21.79 58.48 38.30
CA ILE L 266 21.70 57.22 37.56
C ILE L 266 23.07 56.81 37.03
N ASP L 267 23.90 57.78 36.64
CA ASP L 267 25.23 57.47 36.12
C ASP L 267 26.16 57.00 37.24
N LYS L 268 26.11 57.66 38.39
CA LYS L 268 27.11 57.43 39.43
C LYS L 268 26.98 56.04 40.04
N SER L 269 28.11 55.34 40.15
CA SER L 269 28.17 54.06 40.84
C SER L 269 27.95 54.23 42.34
N THR L 270 28.86 54.95 43.00
CA THR L 270 28.79 55.18 44.44
C THR L 270 27.58 56.00 44.84
N SER L 271 26.39 55.44 44.65
CA SER L 271 25.14 56.12 44.93
C SER L 271 24.12 55.15 45.50
N TYR L 272 23.06 55.73 46.07
CA TYR L 272 21.89 54.98 46.51
C TYR L 272 20.97 54.61 45.36
N MET L 273 21.28 55.11 44.16
CA MET L 273 20.41 54.96 42.99
C MET L 273 20.01 53.52 42.68
N PRO L 274 20.91 52.54 42.64
CA PRO L 274 20.46 51.19 42.28
C PRO L 274 19.39 50.62 43.20
N TYR L 275 19.41 50.96 44.48
CA TYR L 275 18.59 50.32 45.52
C TYR L 275 17.28 51.06 45.77
N LEU L 276 16.47 51.23 44.72
CA LEU L 276 15.22 51.98 44.88
C LEU L 276 14.29 51.32 45.88
N ILE L 277 14.17 50.00 45.82
CA ILE L 277 13.15 49.27 46.58
C ILE L 277 13.67 48.73 47.89
N ASP L 278 14.83 48.07 47.87
CA ASP L 278 15.30 47.37 49.05
C ASP L 278 15.68 48.32 50.18
N MET L 279 16.08 49.54 49.86
CA MET L 279 16.38 50.52 50.89
C MET L 279 15.12 51.19 51.45
N GLY L 280 13.97 50.99 50.81
CA GLY L 280 12.76 51.67 51.21
C GLY L 280 12.66 53.10 50.73
N ILE L 281 13.56 53.52 49.85
CA ILE L 281 13.57 54.91 49.39
C ILE L 281 12.33 55.22 48.58
N SER L 282 11.74 54.22 47.91
CA SER L 282 10.55 54.44 47.10
C SER L 282 9.74 53.15 47.06
N ALA L 283 8.42 53.29 47.13
CA ALA L 283 7.52 52.15 47.09
C ALA L 283 7.13 51.72 45.68
N LYS L 284 7.52 52.48 44.66
CA LYS L 284 7.22 52.13 43.26
C LYS L 284 8.33 52.75 42.41
N SER L 285 9.29 51.92 42.00
CA SER L 285 10.43 52.44 41.26
C SER L 285 9.96 53.03 39.94
N PRO L 286 10.39 54.25 39.60
CA PRO L 286 10.05 54.82 38.28
C PRO L 286 10.74 54.14 37.14
N TYR L 287 11.78 53.35 37.41
CA TYR L 287 12.57 52.68 36.38
C TYR L 287 12.13 51.24 36.17
N SER L 288 11.02 50.84 36.79
CA SER L 288 10.52 49.48 36.63
C SER L 288 9.94 49.27 35.23
N THR L 289 9.96 48.01 34.79
CA THR L 289 9.41 47.67 33.48
C THR L 289 7.91 47.96 33.41
N ILE L 290 7.19 47.77 34.53
CA ILE L 290 5.75 48.00 34.52
C ILE L 290 5.42 49.49 34.33
N LYS L 291 6.26 50.38 34.86
CA LYS L 291 5.99 51.81 34.73
C LYS L 291 6.28 52.34 33.33
N ASN L 292 7.10 51.64 32.55
CA ASN L 292 7.44 52.06 31.19
C ASN L 292 7.20 50.88 30.25
N PRO L 293 5.95 50.53 30.00
CA PRO L 293 5.68 49.40 29.09
C PRO L 293 5.92 49.74 27.63
N SER L 294 5.50 50.92 27.18
CA SER L 294 5.63 51.27 25.77
C SER L 294 7.10 51.33 25.34
N PHE L 295 8.00 51.72 26.24
CA PHE L 295 9.42 51.68 25.93
C PHE L 295 9.99 50.28 26.07
N HIS L 296 9.50 49.49 27.02
CA HIS L 296 10.00 48.13 27.18
C HIS L 296 9.73 47.28 25.95
N PHE L 297 8.61 47.52 25.29
CA PHE L 297 8.32 46.81 24.04
C PHE L 297 9.14 47.39 22.89
N TRP L 298 9.32 48.72 22.86
CA TRP L 298 10.17 49.34 21.86
C TRP L 298 11.63 48.90 21.98
N GLY L 299 12.08 48.63 23.20
CA GLY L 299 13.47 48.26 23.40
C GLY L 299 13.76 46.80 23.12
N GLN L 300 13.00 45.92 23.75
CA GLN L 300 13.20 44.48 23.56
C GLN L 300 12.90 44.03 22.15
N LEU L 301 11.94 44.65 21.47
CA LEU L 301 11.63 44.24 20.10
C LEU L 301 12.73 44.63 19.12
N VAL L 302 13.31 45.82 19.28
CA VAL L 302 14.43 46.20 18.42
C VAL L 302 15.64 45.34 18.71
N ALA L 303 15.86 44.99 19.98
CA ALA L 303 16.97 44.10 20.33
C ALA L 303 16.75 42.70 19.79
N ALA L 304 15.52 42.21 19.84
CA ALA L 304 15.16 40.91 19.30
C ALA L 304 15.52 40.77 17.83
N LEU L 305 14.85 41.54 16.97
CA LEU L 305 15.09 41.60 15.53
C LEU L 305 16.56 41.58 15.14
N CYS L 306 17.43 42.06 16.02
CA CYS L 306 18.88 41.99 15.83
C CYS L 306 19.51 40.75 16.46
N ARG L 307 18.71 39.71 16.69
CA ARG L 307 19.19 38.42 17.20
C ARG L 307 19.79 38.55 18.60
N SER L 308 19.08 39.24 19.47
CA SER L 308 19.39 39.25 20.90
C SER L 308 18.62 38.08 21.48
N LYS L 309 19.31 36.95 21.66
CA LYS L 309 18.65 35.72 22.10
C LYS L 309 17.99 35.88 23.46
N ARG L 310 18.36 36.90 24.22
CA ARG L 310 17.74 37.14 25.52
C ARG L 310 16.49 38.03 25.41
N ALA L 311 16.43 38.92 24.41
CA ALA L 311 15.26 39.76 24.24
C ALA L 311 14.02 38.99 23.80
N LEU L 312 14.20 37.79 23.24
CA LEU L 312 13.08 37.03 22.69
C LEU L 312 12.05 36.62 23.73
N ASN L 313 12.46 36.48 25.00
CA ASN L 313 11.54 36.04 26.06
C ASN L 313 11.09 37.17 26.96
N ALA L 314 10.72 38.32 26.40
CA ALA L 314 10.36 39.50 27.17
C ALA L 314 8.85 39.58 27.36
N ARG L 315 8.45 40.19 28.49
CA ARG L 315 7.05 40.21 28.92
C ARG L 315 6.05 40.55 27.82
N GLN L 316 6.37 41.52 26.93
CA GLN L 316 5.44 41.89 25.86
C GLN L 316 4.14 42.40 26.50
N PRO L 317 4.09 43.67 26.91
CA PRO L 317 2.93 44.14 27.70
C PRO L 317 1.62 44.02 26.94
N ASP L 318 0.59 43.59 27.68
CA ASP L 318 -0.78 43.42 27.22
C ASP L 318 -1.43 44.64 26.58
N GLU L 319 -1.69 45.67 27.39
CA GLU L 319 -2.45 46.85 26.95
C GLU L 319 -1.51 48.00 26.59
N ILE L 320 -0.92 47.87 25.40
CA ILE L 320 -0.09 48.90 24.81
C ILE L 320 -0.36 48.86 23.31
N ASP L 321 0.16 49.86 22.59
CA ASP L 321 -0.15 49.98 21.17
C ASP L 321 0.33 48.77 20.39
N SER L 322 1.65 48.61 20.27
CA SER L 322 2.31 47.51 19.58
C SER L 322 2.05 47.52 18.07
N MET L 323 0.93 48.11 17.63
CA MET L 323 0.68 48.18 16.20
C MET L 323 1.64 49.16 15.53
N SER L 324 1.88 50.30 16.17
CA SER L 324 2.78 51.32 15.67
C SER L 324 4.21 51.10 16.14
N ILE L 325 4.39 50.62 17.37
CA ILE L 325 5.73 50.40 17.91
C ILE L 325 6.46 49.33 17.11
N SER L 326 5.75 48.28 16.71
CA SER L 326 6.37 47.23 15.90
C SER L 326 6.74 47.75 14.53
N ASN L 327 5.99 48.72 13.99
CA ASN L 327 6.31 49.26 12.68
C ASN L 327 7.59 50.08 12.73
N ALA L 328 7.73 50.93 13.75
CA ALA L 328 8.96 51.70 13.91
C ALA L 328 10.13 50.80 14.26
N SER L 329 9.88 49.68 14.95
CA SER L 329 10.96 48.79 15.34
C SER L 329 11.55 48.06 14.14
N LEU L 330 10.70 47.56 13.24
CA LEU L 330 11.21 46.89 12.05
C LEU L 330 11.96 47.85 11.13
N LEU L 331 11.52 49.10 11.08
CA LEU L 331 12.23 50.09 10.27
C LEU L 331 13.63 50.35 10.83
N MET L 332 13.76 50.34 12.15
CA MET L 332 15.07 50.53 12.77
C MET L 332 15.96 49.29 12.57
N ALA L 333 15.37 48.10 12.68
CA ALA L 333 16.15 46.88 12.53
C ALA L 333 16.63 46.68 11.10
N TYR L 334 15.77 46.95 10.11
CA TYR L 334 16.20 46.81 8.72
C TYR L 334 17.10 47.95 8.28
N ALA L 335 17.17 49.04 9.05
CA ALA L 335 18.07 50.12 8.71
C ALA L 335 19.47 49.85 9.24
N LEU L 336 19.55 49.21 10.40
CA LEU L 336 20.84 48.83 10.97
C LEU L 336 21.52 47.75 10.12
N GLY L 337 20.72 46.91 9.46
CA GLY L 337 21.30 45.87 8.61
C GLY L 337 21.65 46.33 7.21
N SER L 338 20.99 47.37 6.71
CA SER L 338 21.28 47.85 5.37
C SER L 338 22.48 48.80 5.32
N SER L 339 23.01 49.18 6.48
CA SER L 339 24.21 50.02 6.55
C SER L 339 24.95 49.67 7.83
N PRO L 340 25.61 48.52 7.86
CA PRO L 340 26.24 48.05 9.09
C PRO L 340 27.39 48.96 9.52
N ASP L 341 27.61 49.05 10.82
CA ASP L 341 28.70 49.88 11.33
C ASP L 341 30.02 49.21 10.96
N ILE L 342 30.43 49.40 9.71
CA ILE L 342 31.63 48.79 9.16
C ILE L 342 32.47 49.92 8.56
N GLU L 343 33.37 50.48 9.37
CA GLU L 343 34.29 51.51 8.92
C GLU L 343 35.69 51.10 9.34
N GLN L 344 36.65 51.28 8.46
CA GLN L 344 38.02 50.87 8.78
C GLN L 344 38.53 51.68 9.96
N GLN L 345 39.37 51.04 10.78
CA GLN L 345 39.95 51.72 11.94
C GLN L 345 41.46 51.82 11.83
N PHE L 346 42.19 50.70 11.98
CA PHE L 346 43.64 50.73 11.86
C PHE L 346 44.04 50.97 10.40
N SER L 347 45.36 51.13 10.21
CA SER L 347 45.91 51.34 8.88
C SER L 347 47.42 51.14 8.93
N THR L 348 47.96 50.62 7.83
CA THR L 348 49.40 50.45 7.68
C THR L 348 50.03 51.55 6.83
N GLY L 349 49.30 52.62 6.54
CA GLY L 349 49.79 53.65 5.66
C GLY L 349 48.96 53.83 4.40
N ASN L 350 47.81 53.17 4.35
CA ASN L 350 46.89 53.23 3.23
C ASN L 350 45.64 54.03 3.60
N THR L 351 44.83 54.32 2.57
CA THR L 351 43.74 55.27 2.67
C THR L 351 42.41 54.57 2.92
N TYR L 352 41.31 55.32 2.77
CA TYR L 352 39.97 54.91 3.16
C TYR L 352 39.05 54.87 1.95
N ARG L 353 37.83 54.36 2.18
CA ARG L 353 36.79 54.15 1.16
C ARG L 353 36.48 55.42 0.35
N LYS L 354 37.05 56.56 0.76
CA LYS L 354 36.95 57.87 0.11
C LYS L 354 35.58 58.21 -0.48
N PRO L 355 34.56 58.39 0.34
CA PRO L 355 33.22 58.72 -0.19
C PRO L 355 33.18 60.18 -0.66
N PRO L 356 32.76 60.42 -1.90
CA PRO L 356 32.65 61.79 -2.40
C PRO L 356 31.28 62.44 -2.26
N LYS L 357 30.25 61.71 -1.84
CA LYS L 357 28.89 62.22 -1.70
C LYS L 357 28.39 62.81 -3.04
N GLU L 358 28.19 61.90 -3.99
CA GLU L 358 27.75 62.27 -5.34
C GLU L 358 26.23 62.40 -5.38
N ALA L 359 25.75 63.59 -5.00
CA ALA L 359 24.34 63.95 -5.09
C ALA L 359 23.39 63.03 -4.33
N SER L 360 22.83 62.04 -5.03
CA SER L 360 21.86 61.11 -4.47
C SER L 360 21.66 59.93 -5.41
N TYR L 361 21.77 58.71 -4.87
CA TYR L 361 21.78 57.48 -5.65
C TYR L 361 20.42 56.80 -5.72
N LEU L 362 20.07 56.36 -6.93
CA LEU L 362 18.78 55.75 -7.25
C LEU L 362 18.85 54.22 -7.25
N VAL L 363 19.55 53.61 -6.30
CA VAL L 363 19.59 52.15 -6.24
C VAL L 363 18.29 51.60 -5.67
N SER L 364 17.96 51.97 -4.43
CA SER L 364 16.59 51.84 -3.94
C SER L 364 16.20 53.08 -3.15
N GLU L 365 16.86 54.20 -3.41
CA GLU L 365 16.85 55.41 -2.58
C GLU L 365 17.13 55.09 -1.12
N GLU L 366 17.61 53.89 -0.82
CA GLU L 366 17.98 53.52 0.53
C GLU L 366 19.15 54.37 1.02
N PRO L 367 19.01 55.09 2.13
CA PRO L 367 20.16 55.84 2.65
C PRO L 367 21.30 54.91 3.05
N LYS L 368 22.52 55.37 2.80
CA LYS L 368 23.71 54.59 3.12
C LYS L 368 24.21 54.79 4.54
N ASN L 369 23.59 55.70 5.29
CA ASN L 369 23.98 55.99 6.67
C ASN L 369 22.84 55.61 7.61
N ARG L 370 23.08 55.80 8.91
CA ARG L 370 22.12 55.43 9.94
C ARG L 370 21.33 56.62 10.48
N SER L 371 21.41 57.78 9.83
CA SER L 371 20.67 58.94 10.30
C SER L 371 19.17 58.67 10.24
N VAL L 372 18.47 59.05 11.31
CA VAL L 372 17.03 58.80 11.37
C VAL L 372 16.29 59.60 10.32
N VAL L 373 16.80 60.79 9.98
CA VAL L 373 16.09 61.67 9.07
C VAL L 373 16.06 61.07 7.67
N GLU L 374 17.16 60.46 7.24
CA GLU L 374 17.21 59.84 5.93
C GLU L 374 16.32 58.60 5.85
N TRP L 375 16.14 57.89 6.97
CA TRP L 375 15.28 56.72 6.95
C TRP L 375 13.81 57.08 7.05
N ILE L 376 13.46 58.12 7.80
CA ILE L 376 12.06 58.55 7.86
C ILE L 376 11.60 59.04 6.50
N ALA L 377 12.46 59.80 5.81
CA ALA L 377 12.13 60.25 4.46
C ALA L 377 12.06 59.09 3.49
N TRP L 378 12.94 58.09 3.66
CA TRP L 378 12.88 56.90 2.81
C TRP L 378 11.64 56.08 3.09
N TYR L 379 11.27 55.95 4.37
CA TYR L 379 10.08 55.18 4.73
C TYR L 379 8.80 55.89 4.34
N SER L 380 8.82 57.23 4.27
CA SER L 380 7.65 57.97 3.83
C SER L 380 7.39 57.85 2.33
N ASP L 381 8.42 57.58 1.54
CA ASP L 381 8.23 57.40 0.10
C ASP L 381 7.48 56.12 -0.24
N VAL L 382 7.47 55.14 0.67
CA VAL L 382 6.74 53.90 0.46
C VAL L 382 5.43 53.89 1.24
N ASP L 383 4.91 55.08 1.61
CA ASP L 383 3.63 55.23 2.30
C ASP L 383 3.63 54.56 3.66
N ASN L 384 4.79 54.54 4.33
CA ASN L 384 4.92 54.02 5.70
C ASN L 384 4.43 52.58 5.82
N LYS L 385 4.62 51.80 4.77
CA LYS L 385 4.34 50.38 4.80
C LYS L 385 5.63 49.61 4.55
N PRO L 386 5.90 48.55 5.33
CA PRO L 386 7.16 47.83 5.15
C PRO L 386 7.26 47.22 3.76
N THR L 387 8.47 47.25 3.21
CA THR L 387 8.69 46.73 1.88
C THR L 387 8.89 45.22 1.92
N ASP L 388 8.95 44.61 0.73
CA ASP L 388 9.28 43.20 0.60
C ASP L 388 10.58 42.92 1.34
N ASP L 389 11.69 43.48 0.84
CA ASP L 389 13.00 43.43 1.49
C ASP L 389 12.91 43.47 3.02
N MET L 390 12.01 44.29 3.56
CA MET L 390 11.87 44.38 5.01
C MET L 390 11.21 43.13 5.59
N LEU L 391 10.10 42.70 5.00
CA LEU L 391 9.44 41.50 5.50
C LEU L 391 10.27 40.23 5.30
N MET L 392 11.07 40.17 4.23
CA MET L 392 11.88 38.99 4.00
C MET L 392 12.97 38.83 5.05
N MET L 393 13.60 39.93 5.47
CA MET L 393 14.56 39.84 6.57
C MET L 393 13.86 39.48 7.89
N ALA L 394 12.63 39.95 8.07
CA ALA L 394 11.91 39.67 9.30
C ALA L 394 11.58 38.18 9.41
N LYS L 395 11.29 37.53 8.29
CA LYS L 395 11.08 36.08 8.30
C LYS L 395 12.35 35.33 8.67
N ARG L 396 13.52 35.87 8.30
CA ARG L 396 14.77 35.23 8.70
C ARG L 396 14.94 35.29 10.21
N VAL L 397 14.55 36.39 10.84
CA VAL L 397 14.58 36.47 12.30
C VAL L 397 13.56 35.51 12.90
N ALA L 398 12.44 35.28 12.20
CA ALA L 398 11.44 34.35 12.69
C ALA L 398 11.95 32.92 12.71
N GLY L 399 12.89 32.59 11.82
CA GLY L 399 13.39 31.23 11.76
C GLY L 399 14.34 30.84 12.88
N THR L 400 14.91 31.83 13.56
CA THR L 400 15.79 31.54 14.69
C THR L 400 15.03 31.35 16.00
N ILE L 401 13.73 31.62 16.03
CA ILE L 401 12.95 31.51 17.28
C ILE L 401 12.42 30.08 17.31
N SER L 402 13.32 29.15 17.65
CA SER L 402 12.97 27.73 17.72
C SER L 402 11.69 27.46 18.51
N GLY L 403 11.54 28.12 19.67
CA GLY L 403 10.35 27.94 20.47
C GLY L 403 10.03 29.16 21.31
N PRO L 404 8.91 29.81 21.01
CA PRO L 404 8.51 31.00 21.76
C PRO L 404 7.95 30.68 23.13
N ARG L 405 8.07 31.67 24.02
CA ARG L 405 7.28 31.72 25.25
C ARG L 405 5.84 32.08 24.92
N ASP L 406 4.92 31.73 25.82
CA ASP L 406 3.50 31.76 25.49
C ASP L 406 2.97 33.17 25.27
N ASN L 407 3.57 34.19 25.88
CA ASN L 407 3.17 35.57 25.65
C ASN L 407 4.38 36.49 25.60
N SER L 408 5.38 36.15 24.80
CA SER L 408 6.64 36.89 24.80
C SER L 408 6.89 37.54 23.45
N VAL L 409 7.96 38.34 23.41
CA VAL L 409 8.34 39.03 22.18
C VAL L 409 8.72 38.02 21.09
N GLY L 410 9.27 36.87 21.48
CA GLY L 410 9.61 35.86 20.50
C GLY L 410 8.38 35.26 19.83
N LYS L 411 7.30 35.07 20.58
CA LYS L 411 6.05 34.65 19.99
C LYS L 411 5.45 35.75 19.12
N TRP L 412 5.69 37.01 19.48
CA TRP L 412 5.16 38.13 18.70
C TRP L 412 5.80 38.17 17.31
N ILE L 413 7.12 37.99 17.24
CA ILE L 413 7.82 38.03 15.97
C ILE L 413 7.38 36.89 15.05
N LYS L 414 7.07 35.73 15.62
CA LYS L 414 6.66 34.59 14.79
C LYS L 414 5.23 34.77 14.28
N GLN L 415 4.33 35.30 15.11
CA GLN L 415 2.94 35.43 14.70
C GLN L 415 2.79 36.53 13.66
N THR L 416 3.47 37.66 13.85
CA THR L 416 3.34 38.78 12.93
C THR L 416 4.14 38.55 11.66
N TYR L 417 5.46 38.40 11.80
CA TYR L 417 6.36 38.22 10.67
C TYR L 417 6.62 36.72 10.50
N GLY L 418 5.84 36.08 9.64
CA GLY L 418 6.02 34.66 9.37
C GLY L 418 4.82 34.01 8.74
#